data_5XON
#
_entry.id   5XON
#
_cell.length_a   1
_cell.length_b   1
_cell.length_c   1
_cell.angle_alpha   90
_cell.angle_beta   90
_cell.angle_gamma   90
#
_symmetry.space_group_name_H-M   'P 1'
#
loop_
_entity.id
_entity.type
_entity.pdbx_description
1 polymer 'DNA-directed RNA polymerase subunit'
2 polymer 'DNA-directed RNA polymerase subunit beta'
3 polymer 'RNA polymerase II third largest subunit B44, part of central core'
4 polymer 'RNA polymerase II subunit B32'
5 polymer 'RNA polymerase subunit ABC27, common to RNA polymerases I, II, and III'
6 polymer 'RNA polymerase subunit ABC23, common to RNA polymerases I, II, and III'
7 polymer 'RNA polymerase II subunit'
8 polymer 'RNA polymerase subunit ABC14.5, common to RNA polymerases I, II, and III'
9 polymer 'DNA-directed RNA polymerase subunit'
10 polymer 'RNA polymerase subunit ABC10-beta, common to RNA polymerases I, II, and III'
11 polymer 'RNA polymerase II subunit B12.5'
12 polymer 'RNA polymerase subunit, found in RNA polymerase complexes I, II, and III'
13 polymer 'RNA (30-MER)'
14 polymer 'DNA (48-MER)'
15 polymer 'DNA (48-MER)'
16 polymer 'General transcription elongation factor TFIIS'
17 polymer 'Transcription elongation factor SPT4'
18 polymer 'Protein that forms a complex with Spt4p'
19 non-polymer 'ZINC ION'
20 non-polymer 'MAGNESIUM ION'
#
loop_
_entity_poly.entity_id
_entity_poly.type
_entity_poly.pdbx_seq_one_letter_code
_entity_poly.pdbx_strand_id
1 'polypeptide(L)'
;MSQFPYSSAPLRSVKEVQFGLLSPEEIRAISVVKIEYPEIMDESRQRPREGGLNDPKLGSIDRNFKCQTCGEGMAECPGH
FGHMELAKPVFHIGFIPKIKKVCECICMNCGKLLLDETNPTMAQAIRIRDPKKRFNAVWQLCKTKMVCEADAPVDEYSEQ
KVVSRGGCGNTQPVVRKDGMKLWGTWKKSGFSDRDAQPERKLLTPGEILNVFKHISPEDCFRLGFNEDYARPEWMIITVL
PVPPPQVRPSIAMDETTQGQDDLTHKLSDILKANINVQKLEMDGSPQHIINEVEQLLQFHVATYMDNDIAGQPQALQKSG
RPVKAIRARLKGKEGRLRGNLMGKRVDFSARTVISGDPNLELDQVGVPISIAKTLSYPETVTQYNIHRLTEYVRNGPNEH
PGAKYVIRDNGDRIDLRYHKRAGDIVLQYGWKVERHLMDDDPVLFNRQPSLHKMSMMAHRVKVMPYSTFRLNLSVTSPYN
ADFDGDEMNLHVPQSEETRAELSQLCAVPLQIVSPQSNKPVMGIVQDTLCGVRKMTLRDTFIEYEQVMNMLFWVPSWDGV
VPQPAILKPKPLWTGKQLLSIAIPSGIHLQRTDGGNSLLSPKDNGMLIVDGKVMFGVVDKKTVGSGGGGLIHTVMREKGP
KICAELFGNIQKVVNYWLLHNGFSIGIGDAIADASTMKEITHAISSAKEQVQEIIYKAQHNELELKPGMTLRESFEGEVS
RTLNDARDSAGRSAEMNLKDLNNVKQMVSAGSKGSFINIAQMSACVGQQMVEGKRIAFGFADRSLPHFTKDDFSPESKGF
VENSYLRGLTPQEFFFHAMAGREGLIDTAVKTAETGYIQRRLVKALEDIMVHYDGTTRNSLGDIIQFLYGEDGLDGTQVE
RQTIDTIPGSDKAFHKRYYVDLMDEKNSIKPDVIEYAADILGDVELQKELNSEYEQLVSDRKFLREIVFVNGDHNWPLPV
NLRRIIQNAQQIFHLDRAKASDLTIPEIIHGVRDLCKKLFVLRGENELIKEAQQNATSLFQCLVRARLATRRILEEFRLN
RDAFEWVLGTIEAQFQRSLVHPGEMVGVIAAQSIGEPATQMTLNTFHYAGVSSKNVTLGVPRLKEILNVAKNIKTPALTV
YLDREIALDIEKAKVIQSSIEYTTLKNVTSATEIYYDPDPTSTVIEEDFDTVEAYFSIPDEKVEETIDKQSPWLLRLELD
RARMLDKQLTMNQVADKISEVFSDDLFVMWSEDNADKLIIRCRVIRDPKAMDEELEAEEDQMLKRIEAHMLDLIALRGIP
GISKVYMVKHKVSVPDESGEYKNEELWALETDGINLAEVMAVPGVDSSRTYSNSFVEILSVLGIEATRSSLYKEILNVIA
FDGSYVNYRHMALLVDVMTSRGYLMAITRHGINRADTGALMRCSFEETVEILFEAGAAAELDDCRGVSENVMLGQLAPMG
TGAFDVMIDEKLLTSLPADYAPTMPLFKGKATQGSATPYDNNAQYDDEFNHDDVADVMFSPMAETGSGDDRSGGLTEYAG
IQSPYQPTSPGLSATSPGFAPTSPGFAPTSPRYSPTSPGYSPTSPSYSPTSPSYSPTSPSYSPTSPSYSPTSPSYSPTSP
SYSPTSPSYSPTSPSYSPTSPSYSPTSPQYSPTSPQYSPTSPQYSPTSPQYSPTSPQYSPTSPQYSPTSPQYSPTSPQYS
PTSPQYSPTSPQYSPTSPQYSPTSPQYSPTSPQYSPTSPQYSPASPQYSPSRHSPNGESKEGE
;
A
2 'polypeptide(L)'
;MSYDPYSIDDTITTEDCWTVISAFFEEKGLVSQQLDSFDEFMETSIQDLVWEEPRLILDQPAQHTNEKDNINKRYEIRFG
KIYLSRPTMTEADGTTHAMFPQEARLRNLTYSSPVYLDMEKSMFTSIDDEGNPNATLDWQQVHEPIKDGVEEGNKVHIGK
VPIMLRSKFCSLRTLDEVDLYKMKECPYDMGGYFVINGSEKVLIAQERSAANIVQVFKKAAPSPISHVAEIRSALEKGSR
LISTMQIKLYGREDKGTGRTIKATLPYVKQDIPIVIVFRALGVVPDGEILQHICYDENDWQMLEMLKPCIEEGFVIQDKE
VALDFIGRRGSAALGIRREKRIQYAKDILQKELLPHITQEEGFETRKTFFLGYMVNRLLLCALERKDQDDRDHFGKKRLD
LAGPLLANLFRILFRKLTREIYRYMQRCIETDRDFNLNLAVKSTTITSGLKYSLATGNWGEQKKAMSSRAGVSQVLNRYT
YSSTLSHLRRTNTPIGRDGKLAKPRQLHNTHWGLVCPAETPEGQACGLVKNLSLLSGISIGSPSEPIINFLEEWGMEPLE
DYDPAQHTKSTRIFVNGVWTGIHRDPSMLVSTMRDLRRSGAISPEVSIIRDIREREFKIFTDVGRVYRPLFIVEDDESKD
NKGELRITKEHIRKIQQGYDDDAMNDDSEEQEQDVYGWSSLVTSGVIEYVDGEEEETIMIAMTPEDLQTRSLEQKEIDLN
DTAKRIKPEMSTSSHHTFTHCEIHPSMILGVAASIIPFPDHNQSPRNTYQSAMGKQAMGVFLTNYNVRMDTMANILYYPQ
KPLAKTQAMEYLKFRELPAGQNAIVAIACYSGYNQEDSMIMNQSSIDRGLFRSLFFRSYMDQEKRFGISIVEEFEKPTRA
TTLRLKHGTYEKLDEDGLIAPGVRVSGDDIIIGKTTPIPPDTEELGQRTKYHTKRDASTPLRSTENGIVDQVLLTTNQEG
LKFVKVRMRTTKVPQIGDKFASRHGQKGTIGVTYRHEDMPFSAEGIVPDLIINPHAIPSRMTVAHLIECLLSKVGSIRGY
EGDATPFTDLTVDAVSNLLRDNGYQSRGFEVMYNGHTGKKLMAQVFFGPTYYQRLRHMVDDKIHARARGPVQVLTRQPVE
GRSRDGGLRFGEMERDCMIAHGAAGFLKERLMEASDAFRVHVCGICGLMSVIANLKKNQFECRSCKNKTNIYQLHIPYAA
KLLFQELMAMNIAPRLYTERSGVSMRS
;
B
3 'polypeptide(L)'
;MSKEPKVNIINAQDDEVELMLSDVNLSLANSLRRTMLAEVPTLAIDLVEIKMNTSVLADEFISHRLGLIPLVSEDVEEMK
YSRDCTCEDYCDECSVVLELSARHEGEEGTTDVYSSSLIKVSGPGNLNVGEPVRRDDYDQGILLCKLRNHQELNIRCIAK
KGIAKEHAKWSPCSAIAFEYDPHNKLKHTDFWFEVDAKKEWPDSKYATWEEPPKPGEVFDYKAKPNRFYMTVETTGSLKA
NQVFSRGIKTLQEKLANVLFELENSRPANTTAYGGATAYGGQTVYGRETSYGGNTNYGDYNAPY
;
C
4 'polypeptide(L)'
;MNVSTSTVGARRRRAKQQVDDEENATLLRLGPEFALKQYDHDGNEHDLIALSLSESRLLIREALKARSRARNGGVDIESS
NGEIDDDELAKVTSGAVANGVVKKTLDYLNTFARFKDEETCTAVDQLLHNSSDCSVLHPFEIAQLSSLGCEDVDEAITLI
PSLAAKKEVNLQRILDELNRLEDPYK
;
D
5 'polypeptide(L)'
;MEDNNRIISRLWRSFRTVKEMAADRGYFISQEEMDQSLEEFRSKICDSMGNPQRKLMSFLANPTPEALEKYSDLGTLWVE
FCDEPSVGIKTMRNFCLRIQEKNFSTGIFIYQNNITPSANKMIPTVSPAIIETFQESDLVVNITHHELVPKHIRLSDGEK
SQLLQRYKLKESQLPRIQREDPVARYLGLKRGQVVKIIRRSETSGRYASYRICL
;
E
6 'polypeptide(L)'
;MSEDEAFNEQTENFENFEDEHFSDDNFEDRSTQPEDYAVGVTADGRQIINGDGIQEVNGTIKAHRKRSNKELAILKEERT
TTPYLTKYERARILGTRALQISMNAPVLVDIEGETDPLQIAMKELSQRKIPLVIRRYLPDGSYEDWGCDELIVDN
;
F
7 'polypeptide(L)'
;MFFLKDLSLILTLHPSYFGPQMNQYLREKLLTDVEGTCTGQFGYIVTVLDGMNIDVGKGRIIPGSGSAEFEVKYRAVVWK
PFKGEVVDAIVSNVSPIGFFADVGPLNVFVSTRLIPDNLVYNPSNSPPAYMSNDELITKGSKVRLKVVGTRTDVNEIYAI
GSIKEDFLGAI
;
G
8 'polypeptide(L)'
;MSSALFDDIFTVQTVDNGRYNKVSRIIGISTTNSAIKLTLDINNEMFPVSQDDSLTVTLANSLSLDGEDESANFSKSWRP
PKPTDKSLADDYDYVMFGTVYKFEEGDEDKIKVYVSFGGLLMCLEGGYKSLASLKQDNLYILIRR
;
H
9 'polypeptide(L)'
;MASFRFCLECNNMLYPKEDKENQRLLYSCRNCDYTELAEDPKVYRHELITNIGETAGIVDDIGQDPTLPRSDKECPECHS
RDCVFFQSQQRRKDTNMTLFYVCLNCKKTFRDESE
;
I
10 'polypeptide(L)' MIIPVRCFSCGKVVGDKWDAYLRLLEEGKQEGDALDELKLKRYCCRRMVLTHVDLIEKFLRYNPLEKKDFDS J
11 'polypeptide(L)'
;MNAPDRFELFILPDDVPKLKITPDSRVPNCIIIKFEREDHTLANLLREELALYPDVTFVAYKVEHPLFANFVMRLQTEEG
TRPKQALERACASIINKLKTLDHKFNEEWNIKNFSLND
;
K
12 'polypeptide(L)' MSREGFVAPSGTDLAAAASGVAPNKHYGVKYTCGACAHNFSLNKSDPVRCKECGHRVIYKARTKRMIQFDAR L
13 'polyribonucleotide' AUCUUGAAUCUAUUUCUUUUAUCGAGAGGU P
14 'polydeoxyribonucleotide'
;(DC)(DA)(DC)(DT)(DC)(DT)(DA)(DC)(DC)(DG)(DA)(DT)(DA)(DA)(DG)(DC)(DA)(DG)(DA)(DC)
(DG)(DT)(DA)(DC)(DC)(DT)(DC)(DT)(DC)(DG)(DA)(DC)(DC)(DC)(DT)(DG)(DT)(DG)(DC)(DT)
(DA)(DG)(DA)(DC)(DA)(DC)(DG)(DG)
;
T
15 'polydeoxyribonucleotide'
;(DC)(DC)(DG)(DT)(DG)(DT)(DC)(DT)(DA)(DG)(DC)(DA)(DC)(DA)(DG)(DG)(DG)(DA)(DA)(DA)
(DT)(DG)(DG)(DT)(DT)(DT)(DG)(DT)(DG)(DT)(DC)(DT)(DG)(DC)(DT)(DT)(DA)(DT)(DC)(DG)
(DG)(DT)(DA)(DG)(DA)(DG)(DT)(DG)
;
N
16 'polypeptide(L)'
;GPGTNERFVSKGPRTPKNDGVKVEIYENKTRNGSISAIYTALAMDSDEQPSKIFELVKDIEKQCFKAVNFTVDDTYRNKL
RSLIMNLKNKNNPTLRRSILDHEIIPSKLVTMSAQELAPDSLKKEMEEIYKKNLFDAQGATENNSVTDRFECGKCKQRKV
SYFQKQTRSAAAPLTTFCKCENCGNRWKFS
;
U
17 'polypeptide(L)'
;MRERACMLCGIVLPGRVFMQNGCPNCDSVLNLRDSDQATVNECTSSSFEGLVAVGDNEHSWVAKWLRVDRFQPGLYAVRV
DGRLPSDIVAALEQYGVYYRPRDGSVID
;
V
18 'polypeptide(L)'
;GPGSASTTAPQRLLIPTVDDPGIWGVKVRLGKEKDVVRQILKKKLAREGTKNPLEIYSAFQRDSFKGHVYIEARKAEAIN
DALKGNVNVFSNNSKFLVGIVEYKDLLRPVKSSDVKLTRGSYVRVKNGKFKGDLAQVDEVLENGLEARLKLVPRLDYGKD
LSHLSTSSSVDSTKNRRKFYTSKFRPAQRLFSEAEARVHEPTIRRDRDGFVTYGGEEYYEGFLYKTFRLQNLIVNSINPT
LNELSLFQSNEESTTIDLSTIADSLKETAKNLVSFQPGDNVEIINGELNHLTGTVSSVNQSTIVSVRLHSDDDTINSETV
EIPTSDLRKIFNVGDHVRVIHGKHTDDTGLIVEVNGDKVEFISNQTKRTVIVFSNYLIKSTDSTVSINESGRFELHDLVQ
VNSDLVGIVIRAQKDSFDVLCSDGKLLSLPPVSIYSKLNLNPNQQIAIDSNGVEVKVGDTVREFTGERRQGTILHVYRNF
LFLRSREIVENQGVFVTSSNRVKTITSKSNGTGGQISGPDLSRMNPSRVIPPPSIPVANQRMTGRDPTLNKTVKIRQGGY
KGKIGIVKEANGDRFRVELHNPNKTIPIPCSFLLIESTHGWVPYEDFVASDR
;
W
#
# COMPACT_ATOMS: atom_id res chain seq x y z
N SER A 2 33.57 -1.32 14.13
CA SER A 2 34.65 -1.91 14.92
C SER A 2 34.49 -3.43 15.01
N GLN A 3 33.44 -3.96 14.39
CA GLN A 3 33.18 -5.39 14.35
C GLN A 3 34.25 -6.17 13.61
N PHE A 4 35.01 -5.52 12.75
CA PHE A 4 35.80 -6.22 11.73
C PHE A 4 37.21 -6.47 12.22
N PRO A 5 37.87 -7.53 11.76
CA PRO A 5 39.30 -7.69 12.08
C PRO A 5 40.13 -6.67 11.32
N TYR A 6 41.36 -6.49 11.77
CA TYR A 6 42.20 -5.43 11.25
C TYR A 6 42.87 -5.84 9.94
N SER A 7 42.78 -4.95 8.95
CA SER A 7 43.47 -5.11 7.68
C SER A 7 44.41 -3.92 7.50
N SER A 8 45.05 -3.84 6.33
CA SER A 8 45.99 -2.75 6.09
C SER A 8 45.74 -2.05 4.76
N ALA A 9 44.52 -2.04 4.27
CA ALA A 9 44.23 -1.35 3.03
C ALA A 9 43.57 0.00 3.33
N PRO A 10 44.01 1.08 2.68
CA PRO A 10 43.46 2.40 3.01
C PRO A 10 41.97 2.48 2.71
N LEU A 11 41.23 3.09 3.63
CA LEU A 11 39.78 3.12 3.54
C LEU A 11 39.31 4.32 2.72
N ARG A 12 38.43 4.07 1.76
CA ARG A 12 37.88 5.11 0.91
C ARG A 12 36.39 4.84 0.68
N SER A 13 35.86 5.36 -0.41
CA SER A 13 34.44 5.22 -0.72
C SER A 13 34.21 5.22 -2.23
N VAL A 14 33.04 4.74 -2.62
CA VAL A 14 32.68 4.65 -4.03
C VAL A 14 32.34 6.03 -4.54
N LYS A 15 32.86 6.36 -5.73
CA LYS A 15 32.62 7.66 -6.35
C LYS A 15 31.93 7.57 -7.69
N GLU A 16 32.35 6.65 -8.57
CA GLU A 16 31.74 6.50 -9.88
C GLU A 16 31.55 5.03 -10.19
N VAL A 17 30.34 4.66 -10.60
CA VAL A 17 30.02 3.28 -10.93
C VAL A 17 30.11 3.13 -12.44
N GLN A 18 30.84 2.11 -12.89
CA GLN A 18 31.05 1.85 -14.30
C GLN A 18 30.34 0.55 -14.68
N PHE A 19 29.42 0.63 -15.65
CA PHE A 19 28.76 -0.54 -16.19
C PHE A 19 29.38 -0.95 -17.52
N GLY A 20 29.23 -2.22 -17.86
CA GLY A 20 29.80 -2.73 -19.09
C GLY A 20 29.71 -4.23 -19.17
N LEU A 21 29.75 -4.73 -20.39
CA LEU A 21 29.66 -6.16 -20.66
C LEU A 21 30.96 -6.85 -20.26
N LEU A 22 30.87 -8.17 -20.05
CA LEU A 22 32.03 -8.98 -19.70
C LEU A 22 32.58 -9.66 -20.95
N SER A 23 33.90 -9.75 -21.04
CA SER A 23 34.54 -10.48 -22.12
C SER A 23 34.91 -11.89 -21.66
N PRO A 24 35.02 -12.84 -22.58
CA PRO A 24 35.27 -14.23 -22.17
C PRO A 24 36.59 -14.42 -21.45
N GLU A 25 37.70 -13.93 -22.01
CA GLU A 25 39.01 -14.14 -21.38
C GLU A 25 39.04 -13.55 -19.98
N GLU A 26 38.30 -12.46 -19.77
CA GLU A 26 38.15 -11.93 -18.42
C GLU A 26 37.56 -12.97 -17.49
N ILE A 27 36.52 -13.67 -17.92
CA ILE A 27 35.92 -14.70 -17.09
C ILE A 27 36.90 -15.86 -16.89
N ARG A 28 37.69 -16.17 -17.93
CA ARG A 28 38.72 -17.19 -17.78
C ARG A 28 39.81 -16.74 -16.81
N ALA A 29 39.93 -15.44 -16.55
CA ALA A 29 40.99 -14.95 -15.68
C ALA A 29 40.54 -14.83 -14.23
N ILE A 30 39.37 -14.23 -14.00
CA ILE A 30 38.88 -14.05 -12.63
C ILE A 30 38.45 -15.35 -11.97
N SER A 31 38.04 -16.35 -12.74
CA SER A 31 37.61 -17.62 -12.16
C SER A 31 38.82 -18.41 -11.67
N VAL A 32 38.60 -19.18 -10.60
CA VAL A 32 39.65 -19.94 -9.95
C VAL A 32 39.37 -21.43 -9.91
N VAL A 33 38.54 -21.95 -10.82
CA VAL A 33 38.22 -23.36 -10.84
C VAL A 33 37.37 -23.68 -12.07
N LYS A 34 37.32 -24.95 -12.47
CA LYS A 34 36.50 -25.37 -13.60
C LYS A 34 35.34 -26.30 -13.22
N ILE A 35 34.26 -26.25 -13.99
CA ILE A 35 33.07 -27.05 -13.73
C ILE A 35 32.93 -28.09 -14.85
N GLU A 36 32.67 -29.34 -14.46
CA GLU A 36 32.60 -30.43 -15.44
C GLU A 36 31.52 -31.44 -15.11
N TYR A 37 31.41 -31.83 -13.83
CA TYR A 37 30.64 -33.00 -13.45
C TYR A 37 29.27 -32.61 -12.92
N PRO A 38 28.19 -33.18 -13.44
CA PRO A 38 26.85 -32.77 -13.02
C PRO A 38 26.46 -33.24 -11.63
N GLU A 39 26.94 -34.39 -11.16
CA GLU A 39 26.51 -34.95 -9.89
C GLU A 39 26.93 -34.04 -8.75
N ILE A 40 26.05 -33.84 -7.77
CA ILE A 40 26.29 -32.87 -6.72
C ILE A 40 27.32 -33.38 -5.72
N MET A 41 27.09 -34.58 -5.21
CA MET A 41 27.96 -35.18 -4.21
C MET A 41 29.24 -35.82 -4.75
N ASP A 42 30.13 -36.17 -3.83
CA ASP A 42 31.39 -36.83 -4.16
C ASP A 42 31.06 -38.25 -4.58
N GLU A 43 30.80 -39.10 -3.58
CA GLU A 43 30.45 -40.49 -3.79
C GLU A 43 29.89 -40.99 -2.47
N SER A 44 29.02 -40.18 -1.88
CA SER A 44 28.34 -40.41 -0.60
C SER A 44 29.27 -40.46 0.62
N ARG A 45 30.43 -39.82 0.50
CA ARG A 45 31.41 -39.77 1.58
C ARG A 45 31.57 -38.32 1.99
N GLN A 46 30.45 -37.64 2.16
CA GLN A 46 30.45 -36.23 2.57
C GLN A 46 31.22 -35.33 1.61
N ARG A 47 31.66 -34.19 2.13
CA ARG A 47 32.42 -33.23 1.33
C ARG A 47 31.77 -32.85 0.00
N PRO A 48 32.58 -32.79 -1.04
CA PRO A 48 32.10 -32.45 -2.38
C PRO A 48 32.91 -33.19 -3.45
N ARG A 49 32.63 -32.89 -4.71
CA ARG A 49 33.33 -33.54 -5.80
C ARG A 49 34.22 -32.54 -6.56
N GLU A 50 35.52 -32.75 -6.47
CA GLU A 50 36.48 -31.87 -7.14
C GLU A 50 35.95 -31.86 -8.56
N GLY A 51 35.48 -30.79 -9.05
CA GLY A 51 34.70 -30.70 -10.27
C GLY A 51 33.21 -30.49 -10.29
N GLY A 52 32.52 -30.77 -9.18
CA GLY A 52 31.09 -30.54 -9.08
C GLY A 52 30.76 -29.12 -8.64
N LEU A 53 29.47 -28.87 -8.47
CA LEU A 53 29.02 -27.54 -8.11
C LEU A 53 29.16 -27.24 -6.62
N ASN A 54 30.10 -27.89 -5.93
CA ASN A 54 30.35 -27.64 -4.51
C ASN A 54 31.83 -27.77 -4.17
N ASP A 55 32.69 -27.75 -5.19
CA ASP A 55 34.13 -27.84 -5.00
C ASP A 55 34.57 -26.84 -3.93
N PRO A 56 35.21 -27.29 -2.85
CA PRO A 56 35.52 -26.38 -1.74
C PRO A 56 36.44 -25.21 -2.10
N LYS A 57 36.78 -25.03 -3.37
CA LYS A 57 37.38 -23.76 -3.78
C LYS A 57 36.35 -22.64 -3.78
N LEU A 58 35.08 -22.99 -3.89
CA LEU A 58 34.01 -21.99 -3.92
C LEU A 58 33.32 -21.01 -2.98
N GLY A 59 32.64 -21.54 -1.97
CA GLY A 59 31.93 -20.71 -1.00
C GLY A 59 31.99 -21.87 -0.02
N SER A 60 32.29 -21.54 1.23
CA SER A 60 32.38 -22.54 2.28
C SER A 60 31.44 -21.99 3.36
N ILE A 61 30.37 -22.73 3.64
CA ILE A 61 29.33 -22.28 4.57
C ILE A 61 29.10 -23.32 5.65
N ASP A 62 30.17 -23.81 6.26
CA ASP A 62 30.09 -24.75 7.37
C ASP A 62 30.90 -24.21 8.54
N ARG A 63 30.66 -24.77 9.73
CA ARG A 63 31.27 -24.23 10.94
C ARG A 63 32.78 -24.29 10.86
N ASN A 64 33.34 -25.43 10.43
CA ASN A 64 34.79 -25.60 10.31
C ASN A 64 35.62 -25.50 9.05
N PHE A 65 35.01 -25.68 7.87
CA PHE A 65 35.72 -25.67 6.60
C PHE A 65 36.10 -24.25 6.24
N LYS A 66 37.33 -23.85 6.57
CA LYS A 66 37.85 -22.58 6.10
C LYS A 66 37.97 -22.61 4.58
N CYS A 67 37.56 -21.52 3.93
CA CYS A 67 37.53 -21.49 2.48
C CYS A 67 38.92 -21.71 1.91
N GLN A 68 39.14 -22.90 1.39
CA GLN A 68 40.44 -23.37 0.90
C GLN A 68 41.10 -22.38 -0.06
N THR A 69 40.34 -21.62 -0.84
CA THR A 69 40.89 -20.60 -1.72
C THR A 69 41.51 -19.44 -0.96
N CYS A 70 40.74 -18.77 -0.11
CA CYS A 70 41.23 -17.63 0.65
C CYS A 70 41.75 -17.99 2.04
N GLY A 71 41.09 -18.90 2.74
CA GLY A 71 41.55 -19.32 4.05
C GLY A 71 40.75 -18.80 5.22
N GLU A 72 39.90 -17.80 5.02
CA GLU A 72 39.12 -17.23 6.10
C GLU A 72 37.99 -18.15 6.50
N GLY A 73 37.26 -17.75 7.55
CA GLY A 73 36.11 -18.50 8.00
C GLY A 73 34.89 -18.22 7.15
N MET A 74 33.72 -18.59 7.70
CA MET A 74 32.47 -18.38 6.98
C MET A 74 31.92 -16.98 7.22
N ALA A 75 32.73 -16.08 7.77
CA ALA A 75 32.24 -14.73 8.05
C ALA A 75 33.10 -13.67 7.37
N GLU A 76 34.11 -14.10 6.62
CA GLU A 76 34.97 -13.14 5.92
C GLU A 76 35.13 -13.47 4.45
N CYS A 77 34.81 -14.69 4.05
CA CYS A 77 34.96 -15.08 2.65
C CYS A 77 33.79 -14.53 1.82
N PRO A 78 34.04 -13.62 0.88
CA PRO A 78 32.95 -13.14 0.02
C PRO A 78 32.53 -14.12 -1.06
N GLY A 79 33.20 -15.27 -1.17
CA GLY A 79 32.90 -16.16 -2.27
C GLY A 79 33.83 -15.95 -3.45
N HIS A 80 33.91 -16.96 -4.30
CA HIS A 80 34.80 -16.94 -5.45
C HIS A 80 34.11 -17.59 -6.63
N PHE A 81 34.28 -16.98 -7.81
CA PHE A 81 33.53 -17.40 -8.99
C PHE A 81 34.20 -18.57 -9.68
N GLY A 82 33.37 -19.44 -10.26
CA GLY A 82 33.82 -20.47 -11.17
C GLY A 82 33.46 -20.13 -12.61
N HIS A 83 33.87 -21.02 -13.51
CA HIS A 83 33.49 -20.84 -14.90
C HIS A 83 33.28 -22.20 -15.56
N MET A 84 32.10 -22.35 -16.16
CA MET A 84 31.76 -23.54 -16.95
C MET A 84 32.08 -23.24 -18.41
N GLU A 85 32.66 -24.22 -19.09
CA GLU A 85 32.90 -24.13 -20.53
C GLU A 85 31.58 -24.31 -21.28
N LEU A 86 31.68 -24.32 -22.60
CA LEU A 86 30.59 -24.73 -23.48
C LEU A 86 31.15 -25.39 -24.73
N ALA A 87 30.36 -26.27 -25.33
CA ALA A 87 30.77 -26.90 -26.57
C ALA A 87 30.20 -26.17 -27.79
N LYS A 88 29.52 -25.04 -27.56
CA LYS A 88 28.86 -24.29 -28.62
C LYS A 88 28.44 -22.93 -28.06
N PRO A 89 28.60 -21.85 -28.83
CA PRO A 89 28.09 -20.56 -28.39
C PRO A 89 26.58 -20.49 -28.50
N VAL A 90 25.97 -19.67 -27.65
CA VAL A 90 24.52 -19.54 -27.59
C VAL A 90 24.16 -18.07 -27.41
N PHE A 91 22.88 -17.77 -27.65
CA PHE A 91 22.41 -16.39 -27.51
C PHE A 91 22.32 -15.98 -26.04
N HIS A 92 21.97 -14.71 -25.83
CA HIS A 92 21.62 -14.22 -24.51
C HIS A 92 20.20 -13.66 -24.59
N ILE A 93 19.30 -14.20 -23.78
CA ILE A 93 17.87 -13.96 -23.95
C ILE A 93 17.53 -12.48 -23.75
N GLY A 94 18.40 -11.72 -23.09
CA GLY A 94 18.08 -10.33 -22.79
C GLY A 94 18.58 -9.34 -23.81
N PHE A 95 19.11 -9.79 -24.94
CA PHE A 95 19.68 -8.91 -25.95
C PHE A 95 19.13 -9.14 -27.35
N ILE A 96 18.15 -10.03 -27.52
CA ILE A 96 17.76 -10.48 -28.86
C ILE A 96 17.39 -9.33 -29.80
N PRO A 97 16.53 -8.37 -29.41
CA PRO A 97 16.19 -7.30 -30.36
C PRO A 97 17.37 -6.41 -30.73
N LYS A 98 18.31 -6.19 -29.80
CA LYS A 98 19.51 -5.43 -30.14
C LYS A 98 20.33 -6.15 -31.20
N ILE A 99 20.51 -7.47 -31.04
CA ILE A 99 21.23 -8.25 -32.04
C ILE A 99 20.47 -8.25 -33.36
N LYS A 100 19.15 -8.18 -33.29
CA LYS A 100 18.35 -8.03 -34.49
C LYS A 100 18.68 -6.74 -35.22
N LYS A 101 18.64 -5.61 -34.51
CA LYS A 101 18.91 -4.32 -35.13
C LYS A 101 20.32 -4.28 -35.70
N VAL A 102 21.30 -4.79 -34.95
CA VAL A 102 22.68 -4.79 -35.44
C VAL A 102 22.83 -5.70 -36.65
N CYS A 103 22.10 -6.81 -36.66
CA CYS A 103 22.12 -7.69 -37.84
C CYS A 103 21.36 -7.07 -39.00
N GLU A 104 20.62 -5.99 -38.75
CA GLU A 104 20.07 -5.23 -39.87
C GLU A 104 21.02 -4.14 -40.37
N CYS A 105 21.70 -3.43 -39.47
CA CYS A 105 22.42 -2.21 -39.83
C CYS A 105 23.65 -2.47 -40.70
N ILE A 106 24.34 -3.59 -40.50
CA ILE A 106 25.65 -3.80 -41.10
C ILE A 106 25.54 -4.81 -42.24
N CYS A 107 26.68 -5.06 -42.89
CA CYS A 107 26.75 -6.04 -43.96
C CYS A 107 26.68 -7.46 -43.41
N MET A 108 26.35 -8.41 -44.29
CA MET A 108 26.29 -9.82 -43.94
C MET A 108 27.44 -10.63 -44.55
N ASN A 109 28.61 -10.03 -44.76
CA ASN A 109 29.78 -10.77 -45.23
C ASN A 109 31.07 -10.13 -44.76
N CYS A 110 31.57 -9.11 -45.48
CA CYS A 110 32.83 -8.47 -45.11
C CYS A 110 32.74 -7.64 -43.84
N GLY A 111 31.55 -7.49 -43.26
CA GLY A 111 31.41 -6.77 -42.01
C GLY A 111 31.77 -5.31 -42.05
N LYS A 112 30.94 -4.48 -42.67
CA LYS A 112 31.18 -3.05 -42.75
C LYS A 112 29.87 -2.27 -42.60
N LEU A 113 29.96 -1.11 -41.97
CA LEU A 113 28.79 -0.25 -41.84
C LEU A 113 28.35 0.24 -43.21
N LEU A 114 27.07 0.04 -43.53
CA LEU A 114 26.56 0.33 -44.86
C LEU A 114 26.75 1.79 -45.26
N LEU A 115 25.95 2.71 -44.71
CA LEU A 115 26.05 4.11 -45.05
C LEU A 115 27.34 4.68 -44.48
N ASP A 116 27.85 5.72 -45.14
CA ASP A 116 29.09 6.38 -44.74
C ASP A 116 28.86 7.89 -44.64
N GLU A 117 29.91 8.58 -44.19
CA GLU A 117 29.84 10.02 -43.94
C GLU A 117 29.70 10.84 -45.21
N THR A 118 29.67 10.21 -46.39
CA THR A 118 29.37 10.96 -47.61
C THR A 118 27.90 11.35 -47.67
N ASN A 119 27.06 10.67 -46.90
CA ASN A 119 25.65 11.01 -46.80
C ASN A 119 25.48 12.12 -45.78
N PRO A 120 24.91 13.28 -46.15
CA PRO A 120 24.82 14.39 -45.18
C PRO A 120 24.05 14.02 -43.91
N THR A 121 22.99 13.21 -44.04
CA THR A 121 22.29 12.75 -42.85
C THR A 121 23.21 11.89 -41.98
N MET A 122 23.97 10.99 -42.61
CA MET A 122 24.98 10.24 -41.89
C MET A 122 26.06 11.17 -41.35
N ALA A 123 26.54 12.09 -42.19
CA ALA A 123 27.62 13.00 -41.81
C ALA A 123 27.26 13.86 -40.60
N GLN A 124 25.97 14.10 -40.37
CA GLN A 124 25.57 14.81 -39.16
C GLN A 124 25.16 13.83 -38.06
N ALA A 125 24.91 12.57 -38.42
CA ALA A 125 24.58 11.58 -37.41
C ALA A 125 25.82 11.02 -36.73
N ILE A 126 27.02 11.29 -37.27
CA ILE A 126 28.25 10.83 -36.63
C ILE A 126 28.53 11.60 -35.34
N ARG A 127 27.85 12.72 -35.11
CA ARG A 127 28.36 13.73 -34.19
C ARG A 127 27.77 13.65 -32.79
N ILE A 128 26.59 13.05 -32.63
CA ILE A 128 25.80 13.20 -31.40
C ILE A 128 26.59 12.64 -30.21
N ARG A 129 26.39 13.24 -29.03
CA ARG A 129 27.12 12.83 -27.83
C ARG A 129 26.56 11.53 -27.24
N ASP A 130 25.36 11.56 -26.66
CA ASP A 130 24.83 10.41 -25.96
C ASP A 130 24.59 9.26 -26.94
N PRO A 131 24.99 8.03 -26.62
CA PRO A 131 24.99 6.97 -27.65
C PRO A 131 23.62 6.52 -28.12
N LYS A 132 22.62 6.49 -27.23
CA LYS A 132 21.33 5.91 -27.60
C LYS A 132 20.65 6.71 -28.71
N LYS A 133 20.62 8.04 -28.57
CA LYS A 133 20.04 8.85 -29.64
C LYS A 133 20.90 8.82 -30.89
N ARG A 134 22.22 8.60 -30.74
CA ARG A 134 23.07 8.40 -31.91
C ARG A 134 22.62 7.19 -32.71
N PHE A 135 22.53 6.02 -32.04
CA PHE A 135 22.16 4.81 -32.76
C PHE A 135 20.70 4.85 -33.20
N ASN A 136 19.89 5.69 -32.55
CA ASN A 136 18.55 5.95 -33.09
C ASN A 136 18.65 6.69 -34.41
N ALA A 137 19.53 7.69 -34.49
CA ALA A 137 19.71 8.43 -35.75
C ALA A 137 20.32 7.53 -36.82
N VAL A 138 21.16 6.58 -36.43
CA VAL A 138 21.82 5.72 -37.40
C VAL A 138 20.86 4.65 -37.91
N TRP A 139 20.29 3.86 -36.99
CA TRP A 139 19.31 2.85 -37.38
C TRP A 139 18.12 3.47 -38.07
N GLN A 140 17.86 4.77 -37.81
CA GLN A 140 16.87 5.51 -38.57
C GLN A 140 17.19 5.52 -40.07
N LEU A 141 18.46 5.27 -40.43
CA LEU A 141 18.87 5.34 -41.82
C LEU A 141 19.27 3.98 -42.37
N CYS A 142 20.19 3.29 -41.68
CA CYS A 142 20.74 2.05 -42.19
C CYS A 142 19.76 0.88 -42.13
N LYS A 143 18.46 1.17 -42.14
CA LYS A 143 17.46 0.10 -42.22
C LYS A 143 16.97 -0.10 -43.65
N THR A 144 17.56 0.63 -44.59
CA THR A 144 17.07 0.63 -45.97
C THR A 144 18.17 0.47 -47.01
N LYS A 145 19.44 0.51 -46.60
CA LYS A 145 20.53 0.31 -47.55
C LYS A 145 20.56 -1.15 -47.98
N MET A 146 20.16 -1.41 -49.22
CA MET A 146 19.92 -2.77 -49.70
C MET A 146 21.10 -3.38 -50.44
N VAL A 147 22.33 -2.95 -50.14
CA VAL A 147 23.52 -3.56 -50.71
C VAL A 147 24.76 -3.02 -49.99
N CYS A 148 25.67 -3.92 -49.65
CA CYS A 148 26.98 -3.51 -49.15
C CYS A 148 27.81 -3.03 -50.33
N GLU A 149 27.60 -1.78 -50.74
CA GLU A 149 28.29 -1.19 -51.88
C GLU A 149 29.77 -1.52 -51.86
N ALA A 150 30.21 -2.26 -52.88
CA ALA A 150 31.65 -2.48 -53.05
C ALA A 150 32.36 -1.21 -53.51
N ASP A 151 31.64 -0.10 -53.62
CA ASP A 151 32.20 1.18 -54.01
C ASP A 151 31.69 2.27 -53.09
N ALA A 152 32.10 3.50 -53.37
CA ALA A 152 31.59 4.65 -52.65
C ALA A 152 30.46 5.30 -53.46
N PRO A 153 29.59 6.09 -52.81
CA PRO A 153 28.56 6.82 -53.55
C PRO A 153 29.14 7.82 -54.55
N LYS A 161 36.14 7.80 -62.51
CA LYS A 161 36.86 7.43 -61.29
C LYS A 161 35.96 6.65 -60.34
N VAL A 162 36.44 5.49 -59.88
CA VAL A 162 35.69 4.60 -59.00
C VAL A 162 36.42 4.55 -57.67
N VAL A 163 35.67 4.75 -56.59
CA VAL A 163 36.21 4.68 -55.23
C VAL A 163 35.55 3.50 -54.52
N SER A 164 36.37 2.57 -54.04
CA SER A 164 35.88 1.37 -53.39
C SER A 164 36.09 1.46 -51.88
N ARG A 165 34.98 1.52 -51.14
CA ARG A 165 35.01 1.60 -49.68
C ARG A 165 35.49 0.30 -49.03
N GLY A 166 35.54 -0.79 -49.78
CA GLY A 166 35.91 -2.08 -49.23
C GLY A 166 34.76 -3.05 -49.10
N GLY A 167 33.56 -2.70 -49.58
CA GLY A 167 32.42 -3.57 -49.49
C GLY A 167 32.54 -4.77 -50.43
N CYS A 168 31.62 -5.71 -50.24
CA CYS A 168 31.61 -6.95 -51.00
C CYS A 168 30.57 -6.98 -52.11
N GLY A 169 29.75 -5.94 -52.25
CA GLY A 169 28.75 -5.87 -53.28
C GLY A 169 27.63 -6.88 -53.16
N ASN A 170 27.47 -7.51 -52.00
CA ASN A 170 26.45 -8.53 -51.84
C ASN A 170 25.10 -7.90 -51.52
N THR A 171 24.02 -8.58 -51.90
CA THR A 171 22.69 -8.13 -51.55
C THR A 171 22.46 -8.28 -50.05
N GLN A 172 21.33 -7.73 -49.58
CA GLN A 172 21.14 -7.85 -48.14
C GLN A 172 19.82 -8.54 -47.83
N PRO A 173 19.84 -9.52 -46.93
CA PRO A 173 18.60 -10.22 -46.56
C PRO A 173 17.78 -9.42 -45.57
N VAL A 174 16.78 -10.08 -45.01
CA VAL A 174 15.92 -9.49 -43.99
C VAL A 174 15.92 -10.42 -42.78
N VAL A 175 16.05 -9.86 -41.59
CA VAL A 175 16.13 -10.62 -40.36
C VAL A 175 14.83 -10.42 -39.57
N ARG A 176 14.31 -11.51 -38.99
CA ARG A 176 13.09 -11.45 -38.19
C ARG A 176 13.23 -12.35 -36.97
N LYS A 177 12.20 -12.34 -36.14
CA LYS A 177 12.25 -12.96 -34.81
C LYS A 177 11.01 -13.82 -34.57
N ASP A 178 11.23 -15.01 -33.98
CA ASP A 178 10.14 -15.90 -33.59
C ASP A 178 10.61 -16.72 -32.38
N GLY A 179 9.91 -16.56 -31.26
CA GLY A 179 10.29 -17.27 -30.05
C GLY A 179 11.65 -16.79 -29.57
N MET A 180 12.67 -17.61 -29.81
CA MET A 180 14.05 -17.27 -29.48
C MET A 180 14.98 -17.44 -30.67
N LYS A 181 14.45 -17.50 -31.88
CA LYS A 181 15.23 -17.76 -33.08
C LYS A 181 15.04 -16.65 -34.09
N LEU A 182 16.11 -16.32 -34.80
CA LEU A 182 16.12 -15.29 -35.83
C LEU A 182 16.08 -15.96 -37.19
N TRP A 183 15.22 -15.46 -38.08
CA TRP A 183 15.09 -15.99 -39.43
C TRP A 183 15.70 -15.01 -40.42
N GLY A 184 16.51 -15.55 -41.34
CA GLY A 184 17.09 -14.74 -42.40
C GLY A 184 16.49 -15.09 -43.75
N THR A 185 15.91 -14.10 -44.44
CA THR A 185 15.20 -14.32 -45.69
C THR A 185 15.89 -13.54 -46.80
N TRP A 186 16.31 -14.24 -47.85
CA TRP A 186 16.83 -13.61 -49.05
C TRP A 186 15.79 -13.58 -50.15
N LYS A 187 15.26 -12.39 -50.42
CA LYS A 187 14.43 -12.15 -51.59
C LYS A 187 15.37 -11.87 -52.76
N LYS A 188 15.54 -12.86 -53.63
CA LYS A 188 16.51 -12.75 -54.70
C LYS A 188 15.93 -11.98 -55.88
N SER A 189 16.79 -11.64 -56.83
CA SER A 189 16.37 -10.87 -58.00
C SER A 189 16.35 -11.74 -59.24
N ARG A 194 11.28 -9.79 -61.93
CA ARG A 194 11.92 -8.88 -60.99
C ARG A 194 12.14 -9.57 -59.64
N ASP A 195 11.18 -10.40 -59.25
CA ASP A 195 11.30 -11.14 -58.00
C ASP A 195 11.62 -12.61 -58.26
N ALA A 196 12.74 -13.07 -57.72
CA ALA A 196 13.11 -14.47 -57.85
C ALA A 196 12.88 -14.95 -56.42
N GLN A 197 12.81 -16.27 -56.22
CA GLN A 197 12.62 -16.84 -54.90
C GLN A 197 13.41 -16.58 -53.62
N PRO A 198 12.73 -16.34 -52.49
CA PRO A 198 13.46 -16.12 -51.24
C PRO A 198 13.93 -17.41 -50.60
N GLU A 199 14.95 -17.32 -49.73
CA GLU A 199 15.42 -18.45 -48.94
C GLU A 199 15.59 -17.99 -47.51
N ARG A 200 14.98 -18.72 -46.57
CA ARG A 200 14.91 -18.31 -45.17
C ARG A 200 15.68 -19.29 -44.30
N LYS A 201 16.99 -19.11 -44.20
CA LYS A 201 17.81 -19.95 -43.36
C LYS A 201 17.86 -19.40 -41.94
N LEU A 202 18.57 -20.11 -41.08
CA LEU A 202 18.57 -19.83 -39.65
C LEU A 202 19.93 -19.32 -39.20
N LEU A 203 20.00 -18.03 -38.86
CA LEU A 203 21.23 -17.40 -38.39
C LEU A 203 21.63 -18.04 -37.06
N THR A 204 22.47 -19.05 -37.14
CA THR A 204 22.99 -19.69 -35.94
C THR A 204 23.98 -18.77 -35.23
N PRO A 205 24.14 -18.94 -33.91
CA PRO A 205 25.03 -18.01 -33.18
C PRO A 205 26.48 -18.03 -33.65
N GLY A 206 26.96 -19.15 -34.16
CA GLY A 206 28.34 -19.20 -34.64
C GLY A 206 28.58 -18.29 -35.83
N GLU A 207 27.64 -18.28 -36.78
CA GLU A 207 27.75 -17.38 -37.92
C GLU A 207 27.84 -15.93 -37.47
N ILE A 208 26.88 -15.50 -36.64
CA ILE A 208 26.85 -14.12 -36.17
C ILE A 208 28.08 -13.79 -35.34
N LEU A 209 28.65 -14.78 -34.66
CA LEU A 209 29.91 -14.59 -33.97
C LEU A 209 31.03 -14.28 -34.96
N ASN A 210 31.15 -15.12 -36.00
CA ASN A 210 32.17 -14.90 -37.03
C ASN A 210 31.98 -13.55 -37.71
N VAL A 211 30.75 -13.07 -37.82
CA VAL A 211 30.50 -11.80 -38.50
C VAL A 211 30.85 -10.64 -37.59
N PHE A 212 30.39 -10.67 -36.33
CA PHE A 212 30.66 -9.57 -35.43
C PHE A 212 32.13 -9.48 -35.03
N LYS A 213 32.88 -10.59 -35.18
CA LYS A 213 34.30 -10.54 -34.85
C LYS A 213 35.14 -9.87 -35.95
N HIS A 214 34.52 -9.06 -36.80
CA HIS A 214 35.23 -8.37 -37.89
C HIS A 214 34.97 -6.88 -37.92
N ILE A 215 34.04 -6.37 -37.11
CA ILE A 215 33.67 -4.96 -37.18
C ILE A 215 34.84 -4.09 -36.73
N SER A 216 35.17 -3.09 -37.55
CA SER A 216 36.26 -2.18 -37.21
C SER A 216 35.89 -1.35 -35.98
N PRO A 217 36.90 -0.88 -35.23
CA PRO A 217 36.60 -0.12 -33.99
C PRO A 217 35.80 1.15 -34.23
N GLU A 218 36.00 1.83 -35.36
CA GLU A 218 35.26 3.07 -35.60
C GLU A 218 33.78 2.80 -35.83
N ASP A 219 33.43 1.63 -36.35
CA ASP A 219 32.02 1.24 -36.41
C ASP A 219 31.51 0.78 -35.05
N CYS A 220 32.39 0.20 -34.22
CA CYS A 220 32.02 -0.07 -32.84
C CYS A 220 31.74 1.22 -32.09
N PHE A 221 32.29 2.32 -32.57
CA PHE A 221 31.97 3.63 -32.01
C PHE A 221 30.67 4.18 -32.61
N ARG A 222 30.56 4.12 -33.95
CA ARG A 222 29.40 4.70 -34.62
C ARG A 222 28.10 3.99 -34.25
N LEU A 223 28.14 2.69 -33.97
CA LEU A 223 26.95 1.96 -33.57
C LEU A 223 26.48 2.32 -32.17
N GLY A 224 27.23 3.14 -31.44
CA GLY A 224 26.82 3.57 -30.12
C GLY A 224 27.45 2.84 -28.96
N PHE A 225 28.23 1.79 -29.22
CA PHE A 225 28.84 1.01 -28.16
C PHE A 225 30.13 1.71 -27.69
N ASN A 226 31.08 0.92 -27.20
CA ASN A 226 32.38 1.44 -26.78
C ASN A 226 33.40 0.33 -26.92
N GLU A 227 34.58 0.68 -27.44
CA GLU A 227 35.56 -0.33 -27.83
C GLU A 227 36.06 -1.14 -26.63
N ASP A 228 36.06 -0.54 -25.44
CA ASP A 228 36.64 -1.21 -24.28
C ASP A 228 35.63 -1.56 -23.20
N TYR A 229 34.34 -1.51 -23.50
CA TYR A 229 33.31 -1.87 -22.53
C TYR A 229 32.09 -2.54 -23.15
N ALA A 230 31.71 -2.17 -24.37
CA ALA A 230 30.57 -2.75 -25.05
C ALA A 230 31.04 -3.19 -26.44
N ARG A 231 31.39 -4.46 -26.55
CA ARG A 231 31.85 -5.00 -27.83
C ARG A 231 30.81 -6.00 -28.32
N PRO A 232 30.20 -5.79 -29.49
CA PRO A 232 28.97 -6.52 -29.83
C PRO A 232 29.11 -8.04 -29.77
N GLU A 233 30.24 -8.61 -30.20
CA GLU A 233 30.40 -10.05 -30.12
C GLU A 233 30.46 -10.57 -28.69
N TRP A 234 30.59 -9.69 -27.70
CA TRP A 234 30.48 -10.11 -26.31
C TRP A 234 29.05 -10.45 -25.92
N MET A 235 28.05 -9.95 -26.64
CA MET A 235 26.67 -10.20 -26.29
C MET A 235 26.25 -11.65 -26.47
N ILE A 236 26.91 -12.39 -27.36
CA ILE A 236 26.60 -13.79 -27.61
C ILE A 236 27.44 -14.65 -26.68
N ILE A 237 26.76 -15.44 -25.84
CA ILE A 237 27.39 -16.18 -24.74
C ILE A 237 28.34 -17.23 -25.32
N THR A 238 29.53 -17.32 -24.74
CA THR A 238 30.49 -18.37 -25.04
C THR A 238 30.92 -19.16 -23.81
N VAL A 239 31.40 -18.48 -22.77
CA VAL A 239 31.77 -19.12 -21.51
C VAL A 239 30.71 -18.75 -20.48
N LEU A 240 30.67 -19.46 -19.35
CA LEU A 240 29.58 -19.12 -18.43
C LEU A 240 30.10 -18.99 -17.02
N PRO A 241 29.71 -17.98 -16.26
CA PRO A 241 30.15 -17.88 -14.86
C PRO A 241 29.37 -18.85 -13.97
N VAL A 242 29.95 -19.17 -12.82
CA VAL A 242 29.29 -19.97 -11.79
C VAL A 242 29.39 -19.19 -10.48
N PRO A 243 28.29 -18.66 -9.95
CA PRO A 243 28.37 -17.86 -8.73
C PRO A 243 28.66 -18.74 -7.53
N PRO A 244 29.31 -18.20 -6.50
CA PRO A 244 29.63 -19.01 -5.32
C PRO A 244 28.38 -19.34 -4.53
N PRO A 245 28.38 -20.43 -3.76
CA PRO A 245 27.16 -20.83 -3.05
C PRO A 245 26.76 -19.92 -1.90
N GLN A 246 27.44 -18.79 -1.68
CA GLN A 246 26.83 -17.75 -0.86
C GLN A 246 25.59 -17.18 -1.53
N VAL A 247 25.51 -17.28 -2.86
CA VAL A 247 24.32 -16.87 -3.58
C VAL A 247 23.29 -17.98 -3.68
N ARG A 248 23.71 -19.25 -3.67
CA ARG A 248 22.79 -20.39 -3.76
C ARG A 248 22.89 -21.24 -2.49
N PRO A 249 22.14 -20.88 -1.46
CA PRO A 249 22.20 -21.65 -0.21
C PRO A 249 21.34 -22.90 -0.27
N SER A 250 21.75 -23.90 0.50
CA SER A 250 21.00 -25.14 0.60
C SER A 250 20.34 -25.25 1.97
N ILE A 251 19.01 -25.32 1.96
CA ILE A 251 18.23 -25.39 3.19
C ILE A 251 18.29 -26.80 3.75
N ALA A 252 18.14 -26.91 5.08
CA ALA A 252 18.03 -28.18 5.76
C ALA A 252 16.57 -28.36 6.17
N MET A 253 15.91 -29.36 5.60
CA MET A 253 14.48 -29.51 5.80
C MET A 253 13.83 -30.06 7.06
N ASP A 254 14.17 -31.30 7.43
CA ASP A 254 13.60 -31.96 8.61
C ASP A 254 14.91 -32.41 9.27
N GLU A 255 15.93 -31.56 9.18
CA GLU A 255 17.27 -31.80 9.71
C GLU A 255 17.97 -32.95 9.01
N THR A 256 17.26 -34.04 8.72
CA THR A 256 17.84 -35.19 8.03
C THR A 256 17.50 -35.22 6.55
N THR A 257 16.96 -34.12 6.01
CA THR A 257 16.71 -33.99 4.58
C THR A 257 17.07 -32.56 4.17
N GLN A 258 17.64 -32.40 2.99
CA GLN A 258 18.07 -31.09 2.50
C GLN A 258 17.93 -31.04 0.98
N GLY A 259 17.14 -30.08 0.50
CA GLY A 259 17.00 -29.89 -0.93
C GLY A 259 18.05 -28.93 -1.46
N GLN A 260 17.90 -28.50 -2.71
CA GLN A 260 18.83 -27.58 -3.32
C GLN A 260 18.08 -26.42 -3.96
N ASP A 261 18.62 -25.21 -3.74
CA ASP A 261 18.06 -24.02 -4.37
C ASP A 261 18.07 -24.18 -5.89
N ASP A 262 17.16 -23.47 -6.55
CA ASP A 262 16.85 -23.76 -7.95
C ASP A 262 18.10 -23.70 -8.84
N LEU A 263 18.97 -22.72 -8.60
CA LEU A 263 20.08 -22.50 -9.52
C LEU A 263 21.03 -23.69 -9.53
N THR A 264 21.08 -24.47 -8.45
CA THR A 264 21.91 -25.67 -8.45
C THR A 264 21.37 -26.70 -9.44
N HIS A 265 20.09 -27.02 -9.34
CA HIS A 265 19.49 -27.99 -10.26
C HIS A 265 19.52 -27.48 -11.70
N LYS A 266 19.36 -26.17 -11.90
CA LYS A 266 19.36 -25.64 -13.25
C LYS A 266 20.75 -25.68 -13.87
N LEU A 267 21.78 -25.25 -13.13
CA LEU A 267 23.15 -25.43 -13.61
C LEU A 267 23.46 -26.88 -13.90
N SER A 268 22.99 -27.79 -13.03
CA SER A 268 23.21 -29.22 -13.27
C SER A 268 22.54 -29.67 -14.57
N ASP A 269 21.35 -29.15 -14.86
CA ASP A 269 20.66 -29.53 -16.08
C ASP A 269 21.36 -28.95 -17.31
N ILE A 270 21.86 -27.73 -17.21
CA ILE A 270 22.61 -27.13 -18.31
C ILE A 270 23.86 -27.96 -18.59
N LEU A 271 24.52 -28.44 -17.53
CA LEU A 271 25.73 -29.25 -17.72
C LEU A 271 25.38 -30.61 -18.33
N LYS A 272 24.28 -31.21 -17.88
CA LYS A 272 23.78 -32.42 -18.52
C LYS A 272 23.58 -32.20 -20.02
N ALA A 273 22.91 -31.10 -20.38
CA ALA A 273 22.69 -30.80 -21.78
C ALA A 273 24.01 -30.55 -22.52
N ASN A 274 25.02 -30.05 -21.81
CA ASN A 274 26.33 -29.87 -22.43
C ASN A 274 26.95 -31.22 -22.79
N ILE A 275 27.01 -32.14 -21.82
CA ILE A 275 27.56 -33.47 -22.08
C ILE A 275 26.75 -34.18 -23.15
N ASN A 276 25.45 -33.88 -23.24
CA ASN A 276 24.65 -34.40 -24.35
C ASN A 276 25.06 -33.79 -25.69
N VAL A 277 25.27 -32.48 -25.75
CA VAL A 277 25.60 -31.83 -27.02
C VAL A 277 26.97 -32.27 -27.52
N GLN A 278 27.90 -32.62 -26.61
CA GLN A 278 29.19 -33.12 -27.07
C GLN A 278 29.07 -34.34 -27.97
N LYS A 279 28.59 -35.46 -27.45
CA LYS A 279 28.61 -36.76 -28.12
C LYS A 279 28.08 -36.74 -29.54
N LEU A 280 26.87 -36.21 -29.77
CA LEU A 280 26.18 -36.33 -31.05
C LEU A 280 27.01 -35.80 -32.22
N GLU A 281 27.56 -34.59 -32.08
CA GLU A 281 28.39 -34.05 -33.15
C GLU A 281 29.85 -34.48 -33.06
N MET A 282 30.14 -35.56 -32.32
CA MET A 282 31.47 -36.16 -32.33
C MET A 282 31.50 -37.52 -33.02
N ASP A 283 30.34 -38.10 -33.34
CA ASP A 283 30.26 -39.37 -34.04
C ASP A 283 28.98 -39.44 -34.87
N GLY A 284 28.14 -40.45 -34.61
CA GLY A 284 26.87 -40.60 -35.30
C GLY A 284 25.97 -39.39 -35.19
N SER A 285 25.63 -38.78 -36.33
CA SER A 285 24.90 -37.52 -36.34
C SER A 285 23.77 -37.57 -37.36
N PRO A 286 22.52 -37.81 -36.93
CA PRO A 286 21.40 -37.79 -37.89
C PRO A 286 20.93 -36.39 -38.24
N GLN A 287 21.82 -35.39 -38.12
CA GLN A 287 21.51 -34.00 -38.41
C GLN A 287 20.36 -33.46 -37.55
N HIS A 288 19.14 -33.95 -37.79
CA HIS A 288 17.98 -33.46 -37.05
C HIS A 288 17.96 -33.93 -35.60
N ILE A 289 19.07 -34.50 -35.13
CA ILE A 289 19.24 -34.77 -33.70
C ILE A 289 20.22 -33.78 -33.07
N ILE A 290 21.05 -33.15 -33.90
CA ILE A 290 22.01 -32.16 -33.40
C ILE A 290 21.31 -30.86 -33.05
N ASN A 291 20.65 -30.24 -34.04
CA ASN A 291 20.06 -28.92 -33.84
C ASN A 291 18.96 -28.94 -32.80
N GLU A 292 18.35 -30.11 -32.56
CA GLU A 292 17.28 -30.19 -31.57
C GLU A 292 17.81 -30.18 -30.15
N VAL A 293 18.84 -30.98 -29.87
CA VAL A 293 19.47 -30.95 -28.55
C VAL A 293 20.16 -29.62 -28.31
N GLU A 294 20.83 -29.09 -29.34
CA GLU A 294 21.43 -27.76 -29.21
C GLU A 294 20.37 -26.71 -28.91
N GLN A 295 19.22 -26.81 -29.58
CA GLN A 295 18.10 -25.95 -29.25
C GLN A 295 17.64 -26.13 -27.81
N LEU A 296 17.72 -27.36 -27.30
CA LEU A 296 17.43 -27.58 -25.89
C LEU A 296 18.42 -26.87 -24.98
N LEU A 297 19.70 -26.89 -25.34
CA LEU A 297 20.69 -26.14 -24.57
C LEU A 297 20.41 -24.65 -24.59
N GLN A 298 20.04 -24.12 -25.76
CA GLN A 298 19.58 -22.74 -25.84
C GLN A 298 18.40 -22.50 -24.90
N PHE A 299 17.52 -23.50 -24.78
CA PHE A 299 16.36 -23.36 -23.91
C PHE A 299 16.76 -23.31 -22.45
N HIS A 300 17.75 -24.12 -22.06
CA HIS A 300 18.24 -24.08 -20.69
C HIS A 300 18.92 -22.75 -20.37
N VAL A 301 19.84 -22.32 -21.23
CA VAL A 301 20.51 -21.04 -21.01
C VAL A 301 19.50 -19.91 -21.01
N ALA A 302 18.38 -20.08 -21.72
CA ALA A 302 17.33 -19.06 -21.73
C ALA A 302 16.58 -19.03 -20.40
N THR A 303 16.12 -20.19 -19.93
CA THR A 303 15.38 -20.25 -18.67
C THR A 303 16.30 -20.24 -17.46
N TYR A 304 17.59 -19.97 -17.64
CA TYR A 304 18.46 -19.76 -16.49
C TYR A 304 18.43 -18.30 -16.03
N MET A 305 17.90 -17.40 -16.86
CA MET A 305 17.89 -15.98 -16.56
C MET A 305 16.52 -15.34 -16.77
N ASP A 306 15.51 -16.13 -17.12
CA ASP A 306 14.17 -15.60 -17.35
C ASP A 306 13.21 -16.78 -17.36
N ASN A 307 12.13 -16.69 -16.59
CA ASN A 307 11.13 -17.76 -16.50
C ASN A 307 9.86 -17.39 -17.27
N ASP A 308 9.44 -16.14 -17.19
CA ASP A 308 8.28 -15.65 -17.94
C ASP A 308 8.68 -15.24 -19.36
N ILE A 309 9.40 -16.11 -20.06
CA ILE A 309 9.75 -15.84 -21.44
C ILE A 309 8.37 -15.87 -22.07
N ALA A 310 8.01 -14.79 -22.76
CA ALA A 310 6.66 -14.62 -23.27
C ALA A 310 7.12 -15.66 -24.28
N GLY A 311 6.16 -16.30 -24.94
CA GLY A 311 6.44 -17.26 -25.98
C GLY A 311 6.66 -18.76 -25.89
N GLN A 312 6.86 -19.29 -24.68
CA GLN A 312 7.12 -20.71 -24.49
C GLN A 312 6.86 -21.04 -23.02
N PRO A 313 6.47 -22.28 -22.73
CA PRO A 313 6.03 -22.60 -21.35
C PRO A 313 7.14 -22.47 -20.34
N GLN A 314 6.74 -22.15 -19.11
CA GLN A 314 7.69 -22.00 -18.01
C GLN A 314 8.31 -23.34 -17.64
N ALA A 315 9.64 -23.35 -17.52
CA ALA A 315 10.33 -24.55 -17.07
C ALA A 315 9.97 -24.84 -15.62
N LEU A 316 9.34 -25.99 -15.39
CA LEU A 316 8.76 -26.33 -14.10
C LEU A 316 9.81 -26.88 -13.16
N GLN A 317 9.47 -26.97 -11.89
CA GLN A 317 10.30 -27.63 -10.89
C GLN A 317 10.12 -29.14 -11.04
N LYS A 318 10.76 -29.90 -10.14
CA LYS A 318 10.47 -31.33 -10.07
C LYS A 318 9.04 -31.59 -9.62
N SER A 319 8.55 -30.80 -8.66
CA SER A 319 7.22 -31.00 -8.09
C SER A 319 6.13 -30.25 -8.84
N GLY A 320 6.47 -29.53 -9.91
CA GLY A 320 5.50 -28.90 -10.76
C GLY A 320 5.28 -27.43 -10.51
N ARG A 321 6.24 -26.73 -9.91
CA ARG A 321 6.07 -25.29 -9.72
C ARG A 321 7.10 -24.52 -10.55
N PRO A 322 6.77 -23.29 -10.96
CA PRO A 322 7.69 -22.54 -11.82
C PRO A 322 8.99 -22.20 -11.10
N VAL A 323 10.09 -22.28 -11.85
CA VAL A 323 11.41 -22.08 -11.28
C VAL A 323 11.67 -20.59 -11.06
N LYS A 324 12.33 -20.27 -9.96
CA LYS A 324 12.70 -18.89 -9.62
C LYS A 324 13.95 -18.52 -10.41
N ALA A 325 13.76 -18.12 -11.66
CA ALA A 325 14.87 -17.63 -12.46
C ALA A 325 15.43 -16.34 -11.85
N ILE A 326 16.68 -16.03 -12.21
CA ILE A 326 17.37 -14.91 -11.58
C ILE A 326 16.60 -13.61 -11.79
N ARG A 327 16.12 -13.38 -13.02
CA ARG A 327 15.27 -12.22 -13.25
C ARG A 327 14.18 -11.81 -12.27
N ALA A 328 13.74 -12.75 -11.43
CA ALA A 328 12.71 -12.52 -10.43
C ALA A 328 13.04 -12.30 -8.96
N ARG A 329 14.29 -12.64 -8.60
CA ARG A 329 14.82 -12.28 -7.30
C ARG A 329 14.93 -10.78 -7.16
N LEU A 330 15.01 -10.08 -8.30
CA LEU A 330 15.27 -8.64 -8.32
C LEU A 330 14.01 -7.80 -8.39
N LYS A 331 13.30 -7.82 -9.52
CA LYS A 331 12.09 -7.03 -9.69
C LYS A 331 11.00 -7.50 -8.72
N GLY A 332 9.96 -6.68 -8.62
CA GLY A 332 8.84 -6.99 -7.75
C GLY A 332 8.94 -6.27 -6.41
N LYS A 333 7.80 -6.21 -5.74
CA LYS A 333 7.75 -5.55 -4.43
C LYS A 333 8.54 -6.30 -3.38
N GLU A 334 8.66 -7.62 -3.53
CA GLU A 334 9.29 -8.47 -2.53
C GLU A 334 10.60 -9.08 -3.00
N GLY A 335 11.35 -8.38 -3.85
CA GLY A 335 12.59 -8.89 -4.39
C GLY A 335 13.80 -8.36 -3.64
N ARG A 336 14.71 -7.75 -4.42
CA ARG A 336 15.91 -7.19 -3.81
C ARG A 336 15.82 -5.67 -3.72
N LEU A 337 15.59 -5.00 -4.86
CA LEU A 337 15.71 -3.56 -4.91
C LEU A 337 14.52 -2.86 -4.26
N ARG A 338 13.52 -3.62 -3.84
CA ARG A 338 12.45 -3.02 -3.05
C ARG A 338 12.39 -3.51 -1.61
N GLY A 339 13.10 -4.59 -1.30
CA GLY A 339 12.86 -5.46 -0.16
C GLY A 339 14.08 -5.66 0.71
N ASN A 340 15.25 -5.29 0.19
CA ASN A 340 16.49 -5.44 0.95
C ASN A 340 17.46 -4.28 0.80
N LEU A 341 17.12 -3.24 0.02
CA LEU A 341 17.98 -2.07 -0.11
C LEU A 341 17.22 -0.78 0.16
N MET A 342 16.08 -0.57 -0.48
CA MET A 342 15.27 0.60 -0.17
C MET A 342 14.65 0.55 1.21
N GLY A 343 14.16 -0.62 1.63
CA GLY A 343 13.52 -0.74 2.93
C GLY A 343 13.81 -2.08 3.57
N LYS A 344 14.96 -2.14 4.23
CA LYS A 344 15.43 -3.36 4.86
C LYS A 344 14.82 -3.44 6.26
N ARG A 345 15.21 -4.47 7.00
CA ARG A 345 14.76 -4.63 8.37
C ARG A 345 15.82 -4.12 9.34
N VAL A 346 15.36 -3.48 10.41
CA VAL A 346 16.24 -2.77 11.34
C VAL A 346 16.21 -3.44 12.69
N ASP A 347 17.06 -2.95 13.59
CA ASP A 347 17.10 -3.41 14.97
C ASP A 347 16.71 -2.28 15.93
N PHE A 348 16.70 -2.61 17.22
CA PHE A 348 16.38 -1.66 18.28
C PHE A 348 15.02 -1.02 18.04
N SER A 349 14.07 -1.82 17.58
CA SER A 349 12.74 -1.34 17.28
C SER A 349 11.79 -1.70 18.43
N ALA A 350 10.60 -1.11 18.39
CA ALA A 350 9.57 -1.44 19.36
C ALA A 350 8.21 -1.26 18.72
N ARG A 351 7.33 -2.24 18.94
CA ARG A 351 5.97 -2.17 18.41
C ARG A 351 5.01 -2.48 19.54
N THR A 352 4.08 -1.56 19.81
CA THR A 352 3.11 -1.83 20.87
C THR A 352 1.90 -0.93 20.70
N VAL A 353 0.96 -1.04 21.63
CA VAL A 353 -0.32 -0.35 21.54
C VAL A 353 -0.26 0.97 22.31
N ILE A 354 -1.03 1.95 21.85
CA ILE A 354 -1.02 3.30 22.43
C ILE A 354 -2.10 3.42 23.49
N SER A 355 -1.99 4.47 24.29
CA SER A 355 -2.97 4.78 25.33
C SER A 355 -2.82 6.25 25.70
N GLY A 356 -3.93 6.89 26.05
CA GLY A 356 -3.93 8.32 26.34
C GLY A 356 -3.56 8.62 27.78
N ASP A 357 -2.98 9.81 27.99
CA ASP A 357 -2.61 10.28 29.32
C ASP A 357 -2.49 11.80 29.34
N PRO A 358 -3.38 12.50 30.04
CA PRO A 358 -3.35 13.97 30.01
C PRO A 358 -2.37 14.61 30.98
N ASN A 359 -1.55 13.83 31.68
CA ASN A 359 -0.65 14.38 32.69
C ASN A 359 0.82 14.26 32.28
N LEU A 360 1.12 14.49 31.00
CA LEU A 360 2.48 14.55 30.50
C LEU A 360 2.69 15.90 29.83
N GLU A 361 3.93 16.18 29.44
CA GLU A 361 4.17 17.40 28.70
C GLU A 361 4.38 16.98 27.23
N LEU A 362 4.31 17.97 26.33
CA LEU A 362 3.94 17.85 24.93
C LEU A 362 4.83 16.85 24.21
N ASP A 363 6.13 16.84 24.53
CA ASP A 363 7.09 15.95 23.90
C ASP A 363 7.63 14.89 24.86
N GLN A 364 6.75 14.14 25.52
CA GLN A 364 7.14 12.98 26.30
C GLN A 364 6.39 11.74 25.84
N VAL A 365 6.87 10.59 26.28
CA VAL A 365 6.29 9.29 25.93
C VAL A 365 6.46 8.38 27.14
N GLY A 366 5.60 7.38 27.26
CA GLY A 366 5.64 6.50 28.41
C GLY A 366 6.07 5.10 28.01
N VAL A 367 7.30 4.74 28.34
CA VAL A 367 7.88 3.46 27.96
C VAL A 367 7.63 2.48 29.10
N PRO A 368 7.13 1.28 28.82
CA PRO A 368 6.96 0.29 29.89
C PRO A 368 8.30 -0.13 30.48
N ILE A 369 8.24 -0.92 31.55
CA ILE A 369 9.48 -1.34 32.21
C ILE A 369 10.17 -2.42 31.40
N SER A 370 9.40 -3.32 30.78
CA SER A 370 10.00 -4.42 30.03
C SER A 370 10.73 -3.92 28.78
N ILE A 371 10.06 -3.08 27.98
CA ILE A 371 10.71 -2.53 26.79
C ILE A 371 11.96 -1.76 27.18
N ALA A 372 11.95 -1.14 28.36
CA ALA A 372 13.15 -0.44 28.83
C ALA A 372 14.27 -1.38 29.21
N LYS A 373 13.96 -2.48 29.89
CA LYS A 373 14.99 -3.45 30.26
C LYS A 373 15.40 -4.34 29.10
N THR A 374 14.72 -4.24 27.95
CA THR A 374 15.16 -4.99 26.77
C THR A 374 16.03 -4.13 25.86
N LEU A 375 15.57 -2.93 25.52
CA LEU A 375 16.37 -2.00 24.75
C LEU A 375 17.53 -1.49 25.61
N SER A 376 18.54 -0.92 24.94
CA SER A 376 19.76 -0.53 25.62
C SER A 376 20.33 0.72 24.98
N TYR A 377 21.54 1.08 25.42
CA TYR A 377 22.23 2.26 24.94
C TYR A 377 23.71 2.16 25.29
N PRO A 378 24.61 2.29 24.30
CA PRO A 378 26.05 2.28 24.61
C PRO A 378 26.52 3.64 25.10
N GLU A 379 27.28 3.67 26.18
CA GLU A 379 27.78 4.91 26.74
C GLU A 379 29.29 4.83 26.92
N THR A 380 29.95 5.98 26.81
CA THR A 380 31.41 6.01 26.94
C THR A 380 31.79 6.40 28.35
N VAL A 381 32.74 5.66 28.93
CA VAL A 381 33.23 5.93 30.28
C VAL A 381 34.25 7.05 30.21
N THR A 382 33.99 8.13 30.94
CA THR A 382 34.87 9.29 30.96
C THR A 382 35.26 9.59 32.40
N GLN A 383 35.33 10.88 32.72
CA GLN A 383 35.65 11.29 34.08
C GLN A 383 34.44 11.93 34.76
N TYR A 384 33.38 12.20 34.01
CA TYR A 384 32.24 12.91 34.53
C TYR A 384 31.10 12.01 34.95
N ASN A 385 31.22 10.70 34.72
CA ASN A 385 30.11 9.79 34.93
C ASN A 385 30.51 8.40 35.39
N ILE A 386 31.75 8.19 35.84
CA ILE A 386 32.21 6.84 36.15
C ILE A 386 31.49 6.30 37.37
N HIS A 387 31.08 7.19 38.29
CA HIS A 387 30.38 6.74 39.48
C HIS A 387 29.02 6.15 39.14
N ARG A 388 28.23 6.88 38.35
CA ARG A 388 26.91 6.38 37.95
C ARG A 388 27.03 5.04 37.24
N LEU A 389 28.11 4.84 36.50
CA LEU A 389 28.29 3.57 35.80
C LEU A 389 28.79 2.48 36.74
N THR A 390 29.45 2.85 37.84
CA THR A 390 29.73 1.85 38.87
C THR A 390 28.44 1.38 39.52
N GLU A 391 27.55 2.31 39.87
CA GLU A 391 26.26 1.91 40.44
C GLU A 391 25.47 1.06 39.44
N TYR A 392 25.48 1.48 38.17
CA TYR A 392 24.72 0.77 37.15
C TYR A 392 25.26 -0.64 36.91
N VAL A 393 26.59 -0.77 36.81
CA VAL A 393 27.18 -2.10 36.62
C VAL A 393 26.93 -2.96 37.86
N ARG A 394 26.81 -2.33 39.03
CA ARG A 394 26.47 -3.10 40.23
C ARG A 394 25.03 -3.60 40.19
N ASN A 395 24.10 -2.80 39.66
CA ASN A 395 22.69 -3.17 39.78
C ASN A 395 22.29 -4.26 38.79
N GLY A 396 23.21 -4.72 37.94
CA GLY A 396 22.97 -5.89 37.14
C GLY A 396 21.93 -5.72 36.05
N PRO A 397 21.77 -6.76 35.22
CA PRO A 397 20.84 -6.65 34.08
C PRO A 397 19.42 -7.11 34.38
N ASN A 398 19.04 -7.23 35.65
CA ASN A 398 17.68 -7.64 36.00
C ASN A 398 17.03 -6.75 37.04
N GLU A 399 17.38 -5.46 37.10
CA GLU A 399 16.82 -4.53 38.07
C GLU A 399 17.08 -3.12 37.60
N HIS A 400 16.03 -2.31 37.58
CA HIS A 400 16.18 -0.93 37.11
C HIS A 400 16.43 0.00 38.28
N PRO A 401 17.33 0.99 38.17
CA PRO A 401 18.17 1.22 36.99
C PRO A 401 19.46 0.40 37.01
N GLY A 402 19.69 -0.37 35.96
CA GLY A 402 20.90 -1.17 35.86
C GLY A 402 21.51 -1.13 34.48
N ALA A 403 22.59 -1.87 34.29
CA ALA A 403 23.26 -1.94 32.99
C ALA A 403 23.26 -3.38 32.51
N LYS A 404 23.62 -3.55 31.24
CA LYS A 404 23.69 -4.87 30.62
C LYS A 404 25.09 -5.26 30.22
N TYR A 405 25.37 -5.33 28.92
CA TYR A 405 26.69 -5.67 28.42
C TYR A 405 27.68 -4.57 28.77
N VAL A 406 28.94 -4.97 28.87
CA VAL A 406 30.07 -4.05 29.03
C VAL A 406 31.04 -4.34 27.89
N ILE A 407 31.43 -3.29 27.17
CA ILE A 407 32.24 -3.42 25.97
C ILE A 407 33.63 -2.85 26.24
N ARG A 408 34.66 -3.65 25.95
CA ARG A 408 36.03 -3.17 26.06
C ARG A 408 36.36 -2.80 24.61
N ASP A 409 37.58 -2.30 24.41
CA ASP A 409 37.99 -1.47 23.29
C ASP A 409 38.41 -2.29 22.08
N ASN A 410 39.01 -3.46 22.31
CA ASN A 410 39.42 -4.34 21.22
C ASN A 410 38.25 -5.02 20.52
N GLY A 411 37.15 -5.27 21.22
CA GLY A 411 35.98 -5.90 20.64
C GLY A 411 35.34 -6.96 21.51
N ASP A 412 35.79 -7.13 22.75
CA ASP A 412 35.20 -8.13 23.63
C ASP A 412 33.90 -7.63 24.22
N ARG A 413 33.10 -8.55 24.77
CA ARG A 413 31.82 -8.20 25.37
C ARG A 413 31.56 -9.03 26.62
N ILE A 414 31.58 -8.36 27.77
CA ILE A 414 31.24 -8.97 29.05
C ILE A 414 29.72 -8.93 29.19
N ASP A 415 29.13 -10.08 29.50
CA ASP A 415 27.69 -10.18 29.71
C ASP A 415 27.42 -10.34 31.20
N LEU A 416 26.81 -9.33 31.81
CA LEU A 416 26.57 -9.35 33.25
C LEU A 416 25.50 -10.35 33.66
N ARG A 417 24.87 -11.05 32.71
CA ARG A 417 23.90 -12.08 33.08
C ARG A 417 24.60 -13.33 33.59
N TYR A 418 25.35 -14.01 32.72
CA TYR A 418 26.03 -15.25 33.06
C TYR A 418 27.26 -15.06 33.92
N HIS A 419 27.79 -13.83 34.00
CA HIS A 419 29.00 -13.56 34.76
C HIS A 419 28.61 -13.40 36.23
N LYS A 420 28.66 -14.50 36.97
CA LYS A 420 28.21 -14.56 38.35
C LYS A 420 28.83 -13.48 39.23
N ARG A 421 30.16 -13.42 39.31
CA ARG A 421 30.83 -12.50 40.21
C ARG A 421 31.24 -11.23 39.48
N ALA A 422 30.36 -10.22 39.46
CA ALA A 422 30.65 -9.01 38.71
C ALA A 422 31.05 -7.86 39.63
N GLY A 423 31.23 -8.13 40.92
CA GLY A 423 31.60 -7.07 41.84
C GLY A 423 33.05 -6.65 41.76
N ASP A 424 33.86 -7.37 40.97
CA ASP A 424 35.28 -7.09 40.84
C ASP A 424 35.59 -6.27 39.59
N ILE A 425 34.58 -5.64 38.99
CA ILE A 425 34.75 -4.88 37.77
C ILE A 425 35.22 -3.47 38.11
N VAL A 426 36.35 -3.07 37.55
CA VAL A 426 36.83 -1.70 37.60
C VAL A 426 36.82 -1.15 36.18
N LEU A 427 36.25 0.04 36.00
CA LEU A 427 36.04 0.59 34.68
C LEU A 427 37.19 1.49 34.27
N GLN A 428 37.88 1.10 33.20
CA GLN A 428 38.95 1.89 32.63
C GLN A 428 38.37 2.94 31.68
N TYR A 429 39.11 4.01 31.44
CA TYR A 429 38.67 5.03 30.50
C TYR A 429 38.64 4.46 29.08
N GLY A 430 37.59 4.80 28.34
CA GLY A 430 37.45 4.38 26.96
C GLY A 430 36.46 3.26 26.73
N TRP A 431 36.10 2.50 27.76
CA TRP A 431 35.16 1.41 27.57
C TRP A 431 33.75 1.95 27.31
N LYS A 432 32.85 1.05 26.92
CA LYS A 432 31.45 1.37 26.71
C LYS A 432 30.59 0.51 27.63
N VAL A 433 29.38 1.00 27.92
CA VAL A 433 28.45 0.32 28.81
C VAL A 433 27.07 0.37 28.16
N GLU A 434 26.50 -0.80 27.88
CA GLU A 434 25.16 -0.85 27.29
C GLU A 434 24.13 -0.78 28.40
N ARG A 435 23.89 0.42 28.90
CA ARG A 435 22.92 0.62 29.96
C ARG A 435 21.50 0.49 29.43
N HIS A 436 20.55 0.49 30.36
CA HIS A 436 19.13 0.44 29.99
C HIS A 436 18.68 1.77 29.42
N LEU A 437 17.45 1.75 28.89
CA LEU A 437 16.78 2.99 28.52
C LEU A 437 16.29 3.69 29.78
N MET A 438 16.62 4.97 29.92
CA MET A 438 16.37 5.70 31.15
C MET A 438 15.61 6.98 30.86
N ASP A 439 15.45 7.80 31.90
CA ASP A 439 14.69 9.04 31.75
C ASP A 439 15.45 10.04 30.89
N ASP A 440 14.69 10.74 30.04
CA ASP A 440 15.10 11.90 29.25
C ASP A 440 15.96 11.55 28.04
N ASP A 441 15.96 10.30 27.57
CA ASP A 441 16.61 9.97 26.31
C ASP A 441 15.71 10.38 25.15
N PRO A 442 16.27 10.85 24.04
CA PRO A 442 15.43 11.20 22.89
C PRO A 442 15.27 10.02 21.95
N VAL A 443 14.03 9.51 21.86
CA VAL A 443 13.75 8.38 20.98
C VAL A 443 12.88 8.85 19.82
N LEU A 444 13.14 8.27 18.65
CA LEU A 444 12.31 8.51 17.47
C LEU A 444 11.00 7.74 17.63
N PHE A 445 9.92 8.28 17.08
CA PHE A 445 8.58 7.78 17.33
C PHE A 445 7.76 7.89 16.05
N ASN A 446 7.17 6.76 15.65
CA ASN A 446 6.68 6.59 14.28
C ASN A 446 5.38 5.79 14.27
N ARG A 447 4.51 6.07 13.29
CA ARG A 447 3.33 5.28 12.99
C ARG A 447 3.29 5.00 11.49
N GLN A 448 2.89 3.77 11.12
CA GLN A 448 2.62 3.46 9.72
C GLN A 448 1.14 3.66 9.41
N PRO A 449 0.80 4.08 8.18
CA PRO A 449 1.75 4.54 7.16
C PRO A 449 2.00 6.04 7.24
N SER A 450 3.27 6.44 7.21
CA SER A 450 3.66 7.84 7.34
C SER A 450 3.49 8.52 5.98
N LEU A 451 2.88 9.71 6.03
CA LEU A 451 2.68 10.50 4.81
C LEU A 451 3.47 11.80 4.83
N HIS A 452 2.89 12.89 5.34
CA HIS A 452 3.60 14.14 5.48
C HIS A 452 4.67 13.98 6.55
N LYS A 453 5.61 14.93 6.58
CA LYS A 453 6.84 14.73 7.33
C LYS A 453 6.64 14.87 8.84
N MET A 454 5.40 14.96 9.31
CA MET A 454 5.15 15.10 10.75
C MET A 454 4.85 13.78 11.43
N SER A 455 4.85 12.66 10.70
CA SER A 455 4.51 11.37 11.29
C SER A 455 5.71 10.67 11.92
N MET A 456 6.88 11.33 11.95
CA MET A 456 8.07 10.77 12.60
C MET A 456 8.67 11.87 13.46
N MET A 457 8.47 11.77 14.77
CA MET A 457 8.93 12.81 15.67
C MET A 457 9.63 12.19 16.86
N ALA A 458 10.63 12.91 17.40
CA ALA A 458 11.40 12.43 18.53
C ALA A 458 10.80 12.96 19.83
N HIS A 459 10.45 12.04 20.73
CA HIS A 459 9.94 12.38 22.04
C HIS A 459 10.99 12.09 23.11
N ARG A 460 10.76 12.63 24.29
CA ARG A 460 11.59 12.34 25.46
C ARG A 460 10.99 11.15 26.19
N VAL A 461 11.84 10.30 26.75
CA VAL A 461 11.38 9.07 27.37
C VAL A 461 10.93 9.35 28.79
N LYS A 462 9.94 8.58 29.26
CA LYS A 462 9.50 8.60 30.65
C LYS A 462 9.01 7.21 31.00
N VAL A 463 9.67 6.57 31.97
CA VAL A 463 9.39 5.18 32.28
C VAL A 463 8.09 5.10 33.09
N MET A 464 7.23 4.16 32.72
CA MET A 464 5.94 3.98 33.37
C MET A 464 5.64 2.49 33.45
N PRO A 465 4.82 2.07 34.41
CA PRO A 465 4.47 0.64 34.50
C PRO A 465 3.48 0.24 33.40
N TYR A 466 2.91 -0.95 33.60
CA TYR A 466 1.92 -1.50 32.68
C TYR A 466 2.51 -1.70 31.28
N SER A 467 1.67 -1.97 30.29
CA SER A 467 2.15 -2.58 29.05
C SER A 467 1.94 -1.73 27.79
N THR A 468 1.49 -0.50 27.94
CA THR A 468 1.15 0.31 26.77
C THR A 468 1.95 1.61 26.73
N PHE A 469 2.13 2.13 25.51
CA PHE A 469 2.71 3.45 25.33
C PHE A 469 1.78 4.54 25.86
N ARG A 470 2.29 5.75 25.94
CA ARG A 470 1.50 6.91 26.36
C ARG A 470 1.76 8.09 25.44
N LEU A 471 0.69 8.80 25.11
CA LEU A 471 0.80 10.03 24.34
C LEU A 471 0.00 11.13 25.01
N ASN A 472 0.53 12.35 24.97
CA ASN A 472 -0.30 13.52 25.19
C ASN A 472 -1.28 13.63 24.03
N LEU A 473 -2.55 13.91 24.34
CA LEU A 473 -3.58 13.81 23.32
C LEU A 473 -3.40 14.86 22.22
N SER A 474 -2.75 15.99 22.51
CA SER A 474 -2.55 17.04 21.53
C SER A 474 -1.71 16.58 20.34
N VAL A 475 -0.95 15.49 20.46
CA VAL A 475 -0.27 14.95 19.29
C VAL A 475 -1.07 13.85 18.61
N THR A 476 -2.39 13.94 18.58
CA THR A 476 -3.16 13.01 17.75
C THR A 476 -3.56 13.56 16.39
N SER A 477 -3.01 14.70 15.99
CA SER A 477 -3.47 15.37 14.78
C SER A 477 -2.53 15.14 13.61
N PRO A 478 -1.20 15.16 13.78
CA PRO A 478 -0.34 14.77 12.65
C PRO A 478 -0.26 13.27 12.45
N TYR A 479 -0.48 12.47 13.50
CA TYR A 479 -0.40 11.03 13.34
C TYR A 479 -1.66 10.40 12.77
N ASN A 480 -2.77 11.15 12.69
CA ASN A 480 -4.04 10.59 12.26
C ASN A 480 -4.39 9.37 13.10
N ALA A 481 -4.14 9.48 14.40
CA ALA A 481 -4.24 8.34 15.29
C ALA A 481 -5.39 8.51 16.28
N ASP A 482 -5.86 7.37 16.79
CA ASP A 482 -6.88 7.34 17.82
C ASP A 482 -6.67 6.05 18.63
N PHE A 483 -7.16 6.04 19.86
CA PHE A 483 -6.80 5.00 20.82
C PHE A 483 -7.75 3.82 20.75
N ASP A 484 -8.42 3.62 19.62
CA ASP A 484 -9.39 2.54 19.46
C ASP A 484 -8.74 1.23 19.03
N GLY A 485 -7.49 1.01 19.41
CA GLY A 485 -6.81 -0.25 19.16
C GLY A 485 -5.63 -0.18 18.19
N ASP A 486 -5.06 1.00 17.96
CA ASP A 486 -3.95 1.13 17.03
C ASP A 486 -2.65 0.69 17.67
N GLU A 487 -1.58 0.69 16.87
CA GLU A 487 -0.24 0.37 17.32
C GLU A 487 0.73 1.38 16.73
N MET A 488 1.85 1.58 17.43
CA MET A 488 2.91 2.45 16.95
C MET A 488 4.27 1.84 17.27
N ASN A 489 5.30 2.51 16.78
CA ASN A 489 6.67 2.02 16.80
C ASN A 489 7.62 3.04 17.39
N LEU A 490 8.61 2.53 18.11
CA LEU A 490 9.63 3.36 18.76
C LEU A 490 10.99 2.92 18.23
N HIS A 491 11.78 3.89 17.78
CA HIS A 491 13.14 3.65 17.33
C HIS A 491 14.10 4.36 18.26
N VAL A 492 15.24 3.72 18.54
CA VAL A 492 16.19 4.18 19.53
C VAL A 492 17.45 4.62 18.79
N PRO A 493 18.08 5.73 19.17
CA PRO A 493 19.38 6.06 18.59
C PRO A 493 20.48 5.24 19.23
N GLN A 494 21.72 5.55 18.88
CA GLN A 494 22.88 4.86 19.41
C GLN A 494 24.03 5.79 19.74
N SER A 495 24.69 6.35 18.73
CA SER A 495 25.83 7.22 18.96
C SER A 495 25.34 8.62 19.30
N GLU A 496 26.31 9.52 19.46
CA GLU A 496 25.99 10.86 19.96
C GLU A 496 25.54 11.78 18.83
N GLU A 497 26.16 11.67 17.65
CA GLU A 497 25.82 12.53 16.53
C GLU A 497 24.33 12.43 16.18
N THR A 498 23.82 11.22 16.09
CA THR A 498 22.41 11.05 15.73
C THR A 498 21.47 11.49 16.83
N ARG A 499 21.88 11.39 18.09
CA ARG A 499 21.08 11.95 19.17
C ARG A 499 20.99 13.46 19.06
N ALA A 500 22.12 14.11 18.78
CA ALA A 500 22.10 15.55 18.54
C ALA A 500 21.18 15.91 17.39
N GLU A 501 21.25 15.15 16.29
CA GLU A 501 20.38 15.45 15.16
C GLU A 501 18.91 15.24 15.51
N LEU A 502 18.61 14.26 16.35
CA LEU A 502 17.21 14.06 16.77
C LEU A 502 16.73 15.21 17.63
N SER A 503 17.53 15.62 18.61
CA SER A 503 17.09 16.66 19.53
C SER A 503 17.05 18.03 18.88
N GLN A 504 17.82 18.24 17.82
CA GLN A 504 17.91 19.55 17.18
C GLN A 504 17.12 19.64 15.88
N LEU A 505 16.66 18.54 15.33
CA LEU A 505 15.93 18.58 14.07
C LEU A 505 14.56 17.93 14.14
N CYS A 506 14.45 16.76 14.76
CA CYS A 506 13.21 16.00 14.76
C CYS A 506 12.40 16.15 16.05
N ALA A 507 12.54 17.25 16.76
CA ALA A 507 11.78 17.45 17.99
C ALA A 507 10.34 17.80 17.68
N VAL A 508 9.52 17.90 18.71
CA VAL A 508 8.11 18.24 18.58
C VAL A 508 7.90 19.75 18.51
N PRO A 509 8.47 20.56 19.41
CA PRO A 509 8.19 22.00 19.34
C PRO A 509 8.61 22.66 18.03
N LEU A 510 9.60 22.10 17.33
CA LEU A 510 10.01 22.69 16.07
C LEU A 510 9.10 22.28 14.92
N GLN A 511 8.05 21.52 15.19
CA GLN A 511 7.14 21.04 14.16
C GLN A 511 5.73 21.57 14.31
N ILE A 512 5.52 22.55 15.20
CA ILE A 512 4.15 23.00 15.51
C ILE A 512 3.54 23.70 14.30
N VAL A 513 4.36 24.38 13.50
CA VAL A 513 3.90 25.09 12.30
C VAL A 513 4.25 24.25 11.07
N SER A 514 3.24 23.97 10.24
CA SER A 514 3.40 23.15 9.07
C SER A 514 3.77 23.98 7.85
N PRO A 515 4.78 23.55 7.08
CA PRO A 515 5.09 24.25 5.82
C PRO A 515 4.11 23.94 4.71
N GLN A 516 3.18 23.02 4.91
CA GLN A 516 2.22 22.69 3.86
C GLN A 516 1.30 23.87 3.55
N SER A 517 0.77 24.50 4.60
CA SER A 517 -0.16 25.61 4.40
C SER A 517 0.06 26.90 5.20
N ASN A 518 1.21 27.01 5.86
CA ASN A 518 1.56 28.19 6.64
C ASN A 518 0.54 28.35 7.76
N LYS A 519 0.31 27.27 8.50
CA LYS A 519 -0.63 27.30 9.62
C LYS A 519 -0.35 26.09 10.52
N PRO A 520 -0.66 26.19 11.81
CA PRO A 520 -0.30 25.12 12.74
C PRO A 520 -1.09 23.84 12.49
N VAL A 521 -0.83 22.84 13.33
CA VAL A 521 -1.49 21.54 13.24
C VAL A 521 -2.01 21.06 14.59
N MET A 522 -1.28 21.30 15.68
CA MET A 522 -1.66 20.81 16.99
C MET A 522 -2.47 21.85 17.73
N GLY A 523 -3.66 21.45 18.18
CA GLY A 523 -4.52 22.35 18.92
C GLY A 523 -5.17 21.70 20.12
N ILE A 524 -6.33 22.21 20.51
CA ILE A 524 -7.06 21.66 21.65
C ILE A 524 -8.16 20.75 21.13
N VAL A 525 -8.32 19.58 21.75
CA VAL A 525 -9.24 18.57 21.28
C VAL A 525 -10.09 18.07 22.46
N GLN A 526 -11.34 17.73 22.15
CA GLN A 526 -12.21 16.91 23.00
C GLN A 526 -12.54 17.66 24.29
N ASP A 527 -12.38 17.05 25.47
CA ASP A 527 -12.92 17.59 26.71
C ASP A 527 -12.27 18.92 27.07
N THR A 528 -10.96 19.02 26.88
CA THR A 528 -10.24 20.26 27.18
C THR A 528 -10.86 21.44 26.44
N LEU A 529 -11.25 21.23 25.17
CA LEU A 529 -11.88 22.28 24.39
C LEU A 529 -13.30 22.56 24.86
N CYS A 530 -14.13 21.51 24.99
CA CYS A 530 -15.51 21.74 25.40
C CYS A 530 -15.58 22.46 26.74
N GLY A 531 -14.71 22.07 27.68
CA GLY A 531 -14.77 22.63 29.01
C GLY A 531 -13.97 23.90 29.18
N VAL A 532 -13.06 24.20 28.24
CA VAL A 532 -12.47 25.53 28.26
C VAL A 532 -13.49 26.53 27.76
N ARG A 533 -14.34 26.12 26.80
CA ARG A 533 -15.47 26.97 26.44
C ARG A 533 -16.43 27.12 27.61
N LYS A 534 -16.77 26.00 28.26
CA LYS A 534 -17.69 26.08 29.39
C LYS A 534 -17.08 26.88 30.54
N MET A 535 -15.75 26.98 30.58
CA MET A 535 -15.11 27.71 31.67
C MET A 535 -15.07 29.21 31.39
N THR A 536 -14.71 29.60 30.16
CA THR A 536 -14.66 31.02 29.81
C THR A 536 -16.01 31.58 29.43
N LEU A 537 -17.00 31.50 30.32
CA LEU A 537 -18.28 32.13 30.06
C LEU A 537 -18.40 33.43 30.86
N ARG A 538 -19.59 34.03 30.82
CA ARG A 538 -19.79 35.30 31.52
C ARG A 538 -20.51 35.11 32.85
N ASP A 539 -21.18 33.98 33.04
CA ASP A 539 -21.78 33.64 34.33
C ASP A 539 -21.13 32.43 34.96
N THR A 540 -19.87 32.56 35.38
CA THR A 540 -19.12 31.47 36.01
C THR A 540 -18.21 32.06 37.08
N PHE A 541 -18.52 31.78 38.34
CA PHE A 541 -17.76 32.31 39.46
C PHE A 541 -17.24 31.17 40.32
N ILE A 542 -16.00 31.33 40.80
CA ILE A 542 -15.32 30.33 41.61
C ILE A 542 -15.04 30.94 42.97
N GLU A 543 -15.09 30.12 44.02
CA GLU A 543 -14.81 30.60 45.36
C GLU A 543 -13.34 30.33 45.65
N TYR A 544 -12.88 30.83 46.79
CA TYR A 544 -11.46 30.73 47.13
C TYR A 544 -10.70 29.42 47.29
N GLU A 545 -11.30 28.45 48.00
CA GLU A 545 -10.63 27.19 48.25
C GLU A 545 -10.46 26.39 46.96
N GLN A 546 -11.18 26.77 45.90
CA GLN A 546 -11.00 26.12 44.62
C GLN A 546 -9.97 26.85 43.77
N VAL A 547 -9.95 28.19 43.86
CA VAL A 547 -8.95 28.96 43.12
C VAL A 547 -7.55 28.65 43.64
N MET A 548 -7.40 28.40 44.94
CA MET A 548 -6.08 28.06 45.45
C MET A 548 -5.53 26.82 44.76
N ASN A 549 -6.35 25.77 44.64
CA ASN A 549 -5.92 24.57 43.94
C ASN A 549 -5.65 24.86 42.46
N MET A 550 -6.63 25.50 41.79
CA MET A 550 -6.50 25.74 40.36
C MET A 550 -5.28 26.59 40.03
N LEU A 551 -4.77 27.35 41.01
CA LEU A 551 -3.55 28.11 40.78
C LEU A 551 -2.31 27.28 41.14
N PHE A 552 -2.45 26.38 42.11
CA PHE A 552 -1.31 25.54 42.46
C PHE A 552 -1.05 24.46 41.42
N TRP A 553 -2.03 24.14 40.56
CA TRP A 553 -1.78 23.17 39.50
C TRP A 553 -0.81 23.67 38.44
N VAL A 554 -0.84 24.96 38.11
CA VAL A 554 -0.05 25.49 36.99
C VAL A 554 1.44 25.36 37.27
N PRO A 555 2.18 24.60 36.46
CA PRO A 555 3.61 24.43 36.73
C PRO A 555 4.43 25.68 36.52
N SER A 556 4.00 26.59 35.66
CA SER A 556 4.75 27.81 35.36
C SER A 556 4.23 29.02 36.11
N TRP A 557 3.51 28.83 37.21
CA TRP A 557 2.97 29.96 37.96
C TRP A 557 4.05 30.57 38.84
N ASP A 558 3.89 31.84 39.17
CA ASP A 558 4.90 32.59 39.91
C ASP A 558 4.67 32.62 41.40
N GLY A 559 3.46 32.95 41.86
CA GLY A 559 3.18 33.04 43.28
C GLY A 559 2.44 34.29 43.70
N VAL A 560 1.67 34.92 42.82
CA VAL A 560 0.89 36.10 43.15
C VAL A 560 -0.57 35.79 42.82
N VAL A 561 -1.35 35.46 43.84
CA VAL A 561 -2.77 35.18 43.61
C VAL A 561 -3.46 36.46 43.18
N PRO A 562 -4.08 36.50 42.01
CA PRO A 562 -4.70 37.74 41.54
C PRO A 562 -5.91 38.11 42.35
N GLN A 563 -6.18 39.41 42.41
CA GLN A 563 -7.33 39.90 43.17
C GLN A 563 -8.63 39.45 42.50
N PRO A 564 -9.70 39.25 43.26
CA PRO A 564 -10.96 38.84 42.65
C PRO A 564 -11.60 39.98 41.87
N ALA A 565 -12.83 39.74 41.42
CA ALA A 565 -13.56 40.77 40.70
C ALA A 565 -14.69 41.34 41.54
N ILE A 566 -15.04 40.64 42.63
CA ILE A 566 -16.07 41.08 43.55
C ILE A 566 -15.47 41.05 44.95
N LEU A 567 -14.81 42.14 45.34
CA LEU A 567 -14.15 42.20 46.64
C LEU A 567 -15.13 42.10 47.80
N LYS A 568 -16.42 42.37 47.54
CA LYS A 568 -17.44 42.42 48.57
C LYS A 568 -18.79 42.31 47.89
N PRO A 569 -19.76 41.59 48.48
CA PRO A 569 -19.75 40.90 49.78
C PRO A 569 -18.99 39.59 50.02
N LYS A 570 -18.39 39.03 48.96
CA LYS A 570 -17.82 37.68 48.91
C LYS A 570 -16.79 37.68 47.79
N PRO A 571 -15.57 37.21 48.04
CA PRO A 571 -14.54 37.20 46.98
C PRO A 571 -14.90 36.13 45.96
N LEU A 572 -15.10 36.55 44.71
CA LEU A 572 -15.45 35.63 43.64
C LEU A 572 -14.65 35.95 42.39
N TRP A 573 -13.83 35.01 41.96
CA TRP A 573 -13.11 35.10 40.70
C TRP A 573 -13.99 34.63 39.56
N THR A 574 -13.54 34.91 38.34
CA THR A 574 -14.23 34.42 37.15
C THR A 574 -13.42 33.31 36.50
N GLY A 575 -13.74 33.06 35.23
CA GLY A 575 -13.02 32.03 34.49
C GLY A 575 -11.95 32.61 33.58
N LYS A 576 -12.21 33.78 33.02
CA LYS A 576 -11.24 34.43 32.14
C LYS A 576 -9.96 34.79 32.89
N GLN A 577 -10.05 35.02 34.21
CA GLN A 577 -8.85 35.27 34.99
C GLN A 577 -8.01 34.01 35.13
N LEU A 578 -8.61 32.93 35.62
CA LEU A 578 -7.85 31.71 35.85
C LEU A 578 -7.43 31.07 34.54
N LEU A 579 -8.01 31.52 33.43
CA LEU A 579 -7.45 31.14 32.12
C LEU A 579 -6.29 32.05 31.76
N SER A 580 -6.43 33.36 32.04
CA SER A 580 -5.37 34.30 31.73
C SER A 580 -4.13 34.09 32.59
N ILE A 581 -4.22 33.27 33.65
CA ILE A 581 -3.04 32.89 34.38
C ILE A 581 -2.12 32.04 33.52
N ALA A 582 -2.70 31.22 32.64
CA ALA A 582 -1.94 30.31 31.80
C ALA A 582 -1.15 31.02 30.70
N ILE A 583 -1.76 31.98 30.02
CA ILE A 583 -1.13 32.70 28.92
C ILE A 583 0.10 33.45 29.42
N PRO A 584 1.21 33.46 28.69
CA PRO A 584 2.37 34.25 29.12
C PRO A 584 2.10 35.74 29.06
N SER A 585 3.17 36.52 29.25
CA SER A 585 3.03 37.96 29.37
C SER A 585 3.55 38.68 28.13
N GLY A 586 2.71 39.56 27.59
CA GLY A 586 3.07 40.38 26.45
C GLY A 586 2.34 40.07 25.17
N ILE A 587 1.36 39.18 25.20
CA ILE A 587 0.64 38.74 24.01
C ILE A 587 -0.48 39.74 23.73
N HIS A 588 -0.71 40.04 22.46
CA HIS A 588 -1.80 40.89 22.02
C HIS A 588 -2.56 40.18 20.92
N LEU A 589 -3.89 40.26 20.98
CA LEU A 589 -4.74 39.64 19.96
C LEU A 589 -6.04 40.41 19.86
N GLN A 590 -6.49 40.64 18.63
CA GLN A 590 -7.70 41.41 18.37
C GLN A 590 -8.47 40.78 17.23
N ARG A 591 -9.65 40.24 17.51
CA ARG A 591 -10.45 39.62 16.47
C ARG A 591 -11.90 40.09 16.55
N THR A 592 -12.45 40.44 15.39
CA THR A 592 -13.85 40.83 15.26
C THR A 592 -14.59 39.72 14.51
N ASP A 593 -15.69 39.25 15.09
CA ASP A 593 -16.49 38.18 14.52
C ASP A 593 -17.93 38.63 14.41
N GLY A 594 -18.34 39.06 13.22
CA GLY A 594 -19.71 39.48 13.01
C GLY A 594 -19.92 40.97 13.14
N GLY A 595 -18.84 41.71 13.35
CA GLY A 595 -18.95 43.16 13.48
C GLY A 595 -19.62 43.62 14.76
N ASN A 596 -19.04 43.26 15.90
CA ASN A 596 -19.60 43.69 17.18
C ASN A 596 -18.85 44.90 17.72
N SER A 597 -19.61 45.82 18.31
CA SER A 597 -19.04 46.97 19.00
C SER A 597 -18.29 46.51 20.24
N LEU A 598 -17.40 47.36 20.72
CA LEU A 598 -16.58 46.99 21.88
C LEU A 598 -17.38 46.96 23.17
N LEU A 599 -18.65 46.60 23.12
CA LEU A 599 -19.46 46.31 24.30
C LEU A 599 -19.84 44.85 24.38
N SER A 600 -19.86 44.14 23.25
CA SER A 600 -19.97 42.69 23.17
C SER A 600 -21.26 42.19 23.83
N PRO A 601 -22.41 42.26 23.15
CA PRO A 601 -23.64 41.76 23.76
C PRO A 601 -23.78 40.25 23.68
N LYS A 602 -23.38 39.64 22.56
CA LYS A 602 -23.42 38.19 22.40
C LYS A 602 -22.11 37.51 22.76
N ASP A 603 -21.16 38.25 23.34
CA ASP A 603 -19.93 37.70 23.91
C ASP A 603 -19.02 37.11 22.84
N ASN A 604 -19.27 37.42 21.57
CA ASN A 604 -18.41 37.04 20.48
C ASN A 604 -17.31 38.09 20.31
N GLY A 605 -16.41 37.85 19.35
CA GLY A 605 -15.22 38.68 19.26
C GLY A 605 -14.19 38.22 20.27
N MET A 606 -13.01 38.84 20.20
CA MET A 606 -11.93 38.42 21.08
C MET A 606 -10.96 39.57 21.28
N LEU A 607 -10.66 39.87 22.55
CA LEU A 607 -9.68 40.91 22.86
C LEU A 607 -8.73 40.41 23.95
N ILE A 608 -7.47 40.19 23.58
CA ILE A 608 -6.42 39.84 24.52
C ILE A 608 -5.42 40.97 24.59
N VAL A 609 -5.30 41.59 25.77
CA VAL A 609 -4.39 42.71 26.00
C VAL A 609 -3.41 42.31 27.09
N ASP A 610 -2.15 42.16 26.73
CA ASP A 610 -1.06 41.88 27.67
C ASP A 610 -1.28 40.55 28.39
N GLY A 611 -1.94 39.61 27.71
CA GLY A 611 -2.17 38.32 28.30
C GLY A 611 -3.31 38.26 29.29
N LYS A 612 -4.26 39.19 29.21
CA LYS A 612 -5.43 39.19 30.06
C LYS A 612 -6.68 39.28 29.18
N VAL A 613 -7.42 38.18 29.10
CA VAL A 613 -8.61 38.10 28.27
C VAL A 613 -9.61 39.15 28.78
N MET A 614 -9.67 40.29 28.10
CA MET A 614 -10.65 41.31 28.45
C MET A 614 -12.07 40.80 28.21
N PHE A 615 -12.35 40.35 26.99
CA PHE A 615 -13.65 39.77 26.68
C PHE A 615 -13.52 38.89 25.45
N GLY A 616 -14.39 37.88 25.39
CA GLY A 616 -14.42 36.94 24.29
C GLY A 616 -14.38 35.49 24.74
N VAL A 617 -15.38 34.71 24.33
CA VAL A 617 -15.40 33.30 24.67
C VAL A 617 -14.33 32.57 23.86
N VAL A 618 -13.49 31.82 24.56
CA VAL A 618 -12.40 31.07 23.92
C VAL A 618 -12.93 29.71 23.50
N ASP A 619 -12.94 29.46 22.19
CA ASP A 619 -13.39 28.19 21.64
C ASP A 619 -12.45 27.80 20.52
N LYS A 620 -12.98 27.15 19.48
CA LYS A 620 -12.12 26.60 18.44
C LYS A 620 -11.47 27.68 17.59
N LYS A 621 -12.21 28.73 17.23
CA LYS A 621 -11.65 29.77 16.37
C LYS A 621 -10.41 30.43 16.97
N THR A 622 -10.20 30.30 18.27
CA THR A 622 -9.01 30.82 18.93
C THR A 622 -7.97 29.74 19.23
N VAL A 623 -8.24 28.84 20.17
CA VAL A 623 -7.30 27.79 20.54
C VAL A 623 -7.55 26.51 19.75
N GLY A 624 -7.46 26.57 18.42
CA GLY A 624 -7.59 25.39 17.59
C GLY A 624 -6.37 25.16 16.72
N SER A 625 -6.62 25.08 15.42
CA SER A 625 -5.56 24.95 14.42
C SER A 625 -5.72 25.94 13.28
N GLY A 626 -6.41 27.06 13.51
CA GLY A 626 -6.66 27.99 12.44
C GLY A 626 -5.57 29.06 12.36
N GLY A 627 -5.45 29.64 11.16
CA GLY A 627 -4.44 30.67 10.97
C GLY A 627 -4.80 31.95 11.70
N GLY A 628 -3.80 32.54 12.35
CA GLY A 628 -3.99 33.78 13.08
C GLY A 628 -4.48 33.61 14.50
N GLY A 629 -4.49 32.40 15.04
CA GLY A 629 -4.98 32.15 16.38
C GLY A 629 -3.96 32.48 17.44
N LEU A 630 -4.13 31.83 18.60
CA LEU A 630 -3.24 32.08 19.72
C LEU A 630 -1.94 31.30 19.57
N ILE A 631 -2.03 30.03 19.16
CA ILE A 631 -0.85 29.18 19.06
C ILE A 631 0.10 29.73 18.00
N HIS A 632 -0.44 30.24 16.90
CA HIS A 632 0.41 30.79 15.85
C HIS A 632 1.09 32.08 16.31
N THR A 633 0.38 32.89 17.10
CA THR A 633 0.96 34.12 17.61
C THR A 633 2.08 33.84 18.61
N VAL A 634 1.79 33.05 19.64
CA VAL A 634 2.82 32.75 20.65
C VAL A 634 3.99 32.04 20.00
N MET A 635 3.72 31.11 19.08
CA MET A 635 4.78 30.44 18.33
C MET A 635 5.64 31.45 17.59
N ARG A 636 5.02 32.41 16.91
CA ARG A 636 5.80 33.41 16.17
C ARG A 636 6.24 34.55 17.08
N GLU A 637 6.13 34.37 18.40
CA GLU A 637 6.73 35.36 19.29
C GLU A 637 7.65 34.75 20.34
N LYS A 638 7.08 34.22 21.42
CA LYS A 638 7.88 33.84 22.58
C LYS A 638 8.74 32.60 22.37
N GLY A 639 8.76 32.02 21.18
CA GLY A 639 9.57 30.85 20.91
C GLY A 639 8.73 29.60 20.78
N PRO A 640 9.39 28.47 20.48
CA PRO A 640 8.64 27.21 20.39
C PRO A 640 8.41 26.55 21.74
N LYS A 641 9.37 26.61 22.65
CA LYS A 641 9.26 25.90 23.92
C LYS A 641 8.13 26.45 24.78
N ILE A 642 7.97 27.79 24.78
CA ILE A 642 6.89 28.40 25.53
C ILE A 642 5.54 27.91 25.02
N CYS A 643 5.39 27.86 23.71
CA CYS A 643 4.19 27.27 23.11
C CYS A 643 4.08 25.78 23.44
N ALA A 644 5.21 25.14 23.77
CA ALA A 644 5.16 23.74 24.18
C ALA A 644 4.77 23.60 25.65
N GLU A 645 4.80 24.70 26.40
CA GLU A 645 4.31 24.66 27.78
C GLU A 645 2.86 25.12 27.88
N LEU A 646 2.43 25.99 26.96
CA LEU A 646 1.07 26.50 26.96
C LEU A 646 0.05 25.37 27.01
N PHE A 647 0.22 24.37 26.14
CA PHE A 647 -0.70 23.23 26.11
C PHE A 647 -0.83 22.59 27.48
N GLY A 648 0.30 22.25 28.10
CA GLY A 648 0.25 21.62 29.41
C GLY A 648 -0.49 22.47 30.43
N ASN A 649 -0.17 23.75 30.51
CA ASN A 649 -0.83 24.62 31.48
C ASN A 649 -2.34 24.61 31.28
N ILE A 650 -2.80 24.97 30.07
CA ILE A 650 -4.23 25.09 29.82
C ILE A 650 -4.94 23.75 30.06
N GLN A 651 -4.36 22.66 29.57
CA GLN A 651 -5.02 21.36 29.71
C GLN A 651 -5.14 20.96 31.18
N LYS A 652 -4.12 21.27 31.98
CA LYS A 652 -4.22 20.95 33.40
C LYS A 652 -5.33 21.75 34.08
N VAL A 653 -5.38 23.07 33.83
CA VAL A 653 -6.42 23.89 34.45
C VAL A 653 -7.80 23.40 34.04
N VAL A 654 -8.04 23.31 32.73
CA VAL A 654 -9.38 22.97 32.25
C VAL A 654 -9.78 21.58 32.69
N ASN A 655 -8.84 20.63 32.70
CA ASN A 655 -9.18 19.28 33.14
C ASN A 655 -9.53 19.24 34.63
N TYR A 656 -8.82 20.00 35.46
CA TYR A 656 -9.21 20.07 36.87
C TYR A 656 -10.62 20.62 37.02
N TRP A 657 -10.88 21.80 36.42
CA TRP A 657 -12.19 22.42 36.58
C TRP A 657 -13.32 21.51 36.09
N LEU A 658 -13.21 21.04 34.85
CA LEU A 658 -14.23 20.16 34.29
C LEU A 658 -14.38 18.88 35.11
N LEU A 659 -13.29 18.40 35.72
CA LEU A 659 -13.41 17.27 36.63
C LEU A 659 -14.31 17.63 37.81
N HIS A 660 -14.17 18.84 38.35
CA HIS A 660 -15.09 19.30 39.38
C HIS A 660 -16.35 19.97 38.81
N ASN A 661 -16.67 19.75 37.55
CA ASN A 661 -17.95 20.25 37.02
C ASN A 661 -18.80 19.14 36.41
N GLY A 662 -18.18 18.22 35.69
CA GLY A 662 -18.91 17.12 35.08
C GLY A 662 -19.61 17.51 33.80
N PHE A 663 -19.94 16.51 33.00
CA PHE A 663 -20.58 16.71 31.72
C PHE A 663 -21.11 15.36 31.23
N SER A 664 -22.29 15.36 30.63
CA SER A 664 -22.91 14.11 30.22
C SER A 664 -23.98 14.38 29.17
N ILE A 665 -24.25 13.36 28.37
CA ILE A 665 -25.29 13.43 27.35
C ILE A 665 -26.38 12.45 27.73
N GLY A 666 -27.61 12.72 27.32
CA GLY A 666 -28.73 11.84 27.60
C GLY A 666 -29.63 11.70 26.39
N ILE A 667 -30.64 10.84 26.54
CA ILE A 667 -31.64 10.68 25.48
C ILE A 667 -32.54 11.90 25.39
N GLY A 668 -32.82 12.55 26.53
CA GLY A 668 -33.65 13.74 26.51
C GLY A 668 -33.00 14.90 25.78
N ASP A 669 -31.72 14.78 25.44
CA ASP A 669 -31.03 15.79 24.67
C ASP A 669 -31.50 15.76 23.22
N ALA A 670 -32.02 14.61 22.80
CA ALA A 670 -32.46 14.45 21.42
C ALA A 670 -33.97 14.37 21.27
N ILE A 671 -34.71 15.11 22.08
CA ILE A 671 -36.17 15.11 22.02
C ILE A 671 -36.71 16.54 22.00
N ALA A 672 -37.34 16.91 20.90
CA ALA A 672 -37.91 18.25 20.75
C ALA A 672 -39.29 18.35 21.37
N ASP A 673 -39.89 19.54 21.27
CA ASP A 673 -41.22 19.78 21.83
C ASP A 673 -42.31 19.37 20.84
N ALA A 674 -43.56 19.58 21.24
CA ALA A 674 -44.69 19.23 20.38
C ALA A 674 -45.07 20.38 19.46
N SER A 675 -44.66 21.59 19.82
CA SER A 675 -44.89 22.77 19.00
C SER A 675 -44.13 22.70 17.68
N THR A 676 -42.83 22.47 17.77
CA THR A 676 -41.96 22.46 16.60
C THR A 676 -42.20 21.23 15.72
N MET A 677 -42.53 20.11 16.35
CA MET A 677 -42.78 18.87 15.61
C MET A 677 -43.94 18.99 14.63
N LYS A 678 -44.97 19.72 15.03
CA LYS A 678 -46.12 19.96 14.16
C LYS A 678 -45.74 20.93 13.05
N GLU A 679 -44.83 21.84 13.35
CA GLU A 679 -44.30 22.77 12.36
C GLU A 679 -43.44 22.04 11.34
N ILE A 680 -42.60 21.13 11.83
CA ILE A 680 -41.73 20.34 10.98
C ILE A 680 -42.51 19.39 10.09
N THR A 681 -43.49 18.71 10.68
CA THR A 681 -44.31 17.74 9.96
C THR A 681 -45.16 18.41 8.89
N HIS A 682 -45.49 19.68 9.11
CA HIS A 682 -46.29 20.44 8.16
C HIS A 682 -45.45 20.92 6.99
N ALA A 683 -44.23 21.36 7.29
CA ALA A 683 -43.30 21.84 6.27
C ALA A 683 -42.96 20.75 5.28
N ILE A 684 -42.95 19.50 5.75
CA ILE A 684 -42.71 18.35 4.89
C ILE A 684 -43.96 18.01 4.08
N SER A 685 -45.12 18.17 4.72
CA SER A 685 -46.40 17.87 4.08
C SER A 685 -46.65 18.75 2.86
N SER A 686 -46.31 20.02 2.97
CA SER A 686 -46.46 20.95 1.86
C SER A 686 -45.41 20.66 0.79
N ALA A 687 -44.26 20.15 1.22
CA ALA A 687 -43.18 19.81 0.30
C ALA A 687 -43.53 18.59 -0.54
N LYS A 688 -44.24 17.68 0.14
CA LYS A 688 -44.71 16.42 -0.40
C LYS A 688 -45.88 16.65 -1.31
N GLU A 689 -46.74 17.58 -0.89
CA GLU A 689 -47.90 17.99 -1.66
C GLU A 689 -47.40 18.67 -2.92
N GLN A 690 -46.34 19.47 -2.76
CA GLN A 690 -45.72 20.17 -3.88
C GLN A 690 -45.23 19.17 -4.90
N VAL A 691 -44.60 18.09 -4.43
CA VAL A 691 -44.13 17.02 -5.29
C VAL A 691 -45.27 16.52 -6.17
N GLN A 692 -46.41 16.22 -5.55
CA GLN A 692 -47.58 15.77 -6.26
C GLN A 692 -47.92 16.72 -7.42
N GLU A 693 -47.57 18.00 -7.27
CA GLU A 693 -47.84 18.95 -8.35
C GLU A 693 -46.84 18.81 -9.48
N ILE A 694 -45.56 18.63 -9.16
CA ILE A 694 -44.57 18.50 -10.23
C ILE A 694 -44.83 17.25 -11.06
N ILE A 695 -45.15 16.14 -10.40
CA ILE A 695 -45.49 14.93 -11.15
C ILE A 695 -46.68 15.17 -12.07
N TYR A 696 -47.71 15.85 -11.57
CA TYR A 696 -48.86 16.16 -12.41
C TYR A 696 -48.46 16.92 -13.66
N LYS A 697 -47.68 17.99 -13.49
CA LYS A 697 -47.26 18.77 -14.66
C LYS A 697 -46.50 17.90 -15.63
N ALA A 698 -45.52 17.14 -15.13
CA ALA A 698 -44.74 16.30 -16.02
C ALA A 698 -45.61 15.32 -16.77
N GLN A 699 -46.70 14.86 -16.16
CA GLN A 699 -47.54 13.91 -16.87
C GLN A 699 -48.53 14.59 -17.79
N HIS A 700 -48.78 15.90 -17.67
CA HIS A 700 -49.64 16.51 -18.67
C HIS A 700 -48.87 17.38 -19.67
N ASN A 701 -47.54 17.20 -19.79
CA ASN A 701 -46.71 17.96 -20.74
C ASN A 701 -46.79 19.48 -20.57
N GLU A 702 -46.79 19.95 -19.32
CA GLU A 702 -46.86 21.38 -19.06
C GLU A 702 -45.63 21.88 -18.32
N LEU A 703 -44.53 21.16 -18.40
CA LEU A 703 -43.31 21.48 -17.69
C LEU A 703 -42.28 22.11 -18.62
N GLU A 704 -41.66 23.18 -18.13
CA GLU A 704 -40.60 23.87 -18.86
C GLU A 704 -39.35 23.00 -18.96
N LEU A 705 -38.80 22.89 -20.17
CA LEU A 705 -37.58 22.14 -20.37
C LEU A 705 -36.39 23.05 -20.14
N LYS A 706 -35.44 22.60 -19.30
CA LYS A 706 -34.20 23.29 -18.97
C LYS A 706 -33.13 23.11 -20.05
N PRO A 707 -32.35 24.14 -20.32
CA PRO A 707 -31.34 24.07 -21.40
C PRO A 707 -30.30 22.99 -21.17
N GLY A 708 -30.00 22.25 -22.23
CA GLY A 708 -29.04 21.16 -22.19
C GLY A 708 -29.55 19.87 -21.59
N MET A 709 -30.82 19.84 -21.20
CA MET A 709 -31.38 18.70 -20.47
C MET A 709 -32.66 18.20 -21.13
N THR A 710 -32.82 16.88 -21.15
CA THR A 710 -34.08 16.28 -21.56
C THR A 710 -35.15 16.61 -20.53
N LEU A 711 -36.39 16.25 -20.83
CA LEU A 711 -37.48 16.49 -19.88
C LEU A 711 -37.26 15.77 -18.55
N ARG A 712 -36.89 14.50 -18.58
CA ARG A 712 -36.81 13.74 -17.34
C ARG A 712 -35.67 14.18 -16.44
N GLU A 713 -34.54 14.57 -16.99
CA GLU A 713 -33.49 15.14 -16.15
C GLU A 713 -33.97 16.40 -15.44
N SER A 714 -34.59 17.32 -16.17
CA SER A 714 -35.09 18.52 -15.50
C SER A 714 -36.07 18.17 -14.40
N PHE A 715 -36.96 17.21 -14.67
CA PHE A 715 -37.93 16.78 -13.67
C PHE A 715 -37.23 16.26 -12.42
N GLU A 716 -36.27 15.34 -12.59
CA GLU A 716 -35.56 14.78 -11.44
C GLU A 716 -34.81 15.86 -10.68
N GLY A 717 -34.26 16.85 -11.38
CA GLY A 717 -33.56 17.91 -10.70
C GLY A 717 -34.46 18.74 -9.82
N GLU A 718 -35.63 19.04 -10.36
CA GLU A 718 -36.62 19.81 -9.64
C GLU A 718 -37.04 19.12 -8.35
N VAL A 719 -37.41 17.85 -8.42
CA VAL A 719 -37.90 17.14 -7.23
C VAL A 719 -36.90 17.24 -6.10
N SER A 720 -35.64 17.00 -6.43
CA SER A 720 -34.54 16.94 -5.48
C SER A 720 -34.31 18.26 -4.77
N ARG A 721 -34.46 19.36 -5.50
CA ARG A 721 -34.33 20.69 -4.92
C ARG A 721 -35.41 20.92 -3.87
N THR A 722 -36.62 20.47 -4.18
CA THR A 722 -37.76 20.64 -3.28
C THR A 722 -37.60 19.86 -1.99
N LEU A 723 -37.18 18.60 -2.13
CA LEU A 723 -37.02 17.72 -0.97
C LEU A 723 -35.84 18.12 -0.09
N ASN A 724 -34.74 18.51 -0.72
CA ASN A 724 -33.56 18.95 0.03
C ASN A 724 -33.79 20.26 0.77
N ASP A 725 -34.60 21.13 0.17
CA ASP A 725 -35.02 22.35 0.83
C ASP A 725 -35.84 22.01 2.07
N ALA A 726 -36.74 21.05 1.91
CA ALA A 726 -37.61 20.61 2.99
C ALA A 726 -36.83 20.08 4.18
N ARG A 727 -35.84 19.24 3.90
CA ARG A 727 -34.98 18.68 4.94
C ARG A 727 -34.23 19.79 5.67
N ASP A 728 -33.70 20.74 4.91
CA ASP A 728 -32.97 21.86 5.50
C ASP A 728 -33.90 22.78 6.26
N SER A 729 -35.08 23.03 5.71
CA SER A 729 -36.07 23.87 6.36
C SER A 729 -36.55 23.24 7.67
N ALA A 730 -36.78 21.93 7.64
CA ALA A 730 -37.21 21.20 8.82
C ALA A 730 -36.07 21.09 9.83
N GLY A 731 -34.86 20.87 9.33
CA GLY A 731 -33.70 20.75 10.19
C GLY A 731 -33.33 22.06 10.85
N ARG A 732 -33.58 23.16 10.15
CA ARG A 732 -33.29 24.49 10.67
C ARG A 732 -34.29 24.84 11.78
N SER A 733 -35.51 24.31 11.66
CA SER A 733 -36.55 24.55 12.64
C SER A 733 -36.24 23.88 13.97
N ALA A 734 -35.85 22.61 13.91
CA ALA A 734 -35.53 21.86 15.11
C ALA A 734 -34.28 22.42 15.81
N GLU A 735 -33.35 22.91 15.01
CA GLU A 735 -32.10 23.43 15.53
C GLU A 735 -32.32 24.72 16.33
N MET A 736 -33.21 25.57 15.84
CA MET A 736 -33.49 26.85 16.49
C MET A 736 -34.40 26.70 17.71
N ASN A 737 -35.27 25.67 17.73
CA ASN A 737 -36.06 25.56 18.95
C ASN A 737 -35.18 25.35 20.19
N LEU A 738 -34.11 24.55 20.06
CA LEU A 738 -33.43 23.96 21.22
C LEU A 738 -33.05 25.00 22.26
N LYS A 739 -33.13 24.60 23.53
CA LYS A 739 -32.87 25.51 24.64
C LYS A 739 -31.37 25.73 24.83
N ASP A 740 -31.02 26.42 25.92
CA ASP A 740 -29.63 26.78 26.15
C ASP A 740 -28.96 25.89 27.18
N LEU A 741 -29.26 24.59 27.16
CA LEU A 741 -28.53 23.60 27.94
C LEU A 741 -28.61 22.22 27.33
N ASN A 742 -29.15 22.11 26.11
CA ASN A 742 -29.18 20.83 25.41
C ASN A 742 -27.78 20.43 25.00
N ASN A 743 -27.11 19.72 25.92
CA ASN A 743 -25.73 19.24 25.78
C ASN A 743 -25.22 19.26 24.34
N VAL A 744 -26.00 18.73 23.41
CA VAL A 744 -25.57 18.67 22.01
C VAL A 744 -25.28 20.06 21.47
N LYS A 745 -26.05 21.06 21.92
CA LYS A 745 -25.77 22.43 21.49
C LYS A 745 -24.45 22.93 22.09
N GLN A 746 -24.00 22.31 23.18
CA GLN A 746 -22.71 22.71 23.75
C GLN A 746 -21.56 22.01 23.05
N MET A 747 -21.73 20.74 22.69
CA MET A 747 -20.66 20.03 21.99
C MET A 747 -20.53 20.50 20.55
N VAL A 748 -21.64 20.95 19.94
CA VAL A 748 -21.56 21.48 18.58
C VAL A 748 -21.20 22.96 18.61
N SER A 749 -21.79 23.70 19.56
CA SER A 749 -21.46 25.11 19.70
C SER A 749 -20.00 25.32 20.03
N ALA A 750 -19.40 24.39 20.78
CA ALA A 750 -17.96 24.47 21.03
C ALA A 750 -17.14 24.13 19.79
N GLY A 751 -17.77 23.62 18.74
CA GLY A 751 -17.07 23.24 17.54
C GLY A 751 -16.13 22.06 17.68
N SER A 752 -16.23 21.31 18.77
CA SER A 752 -15.30 20.21 19.00
C SER A 752 -15.69 18.93 18.29
N LYS A 753 -16.99 18.64 18.17
CA LYS A 753 -17.41 17.37 17.61
C LYS A 753 -18.82 17.50 17.07
N GLY A 754 -18.96 17.35 15.75
CA GLY A 754 -20.26 17.37 15.10
C GLY A 754 -20.52 18.68 14.37
N SER A 755 -21.77 18.87 14.00
CA SER A 755 -22.18 20.06 13.27
C SER A 755 -23.68 19.87 13.06
N PHE A 756 -24.26 20.76 12.27
CA PHE A 756 -25.70 20.77 12.07
C PHE A 756 -26.47 19.56 11.56
N ILE A 757 -25.84 18.80 10.66
CA ILE A 757 -26.51 17.67 10.03
C ILE A 757 -26.84 16.60 11.06
N ASN A 758 -26.12 16.58 12.18
CA ASN A 758 -26.40 15.60 13.23
C ASN A 758 -27.70 15.91 13.95
N ILE A 759 -27.85 17.14 14.45
CA ILE A 759 -29.10 17.55 15.07
C ILE A 759 -30.25 17.41 14.08
N ALA A 760 -30.02 17.79 12.83
CA ALA A 760 -31.07 17.66 11.81
C ALA A 760 -31.49 16.22 11.62
N GLN A 761 -30.53 15.30 11.58
CA GLN A 761 -30.86 13.89 11.34
C GLN A 761 -31.20 13.15 12.63
N MET A 762 -31.25 13.85 13.78
CA MET A 762 -31.72 13.19 14.99
C MET A 762 -33.06 13.74 15.45
N SER A 763 -33.42 14.94 15.04
CA SER A 763 -34.64 15.56 15.53
C SER A 763 -35.68 15.84 14.46
N ALA A 764 -35.29 15.90 13.19
CA ALA A 764 -36.23 16.26 12.11
C ALA A 764 -36.45 15.12 11.14
N CYS A 765 -35.97 15.25 9.90
CA CYS A 765 -36.15 14.21 8.90
C CYS A 765 -34.80 13.66 8.45
N VAL A 766 -34.71 12.33 8.29
CA VAL A 766 -33.46 11.73 7.84
C VAL A 766 -33.11 12.21 6.44
N GLY A 767 -34.10 12.23 5.55
CA GLY A 767 -33.96 12.88 4.26
C GLY A 767 -33.74 11.92 3.12
N GLN A 768 -32.86 12.35 2.22
CA GLN A 768 -32.72 11.68 0.93
C GLN A 768 -31.66 10.58 0.98
N GLN A 769 -31.81 9.57 0.12
CA GLN A 769 -30.78 8.57 -0.09
C GLN A 769 -30.34 8.62 -1.55
N MET A 770 -29.03 8.59 -1.77
CA MET A 770 -28.45 8.75 -3.09
C MET A 770 -27.66 7.50 -3.49
N VAL A 771 -27.67 7.20 -4.78
CA VAL A 771 -26.83 6.15 -5.36
C VAL A 771 -26.21 6.69 -6.65
N GLU A 772 -24.91 6.96 -6.62
CA GLU A 772 -24.19 7.52 -7.77
C GLU A 772 -24.84 8.81 -8.24
N GLY A 773 -25.14 9.70 -7.29
CA GLY A 773 -25.77 10.96 -7.63
C GLY A 773 -27.23 10.87 -7.99
N LYS A 774 -27.65 9.80 -8.67
CA LYS A 774 -29.05 9.57 -8.98
C LYS A 774 -29.55 8.73 -7.81
N ARG A 775 -30.80 8.29 -7.90
CA ARG A 775 -31.50 7.74 -6.76
C ARG A 775 -31.74 6.24 -6.94
N ILE A 776 -32.52 5.68 -6.02
CA ILE A 776 -32.71 4.23 -5.98
C ILE A 776 -33.34 3.78 -7.27
N ALA A 777 -32.52 3.21 -8.14
CA ALA A 777 -32.97 2.77 -9.45
C ALA A 777 -33.92 1.59 -9.33
N PHE A 778 -34.42 1.13 -10.47
CA PHE A 778 -35.38 0.04 -10.52
C PHE A 778 -34.65 -1.26 -10.86
N GLY A 779 -34.17 -1.94 -9.81
CA GLY A 779 -33.66 -3.28 -9.99
C GLY A 779 -34.70 -4.22 -10.58
N PHE A 780 -35.88 -4.28 -9.97
CA PHE A 780 -37.02 -4.94 -10.58
C PHE A 780 -37.53 -4.13 -11.77
N ALA A 781 -38.31 -4.79 -12.63
CA ALA A 781 -38.80 -4.14 -13.84
C ALA A 781 -39.80 -3.03 -13.53
N ASP A 782 -39.37 -1.78 -13.68
CA ASP A 782 -40.21 -0.59 -13.57
C ASP A 782 -40.76 -0.37 -12.16
N ARG A 783 -40.03 -0.82 -11.13
CA ARG A 783 -40.40 -0.52 -9.76
C ARG A 783 -39.22 -0.84 -8.85
N SER A 784 -39.16 -0.11 -7.74
CA SER A 784 -38.07 -0.27 -6.77
C SER A 784 -38.17 -1.59 -6.00
N LEU A 785 -39.17 -1.73 -5.13
CA LEU A 785 -39.36 -2.94 -4.35
C LEU A 785 -40.69 -3.57 -4.76
N PRO A 786 -40.84 -4.89 -4.60
CA PRO A 786 -42.12 -5.54 -4.95
C PRO A 786 -43.28 -5.11 -4.08
N HIS A 787 -43.05 -4.31 -3.03
CA HIS A 787 -44.12 -3.82 -2.18
C HIS A 787 -44.77 -2.56 -2.72
N PHE A 788 -44.38 -2.11 -3.91
CA PHE A 788 -44.91 -0.91 -4.53
C PHE A 788 -45.47 -1.26 -5.90
N THR A 789 -46.33 -0.38 -6.41
CA THR A 789 -46.89 -0.58 -7.73
C THR A 789 -45.86 -0.26 -8.81
N LYS A 790 -46.29 -0.33 -10.06
CA LYS A 790 -45.41 0.03 -11.16
C LYS A 790 -45.50 1.53 -11.47
N ASP A 791 -44.35 2.09 -11.85
CA ASP A 791 -44.25 3.50 -12.21
C ASP A 791 -44.71 4.40 -11.06
N ASP A 792 -44.34 4.01 -9.85
CA ASP A 792 -44.64 4.79 -8.64
C ASP A 792 -43.42 5.67 -8.36
N PHE A 793 -43.66 6.97 -8.16
CA PHE A 793 -42.59 7.93 -7.98
C PHE A 793 -42.91 8.99 -6.92
N SER A 794 -43.63 8.60 -5.87
CA SER A 794 -43.79 9.46 -4.72
C SER A 794 -42.48 9.53 -3.95
N PRO A 795 -42.36 10.40 -2.95
CA PRO A 795 -41.09 10.48 -2.20
C PRO A 795 -40.60 9.15 -1.65
N GLU A 796 -41.45 8.43 -0.90
CA GLU A 796 -41.00 7.23 -0.23
C GLU A 796 -40.86 6.04 -1.18
N SER A 797 -41.20 6.24 -2.45
CA SER A 797 -41.14 5.13 -3.40
C SER A 797 -39.75 4.98 -4.02
N LYS A 798 -38.87 5.95 -3.84
CA LYS A 798 -37.52 5.89 -4.40
C LYS A 798 -36.45 6.40 -3.43
N GLY A 799 -36.69 6.27 -2.13
CA GLY A 799 -35.63 6.45 -1.16
C GLY A 799 -35.83 7.51 -0.10
N PHE A 800 -36.68 8.51 -0.33
CA PHE A 800 -36.85 9.60 0.61
C PHE A 800 -37.31 9.08 1.97
N VAL A 801 -36.40 9.04 2.93
CA VAL A 801 -36.69 8.61 4.29
C VAL A 801 -37.50 9.75 4.91
N GLU A 802 -38.35 9.43 5.89
CA GLU A 802 -39.35 10.38 6.32
C GLU A 802 -39.36 10.55 7.84
N ASN A 803 -38.49 9.85 8.55
CA ASN A 803 -38.52 9.89 10.01
C ASN A 803 -37.22 10.47 10.57
N SER A 804 -36.94 10.12 11.83
CA SER A 804 -35.70 10.42 12.52
C SER A 804 -35.35 9.29 13.46
N TYR A 805 -34.04 9.12 13.70
CA TYR A 805 -33.56 7.90 14.33
C TYR A 805 -34.12 7.72 15.74
N LEU A 806 -34.72 8.76 16.32
CA LEU A 806 -35.38 8.61 17.61
C LEU A 806 -36.72 7.89 17.45
N ARG A 807 -37.50 8.29 16.45
CA ARG A 807 -38.75 7.59 16.16
C ARG A 807 -38.49 6.16 15.71
N GLY A 808 -38.00 5.98 14.50
CA GLY A 808 -37.76 4.66 13.96
C GLY A 808 -37.70 4.65 12.44
N LEU A 809 -37.49 3.47 11.89
CA LEU A 809 -37.39 3.31 10.44
C LEU A 809 -38.27 2.17 9.96
N THR A 810 -39.06 2.45 8.93
CA THR A 810 -39.81 1.41 8.25
C THR A 810 -38.85 0.49 7.50
N PRO A 811 -39.27 -0.73 7.18
CA PRO A 811 -38.34 -1.69 6.55
C PRO A 811 -37.74 -1.20 5.24
N GLN A 812 -38.56 -0.67 4.33
CA GLN A 812 -38.03 -0.22 3.04
C GLN A 812 -36.96 0.85 3.23
N GLU A 813 -37.26 1.85 4.07
CA GLU A 813 -36.30 2.92 4.33
C GLU A 813 -35.00 2.36 4.91
N PHE A 814 -35.11 1.39 5.83
CA PHE A 814 -33.91 0.75 6.37
C PHE A 814 -33.10 0.07 5.27
N PHE A 815 -33.79 -0.59 4.34
CA PHE A 815 -33.09 -1.26 3.24
C PHE A 815 -32.32 -0.25 2.40
N PHE A 816 -32.99 0.83 1.99
CA PHE A 816 -32.32 1.84 1.18
C PHE A 816 -31.14 2.46 1.91
N HIS A 817 -31.30 2.75 3.21
CA HIS A 817 -30.20 3.29 4.00
C HIS A 817 -29.01 2.34 4.00
N ALA A 818 -29.26 1.05 4.21
CA ALA A 818 -28.19 0.06 4.12
C ALA A 818 -27.51 0.10 2.76
N MET A 819 -28.29 0.26 1.68
CA MET A 819 -27.68 0.38 0.36
C MET A 819 -26.73 1.56 0.27
N ALA A 820 -27.17 2.74 0.74
CA ALA A 820 -26.31 3.93 0.68
C ALA A 820 -25.03 3.72 1.49
N GLY A 821 -25.17 3.22 2.73
CA GLY A 821 -23.98 2.95 3.52
C GLY A 821 -23.03 2.00 2.83
N ARG A 822 -23.56 0.96 2.18
CA ARG A 822 -22.71 0.04 1.43
C ARG A 822 -21.94 0.77 0.34
N GLU A 823 -22.62 1.68 -0.37
CA GLU A 823 -21.91 2.52 -1.35
C GLU A 823 -20.74 3.24 -0.70
N GLY A 824 -20.99 3.92 0.42
CA GLY A 824 -19.91 4.63 1.11
C GLY A 824 -18.73 3.73 1.44
N LEU A 825 -18.99 2.57 2.03
CA LEU A 825 -17.91 1.66 2.37
C LEU A 825 -17.15 1.20 1.14
N ILE A 826 -17.84 1.00 0.02
CA ILE A 826 -17.16 0.57 -1.20
C ILE A 826 -16.20 1.66 -1.71
N ASP A 827 -16.71 2.88 -1.84
CA ASP A 827 -15.85 3.97 -2.32
C ASP A 827 -14.65 4.17 -1.41
N THR A 828 -14.88 4.15 -0.10
CA THR A 828 -13.77 4.23 0.85
C THR A 828 -12.78 3.10 0.63
N ALA A 829 -13.28 1.90 0.32
CA ALA A 829 -12.38 0.78 0.05
C ALA A 829 -11.62 0.96 -1.26
N VAL A 830 -12.12 1.81 -2.15
CA VAL A 830 -11.50 1.96 -3.48
C VAL A 830 -10.40 3.01 -3.49
N LYS A 831 -10.73 4.25 -3.12
CA LYS A 831 -9.86 5.36 -3.52
C LYS A 831 -8.53 5.44 -2.77
N THR A 832 -8.44 4.92 -1.54
CA THR A 832 -7.27 5.18 -0.71
C THR A 832 -5.98 4.63 -1.34
N ALA A 833 -6.01 3.39 -1.82
CA ALA A 833 -4.82 2.81 -2.44
C ALA A 833 -4.44 3.55 -3.71
N GLU A 834 -5.44 3.96 -4.50
CA GLU A 834 -5.18 4.81 -5.65
C GLU A 834 -4.36 6.03 -5.26
N THR A 835 -4.84 6.78 -4.27
CA THR A 835 -4.10 7.96 -3.82
C THR A 835 -2.71 7.60 -3.31
N GLY A 836 -2.55 6.46 -2.64
CA GLY A 836 -1.23 6.06 -2.19
C GLY A 836 -0.25 5.85 -3.33
N TYR A 837 -0.66 5.10 -4.35
CA TYR A 837 0.22 4.87 -5.50
C TYR A 837 0.53 6.18 -6.21
N ILE A 838 -0.46 7.07 -6.33
CA ILE A 838 -0.22 8.39 -6.90
C ILE A 838 0.87 9.11 -6.12
N GLN A 839 0.80 9.06 -4.79
CA GLN A 839 1.82 9.71 -3.98
C GLN A 839 3.19 9.07 -4.18
N ARG A 840 3.24 7.74 -4.36
CA ARG A 840 4.53 7.11 -4.61
C ARG A 840 5.13 7.61 -5.93
N ARG A 841 4.29 7.76 -6.96
CA ARG A 841 4.82 8.31 -8.20
C ARG A 841 5.34 9.73 -8.02
N LEU A 842 4.58 10.58 -7.32
CA LEU A 842 5.03 11.94 -7.10
C LEU A 842 6.37 11.98 -6.37
N VAL A 843 6.47 11.23 -5.26
CA VAL A 843 7.68 11.30 -4.44
C VAL A 843 8.87 10.71 -5.19
N LYS A 844 8.67 9.59 -5.88
CA LYS A 844 9.77 9.02 -6.66
C LYS A 844 10.14 9.92 -7.83
N ALA A 845 9.24 10.83 -8.23
CA ALA A 845 9.60 11.80 -9.27
C ALA A 845 10.40 12.96 -8.70
N LEU A 846 9.99 13.50 -7.56
CA LEU A 846 10.62 14.67 -6.97
C LEU A 846 11.40 14.38 -5.71
N GLU A 847 12.65 13.87 -5.80
CA GLU A 847 13.38 13.54 -4.58
C GLU A 847 14.87 13.77 -4.72
N ASP A 848 15.27 14.81 -5.46
CA ASP A 848 16.68 15.12 -5.62
C ASP A 848 16.85 16.59 -5.95
N ILE A 849 15.80 17.37 -5.69
CA ILE A 849 15.83 18.80 -5.97
C ILE A 849 16.21 19.57 -4.72
N MET A 850 17.38 20.19 -4.75
CA MET A 850 17.99 20.78 -3.57
C MET A 850 18.08 22.29 -3.74
N VAL A 851 18.47 22.98 -2.68
CA VAL A 851 18.67 24.43 -2.72
C VAL A 851 20.14 24.72 -2.43
N HIS A 852 20.92 24.92 -3.48
CA HIS A 852 22.36 25.10 -3.36
C HIS A 852 22.68 26.47 -2.78
N TYR A 853 23.94 26.63 -2.36
CA TYR A 853 24.36 27.78 -1.56
C TYR A 853 24.19 29.19 -2.13
N ASP A 854 23.52 29.33 -3.28
CA ASP A 854 23.24 30.65 -3.84
C ASP A 854 21.85 30.90 -4.42
N GLY A 855 20.84 30.14 -3.99
CA GLY A 855 19.48 30.35 -4.44
C GLY A 855 19.02 29.46 -5.57
N THR A 856 19.93 28.91 -6.36
CA THR A 856 19.52 28.01 -7.43
C THR A 856 18.89 26.75 -6.86
N THR A 857 17.91 26.21 -7.59
CA THR A 857 17.17 25.04 -7.17
C THR A 857 17.42 23.93 -8.18
N ARG A 858 18.65 23.43 -8.22
CA ARG A 858 19.08 22.49 -9.24
C ARG A 858 18.71 21.08 -8.81
N ASN A 859 18.63 20.19 -9.79
CA ASN A 859 18.32 18.79 -9.54
C ASN A 859 19.59 18.05 -9.14
N SER A 860 19.75 16.81 -9.63
CA SER A 860 20.93 16.02 -9.30
C SER A 860 22.13 16.39 -10.15
N LEU A 861 21.92 16.89 -11.36
CA LEU A 861 23.02 17.26 -12.24
C LEU A 861 23.13 18.65 -12.84
N GLY A 862 22.58 19.66 -12.17
CA GLY A 862 22.52 20.99 -12.70
C GLY A 862 21.51 21.68 -13.57
N ASP A 863 20.46 20.98 -13.99
CA ASP A 863 19.36 21.62 -14.69
C ASP A 863 18.65 22.57 -13.75
N ILE A 864 19.03 23.85 -13.81
CA ILE A 864 18.46 24.86 -12.92
C ILE A 864 16.97 24.71 -13.22
N ILE A 865 16.22 24.24 -12.23
CA ILE A 865 14.77 24.25 -12.28
C ILE A 865 14.22 25.64 -12.02
N GLN A 866 14.51 26.20 -10.84
CA GLN A 866 14.13 27.57 -10.52
C GLN A 866 15.40 28.36 -10.23
N PHE A 867 15.54 29.51 -10.90
CA PHE A 867 16.72 30.34 -10.69
C PHE A 867 16.81 30.88 -9.26
N LEU A 868 15.68 31.19 -8.64
CA LEU A 868 15.65 31.62 -7.25
C LEU A 868 14.47 30.95 -6.57
N TYR A 869 14.74 30.23 -5.49
CA TYR A 869 13.71 29.39 -4.87
C TYR A 869 12.49 30.20 -4.47
N GLY A 870 11.32 29.68 -4.82
CA GLY A 870 10.06 30.33 -4.50
C GLY A 870 9.89 31.72 -5.04
N GLU A 871 10.76 32.15 -5.95
CA GLU A 871 10.70 33.46 -6.60
C GLU A 871 11.05 34.62 -5.69
N ASP A 872 11.37 34.35 -4.42
CA ASP A 872 11.55 35.37 -3.40
C ASP A 872 12.56 34.98 -2.33
N GLY A 873 12.90 33.69 -2.22
CA GLY A 873 13.90 33.28 -1.26
C GLY A 873 13.36 32.95 0.11
N LEU A 874 12.09 33.24 0.36
CA LEU A 874 11.45 33.00 1.65
C LEU A 874 11.25 31.51 1.87
N ASP A 875 10.85 31.18 3.09
CA ASP A 875 10.55 29.80 3.44
C ASP A 875 9.06 29.56 3.18
N GLY A 876 8.45 28.67 3.98
CA GLY A 876 7.03 28.42 3.83
C GLY A 876 6.27 28.59 5.13
N THR A 877 6.92 28.35 6.26
CA THR A 877 6.31 28.52 7.57
C THR A 877 6.34 29.96 8.06
N GLN A 878 6.91 30.89 7.31
CA GLN A 878 7.22 32.22 7.80
C GLN A 878 6.32 33.31 7.23
N VAL A 879 5.46 32.97 6.27
CA VAL A 879 4.61 33.96 5.62
C VAL A 879 3.24 33.94 6.26
N GLU A 880 2.61 35.12 6.33
CA GLU A 880 1.30 35.27 6.93
C GLU A 880 0.46 36.20 6.05
N ARG A 881 -0.85 35.97 6.07
CA ARG A 881 -1.74 36.82 5.30
C ARG A 881 -1.71 38.25 5.83
N GLN A 882 -1.48 39.21 4.93
CA GLN A 882 -1.45 40.61 5.29
C GLN A 882 -2.16 41.41 4.22
N THR A 883 -2.52 42.64 4.57
CA THR A 883 -3.22 43.54 3.66
C THR A 883 -2.26 44.62 3.15
N ILE A 884 -2.42 44.97 1.87
CA ILE A 884 -1.62 46.02 1.24
C ILE A 884 -2.54 47.22 1.06
N ASP A 885 -2.31 48.26 1.87
CA ASP A 885 -3.24 49.37 2.02
C ASP A 885 -3.47 50.18 0.75
N THR A 886 -2.47 50.29 -0.13
CA THR A 886 -2.54 51.17 -1.29
C THR A 886 -3.61 50.78 -2.29
N ILE A 887 -3.78 49.49 -2.58
CA ILE A 887 -4.63 49.05 -3.68
C ILE A 887 -6.09 49.47 -3.48
N PRO A 888 -6.76 49.14 -2.37
CA PRO A 888 -8.18 49.47 -2.26
C PRO A 888 -8.39 50.95 -1.94
N GLY A 889 -9.65 51.37 -2.00
CA GLY A 889 -10.01 52.72 -1.66
C GLY A 889 -10.23 53.60 -2.89
N SER A 890 -10.86 54.75 -2.64
CA SER A 890 -11.09 55.72 -3.69
C SER A 890 -9.96 56.75 -3.72
N ASP A 891 -9.86 57.47 -4.84
CA ASP A 891 -8.80 58.45 -5.00
C ASP A 891 -8.92 59.60 -4.00
N LYS A 892 -10.15 59.99 -3.65
CA LYS A 892 -10.33 61.05 -2.67
C LYS A 892 -9.91 60.59 -1.27
N ALA A 893 -10.20 59.33 -0.94
CA ALA A 893 -9.82 58.82 0.37
C ALA A 893 -8.33 58.51 0.44
N PHE A 894 -7.77 58.00 -0.67
CA PHE A 894 -6.33 57.79 -0.75
C PHE A 894 -5.58 59.11 -0.57
N HIS A 895 -6.01 60.13 -1.33
CA HIS A 895 -5.44 61.47 -1.16
C HIS A 895 -5.63 61.98 0.27
N LYS A 896 -6.79 61.71 0.86
CA LYS A 896 -7.04 62.15 2.23
C LYS A 896 -6.11 61.42 3.21
N ARG A 897 -5.63 60.24 2.84
CA ARG A 897 -4.80 59.47 3.74
C ARG A 897 -3.32 59.83 3.63
N TYR A 898 -2.79 59.95 2.40
CA TYR A 898 -1.35 60.05 2.21
C TYR A 898 -0.83 61.45 1.89
N TYR A 899 -1.64 62.32 1.30
CA TYR A 899 -1.13 63.61 0.82
C TYR A 899 -0.86 64.55 1.98
N VAL A 900 0.18 65.36 1.85
CA VAL A 900 0.57 66.36 2.84
C VAL A 900 0.84 67.67 2.12
N ASP A 901 0.35 68.77 2.69
CA ASP A 901 0.55 70.11 2.14
C ASP A 901 0.90 71.04 3.29
N LEU A 902 2.18 71.40 3.41
CA LEU A 902 2.66 72.23 4.50
C LEU A 902 2.27 73.70 4.34
N MET A 903 2.04 74.17 3.12
CA MET A 903 1.72 75.58 2.87
C MET A 903 0.39 75.98 3.47
N ASP A 904 -0.70 75.42 2.97
CA ASP A 904 -2.04 75.75 3.46
C ASP A 904 -2.19 75.18 4.87
N GLU A 905 -2.84 75.94 5.76
CA GLU A 905 -2.96 75.52 7.16
C GLU A 905 -3.91 74.33 7.29
N LYS A 906 -5.03 74.36 6.57
CA LYS A 906 -6.11 73.40 6.76
C LYS A 906 -5.71 71.96 6.42
N ASN A 907 -4.77 71.74 5.49
CA ASN A 907 -4.41 70.40 5.05
C ASN A 907 -2.97 70.03 5.38
N SER A 908 -2.46 70.52 6.51
CA SER A 908 -1.13 70.18 6.97
C SER A 908 -1.24 69.20 8.14
N ILE A 909 -0.09 68.81 8.70
CA ILE A 909 -0.07 67.97 9.88
C ILE A 909 -0.60 68.78 11.06
N LYS A 910 -1.35 68.12 11.95
CA LYS A 910 -1.95 68.82 13.07
C LYS A 910 -0.87 69.45 13.94
N PRO A 911 -1.14 70.62 14.54
CA PRO A 911 -0.11 71.26 15.37
C PRO A 911 0.05 70.63 16.75
N ASP A 912 -1.02 70.08 17.33
CA ASP A 912 -0.96 69.54 18.68
C ASP A 912 -0.41 68.12 18.74
N VAL A 913 0.25 67.65 17.67
CA VAL A 913 0.89 66.33 17.70
C VAL A 913 2.39 66.42 17.55
N ILE A 914 2.94 67.58 17.23
CA ILE A 914 4.37 67.78 17.11
C ILE A 914 4.77 69.06 17.83
N GLU A 915 5.89 69.00 18.55
CA GLU A 915 6.37 70.16 19.29
C GLU A 915 6.85 71.26 18.35
N TYR A 916 7.68 70.89 17.37
CA TYR A 916 8.28 71.80 16.41
C TYR A 916 7.29 72.35 15.37
N ALA A 917 6.01 72.48 15.74
CA ALA A 917 5.00 72.87 14.75
C ALA A 917 5.09 74.34 14.37
N ALA A 918 6.08 75.06 14.90
CA ALA A 918 6.22 76.47 14.58
C ALA A 918 7.33 76.70 13.57
N ASP A 919 8.17 75.69 13.36
CA ASP A 919 9.31 75.81 12.47
C ASP A 919 9.08 75.05 11.17
N ILE A 920 7.85 75.09 10.65
CA ILE A 920 7.48 74.23 9.53
C ILE A 920 6.87 74.97 8.35
N LEU A 921 5.77 75.65 8.56
CA LEU A 921 4.92 76.11 7.46
C LEU A 921 6.02 76.99 6.88
N GLY A 922 6.38 76.72 5.62
CA GLY A 922 7.08 77.61 4.72
C GLY A 922 8.36 77.15 4.08
N ASP A 923 8.97 76.09 4.45
CA ASP A 923 10.32 75.75 3.99
C ASP A 923 10.04 74.75 2.87
N VAL A 924 10.36 75.14 1.63
CA VAL A 924 10.14 74.27 0.49
C VAL A 924 11.12 73.10 0.50
N GLU A 925 12.30 73.30 1.08
CA GLU A 925 13.31 72.26 1.16
C GLU A 925 12.64 70.91 1.35
N LEU A 926 11.63 70.86 2.22
CA LEU A 926 10.95 69.63 2.58
C LEU A 926 9.66 69.19 1.92
N GLN A 927 8.84 70.17 1.52
CA GLN A 927 7.77 69.93 0.55
C GLN A 927 8.30 69.24 -0.70
N LYS A 928 9.55 69.50 -1.09
CA LYS A 928 10.16 68.73 -2.17
C LYS A 928 10.17 67.24 -1.83
N GLU A 929 10.78 66.89 -0.70
CA GLU A 929 10.81 65.50 -0.24
C GLU A 929 9.42 64.88 -0.24
N LEU A 930 8.46 65.54 0.42
CA LEU A 930 7.11 64.98 0.53
C LEU A 930 6.48 64.77 -0.83
N ASN A 931 6.63 65.74 -1.74
CA ASN A 931 6.09 65.58 -3.09
C ASN A 931 6.69 64.37 -3.78
N SER A 932 8.02 64.21 -3.71
CA SER A 932 8.66 63.06 -4.34
C SER A 932 8.15 61.75 -3.76
N GLU A 933 8.03 61.67 -2.44
CA GLU A 933 7.54 60.44 -1.81
C GLU A 933 6.13 60.12 -2.26
N TYR A 934 5.26 61.13 -2.30
CA TYR A 934 3.88 60.89 -2.74
C TYR A 934 3.83 60.45 -4.19
N GLU A 935 4.69 61.01 -5.05
CA GLU A 935 4.75 60.54 -6.43
C GLU A 935 5.20 59.08 -6.49
N GLN A 936 6.16 58.70 -5.65
CA GLN A 936 6.57 57.31 -5.57
C GLN A 936 5.39 56.41 -5.20
N LEU A 937 4.62 56.81 -4.19
CA LEU A 937 3.47 56.01 -3.78
C LEU A 937 2.42 55.92 -4.90
N VAL A 938 2.27 56.99 -5.69
CA VAL A 938 1.38 56.90 -6.85
C VAL A 938 1.90 55.87 -7.84
N SER A 939 3.23 55.83 -8.04
CA SER A 939 3.82 54.83 -8.93
C SER A 939 3.54 53.42 -8.43
N ASP A 940 3.66 53.20 -7.12
CA ASP A 940 3.33 51.89 -6.56
C ASP A 940 1.86 51.55 -6.76
N ARG A 941 0.97 52.53 -6.53
CA ARG A 941 -0.46 52.33 -6.75
C ARG A 941 -0.74 51.84 -8.16
N LYS A 942 -0.28 52.59 -9.16
CA LYS A 942 -0.54 52.22 -10.55
C LYS A 942 0.12 50.90 -10.90
N PHE A 943 1.35 50.68 -10.41
CA PHE A 943 2.04 49.42 -10.70
C PHE A 943 1.26 48.22 -10.19
N LEU A 944 1.08 48.11 -8.87
CA LEU A 944 0.41 46.94 -8.32
C LEU A 944 -1.02 46.81 -8.83
N ARG A 945 -1.71 47.93 -9.06
CA ARG A 945 -3.08 47.85 -9.53
C ARG A 945 -3.20 47.36 -10.97
N GLU A 946 -2.30 47.79 -11.86
CA GLU A 946 -2.45 47.48 -13.27
C GLU A 946 -1.83 46.16 -13.71
N ILE A 947 -0.59 45.86 -13.31
CA ILE A 947 0.15 44.71 -13.82
C ILE A 947 -0.20 43.43 -13.06
N VAL A 948 0.03 43.44 -11.74
CA VAL A 948 -0.04 42.19 -10.97
C VAL A 948 -1.36 41.65 -10.42
N PHE A 949 -1.95 42.38 -9.48
CA PHE A 949 -3.24 41.97 -8.89
C PHE A 949 -4.34 42.71 -9.67
N VAL A 950 -4.83 42.08 -10.73
CA VAL A 950 -5.76 42.74 -11.63
C VAL A 950 -7.10 42.98 -10.95
N ASN A 951 -7.67 41.93 -10.35
CA ASN A 951 -8.95 42.04 -9.67
C ASN A 951 -8.93 42.98 -8.47
N GLY A 952 -7.78 43.12 -7.81
CA GLY A 952 -7.66 44.03 -6.69
C GLY A 952 -7.80 43.40 -5.32
N ASP A 953 -7.64 42.09 -5.21
CA ASP A 953 -7.72 41.43 -3.91
C ASP A 953 -6.53 41.85 -3.05
N HIS A 954 -6.84 42.61 -1.99
CA HIS A 954 -5.82 43.21 -1.15
C HIS A 954 -5.47 42.39 0.09
N ASN A 955 -5.29 41.08 -0.04
CA ASN A 955 -4.97 40.20 1.08
C ASN A 955 -4.10 39.05 0.57
N TRP A 956 -2.82 39.08 0.91
CA TRP A 956 -1.89 38.11 0.35
C TRP A 956 -0.83 37.76 1.38
N PRO A 957 -0.26 36.56 1.30
CA PRO A 957 0.78 36.16 2.28
C PRO A 957 2.09 36.89 2.01
N LEU A 958 2.68 37.41 3.09
CA LEU A 958 3.96 38.11 3.06
C LEU A 958 4.65 37.88 4.40
N PRO A 959 5.96 38.08 4.47
CA PRO A 959 6.67 37.86 5.74
C PRO A 959 6.64 39.08 6.63
N VAL A 960 7.07 38.88 7.89
CA VAL A 960 7.25 39.93 8.89
C VAL A 960 5.93 40.61 9.20
N ASN A 961 5.37 40.29 10.36
CA ASN A 961 4.09 40.87 10.76
C ASN A 961 4.32 42.28 11.28
N LEU A 962 3.85 43.28 10.55
CA LEU A 962 4.17 44.66 10.88
C LEU A 962 3.35 45.16 12.08
N ARG A 963 2.04 44.89 12.09
CA ARG A 963 1.18 45.46 13.11
C ARG A 963 1.57 44.98 14.51
N ARG A 964 1.98 43.72 14.62
CA ARG A 964 2.43 43.23 15.92
C ARG A 964 3.66 43.98 16.39
N ILE A 965 4.60 44.24 15.48
CA ILE A 965 5.78 45.02 15.83
C ILE A 965 5.37 46.43 16.26
N ILE A 966 4.37 47.00 15.59
CA ILE A 966 3.91 48.35 15.92
C ILE A 966 3.40 48.39 17.36
N GLN A 967 2.36 47.59 17.67
CA GLN A 967 1.79 47.69 19.00
C GLN A 967 2.71 47.15 20.09
N ASN A 968 3.66 46.29 19.73
CA ASN A 968 4.74 45.97 20.68
C ASN A 968 5.58 47.19 20.98
N ALA A 969 5.94 47.96 19.94
CA ALA A 969 6.68 49.20 20.16
C ALA A 969 5.86 50.19 20.99
N GLN A 970 4.53 50.11 20.90
CA GLN A 970 3.70 50.98 21.72
C GLN A 970 3.69 50.53 23.18
N GLN A 971 3.58 49.22 23.42
CA GLN A 971 3.54 48.73 24.80
C GLN A 971 4.88 48.93 25.51
N ILE A 972 5.98 48.56 24.86
CA ILE A 972 7.27 48.54 25.54
C ILE A 972 7.69 49.95 25.95
N PHE A 973 7.34 50.95 25.15
CA PHE A 973 7.74 52.32 25.41
C PHE A 973 6.60 53.19 25.94
N HIS A 974 5.49 52.57 26.36
CA HIS A 974 4.37 53.25 27.00
C HIS A 974 3.69 54.27 26.07
N LEU A 975 4.19 54.35 24.84
CA LEU A 975 3.80 55.42 23.92
C LEU A 975 2.32 55.42 23.62
N ASP A 976 1.51 55.82 24.60
CA ASP A 976 0.09 56.04 24.37
C ASP A 976 -0.18 57.54 24.27
N ARG A 977 -1.00 58.04 25.20
CA ARG A 977 -1.33 59.46 25.37
C ARG A 977 -2.24 60.06 24.28
N ALA A 978 -2.41 61.39 24.09
CA ALA A 978 -1.95 62.62 24.77
C ALA A 978 -0.64 63.38 25.05
N LYS A 979 0.23 63.39 24.04
CA LYS A 979 1.50 64.12 24.03
C LYS A 979 1.90 64.47 22.60
N ALA A 980 2.74 65.48 22.46
CA ALA A 980 3.25 65.84 21.14
C ALA A 980 4.56 65.11 20.86
N SER A 981 4.83 64.86 19.59
CA SER A 981 6.01 64.10 19.19
C SER A 981 7.23 65.01 19.03
N ASP A 982 8.37 64.40 18.75
CA ASP A 982 9.62 65.13 18.53
C ASP A 982 10.40 64.59 17.34
N LEU A 983 9.75 63.84 16.46
CA LEU A 983 10.41 63.15 15.35
C LEU A 983 10.51 64.11 14.17
N THR A 984 11.69 64.19 13.56
CA THR A 984 11.87 65.05 12.40
C THR A 984 11.55 64.29 11.12
N ILE A 985 11.01 65.03 10.14
CA ILE A 985 10.62 64.41 8.88
C ILE A 985 11.80 63.87 8.09
N PRO A 986 12.97 64.55 8.02
CA PRO A 986 14.09 63.96 7.27
C PRO A 986 14.57 62.64 7.84
N GLU A 987 14.46 62.43 9.16
CA GLU A 987 14.77 61.12 9.71
C GLU A 987 13.72 60.10 9.32
N ILE A 988 12.49 60.56 9.03
CA ILE A 988 11.45 59.65 8.58
C ILE A 988 11.72 59.20 7.15
N ILE A 989 11.72 60.15 6.22
CA ILE A 989 11.89 59.82 4.81
C ILE A 989 13.25 59.17 4.56
N HIS A 990 14.31 59.73 5.13
CA HIS A 990 15.63 59.13 4.96
C HIS A 990 15.78 57.85 5.77
N GLY A 991 14.97 57.69 6.82
CA GLY A 991 15.00 56.44 7.57
C GLY A 991 14.42 55.28 6.77
N VAL A 992 13.21 55.47 6.23
CA VAL A 992 12.60 54.44 5.42
C VAL A 992 13.39 54.23 4.12
N ARG A 993 13.82 55.32 3.50
CA ARG A 993 14.55 55.22 2.23
C ARG A 993 15.91 54.55 2.43
N ASP A 994 16.52 54.76 3.60
CA ASP A 994 17.79 54.08 3.88
C ASP A 994 17.57 52.70 4.46
N LEU A 995 16.32 52.35 4.81
CA LEU A 995 16.04 50.99 5.24
C LEU A 995 15.76 50.08 4.05
N CYS A 996 14.93 50.54 3.11
CA CYS A 996 14.47 49.69 2.02
C CYS A 996 15.61 49.03 1.24
N LYS A 997 16.82 49.56 1.32
CA LYS A 997 17.98 48.95 0.68
C LYS A 997 18.95 48.10 1.48
N LYS A 998 18.60 47.71 2.71
CA LYS A 998 19.39 46.78 3.51
C LYS A 998 18.69 45.44 3.68
N LEU A 999 17.86 45.04 2.73
CA LEU A 999 17.13 43.77 2.78
C LEU A 999 17.71 42.83 1.73
N PHE A 1000 18.60 41.96 2.18
CA PHE A 1000 19.48 41.21 1.27
C PHE A 1000 18.96 39.79 1.09
N VAL A 1001 18.59 39.44 -0.13
CA VAL A 1001 18.34 38.05 -0.50
C VAL A 1001 19.51 37.45 -1.24
N LEU A 1002 20.12 38.23 -2.14
CA LEU A 1002 21.31 37.82 -2.89
C LEU A 1002 22.39 38.87 -2.67
N ARG A 1003 23.59 38.41 -2.33
CA ARG A 1003 24.70 39.30 -2.02
C ARG A 1003 25.76 39.23 -3.11
N GLY A 1004 26.68 40.19 -3.07
CA GLY A 1004 27.67 40.36 -4.12
C GLY A 1004 27.46 41.74 -4.72
N GLU A 1005 28.34 42.10 -5.66
CA GLU A 1005 28.25 43.41 -6.29
C GLU A 1005 28.30 43.36 -7.81
N ASN A 1006 27.94 42.24 -8.42
CA ASN A 1006 27.74 42.23 -9.87
C ASN A 1006 26.35 42.78 -10.20
N GLU A 1007 26.20 43.30 -11.42
CA GLU A 1007 24.96 43.99 -11.78
C GLU A 1007 23.78 43.03 -11.79
N LEU A 1008 23.97 41.80 -12.27
CA LEU A 1008 22.88 40.84 -12.30
C LEU A 1008 22.38 40.54 -10.89
N ILE A 1009 23.30 40.41 -9.93
CA ILE A 1009 22.90 40.13 -8.55
C ILE A 1009 22.17 41.34 -7.97
N LYS A 1010 22.55 42.55 -8.41
CA LYS A 1010 21.88 43.75 -7.93
C LYS A 1010 20.46 43.84 -8.47
N GLU A 1011 20.27 43.55 -9.76
CA GLU A 1011 18.92 43.57 -10.33
C GLU A 1011 18.06 42.47 -9.74
N ALA A 1012 18.63 41.26 -9.59
CA ALA A 1012 17.89 40.17 -8.94
C ALA A 1012 17.52 40.56 -7.51
N GLN A 1013 18.42 41.26 -6.82
CA GLN A 1013 18.11 41.76 -5.49
C GLN A 1013 17.01 42.81 -5.53
N GLN A 1014 16.88 43.52 -6.65
CA GLN A 1014 15.83 44.53 -6.77
C GLN A 1014 14.48 43.88 -7.03
N ASN A 1015 14.42 42.89 -7.91
CA ASN A 1015 13.14 42.28 -8.26
C ASN A 1015 12.67 41.30 -7.19
N ALA A 1016 13.61 40.61 -6.53
CA ALA A 1016 13.24 39.59 -5.55
C ALA A 1016 12.37 40.16 -4.43
N THR A 1017 12.56 41.43 -4.09
CA THR A 1017 11.75 42.09 -3.07
C THR A 1017 11.14 43.39 -3.57
N SER A 1018 9.97 43.32 -4.21
CA SER A 1018 9.30 44.54 -4.65
C SER A 1018 7.96 44.70 -3.97
N LEU A 1019 7.20 43.60 -3.86
CA LEU A 1019 5.93 43.64 -3.16
C LEU A 1019 6.12 44.01 -1.69
N PHE A 1020 7.22 43.54 -1.09
CA PHE A 1020 7.51 43.88 0.30
C PHE A 1020 7.86 45.35 0.46
N GLN A 1021 8.62 45.91 -0.48
CA GLN A 1021 8.90 47.34 -0.43
C GLN A 1021 7.62 48.15 -0.62
N CYS A 1022 6.71 47.66 -1.45
CA CYS A 1022 5.41 48.31 -1.57
C CYS A 1022 4.63 48.21 -0.27
N LEU A 1023 4.88 47.15 0.51
CA LEU A 1023 4.22 47.02 1.81
C LEU A 1023 4.78 48.01 2.81
N VAL A 1024 6.11 48.09 2.92
CA VAL A 1024 6.72 48.98 3.91
C VAL A 1024 6.44 50.44 3.55
N ARG A 1025 6.57 50.78 2.26
CA ARG A 1025 6.21 52.13 1.85
C ARG A 1025 4.71 52.36 1.95
N ALA A 1026 3.91 51.30 1.94
CA ALA A 1026 2.48 51.44 2.09
C ALA A 1026 2.07 51.71 3.53
N ARG A 1027 2.76 51.13 4.50
CA ARG A 1027 2.44 51.32 5.92
C ARG A 1027 3.07 52.59 6.50
N LEU A 1028 4.39 52.65 6.55
CA LEU A 1028 5.10 53.73 7.23
C LEU A 1028 5.27 54.95 6.33
N ALA A 1029 4.19 55.71 6.15
CA ALA A 1029 4.24 56.95 5.39
C ALA A 1029 4.05 57.86 6.61
N THR A 1030 4.35 59.14 6.41
CA THR A 1030 4.13 60.12 7.48
C THR A 1030 2.93 60.49 8.33
N ARG A 1031 1.77 60.68 7.69
CA ARG A 1031 0.53 60.91 8.43
C ARG A 1031 0.14 59.66 9.22
N ARG A 1032 0.37 58.48 8.64
CA ARG A 1032 0.06 57.25 9.36
C ARG A 1032 1.15 56.90 10.37
N ILE A 1033 2.04 57.86 10.65
CA ILE A 1033 3.00 57.66 11.73
C ILE A 1033 2.81 58.73 12.81
N LEU A 1034 2.64 59.98 12.39
CA LEU A 1034 2.50 61.05 13.36
C LEU A 1034 1.05 61.43 13.63
N GLU A 1035 0.09 60.69 13.06
CA GLU A 1035 -1.31 61.05 13.23
C GLU A 1035 -2.19 59.82 13.47
N GLU A 1036 -1.57 58.66 13.68
CA GLU A 1036 -2.33 57.43 13.88
C GLU A 1036 -1.57 56.44 14.76
N PHE A 1037 -0.27 56.28 14.51
CA PHE A 1037 0.55 55.45 15.37
C PHE A 1037 1.24 56.27 16.45
N ARG A 1038 1.62 57.51 16.13
CA ARG A 1038 2.12 58.47 17.10
C ARG A 1038 3.37 57.95 17.83
N LEU A 1039 4.32 57.46 17.03
CA LEU A 1039 5.60 57.03 17.57
C LEU A 1039 6.46 58.24 17.90
N ASN A 1040 7.61 57.99 18.50
CA ASN A 1040 8.57 59.03 18.78
C ASN A 1040 9.86 58.80 17.99
N ARG A 1041 10.95 58.49 18.70
CA ARG A 1041 12.24 58.36 18.04
C ARG A 1041 12.90 57.03 18.38
N ASP A 1042 13.14 56.78 19.67
CA ASP A 1042 13.73 55.52 20.11
C ASP A 1042 12.92 54.34 19.60
N ALA A 1043 11.60 54.40 19.76
CA ALA A 1043 10.74 53.32 19.30
C ALA A 1043 10.85 53.13 17.79
N PHE A 1044 10.91 54.23 17.04
CA PHE A 1044 11.10 54.15 15.59
C PHE A 1044 12.37 53.37 15.24
N GLU A 1045 13.50 53.76 15.83
CA GLU A 1045 14.75 53.05 15.59
C GLU A 1045 14.65 51.58 15.96
N TRP A 1046 14.09 51.27 17.14
CA TRP A 1046 13.88 49.89 17.56
C TRP A 1046 13.06 49.13 16.52
N VAL A 1047 12.09 49.79 15.90
CA VAL A 1047 11.22 49.12 14.94
C VAL A 1047 11.98 48.80 13.67
N LEU A 1048 12.75 49.76 13.15
CA LEU A 1048 13.52 49.47 11.94
C LEU A 1048 14.50 48.33 12.18
N GLY A 1049 15.20 48.36 13.31
CA GLY A 1049 16.08 47.25 13.65
C GLY A 1049 15.35 45.93 13.73
N THR A 1050 14.16 45.94 14.34
CA THR A 1050 13.38 44.71 14.45
C THR A 1050 13.02 44.16 13.08
N ILE A 1051 12.58 45.03 12.17
CA ILE A 1051 12.21 44.59 10.82
C ILE A 1051 13.42 43.95 10.13
N GLU A 1052 14.58 44.61 10.22
CA GLU A 1052 15.78 44.03 9.61
C GLU A 1052 16.08 42.65 10.20
N ALA A 1053 16.08 42.55 11.53
CA ALA A 1053 16.41 41.28 12.18
C ALA A 1053 15.48 40.16 11.74
N GLN A 1054 14.17 40.39 11.82
CA GLN A 1054 13.22 39.34 11.46
C GLN A 1054 13.32 38.96 9.99
N PHE A 1055 13.41 39.95 9.10
CA PHE A 1055 13.54 39.62 7.68
C PHE A 1055 14.80 38.79 7.44
N GLN A 1056 15.89 39.06 8.17
CA GLN A 1056 17.09 38.25 8.02
C GLN A 1056 16.91 36.88 8.65
N ARG A 1057 16.00 36.74 9.61
CA ARG A 1057 15.73 35.43 10.17
C ARG A 1057 14.79 34.59 9.31
N SER A 1058 14.00 35.22 8.44
CA SER A 1058 12.96 34.50 7.70
C SER A 1058 13.37 34.19 6.26
N LEU A 1059 14.51 33.54 6.05
CA LEU A 1059 14.95 33.13 4.72
C LEU A 1059 15.04 31.61 4.67
N VAL A 1060 15.22 31.08 3.45
CA VAL A 1060 15.32 29.64 3.26
C VAL A 1060 16.71 29.17 3.69
N HIS A 1061 16.84 27.87 3.94
CA HIS A 1061 18.10 27.36 4.46
C HIS A 1061 18.76 26.45 3.43
N PRO A 1062 19.90 26.85 2.88
CA PRO A 1062 20.58 26.00 1.89
C PRO A 1062 20.82 24.59 2.43
N GLY A 1063 20.36 23.60 1.68
CA GLY A 1063 20.31 22.23 2.15
C GLY A 1063 18.93 21.76 2.53
N GLU A 1064 17.91 22.08 1.72
CA GLU A 1064 16.54 21.80 2.09
C GLU A 1064 15.84 21.08 0.95
N MET A 1065 15.63 19.77 1.11
CA MET A 1065 15.05 18.95 0.05
C MET A 1065 13.59 19.32 -0.11
N VAL A 1066 13.36 20.38 -0.89
CA VAL A 1066 12.01 20.92 -1.06
C VAL A 1066 11.18 20.08 -2.03
N GLY A 1067 11.81 19.28 -2.88
CA GLY A 1067 11.07 18.42 -3.79
C GLY A 1067 10.22 17.39 -3.08
N VAL A 1068 10.80 16.75 -2.06
CA VAL A 1068 10.04 15.77 -1.27
C VAL A 1068 8.92 16.47 -0.53
N ILE A 1069 9.18 17.66 0.01
CA ILE A 1069 8.16 18.38 0.76
C ILE A 1069 7.02 18.80 -0.16
N ALA A 1070 7.33 19.06 -1.44
CA ALA A 1070 6.29 19.42 -2.39
C ALA A 1070 5.48 18.19 -2.79
N ALA A 1071 6.17 17.09 -3.12
CA ALA A 1071 5.48 15.86 -3.49
C ALA A 1071 4.58 15.37 -2.37
N GLN A 1072 4.99 15.57 -1.12
CA GLN A 1072 4.13 15.20 0.00
C GLN A 1072 3.00 16.20 0.18
N SER A 1073 3.32 17.50 0.14
CA SER A 1073 2.32 18.52 0.41
C SER A 1073 1.29 18.62 -0.71
N ILE A 1074 1.50 17.90 -1.82
CA ILE A 1074 0.43 17.69 -2.78
C ILE A 1074 -0.15 16.29 -2.66
N GLY A 1075 0.68 15.31 -2.27
CA GLY A 1075 0.24 13.94 -2.11
C GLY A 1075 -0.60 13.67 -0.88
N GLU A 1076 -0.84 14.71 -0.07
CA GLU A 1076 -1.54 14.51 1.19
C GLU A 1076 -2.99 14.97 1.14
N PRO A 1077 -3.33 16.13 0.56
CA PRO A 1077 -4.77 16.44 0.40
C PRO A 1077 -5.48 15.54 -0.60
N ALA A 1078 -4.73 14.69 -1.30
CA ALA A 1078 -5.35 13.80 -2.27
C ALA A 1078 -6.04 12.62 -1.60
N THR A 1079 -5.44 12.13 -0.52
CA THR A 1079 -5.92 10.95 0.18
C THR A 1079 -7.13 11.18 1.06
N GLN A 1080 -7.95 12.12 0.66
CA GLN A 1080 -9.19 12.43 1.37
C GLN A 1080 -10.03 13.28 0.43
N MET A 1081 -10.24 12.78 -0.78
CA MET A 1081 -11.04 13.48 -1.77
C MET A 1081 -11.88 12.49 -2.56
N THR A 1082 -13.09 12.91 -2.92
CA THR A 1082 -14.06 12.09 -3.66
C THR A 1082 -13.46 11.30 -4.82
N LEU A 1083 -13.84 10.02 -4.93
CA LEU A 1083 -13.33 9.16 -5.99
C LEU A 1083 -14.37 8.90 -7.08
N ASN A 1084 -15.33 9.80 -7.20
CA ASN A 1084 -16.40 9.72 -8.18
C ASN A 1084 -17.12 11.06 -8.23
N THR A 1085 -16.87 11.85 -7.21
CA THR A 1085 -17.44 13.19 -6.99
C THR A 1085 -18.94 13.40 -7.29
N PHE A 1086 -19.38 12.97 -8.46
CA PHE A 1086 -20.72 13.25 -8.97
C PHE A 1086 -20.96 14.75 -9.01
N HIS A 1087 -22.15 15.19 -8.63
CA HIS A 1087 -22.57 16.59 -8.80
C HIS A 1087 -22.65 16.97 -10.28
N TYR A 1088 -23.77 17.57 -10.67
CA TYR A 1088 -24.18 17.66 -12.08
C TYR A 1088 -24.44 16.25 -12.61
N ALA A 1089 -24.64 15.31 -11.70
CA ALA A 1089 -24.86 13.91 -12.05
C ALA A 1089 -26.29 13.72 -12.55
N GLY A 1090 -27.19 14.59 -12.10
CA GLY A 1090 -28.57 14.55 -12.52
C GLY A 1090 -28.79 15.33 -13.80
N VAL A 1091 -27.70 15.70 -14.46
CA VAL A 1091 -27.74 16.42 -15.72
C VAL A 1091 -26.81 15.76 -16.73
N SER A 1092 -27.35 15.35 -17.87
CA SER A 1092 -26.55 14.68 -18.88
C SER A 1092 -25.97 15.65 -19.90
N SER A 1093 -26.53 16.86 -19.94
CA SER A 1093 -26.05 17.89 -20.85
C SER A 1093 -24.80 18.56 -20.30
N LYS A 1094 -24.57 18.39 -19.00
CA LYS A 1094 -23.42 18.99 -18.34
C LYS A 1094 -22.50 17.93 -17.74
N ASN A 1095 -21.42 17.62 -18.44
CA ASN A 1095 -20.44 16.66 -17.96
C ASN A 1095 -19.18 17.34 -17.45
N VAL A 1096 -18.62 16.81 -16.36
CA VAL A 1096 -17.42 17.38 -15.76
C VAL A 1096 -16.65 16.32 -14.97
N THR A 1097 -15.32 16.33 -15.11
CA THR A 1097 -14.47 15.41 -14.38
C THR A 1097 -13.73 16.13 -13.26
N LEU A 1098 -13.95 15.67 -12.03
CA LEU A 1098 -13.32 16.29 -10.87
C LEU A 1098 -12.71 15.25 -9.94
N GLY A 1099 -12.18 15.70 -8.81
CA GLY A 1099 -11.57 14.83 -7.83
C GLY A 1099 -10.38 14.03 -8.31
N VAL A 1100 -10.41 12.72 -8.09
CA VAL A 1100 -9.33 11.84 -8.47
C VAL A 1100 -9.07 11.67 -9.97
N PRO A 1101 -10.07 11.15 -10.68
CA PRO A 1101 -9.92 10.92 -12.12
C PRO A 1101 -9.32 12.12 -12.83
N ARG A 1102 -9.69 13.34 -12.42
CA ARG A 1102 -9.13 14.52 -13.08
C ARG A 1102 -7.65 14.67 -12.78
N LEU A 1103 -7.27 14.58 -11.51
CA LEU A 1103 -5.86 14.67 -11.14
C LEU A 1103 -5.04 13.60 -11.86
N LYS A 1104 -5.60 12.39 -11.99
CA LYS A 1104 -4.91 11.32 -12.69
C LYS A 1104 -4.81 11.64 -14.19
N GLU A 1105 -5.80 12.34 -14.73
CA GLU A 1105 -5.74 12.75 -16.13
C GLU A 1105 -4.89 14.00 -16.31
N ILE A 1106 -4.38 14.55 -15.19
CA ILE A 1106 -3.49 15.70 -15.28
C ILE A 1106 -2.04 15.28 -15.16
N LEU A 1107 -1.74 14.42 -14.18
CA LEU A 1107 -0.35 14.00 -13.97
C LEU A 1107 0.10 13.03 -15.06
N ASN A 1108 -0.82 12.58 -15.90
CA ASN A 1108 -0.49 11.69 -16.99
C ASN A 1108 -0.35 12.40 -18.33
N VAL A 1109 -0.85 13.63 -18.44
CA VAL A 1109 -0.94 14.36 -19.69
C VAL A 1109 -1.61 13.43 -20.70
N ALA A 1110 -2.80 12.94 -20.34
CA ALA A 1110 -3.53 12.05 -21.22
C ALA A 1110 -4.03 12.83 -22.43
N LYS A 1111 -3.59 12.37 -23.62
CA LYS A 1111 -3.93 13.08 -24.85
C LYS A 1111 -5.40 12.98 -25.21
N ASN A 1112 -6.22 12.41 -24.31
CA ASN A 1112 -7.66 12.30 -24.49
C ASN A 1112 -8.31 12.45 -23.12
N ILE A 1113 -8.97 13.59 -22.90
CA ILE A 1113 -9.67 13.83 -21.63
C ILE A 1113 -11.14 13.44 -21.80
N LYS A 1114 -11.96 13.77 -20.81
CA LYS A 1114 -13.36 13.35 -20.84
C LYS A 1114 -14.29 14.49 -21.21
N THR A 1115 -14.00 15.70 -20.75
CA THR A 1115 -14.85 16.87 -20.99
C THR A 1115 -14.01 18.00 -21.56
N PRO A 1116 -13.82 18.03 -22.88
CA PRO A 1116 -13.17 19.18 -23.51
C PRO A 1116 -14.12 20.37 -23.55
N ALA A 1117 -13.60 21.54 -23.17
CA ALA A 1117 -14.44 22.73 -23.12
C ALA A 1117 -13.59 23.97 -23.30
N LEU A 1118 -13.94 24.77 -24.31
CA LEU A 1118 -13.33 26.07 -24.54
C LEU A 1118 -14.08 27.13 -23.76
N THR A 1119 -13.38 28.20 -23.40
CA THR A 1119 -13.97 29.35 -22.71
C THR A 1119 -13.67 30.60 -23.53
N VAL A 1120 -14.65 31.04 -24.31
CA VAL A 1120 -14.47 32.12 -25.26
C VAL A 1120 -15.09 33.40 -24.73
N TYR A 1121 -14.32 34.49 -24.75
CA TYR A 1121 -14.84 35.78 -24.34
C TYR A 1121 -15.35 36.57 -25.54
N LEU A 1122 -15.76 37.81 -25.30
CA LEU A 1122 -16.36 38.66 -26.32
C LEU A 1122 -15.82 40.08 -26.20
N ASP A 1123 -16.08 40.88 -27.24
CA ASP A 1123 -15.78 42.30 -27.18
C ASP A 1123 -16.85 43.04 -26.39
N ARG A 1124 -16.58 44.31 -26.10
CA ARG A 1124 -17.44 45.04 -25.17
C ARG A 1124 -18.81 45.32 -25.77
N GLU A 1125 -18.85 45.65 -27.07
CA GLU A 1125 -20.15 45.90 -27.71
C GLU A 1125 -21.03 44.67 -27.69
N ILE A 1126 -20.44 43.48 -27.81
CA ILE A 1126 -21.23 42.26 -27.85
C ILE A 1126 -21.51 41.73 -26.46
N ALA A 1127 -20.52 41.80 -25.57
CA ALA A 1127 -20.64 41.27 -24.20
C ALA A 1127 -21.97 41.50 -23.46
N LEU A 1128 -22.63 42.60 -23.76
CA LEU A 1128 -23.89 42.98 -23.11
C LEU A 1128 -25.11 43.22 -23.98
N ASP A 1129 -25.02 42.89 -25.26
CA ASP A 1129 -26.17 42.94 -26.18
C ASP A 1129 -26.45 41.49 -26.58
N ILE A 1130 -27.59 40.96 -26.11
CA ILE A 1130 -27.84 39.53 -26.22
C ILE A 1130 -27.99 39.09 -27.67
N GLU A 1131 -28.47 39.98 -28.54
CA GLU A 1131 -28.73 39.58 -29.92
C GLU A 1131 -27.43 39.29 -30.67
N LYS A 1132 -26.47 40.23 -30.61
CA LYS A 1132 -25.17 39.99 -31.22
C LYS A 1132 -24.49 38.78 -30.62
N ALA A 1133 -24.63 38.59 -29.30
CA ALA A 1133 -24.06 37.42 -28.66
C ALA A 1133 -24.69 36.14 -29.16
N LYS A 1134 -25.96 36.20 -29.58
CA LYS A 1134 -26.57 35.02 -30.19
C LYS A 1134 -26.10 34.84 -31.62
N VAL A 1135 -25.75 35.94 -32.31
CA VAL A 1135 -25.19 35.83 -33.65
C VAL A 1135 -23.83 35.13 -33.61
N ILE A 1136 -22.92 35.64 -32.80
CA ILE A 1136 -21.63 35.00 -32.63
C ILE A 1136 -21.80 33.61 -32.03
N GLN A 1137 -22.85 33.44 -31.22
CA GLN A 1137 -23.18 32.12 -30.69
C GLN A 1137 -23.51 31.14 -31.83
N SER A 1138 -24.13 31.65 -32.90
CA SER A 1138 -24.50 30.80 -34.01
C SER A 1138 -23.36 30.61 -35.02
N SER A 1139 -22.43 31.57 -35.10
CA SER A 1139 -21.39 31.52 -36.12
C SER A 1139 -20.38 30.42 -35.90
N ILE A 1140 -20.24 29.91 -34.67
CA ILE A 1140 -19.14 29.01 -34.34
C ILE A 1140 -19.57 27.56 -34.48
N GLU A 1141 -20.80 27.26 -34.09
CA GLU A 1141 -21.26 25.88 -33.95
C GLU A 1141 -21.22 25.16 -35.29
N TYR A 1142 -20.77 23.91 -35.27
CA TYR A 1142 -20.65 23.11 -36.48
C TYR A 1142 -21.98 22.47 -36.83
N THR A 1143 -22.18 22.17 -38.12
CA THR A 1143 -23.43 21.60 -38.60
C THR A 1143 -23.21 20.93 -39.95
N THR A 1144 -23.59 19.66 -40.06
CA THR A 1144 -23.59 18.97 -41.34
C THR A 1144 -24.95 19.11 -42.01
N LEU A 1145 -25.06 18.58 -43.22
CA LEU A 1145 -26.33 18.60 -43.93
C LEU A 1145 -27.36 17.71 -43.24
N LYS A 1146 -26.89 16.68 -42.54
CA LYS A 1146 -27.80 15.77 -41.84
C LYS A 1146 -28.55 16.47 -40.71
N ASN A 1147 -27.95 17.51 -40.12
CA ASN A 1147 -28.48 18.07 -38.89
C ASN A 1147 -29.75 18.86 -39.14
N VAL A 1148 -30.25 18.91 -40.37
CA VAL A 1148 -31.49 19.61 -40.69
C VAL A 1148 -32.47 18.78 -41.49
N THR A 1149 -32.10 17.55 -41.86
CA THR A 1149 -32.94 16.71 -42.71
C THR A 1149 -34.11 16.15 -41.91
N SER A 1150 -35.30 16.17 -42.52
CA SER A 1150 -36.46 15.56 -41.89
C SER A 1150 -36.83 14.23 -42.53
N ALA A 1151 -36.76 14.12 -43.86
CA ALA A 1151 -37.10 12.86 -44.50
C ALA A 1151 -36.34 12.74 -45.81
N THR A 1152 -35.97 11.49 -46.14
CA THR A 1152 -35.33 11.17 -47.40
C THR A 1152 -36.17 10.13 -48.14
N GLU A 1153 -36.35 10.37 -49.44
CA GLU A 1153 -37.28 9.62 -50.26
C GLU A 1153 -36.71 9.43 -51.66
N ILE A 1154 -36.81 8.20 -52.16
CA ILE A 1154 -36.36 7.84 -53.49
C ILE A 1154 -37.61 7.54 -54.32
N TYR A 1155 -37.65 8.07 -55.55
CA TYR A 1155 -38.79 7.85 -56.43
C TYR A 1155 -38.33 7.45 -57.83
N TYR A 1156 -39.21 6.74 -58.53
CA TYR A 1156 -39.05 6.48 -59.95
C TYR A 1156 -40.01 7.41 -60.69
N ASP A 1157 -39.55 8.63 -60.94
CA ASP A 1157 -40.33 9.66 -61.62
C ASP A 1157 -39.73 9.87 -63.00
N PRO A 1158 -40.36 9.34 -64.06
CA PRO A 1158 -39.65 9.23 -65.34
C PRO A 1158 -39.47 10.55 -66.10
N ASP A 1159 -40.53 11.33 -66.25
CA ASP A 1159 -40.50 12.48 -67.15
C ASP A 1159 -39.49 13.51 -66.66
N PRO A 1160 -38.48 13.87 -67.46
CA PRO A 1160 -37.49 14.85 -66.98
C PRO A 1160 -38.06 16.24 -66.75
N THR A 1161 -39.18 16.58 -67.38
CA THR A 1161 -39.75 17.92 -67.25
C THR A 1161 -41.15 17.92 -66.65
N SER A 1162 -41.60 16.82 -66.07
CA SER A 1162 -42.87 16.77 -65.35
C SER A 1162 -42.79 15.74 -64.24
N THR A 1163 -43.53 15.95 -63.15
CA THR A 1163 -43.36 15.11 -61.97
C THR A 1163 -44.67 14.44 -61.61
N VAL A 1164 -44.58 13.36 -60.84
CA VAL A 1164 -45.76 12.70 -60.30
C VAL A 1164 -46.13 13.26 -58.94
N ILE A 1165 -45.15 13.61 -58.12
CA ILE A 1165 -45.38 14.27 -56.84
C ILE A 1165 -46.13 15.56 -57.12
N GLU A 1166 -47.42 15.60 -56.76
CA GLU A 1166 -48.25 16.74 -57.11
C GLU A 1166 -47.81 18.01 -56.40
N GLU A 1167 -46.98 17.88 -55.36
CA GLU A 1167 -46.43 19.06 -54.70
C GLU A 1167 -45.46 19.80 -55.62
N ASP A 1168 -44.46 19.09 -56.13
CA ASP A 1168 -43.40 19.68 -56.94
C ASP A 1168 -43.84 19.94 -58.38
N PHE A 1169 -45.14 19.81 -58.67
CA PHE A 1169 -45.65 20.10 -60.01
C PHE A 1169 -45.41 21.55 -60.38
N ASP A 1170 -45.82 22.47 -59.49
CA ASP A 1170 -45.68 23.89 -59.79
C ASP A 1170 -44.22 24.35 -59.79
N THR A 1171 -43.33 23.58 -59.15
CA THR A 1171 -41.91 23.92 -59.18
C THR A 1171 -41.31 23.63 -60.54
N VAL A 1172 -41.43 22.40 -61.02
CA VAL A 1172 -40.92 22.06 -62.34
C VAL A 1172 -41.64 22.85 -63.41
N GLU A 1173 -42.95 23.07 -63.27
CA GLU A 1173 -43.68 23.87 -64.26
C GLU A 1173 -43.41 25.35 -64.06
N ALA A 1174 -42.72 25.70 -62.98
CA ALA A 1174 -42.23 27.07 -62.83
C ALA A 1174 -40.70 27.12 -62.85
N TYR A 1175 -40.07 26.15 -63.52
CA TYR A 1175 -38.61 26.07 -63.51
C TYR A 1175 -38.04 26.14 -64.92
N PHE A 1176 -38.85 25.82 -65.94
CA PHE A 1176 -38.33 25.72 -67.30
C PHE A 1176 -38.68 26.93 -68.16
N SER A 1177 -38.62 28.14 -67.63
CA SER A 1177 -38.86 29.33 -68.44
C SER A 1177 -37.80 30.39 -68.16
N GLN A 1190 -30.14 12.24 -69.20
CA GLN A 1190 -29.86 12.04 -67.79
C GLN A 1190 -30.47 10.72 -67.28
N SER A 1191 -30.71 10.66 -65.98
CA SER A 1191 -31.26 9.46 -65.39
C SER A 1191 -32.70 9.70 -64.91
N PRO A 1192 -33.58 8.71 -65.09
CA PRO A 1192 -34.96 8.88 -64.64
C PRO A 1192 -35.21 8.46 -63.21
N TRP A 1193 -34.39 8.90 -62.25
CA TRP A 1193 -34.60 8.57 -60.85
C TRP A 1193 -34.51 9.82 -60.00
N LEU A 1194 -35.35 9.89 -58.96
CA LEU A 1194 -35.50 11.09 -58.16
C LEU A 1194 -35.02 10.86 -56.73
N LEU A 1195 -34.16 11.75 -56.25
CA LEU A 1195 -33.75 11.78 -54.86
C LEU A 1195 -34.32 13.06 -54.23
N ARG A 1196 -35.36 12.90 -53.43
CA ARG A 1196 -36.12 14.03 -52.89
C ARG A 1196 -36.08 13.96 -51.36
N LEU A 1197 -35.77 15.09 -50.72
CA LEU A 1197 -35.66 15.13 -49.27
C LEU A 1197 -36.30 16.40 -48.72
N GLU A 1198 -36.94 16.27 -47.56
CA GLU A 1198 -37.60 17.36 -46.87
C GLU A 1198 -36.80 17.74 -45.63
N LEU A 1199 -36.63 19.04 -45.41
CA LEU A 1199 -35.83 19.54 -44.30
C LEU A 1199 -36.72 19.97 -43.14
N ASP A 1200 -36.09 20.62 -42.15
CA ASP A 1200 -36.81 21.13 -41.00
C ASP A 1200 -36.53 22.62 -40.85
N ARG A 1201 -37.59 23.43 -40.73
CA ARG A 1201 -37.44 24.88 -40.80
C ARG A 1201 -36.77 25.45 -39.57
N ALA A 1202 -36.97 24.83 -38.40
CA ALA A 1202 -36.48 25.40 -37.15
C ALA A 1202 -34.97 25.56 -37.16
N ARG A 1203 -34.28 24.64 -37.83
CA ARG A 1203 -32.82 24.69 -37.83
C ARG A 1203 -32.27 25.42 -39.05
N MET A 1204 -33.06 25.50 -40.13
CA MET A 1204 -32.68 26.38 -41.23
C MET A 1204 -32.88 27.84 -40.85
N LEU A 1205 -33.68 28.10 -39.82
CA LEU A 1205 -33.77 29.44 -39.26
C LEU A 1205 -32.79 29.62 -38.11
N ASP A 1206 -32.50 28.54 -37.38
CA ASP A 1206 -31.55 28.61 -36.28
C ASP A 1206 -30.18 29.05 -36.76
N LYS A 1207 -29.65 28.38 -37.78
CA LYS A 1207 -28.33 28.72 -38.31
C LYS A 1207 -28.38 29.89 -39.28
N GLN A 1208 -29.55 30.49 -39.49
CA GLN A 1208 -29.72 31.66 -40.35
C GLN A 1208 -29.24 31.37 -41.77
N LEU A 1209 -29.63 30.20 -42.28
CA LEU A 1209 -29.32 29.77 -43.64
C LEU A 1209 -30.53 29.99 -44.52
N THR A 1210 -30.33 29.84 -45.83
CA THR A 1210 -31.40 29.90 -46.81
C THR A 1210 -31.33 28.69 -47.73
N MET A 1211 -32.28 28.62 -48.67
CA MET A 1211 -32.33 27.48 -49.58
C MET A 1211 -31.18 27.54 -50.59
N ASN A 1212 -30.95 28.72 -51.18
CA ASN A 1212 -29.89 28.86 -52.17
C ASN A 1212 -28.57 28.38 -51.61
N GLN A 1213 -28.04 29.07 -50.60
CA GLN A 1213 -26.73 28.75 -50.03
C GLN A 1213 -26.50 27.24 -49.90
N VAL A 1214 -27.51 26.50 -49.44
CA VAL A 1214 -27.39 25.05 -49.37
C VAL A 1214 -27.30 24.45 -50.77
N ALA A 1215 -28.16 24.90 -51.69
CA ALA A 1215 -28.10 24.41 -53.06
C ALA A 1215 -26.72 24.66 -53.66
N ASP A 1216 -26.13 25.83 -53.39
CA ASP A 1216 -24.77 26.12 -53.83
C ASP A 1216 -23.79 25.13 -53.23
N LYS A 1217 -23.91 24.86 -51.94
CA LYS A 1217 -23.04 23.86 -51.31
C LYS A 1217 -23.12 22.52 -52.04
N ILE A 1218 -24.33 22.04 -52.34
CA ILE A 1218 -24.46 20.74 -52.98
C ILE A 1218 -23.90 20.77 -54.40
N SER A 1219 -24.20 21.82 -55.15
CA SER A 1219 -23.73 21.91 -56.53
C SER A 1219 -22.21 22.02 -56.59
N GLU A 1220 -21.61 22.63 -55.57
CA GLU A 1220 -20.15 22.74 -55.53
C GLU A 1220 -19.51 21.40 -55.17
N VAL A 1221 -20.12 20.67 -54.23
CA VAL A 1221 -19.50 19.43 -53.77
C VAL A 1221 -19.71 18.28 -54.76
N PHE A 1222 -20.78 18.29 -55.55
CA PHE A 1222 -20.98 17.24 -56.55
C PHE A 1222 -20.77 17.70 -57.98
N SER A 1223 -20.00 18.76 -58.20
CA SER A 1223 -19.59 19.17 -59.54
C SER A 1223 -20.79 19.35 -60.47
N ASP A 1224 -20.95 18.44 -61.43
CA ASP A 1224 -22.02 18.53 -62.41
C ASP A 1224 -22.88 17.27 -62.48
N ASP A 1225 -22.47 16.19 -61.81
CA ASP A 1225 -23.20 14.94 -61.80
C ASP A 1225 -24.62 15.09 -61.26
N LEU A 1226 -24.79 15.81 -60.15
CA LEU A 1226 -26.09 15.90 -59.50
C LEU A 1226 -26.79 17.16 -59.96
N PHE A 1227 -27.85 17.00 -60.75
CA PHE A 1227 -28.72 18.10 -61.12
C PHE A 1227 -29.65 18.38 -59.94
N VAL A 1228 -29.60 19.61 -59.44
CA VAL A 1228 -30.23 19.99 -58.17
C VAL A 1228 -31.42 20.89 -58.48
N MET A 1229 -32.46 20.78 -57.65
CA MET A 1229 -33.65 21.63 -57.77
C MET A 1229 -34.15 21.91 -56.36
N TRP A 1230 -34.54 23.16 -56.10
CA TRP A 1230 -34.97 23.58 -54.77
C TRP A 1230 -36.17 24.50 -54.87
N SER A 1231 -36.83 24.71 -53.74
CA SER A 1231 -38.08 25.45 -53.68
C SER A 1231 -37.93 26.72 -52.85
N GLU A 1232 -38.92 27.61 -52.98
CA GLU A 1232 -38.91 28.89 -52.32
C GLU A 1232 -39.06 28.73 -50.82
N ASP A 1233 -38.63 29.78 -50.09
CA ASP A 1233 -38.74 29.78 -48.63
C ASP A 1233 -40.19 29.69 -48.16
N ASN A 1234 -41.08 30.52 -48.69
CA ASN A 1234 -42.46 30.57 -48.22
C ASN A 1234 -43.34 29.48 -48.80
N ALA A 1235 -42.81 28.28 -49.03
CA ALA A 1235 -43.66 27.14 -49.36
C ALA A 1235 -44.25 26.57 -48.07
N ASP A 1236 -44.69 25.32 -48.15
CA ASP A 1236 -45.19 24.64 -46.95
C ASP A 1236 -44.30 23.47 -46.58
N LYS A 1237 -43.39 23.07 -47.48
CA LYS A 1237 -42.36 22.07 -47.19
C LYS A 1237 -41.08 22.46 -47.90
N LEU A 1238 -39.97 22.45 -47.15
CA LEU A 1238 -38.66 22.74 -47.71
C LEU A 1238 -38.14 21.47 -48.38
N ILE A 1239 -38.24 21.41 -49.70
CA ILE A 1239 -38.00 20.20 -50.47
C ILE A 1239 -36.77 20.41 -51.34
N ILE A 1240 -35.99 19.34 -51.51
CA ILE A 1240 -34.84 19.33 -52.41
C ILE A 1240 -34.98 18.13 -53.33
N ARG A 1241 -34.91 18.37 -54.64
CA ARG A 1241 -35.00 17.34 -55.66
C ARG A 1241 -33.65 17.18 -56.34
N CYS A 1242 -33.32 15.95 -56.71
CA CYS A 1242 -32.00 15.64 -57.22
C CYS A 1242 -32.07 14.53 -58.27
N ARG A 1243 -31.29 14.69 -59.33
CA ARG A 1243 -31.13 13.65 -60.34
C ARG A 1243 -29.66 13.51 -60.70
N VAL A 1244 -29.34 12.46 -61.45
CA VAL A 1244 -27.96 12.22 -61.87
C VAL A 1244 -27.91 12.14 -63.38
N ILE A 1245 -26.81 12.60 -63.96
CA ILE A 1245 -26.63 12.51 -65.40
C ILE A 1245 -25.61 11.43 -65.75
N GLU A 1258 -29.35 -0.27 -64.60
CA GLU A 1258 -29.83 -0.20 -63.22
C GLU A 1258 -29.28 1.07 -62.55
N GLU A 1259 -30.16 1.79 -61.85
CA GLU A 1259 -29.80 3.10 -61.30
C GLU A 1259 -30.45 3.37 -59.95
N ASP A 1260 -30.24 2.51 -58.96
CA ASP A 1260 -30.91 2.71 -57.67
C ASP A 1260 -29.91 2.71 -56.51
N GLN A 1261 -29.09 1.67 -56.40
CA GLN A 1261 -28.13 1.58 -55.31
C GLN A 1261 -27.15 2.74 -55.31
N MET A 1262 -26.71 3.16 -56.49
CA MET A 1262 -25.84 4.32 -56.61
C MET A 1262 -26.45 5.54 -55.96
N LEU A 1263 -27.76 5.74 -56.13
CA LEU A 1263 -28.42 6.90 -55.54
C LEU A 1263 -28.51 6.78 -54.03
N LYS A 1264 -28.61 5.55 -53.51
CA LYS A 1264 -28.55 5.37 -52.06
C LYS A 1264 -27.17 5.74 -51.51
N ARG A 1265 -26.11 5.25 -52.14
CA ARG A 1265 -24.76 5.60 -51.71
C ARG A 1265 -24.55 7.11 -51.77
N ILE A 1266 -24.96 7.74 -52.88
CA ILE A 1266 -24.90 9.18 -52.99
C ILE A 1266 -25.68 9.86 -51.88
N GLU A 1267 -26.82 9.27 -51.49
CA GLU A 1267 -27.66 9.87 -50.46
C GLU A 1267 -26.97 9.87 -49.11
N ALA A 1268 -26.52 8.68 -48.65
CA ALA A 1268 -25.80 8.62 -47.38
C ALA A 1268 -24.57 9.51 -47.39
N HIS A 1269 -23.84 9.53 -48.51
CA HIS A 1269 -22.69 10.43 -48.62
C HIS A 1269 -23.11 11.89 -48.44
N MET A 1270 -24.24 12.28 -49.05
CA MET A 1270 -24.75 13.64 -48.89
C MET A 1270 -25.01 13.96 -47.43
N LEU A 1271 -25.75 13.09 -46.73
CA LEU A 1271 -26.04 13.37 -45.33
C LEU A 1271 -24.80 13.40 -44.47
N ASP A 1272 -23.77 12.63 -44.82
CA ASP A 1272 -22.63 12.45 -43.93
C ASP A 1272 -21.50 13.45 -44.16
N LEU A 1273 -21.34 14.01 -45.36
CA LEU A 1273 -20.10 14.72 -45.62
C LEU A 1273 -20.32 16.14 -46.15
N ILE A 1274 -21.38 16.82 -45.74
CA ILE A 1274 -21.64 18.17 -46.23
C ILE A 1274 -21.82 19.15 -45.07
N ALA A 1275 -20.83 20.03 -44.88
CA ALA A 1275 -20.92 21.04 -43.83
C ALA A 1275 -21.51 22.33 -44.41
N LEU A 1276 -22.26 23.06 -43.58
CA LEU A 1276 -22.88 24.29 -44.04
C LEU A 1276 -22.26 25.52 -43.39
N ARG A 1277 -21.47 25.31 -42.34
CA ARG A 1277 -20.78 26.37 -41.60
C ARG A 1277 -19.97 25.72 -40.50
N GLY A 1278 -19.52 26.54 -39.54
CA GLY A 1278 -19.05 26.04 -38.27
C GLY A 1278 -17.59 25.66 -38.25
N ILE A 1279 -17.03 25.78 -37.05
CA ILE A 1279 -15.67 25.32 -36.75
C ILE A 1279 -15.75 23.82 -36.53
N PRO A 1280 -15.18 23.00 -37.41
CA PRO A 1280 -15.38 21.55 -37.32
C PRO A 1280 -14.78 20.97 -36.04
N GLY A 1281 -15.66 20.65 -35.09
CA GLY A 1281 -15.25 20.10 -33.83
C GLY A 1281 -15.83 20.78 -32.61
N ILE A 1282 -16.72 21.76 -32.80
CA ILE A 1282 -17.33 22.49 -31.69
C ILE A 1282 -18.82 22.19 -31.76
N SER A 1283 -19.24 21.08 -31.15
CA SER A 1283 -20.57 20.56 -31.36
C SER A 1283 -21.60 21.14 -30.38
N LYS A 1284 -21.20 22.00 -29.47
CA LYS A 1284 -22.13 22.59 -28.50
C LYS A 1284 -21.57 23.89 -27.97
N VAL A 1285 -22.47 24.85 -27.75
CA VAL A 1285 -22.13 26.16 -27.23
C VAL A 1285 -23.05 26.49 -26.06
N TYR A 1286 -22.47 26.99 -24.97
CA TYR A 1286 -23.22 27.39 -23.79
C TYR A 1286 -23.07 28.88 -23.52
N MET A 1287 -24.20 29.59 -23.54
CA MET A 1287 -24.26 30.99 -23.14
C MET A 1287 -24.18 31.07 -21.63
N VAL A 1288 -23.17 31.76 -21.10
CA VAL A 1288 -22.91 31.80 -19.67
C VAL A 1288 -22.77 33.24 -19.21
N LYS A 1289 -23.24 33.52 -18.00
CA LYS A 1289 -23.11 34.84 -17.38
C LYS A 1289 -21.84 34.90 -16.55
N HIS A 1290 -21.31 36.12 -16.38
CA HIS A 1290 -20.18 36.37 -15.49
C HIS A 1290 -20.39 37.66 -14.73
N LYS A 1291 -19.91 37.69 -13.49
CA LYS A 1291 -19.89 38.89 -12.66
C LYS A 1291 -18.43 39.19 -12.30
N VAL A 1292 -17.84 40.16 -12.99
CA VAL A 1292 -16.42 40.49 -12.85
C VAL A 1292 -16.30 41.80 -12.09
N SER A 1293 -15.11 42.08 -11.56
CA SER A 1293 -14.85 43.32 -10.83
C SER A 1293 -13.99 44.24 -11.69
N VAL A 1294 -14.45 45.48 -11.86
CA VAL A 1294 -13.77 46.48 -12.68
C VAL A 1294 -13.74 47.79 -11.89
N PRO A 1295 -12.64 48.54 -11.90
CA PRO A 1295 -12.60 49.81 -11.18
C PRO A 1295 -13.57 50.83 -11.78
N ASP A 1296 -13.97 51.78 -10.95
CA ASP A 1296 -14.92 52.80 -11.36
C ASP A 1296 -14.21 53.95 -12.07
N GLU A 1297 -14.60 55.17 -11.71
CA GLU A 1297 -13.90 56.36 -12.18
C GLU A 1297 -13.10 57.00 -11.06
N SER A 1298 -13.49 56.77 -9.81
CA SER A 1298 -12.71 57.21 -8.66
C SER A 1298 -11.74 56.14 -8.17
N GLY A 1299 -11.42 55.15 -9.00
CA GLY A 1299 -10.50 54.09 -8.63
C GLY A 1299 -11.04 53.07 -7.65
N GLU A 1300 -12.31 52.70 -7.76
CA GLU A 1300 -12.88 51.74 -6.83
C GLU A 1300 -13.47 50.54 -7.58
N TYR A 1301 -13.14 49.35 -7.10
CA TYR A 1301 -13.54 48.12 -7.77
C TYR A 1301 -15.01 47.84 -7.48
N LYS A 1302 -15.82 47.70 -8.54
CA LYS A 1302 -17.22 47.32 -8.42
C LYS A 1302 -17.54 46.22 -9.41
N ASN A 1303 -18.59 45.46 -9.10
CA ASN A 1303 -18.97 44.34 -9.94
C ASN A 1303 -19.61 44.82 -11.24
N GLU A 1304 -19.84 43.86 -12.13
CA GLU A 1304 -20.29 44.16 -13.50
C GLU A 1304 -20.69 42.84 -14.14
N GLU A 1305 -21.84 42.84 -14.80
CA GLU A 1305 -22.41 41.62 -15.38
C GLU A 1305 -22.15 41.59 -16.88
N LEU A 1306 -21.39 40.60 -17.33
CA LEU A 1306 -21.02 40.48 -18.73
C LEU A 1306 -21.16 39.04 -19.17
N TRP A 1307 -21.69 38.84 -20.38
CA TRP A 1307 -21.88 37.51 -20.93
C TRP A 1307 -20.56 36.92 -21.40
N ALA A 1308 -20.57 35.62 -21.70
CA ALA A 1308 -19.40 34.91 -22.19
C ALA A 1308 -19.85 33.55 -22.70
N LEU A 1309 -18.92 32.82 -23.33
CA LEU A 1309 -19.21 31.55 -23.94
C LEU A 1309 -18.40 30.43 -23.29
N GLU A 1310 -19.08 29.31 -23.06
CA GLU A 1310 -18.44 28.08 -22.60
C GLU A 1310 -18.90 26.95 -23.50
N THR A 1311 -18.01 26.48 -24.38
CA THR A 1311 -18.37 25.57 -25.44
C THR A 1311 -17.75 24.20 -25.22
N ASP A 1312 -18.36 23.19 -25.84
CA ASP A 1312 -17.85 21.83 -25.79
C ASP A 1312 -16.95 21.58 -27.00
N GLY A 1313 -16.00 20.67 -26.85
CA GLY A 1313 -15.04 20.39 -27.90
C GLY A 1313 -13.97 21.47 -28.00
N ILE A 1314 -12.75 21.03 -28.31
CA ILE A 1314 -11.60 21.91 -28.39
C ILE A 1314 -11.20 22.12 -29.85
N ASN A 1315 -10.94 23.38 -30.19
CA ASN A 1315 -10.37 23.76 -31.48
C ASN A 1315 -9.95 25.22 -31.41
N LEU A 1316 -8.74 25.47 -30.88
CA LEU A 1316 -8.36 26.82 -30.52
C LEU A 1316 -7.89 27.62 -31.73
N ALA A 1317 -7.13 26.98 -32.62
CA ALA A 1317 -6.48 27.71 -33.71
C ALA A 1317 -7.49 28.27 -34.70
N GLU A 1318 -8.75 27.85 -34.58
CA GLU A 1318 -9.79 28.38 -35.45
C GLU A 1318 -10.69 29.37 -34.71
N VAL A 1319 -11.01 29.08 -33.45
CA VAL A 1319 -11.91 29.96 -32.70
C VAL A 1319 -11.20 31.25 -32.31
N MET A 1320 -9.87 31.22 -32.19
CA MET A 1320 -9.14 32.47 -31.94
C MET A 1320 -9.35 33.46 -33.08
N ALA A 1321 -9.40 32.97 -34.32
CA ALA A 1321 -9.54 33.84 -35.47
C ALA A 1321 -10.98 33.99 -35.93
N VAL A 1322 -11.85 34.59 -35.12
CA VAL A 1322 -13.25 34.81 -35.48
C VAL A 1322 -13.61 36.25 -35.09
N PRO A 1323 -14.23 37.03 -35.97
CA PRO A 1323 -14.59 38.40 -35.61
C PRO A 1323 -15.58 38.44 -34.46
N GLY A 1324 -15.35 39.37 -33.54
CA GLY A 1324 -16.18 39.48 -32.35
C GLY A 1324 -15.55 38.81 -31.15
N VAL A 1325 -14.59 37.92 -31.40
CA VAL A 1325 -13.93 37.19 -30.32
C VAL A 1325 -12.71 37.97 -29.87
N ASP A 1326 -12.57 38.16 -28.56
CA ASP A 1326 -11.35 38.73 -27.98
C ASP A 1326 -10.27 37.66 -28.05
N SER A 1327 -9.55 37.63 -29.18
CA SER A 1327 -8.59 36.57 -29.46
C SER A 1327 -7.46 36.49 -28.45
N SER A 1328 -7.24 37.53 -27.65
CA SER A 1328 -6.19 37.54 -26.65
C SER A 1328 -6.57 36.83 -25.36
N ARG A 1329 -7.87 36.77 -25.03
CA ARG A 1329 -8.31 36.17 -23.78
C ARG A 1329 -8.83 34.75 -23.91
N THR A 1330 -8.87 34.18 -25.11
CA THR A 1330 -9.45 32.85 -25.28
C THR A 1330 -8.58 31.81 -24.60
N TYR A 1331 -9.23 30.92 -23.83
CA TYR A 1331 -8.54 29.99 -22.95
C TYR A 1331 -9.22 28.64 -23.00
N SER A 1332 -8.41 27.58 -22.90
CA SER A 1332 -8.91 26.21 -22.94
C SER A 1332 -8.37 25.46 -21.73
N ASN A 1333 -8.45 24.12 -21.78
CA ASN A 1333 -7.96 23.29 -20.69
C ASN A 1333 -7.34 21.98 -21.17
N SER A 1334 -7.12 21.82 -22.47
CA SER A 1334 -6.34 20.71 -23.02
C SER A 1334 -4.95 21.28 -23.30
N PHE A 1335 -4.13 21.38 -22.26
CA PHE A 1335 -2.87 22.09 -22.34
C PHE A 1335 -1.87 21.46 -23.30
N VAL A 1336 -2.19 20.29 -23.87
CA VAL A 1336 -1.38 19.78 -24.97
C VAL A 1336 -1.48 20.71 -26.18
N GLU A 1337 -2.71 21.05 -26.56
CA GLU A 1337 -2.91 22.01 -27.64
C GLU A 1337 -2.35 23.38 -27.26
N ILE A 1338 -2.52 23.77 -26.00
CA ILE A 1338 -1.96 25.04 -25.53
C ILE A 1338 -0.44 25.04 -25.72
N LEU A 1339 0.19 23.87 -25.59
CA LEU A 1339 1.60 23.77 -25.91
C LEU A 1339 1.84 23.86 -27.41
N SER A 1340 0.95 23.25 -28.20
CA SER A 1340 1.15 23.26 -29.65
C SER A 1340 0.77 24.58 -30.29
N VAL A 1341 0.31 25.55 -29.49
CA VAL A 1341 -0.17 26.81 -30.06
C VAL A 1341 0.50 28.01 -29.40
N LEU A 1342 0.70 27.99 -28.08
CA LEU A 1342 1.16 29.17 -27.36
C LEU A 1342 2.53 29.04 -26.72
N GLY A 1343 3.16 27.87 -26.83
CA GLY A 1343 4.50 27.69 -26.29
C GLY A 1343 4.50 27.01 -24.95
N ILE A 1344 5.61 27.19 -24.23
CA ILE A 1344 5.81 26.46 -22.99
C ILE A 1344 5.35 27.28 -21.79
N GLU A 1345 5.46 28.61 -21.87
CA GLU A 1345 5.15 29.45 -20.73
C GLU A 1345 3.64 29.49 -20.45
N ALA A 1346 2.85 29.81 -21.48
CA ALA A 1346 1.39 29.77 -21.33
C ALA A 1346 0.93 28.38 -20.88
N THR A 1347 1.64 27.35 -21.32
CA THR A 1347 1.31 26.00 -20.88
C THR A 1347 1.58 25.82 -19.40
N ARG A 1348 2.69 26.38 -18.91
CA ARG A 1348 2.98 26.37 -17.48
C ARG A 1348 1.87 27.05 -16.68
N SER A 1349 1.52 28.27 -17.07
CA SER A 1349 0.47 29.00 -16.37
C SER A 1349 -0.85 28.23 -16.39
N SER A 1350 -1.21 27.65 -17.54
CA SER A 1350 -2.46 26.92 -17.65
C SER A 1350 -2.46 25.69 -16.75
N LEU A 1351 -1.35 24.95 -16.73
CA LEU A 1351 -1.26 23.76 -15.90
C LEU A 1351 -1.39 24.11 -14.42
N TYR A 1352 -0.65 25.12 -13.97
CA TYR A 1352 -0.83 25.62 -12.61
C TYR A 1352 -2.28 25.96 -12.33
N LYS A 1353 -2.94 26.69 -13.25
CA LYS A 1353 -4.34 27.05 -13.03
C LYS A 1353 -5.20 25.80 -12.87
N GLU A 1354 -4.92 24.75 -13.63
CA GLU A 1354 -5.70 23.52 -13.50
C GLU A 1354 -5.51 22.88 -12.13
N ILE A 1355 -4.27 22.70 -11.69
CA ILE A 1355 -4.04 22.07 -10.39
C ILE A 1355 -4.64 22.90 -9.27
N LEU A 1356 -4.49 24.23 -9.35
CA LEU A 1356 -5.09 25.12 -8.37
C LEU A 1356 -6.61 24.97 -8.32
N ASN A 1357 -7.26 24.84 -9.48
CA ASN A 1357 -8.70 24.60 -9.48
C ASN A 1357 -9.03 23.27 -8.83
N VAL A 1358 -8.31 22.21 -9.19
CA VAL A 1358 -8.63 20.87 -8.71
C VAL A 1358 -8.52 20.80 -7.19
N ILE A 1359 -7.39 21.25 -6.64
CA ILE A 1359 -7.22 21.21 -5.19
C ILE A 1359 -8.16 22.19 -4.51
N ALA A 1360 -8.42 23.34 -5.15
CA ALA A 1360 -9.21 24.39 -4.52
C ALA A 1360 -10.72 24.15 -4.61
N PHE A 1361 -11.17 23.11 -5.30
CA PHE A 1361 -12.62 22.86 -5.39
C PHE A 1361 -13.22 22.51 -4.04
N ASP A 1362 -12.47 21.77 -3.20
CA ASP A 1362 -13.03 21.25 -1.96
C ASP A 1362 -12.41 21.85 -0.70
N GLY A 1363 -12.35 23.18 -0.59
CA GLY A 1363 -11.95 23.82 0.65
C GLY A 1363 -10.48 23.74 1.01
N SER A 1364 -9.80 22.67 0.60
CA SER A 1364 -8.38 22.54 0.89
C SER A 1364 -7.59 23.70 0.28
N TYR A 1365 -6.46 24.01 0.90
CA TYR A 1365 -5.65 25.15 0.49
C TYR A 1365 -4.19 24.79 0.66
N VAL A 1366 -3.46 24.73 -0.46
CA VAL A 1366 -2.03 24.49 -0.47
C VAL A 1366 -1.35 25.85 -0.60
N ASN A 1367 -0.05 25.91 -0.33
CA ASN A 1367 0.66 27.18 -0.35
C ASN A 1367 1.33 27.01 -1.71
N TYR A 1368 1.65 28.14 -2.35
CA TYR A 1368 2.14 28.11 -3.73
C TYR A 1368 3.42 27.58 -4.35
N ARG A 1369 4.54 27.66 -3.61
CA ARG A 1369 5.84 27.27 -4.14
C ARG A 1369 5.90 25.77 -4.42
N HIS A 1370 5.07 24.98 -3.74
CA HIS A 1370 5.03 23.54 -4.00
C HIS A 1370 4.45 23.27 -5.38
N MET A 1371 3.24 23.77 -5.64
CA MET A 1371 2.62 23.59 -6.95
C MET A 1371 3.46 24.23 -8.05
N ALA A 1372 4.07 25.38 -7.78
CA ALA A 1372 4.93 26.03 -8.77
C ALA A 1372 6.15 25.16 -9.07
N LEU A 1373 6.69 24.48 -8.05
CA LEU A 1373 7.77 23.55 -8.29
C LEU A 1373 7.33 22.37 -9.15
N LEU A 1374 6.19 21.76 -8.79
CA LEU A 1374 5.68 20.63 -9.56
C LEU A 1374 5.46 21.00 -11.02
N VAL A 1375 4.82 22.15 -11.28
CA VAL A 1375 4.58 22.54 -12.66
C VAL A 1375 5.85 23.05 -13.33
N ASP A 1376 6.89 23.36 -12.55
CA ASP A 1376 8.14 23.77 -13.18
C ASP A 1376 9.14 22.61 -13.23
N VAL A 1377 8.69 21.39 -12.94
CA VAL A 1377 9.53 20.23 -13.21
C VAL A 1377 9.05 19.50 -14.46
N MET A 1378 7.72 19.47 -14.67
CA MET A 1378 7.14 18.83 -15.85
C MET A 1378 7.52 19.53 -17.14
N THR A 1379 7.66 20.85 -17.13
CA THR A 1379 7.92 21.63 -18.33
C THR A 1379 9.28 22.30 -18.36
N SER A 1380 10.35 21.61 -17.95
CA SER A 1380 11.66 22.26 -17.88
C SER A 1380 12.67 21.59 -18.80
N ARG A 1381 12.23 21.03 -19.92
CA ARG A 1381 13.14 20.50 -20.94
C ARG A 1381 12.68 20.81 -22.36
N GLY A 1382 11.50 21.39 -22.54
CA GLY A 1382 10.99 21.72 -23.85
C GLY A 1382 9.64 21.14 -24.20
N TYR A 1383 9.20 20.10 -23.50
CA TYR A 1383 7.90 19.49 -23.74
C TYR A 1383 7.36 18.92 -22.44
N LEU A 1384 6.08 18.55 -22.48
CA LEU A 1384 5.39 17.99 -21.32
C LEU A 1384 6.02 16.65 -20.96
N MET A 1385 6.42 16.49 -19.70
CA MET A 1385 7.04 15.27 -19.23
C MET A 1385 6.20 14.70 -18.10
N ALA A 1386 5.22 13.86 -18.46
CA ALA A 1386 4.27 13.36 -17.47
C ALA A 1386 4.97 12.45 -16.46
N ILE A 1387 4.32 12.26 -15.32
CA ILE A 1387 4.90 11.45 -14.25
C ILE A 1387 4.28 10.06 -14.27
N THR A 1388 4.92 9.13 -14.98
CA THR A 1388 4.56 7.72 -14.95
C THR A 1388 5.84 6.91 -14.92
N ARG A 1389 6.23 6.42 -16.11
CA ARG A 1389 7.50 5.74 -16.26
C ARG A 1389 8.13 6.04 -17.61
N HIS A 1390 7.31 6.29 -18.63
CA HIS A 1390 7.86 6.64 -19.93
C HIS A 1390 8.51 8.01 -19.93
N GLY A 1391 7.84 9.00 -19.32
CA GLY A 1391 8.37 10.34 -19.28
C GLY A 1391 9.61 10.48 -18.42
N ILE A 1392 9.70 9.67 -17.36
CA ILE A 1392 10.85 9.76 -16.45
C ILE A 1392 12.01 8.93 -16.99
N ASN A 1393 11.77 7.64 -17.25
CA ASN A 1393 12.84 6.73 -17.65
C ASN A 1393 13.76 7.23 -18.75
N ARG A 1394 13.33 8.23 -19.52
CA ARG A 1394 14.04 8.66 -20.72
C ARG A 1394 15.08 9.73 -20.41
N ALA A 1395 15.22 10.09 -19.13
CA ALA A 1395 16.17 11.10 -18.69
C ALA A 1395 17.58 10.53 -18.65
N ASP A 1396 18.52 11.38 -18.23
CA ASP A 1396 19.93 11.03 -18.21
C ASP A 1396 20.46 10.82 -16.80
N THR A 1397 19.61 10.52 -15.83
CA THR A 1397 20.06 10.29 -14.47
C THR A 1397 20.79 8.95 -14.37
N GLY A 1398 21.23 8.64 -13.15
CA GLY A 1398 21.96 7.41 -12.93
C GLY A 1398 21.10 6.18 -13.18
N ALA A 1399 21.77 5.08 -13.51
CA ALA A 1399 21.05 3.84 -13.79
C ALA A 1399 20.42 3.27 -12.53
N LEU A 1400 21.08 3.41 -11.38
CA LEU A 1400 20.51 2.88 -10.14
C LEU A 1400 19.28 3.66 -9.72
N MET A 1401 19.29 4.97 -9.93
CA MET A 1401 18.15 5.79 -9.55
C MET A 1401 16.91 5.43 -10.36
N ARG A 1402 17.11 4.95 -11.58
CA ARG A 1402 15.98 4.60 -12.43
C ARG A 1402 15.58 3.14 -12.27
N CYS A 1403 16.53 2.27 -11.92
CA CYS A 1403 16.19 0.86 -11.71
C CYS A 1403 15.56 0.64 -10.35
N SER A 1404 15.83 1.50 -9.38
CA SER A 1404 15.20 1.39 -8.07
C SER A 1404 13.73 1.78 -8.07
N PHE A 1405 13.16 2.09 -9.24
CA PHE A 1405 11.75 2.49 -9.33
C PHE A 1405 10.93 1.41 -10.02
N GLU A 1406 10.91 1.41 -11.34
CA GLU A 1406 10.15 0.43 -12.11
C GLU A 1406 10.98 0.02 -13.32
N GLU A 1407 10.68 -1.17 -13.84
CA GLU A 1407 11.38 -1.73 -14.99
C GLU A 1407 12.89 -1.76 -14.75
N THR A 1408 13.34 -2.76 -14.00
CA THR A 1408 14.71 -2.76 -13.50
C THR A 1408 15.67 -3.45 -14.47
N VAL A 1409 15.50 -4.75 -14.67
CA VAL A 1409 16.51 -5.56 -15.34
C VAL A 1409 16.75 -5.07 -16.77
N GLU A 1410 15.70 -4.59 -17.45
CA GLU A 1410 15.87 -4.08 -18.79
C GLU A 1410 16.66 -2.78 -18.80
N ILE A 1411 16.48 -1.95 -17.78
CA ILE A 1411 17.28 -0.73 -17.67
C ILE A 1411 18.74 -1.08 -17.38
N LEU A 1412 18.95 -2.08 -16.52
CA LEU A 1412 20.32 -2.50 -16.23
C LEU A 1412 20.97 -3.14 -17.44
N PHE A 1413 20.19 -3.71 -18.36
CA PHE A 1413 20.75 -4.19 -19.61
C PHE A 1413 21.07 -3.02 -20.54
N GLU A 1414 20.13 -2.09 -20.69
CA GLU A 1414 20.36 -0.90 -21.51
C GLU A 1414 21.60 -0.14 -21.07
N ALA A 1415 21.86 -0.09 -19.77
CA ALA A 1415 23.06 0.60 -19.29
C ALA A 1415 24.27 -0.31 -19.34
N GLY A 1416 24.05 -1.63 -19.22
CA GLY A 1416 25.17 -2.56 -19.23
C GLY A 1416 25.84 -2.64 -20.59
N ALA A 1417 25.03 -2.72 -21.65
CA ALA A 1417 25.60 -2.81 -22.99
C ALA A 1417 25.76 -1.46 -23.66
N ALA A 1418 25.92 -0.39 -22.89
CA ALA A 1418 26.12 0.94 -23.43
C ALA A 1418 27.20 1.72 -22.69
N ALA A 1419 27.82 1.10 -21.68
CA ALA A 1419 28.95 1.67 -20.96
C ALA A 1419 28.60 3.03 -20.33
N GLU A 1420 27.35 3.16 -19.90
CA GLU A 1420 26.93 4.40 -19.25
C GLU A 1420 27.59 4.55 -17.90
N LEU A 1421 28.56 5.45 -17.83
CA LEU A 1421 29.24 5.82 -16.58
C LEU A 1421 28.26 6.54 -15.66
N ASP A 1422 27.90 5.89 -14.56
CA ASP A 1422 27.08 6.52 -13.51
C ASP A 1422 28.06 7.16 -12.53
N ASP A 1423 27.65 8.28 -11.94
CA ASP A 1423 28.56 9.09 -11.14
C ASP A 1423 28.28 9.50 -9.71
N CYS A 1424 27.27 8.91 -9.07
CA CYS A 1424 27.09 8.98 -7.59
C CYS A 1424 26.54 10.21 -6.84
N ARG A 1425 25.84 11.09 -7.53
CA ARG A 1425 25.33 12.32 -6.92
C ARG A 1425 23.94 12.39 -6.31
N GLY A 1426 23.02 11.53 -6.75
CA GLY A 1426 21.69 11.52 -6.17
C GLY A 1426 21.69 10.92 -4.78
N VAL A 1427 20.49 10.88 -4.19
CA VAL A 1427 20.36 10.33 -2.85
C VAL A 1427 20.25 8.81 -2.91
N SER A 1428 19.51 8.30 -3.90
CA SER A 1428 19.27 6.86 -3.99
C SER A 1428 20.58 6.08 -4.10
N GLU A 1429 21.48 6.50 -4.99
CA GLU A 1429 22.76 5.81 -5.14
C GLU A 1429 23.55 5.81 -3.85
N ASN A 1430 23.76 6.99 -3.26
CA ASN A 1430 24.62 7.08 -2.09
C ASN A 1430 23.97 6.48 -0.85
N VAL A 1431 22.68 6.17 -0.91
CA VAL A 1431 22.02 5.50 0.21
C VAL A 1431 22.08 3.99 0.04
N MET A 1432 21.86 3.51 -1.19
CA MET A 1432 21.85 2.06 -1.41
C MET A 1432 23.26 1.48 -1.46
N LEU A 1433 24.29 2.28 -1.18
CA LEU A 1433 25.63 1.78 -0.90
C LEU A 1433 26.09 2.11 0.51
N GLY A 1434 25.27 2.82 1.28
CA GLY A 1434 25.60 3.09 2.67
C GLY A 1434 26.61 4.20 2.86
N GLN A 1435 26.28 5.42 2.41
CA GLN A 1435 27.17 6.56 2.54
C GLN A 1435 26.37 7.80 2.91
N LEU A 1436 27.09 8.85 3.27
CA LEU A 1436 26.47 10.11 3.67
C LEU A 1436 25.87 10.82 2.46
N ALA A 1437 24.53 10.78 2.36
CA ALA A 1437 23.85 11.37 1.22
C ALA A 1437 23.91 12.90 1.29
N PRO A 1438 24.37 13.56 0.22
CA PRO A 1438 24.48 15.02 0.26
C PRO A 1438 23.13 15.72 0.33
N MET A 1439 22.63 15.94 1.55
CA MET A 1439 21.33 16.57 1.75
C MET A 1439 21.22 17.07 3.19
N GLY A 1440 20.91 18.35 3.34
CA GLY A 1440 20.86 18.96 4.65
C GLY A 1440 22.17 18.84 5.41
N THR A 1441 22.16 18.07 6.50
CA THR A 1441 23.39 17.78 7.21
C THR A 1441 24.66 17.67 6.38
N GLY A 1442 24.60 17.00 5.23
CA GLY A 1442 25.76 16.63 4.43
C GLY A 1442 26.40 17.41 3.32
N ALA A 1443 26.04 18.68 3.13
CA ALA A 1443 26.49 19.47 2.00
C ALA A 1443 27.78 20.23 2.26
N PHE A 1444 28.39 20.04 3.42
CA PHE A 1444 29.65 20.69 3.73
C PHE A 1444 30.53 19.71 4.49
N ASP A 1445 31.70 20.18 4.90
CA ASP A 1445 32.63 19.39 5.69
C ASP A 1445 33.06 20.18 6.93
N VAL A 1446 33.66 19.47 7.87
CA VAL A 1446 34.16 20.05 9.10
C VAL A 1446 35.65 19.76 9.18
N MET A 1447 36.46 20.71 8.72
CA MET A 1447 37.90 20.63 8.83
C MET A 1447 38.32 20.94 10.27
N ILE A 1448 39.23 20.12 10.78
CA ILE A 1448 39.84 20.38 12.08
C ILE A 1448 40.69 21.64 11.97
N ASP A 1449 40.66 22.46 13.01
CA ASP A 1449 41.21 23.82 12.94
C ASP A 1449 42.68 23.78 13.37
N GLU A 1450 43.32 24.95 13.30
CA GLU A 1450 44.69 25.08 13.77
C GLU A 1450 44.96 26.49 14.29
N LYS A 1451 44.42 27.50 13.62
CA LYS A 1451 44.58 28.88 14.07
C LYS A 1451 43.99 29.05 15.48
N LEU A 1452 42.85 28.43 15.75
CA LEU A 1452 42.29 28.48 17.08
C LEU A 1452 42.90 27.41 17.99
N LEU A 1453 43.60 26.42 17.42
CA LEU A 1453 44.45 25.57 18.25
C LEU A 1453 45.63 26.34 18.81
N THR A 1454 46.05 27.40 18.13
CA THR A 1454 47.04 28.30 18.71
C THR A 1454 46.46 29.18 19.81
N SER A 1455 45.43 28.69 20.51
CA SER A 1455 44.84 29.39 21.64
C SER A 1455 44.80 28.52 22.90
N LEU A 1456 44.97 27.21 22.76
CA LEU A 1456 45.05 26.31 23.90
C LEU A 1456 46.29 26.60 24.73
N PRO A 1457 46.27 26.25 26.01
CA PRO A 1457 47.51 26.25 26.79
C PRO A 1457 48.50 25.25 26.22
N ALA A 1458 49.77 25.63 26.24
CA ALA A 1458 50.82 24.84 25.59
C ALA A 1458 51.02 23.47 26.21
N ASP A 1459 50.38 23.18 27.34
CA ASP A 1459 50.57 21.90 28.02
C ASP A 1459 49.80 20.75 27.39
N TYR A 1460 48.60 20.99 26.87
CA TYR A 1460 47.80 19.93 26.26
C TYR A 1460 48.42 19.30 25.02
N ALA A 1461 49.69 19.70 24.70
CA ALA A 1461 50.31 19.48 23.39
C ALA A 1461 50.28 18.04 22.86
N PRO A 1462 50.35 17.88 21.55
CA PRO A 1462 50.51 16.54 20.98
C PRO A 1462 51.97 16.10 21.07
N THR A 1463 52.29 15.37 22.14
CA THR A 1463 53.66 14.97 22.43
C THR A 1463 54.34 14.25 21.25
N ASP B 9 -63.23 -17.09 13.60
CA ASP B 9 -61.85 -17.12 14.02
C ASP B 9 -61.36 -15.75 14.51
N ASP B 10 -60.26 -15.29 13.94
CA ASP B 10 -59.65 -14.03 14.37
C ASP B 10 -58.60 -13.63 13.32
N THR B 11 -58.02 -12.46 13.52
CA THR B 11 -56.90 -12.01 12.71
C THR B 11 -55.60 -12.56 13.28
N ILE B 12 -54.55 -12.55 12.46
CA ILE B 12 -53.24 -12.96 12.94
C ILE B 12 -52.54 -11.77 13.58
N THR B 13 -52.08 -11.95 14.81
CA THR B 13 -51.42 -10.90 15.57
C THR B 13 -49.91 -10.94 15.32
N THR B 14 -49.18 -11.26 16.38
CA THR B 14 -47.74 -11.43 16.27
C THR B 14 -47.30 -12.72 16.96
N GLU B 15 -47.83 -12.97 18.16
CA GLU B 15 -47.64 -14.24 18.85
C GLU B 15 -47.90 -15.42 17.91
N ASP B 16 -48.95 -15.32 17.09
CA ASP B 16 -49.28 -16.38 16.16
C ASP B 16 -48.17 -16.56 15.11
N CYS B 17 -47.69 -15.45 14.55
CA CYS B 17 -46.60 -15.53 13.60
C CYS B 17 -45.37 -16.19 14.22
N TRP B 18 -45.05 -15.84 15.47
CA TRP B 18 -43.90 -16.48 16.11
C TRP B 18 -44.16 -17.94 16.41
N THR B 19 -45.42 -18.34 16.55
CA THR B 19 -45.74 -19.76 16.66
C THR B 19 -45.47 -20.49 15.35
N VAL B 20 -45.90 -19.90 14.23
CA VAL B 20 -45.65 -20.50 12.93
C VAL B 20 -44.14 -20.61 12.68
N ILE B 21 -43.42 -19.53 12.92
CA ILE B 21 -41.97 -19.54 12.74
C ILE B 21 -41.33 -20.58 13.66
N SER B 22 -41.89 -20.73 14.87
CA SER B 22 -41.48 -21.82 15.75
C SER B 22 -41.62 -23.17 15.08
N ALA B 23 -42.76 -23.41 14.40
CA ALA B 23 -42.92 -24.67 13.68
C ALA B 23 -41.87 -24.83 12.60
N PHE B 24 -41.55 -23.75 11.88
CA PHE B 24 -40.51 -23.79 10.86
C PHE B 24 -39.18 -24.24 11.45
N PHE B 25 -38.65 -23.46 12.39
CA PHE B 25 -37.36 -23.81 12.98
C PHE B 25 -37.40 -25.12 13.75
N GLU B 26 -38.59 -25.65 14.02
CA GLU B 26 -38.67 -26.98 14.62
C GLU B 26 -38.48 -28.06 13.57
N GLU B 27 -39.14 -27.93 12.41
CA GLU B 27 -38.95 -28.97 11.39
C GLU B 27 -37.57 -28.89 10.75
N LYS B 28 -37.18 -27.72 10.24
CA LYS B 28 -35.93 -27.63 9.48
C LYS B 28 -34.71 -27.37 10.34
N GLY B 29 -34.46 -26.13 10.74
CA GLY B 29 -33.25 -25.89 11.49
C GLY B 29 -32.32 -24.94 10.74
N LEU B 30 -31.09 -24.86 11.22
CA LEU B 30 -30.13 -23.88 10.74
C LEU B 30 -29.15 -24.43 9.72
N VAL B 31 -29.12 -25.74 9.49
CA VAL B 31 -28.25 -26.35 8.50
C VAL B 31 -28.99 -27.42 7.69
N SER B 32 -29.91 -27.00 6.81
CA SER B 32 -30.66 -27.98 6.03
C SER B 32 -30.10 -28.14 4.62
N GLN B 33 -29.64 -27.04 4.00
CA GLN B 33 -29.18 -27.10 2.62
C GLN B 33 -27.84 -27.80 2.49
N GLN B 34 -27.15 -28.06 3.60
CA GLN B 34 -25.95 -28.89 3.54
C GLN B 34 -26.32 -30.37 3.63
N LEU B 35 -27.11 -30.74 4.65
CA LEU B 35 -27.44 -32.14 4.89
C LEU B 35 -28.30 -32.70 3.77
N ASP B 36 -29.30 -31.94 3.31
CA ASP B 36 -30.15 -32.40 2.22
C ASP B 36 -29.34 -32.62 0.95
N SER B 37 -28.46 -31.67 0.61
CA SER B 37 -27.67 -31.79 -0.62
C SER B 37 -26.73 -32.98 -0.55
N PHE B 38 -26.09 -33.19 0.61
CA PHE B 38 -25.21 -34.35 0.74
C PHE B 38 -25.99 -35.64 0.64
N ASP B 39 -27.21 -35.68 1.19
CA ASP B 39 -28.06 -36.86 1.03
C ASP B 39 -28.36 -37.13 -0.43
N GLU B 40 -28.71 -36.07 -1.19
CA GLU B 40 -28.94 -36.23 -2.62
C GLU B 40 -27.68 -36.72 -3.33
N PHE B 41 -26.50 -36.30 -2.87
CA PHE B 41 -25.28 -36.80 -3.49
C PHE B 41 -25.08 -38.28 -3.24
N MET B 42 -25.16 -38.71 -1.98
CA MET B 42 -24.82 -40.10 -1.66
C MET B 42 -25.85 -41.08 -2.16
N GLU B 43 -27.14 -40.72 -2.14
CA GLU B 43 -28.17 -41.71 -2.43
C GLU B 43 -28.29 -42.00 -3.92
N THR B 44 -27.92 -41.05 -4.78
CA THR B 44 -28.27 -41.26 -6.18
C THR B 44 -27.18 -40.85 -7.15
N SER B 45 -26.52 -39.72 -6.94
CA SER B 45 -25.64 -39.15 -7.97
C SER B 45 -24.51 -40.11 -8.33
N ILE B 46 -24.05 -40.92 -7.38
CA ILE B 46 -22.97 -41.86 -7.69
C ILE B 46 -23.43 -42.88 -8.72
N GLN B 47 -24.69 -43.32 -8.60
CA GLN B 47 -25.22 -44.33 -9.52
C GLN B 47 -25.24 -43.80 -10.95
N ASP B 48 -25.67 -42.56 -11.14
CA ASP B 48 -25.71 -42.00 -12.49
C ASP B 48 -24.33 -41.62 -12.98
N LEU B 49 -23.40 -41.30 -12.07
CA LEU B 49 -22.02 -41.13 -12.47
C LEU B 49 -21.40 -42.45 -12.93
N VAL B 50 -21.95 -43.57 -12.45
CA VAL B 50 -21.50 -44.87 -12.94
C VAL B 50 -22.15 -45.18 -14.28
N TRP B 51 -23.47 -45.08 -14.37
CA TRP B 51 -24.19 -45.39 -15.60
C TRP B 51 -24.02 -44.33 -16.68
N GLU B 52 -23.23 -43.28 -16.42
CA GLU B 52 -22.89 -42.35 -17.49
C GLU B 52 -22.07 -43.05 -18.57
N GLU B 53 -21.17 -43.94 -18.17
CA GLU B 53 -20.45 -44.82 -19.09
C GLU B 53 -20.68 -46.25 -18.62
N PRO B 54 -21.61 -46.96 -19.26
CA PRO B 54 -22.05 -48.26 -18.72
C PRO B 54 -21.04 -49.38 -18.85
N ARG B 55 -20.31 -49.47 -19.96
CA ARG B 55 -19.49 -50.65 -20.21
C ARG B 55 -18.12 -50.28 -20.77
N LEU B 56 -17.20 -51.25 -20.75
CA LEU B 56 -15.91 -51.14 -21.42
C LEU B 56 -15.78 -52.24 -22.46
N ILE B 57 -15.09 -51.97 -23.56
CA ILE B 57 -14.99 -52.91 -24.67
C ILE B 57 -13.58 -52.91 -25.22
N LEU B 58 -12.93 -54.07 -25.20
CA LEU B 58 -11.72 -54.34 -25.96
C LEU B 58 -12.09 -55.15 -27.19
N ASP B 59 -11.08 -55.46 -28.01
CA ASP B 59 -11.32 -56.24 -29.21
C ASP B 59 -10.00 -56.83 -29.71
N GLN B 60 -10.10 -57.97 -30.40
CA GLN B 60 -8.93 -58.63 -30.97
C GLN B 60 -9.31 -59.22 -32.31
N PRO B 61 -8.75 -58.67 -33.38
CA PRO B 61 -9.04 -59.16 -34.74
C PRO B 61 -8.70 -60.47 -35.46
N ALA B 62 -7.45 -60.92 -35.33
CA ALA B 62 -7.02 -62.15 -35.97
C ALA B 62 -5.51 -62.13 -36.18
N GLN B 63 -5.03 -62.98 -37.09
CA GLN B 63 -3.61 -63.10 -37.40
C GLN B 63 -2.74 -63.22 -36.16
N HIS B 64 -2.92 -64.32 -35.44
CA HIS B 64 -2.15 -64.57 -34.22
C HIS B 64 -1.29 -65.82 -34.36
N THR B 65 -0.41 -65.81 -35.36
CA THR B 65 0.49 -66.93 -35.63
C THR B 65 -0.24 -68.26 -35.69
N ASN B 66 -1.22 -68.36 -36.57
CA ASN B 66 -2.00 -69.58 -36.73
C ASN B 66 -2.16 -69.99 -38.20
N GLU B 67 -3.02 -70.97 -38.45
CA GLU B 67 -3.26 -71.45 -39.79
C GLU B 67 -4.47 -70.75 -40.42
N LYS B 68 -4.35 -69.43 -40.59
CA LYS B 68 -5.41 -68.61 -41.18
C LYS B 68 -6.77 -68.88 -40.53
N ASP B 69 -6.88 -68.54 -39.26
CA ASP B 69 -8.13 -68.74 -38.53
C ASP B 69 -8.44 -67.55 -37.63
N ASN B 70 -9.34 -66.69 -38.09
CA ASN B 70 -9.72 -65.50 -37.33
C ASN B 70 -10.53 -65.86 -36.09
N ILE B 71 -10.50 -64.96 -35.09
CA ILE B 71 -11.23 -65.18 -33.84
C ILE B 71 -11.38 -63.73 -33.44
N ASN B 72 -12.58 -63.19 -33.63
CA ASN B 72 -12.87 -61.81 -33.27
C ASN B 72 -13.24 -61.98 -31.81
N LYS B 73 -12.40 -61.46 -30.92
CA LYS B 73 -12.58 -61.57 -29.47
C LYS B 73 -12.71 -60.16 -28.90
N ARG B 74 -13.86 -59.88 -28.27
CA ARG B 74 -14.03 -58.63 -27.54
C ARG B 74 -14.07 -58.91 -26.05
N TYR B 75 -13.54 -57.97 -25.27
CA TYR B 75 -13.53 -58.04 -23.82
C TYR B 75 -14.43 -56.94 -23.26
N GLU B 76 -15.59 -57.31 -22.74
CA GLU B 76 -16.57 -56.32 -22.31
C GLU B 76 -16.79 -56.40 -20.80
N ILE B 77 -16.85 -55.24 -20.15
CA ILE B 77 -17.05 -55.16 -18.71
C ILE B 77 -18.27 -54.28 -18.41
N ARG B 78 -19.14 -54.74 -17.52
CA ARG B 78 -20.37 -54.06 -17.19
C ARG B 78 -20.42 -53.66 -15.72
N PHE B 79 -21.12 -52.58 -15.40
CA PHE B 79 -21.27 -52.11 -14.03
C PHE B 79 -22.54 -51.69 -13.29
N GLY B 80 -23.16 -52.64 -12.59
CA GLY B 80 -24.45 -52.34 -12.00
C GLY B 80 -24.98 -51.65 -10.73
N LYS B 81 -24.36 -51.90 -9.61
CA LYS B 81 -24.96 -51.89 -8.28
C LYS B 81 -23.88 -51.27 -7.34
N ILE B 82 -24.34 -50.38 -6.45
CA ILE B 82 -23.49 -49.73 -5.46
C ILE B 82 -23.75 -50.34 -4.09
N TYR B 83 -22.73 -50.37 -3.24
CA TYR B 83 -22.85 -50.82 -1.86
C TYR B 83 -22.10 -49.86 -0.94
N LEU B 84 -22.86 -49.21 -0.06
CA LEU B 84 -22.34 -48.24 0.89
C LEU B 84 -22.49 -48.78 2.31
N SER B 85 -21.37 -48.88 3.01
CA SER B 85 -21.34 -49.36 4.38
C SER B 85 -20.97 -48.22 5.32
N ARG B 86 -21.46 -48.30 6.55
CA ARG B 86 -21.16 -47.29 7.56
C ARG B 86 -19.66 -47.23 7.82
N PRO B 87 -19.15 -46.11 8.32
CA PRO B 87 -17.69 -45.97 8.49
C PRO B 87 -17.13 -47.04 9.41
N THR B 88 -15.92 -47.51 9.07
CA THR B 88 -15.28 -48.61 9.77
C THR B 88 -13.78 -48.38 9.87
N MET B 89 -13.22 -48.65 11.03
CA MET B 89 -11.78 -48.55 11.27
C MET B 89 -11.13 -49.91 11.04
N THR B 90 -10.08 -49.92 10.21
CA THR B 90 -9.26 -51.10 9.98
C THR B 90 -7.95 -50.91 10.75
N GLU B 91 -7.81 -51.64 11.85
CA GLU B 91 -6.66 -51.46 12.72
C GLU B 91 -5.37 -51.87 12.03
N ALA B 92 -4.25 -51.42 12.61
CA ALA B 92 -2.94 -51.82 12.12
C ALA B 92 -2.67 -53.29 12.46
N ASP B 93 -3.25 -53.76 13.56
CA ASP B 93 -3.15 -55.18 13.91
C ASP B 93 -3.82 -56.04 12.84
N GLY B 94 -4.87 -55.51 12.22
CA GLY B 94 -5.64 -56.21 11.21
C GLY B 94 -7.12 -56.27 11.50
N THR B 95 -7.52 -56.06 12.76
CA THR B 95 -8.94 -56.10 13.10
C THR B 95 -9.66 -54.87 12.59
N THR B 96 -10.99 -54.95 12.54
CA THR B 96 -11.83 -53.84 12.13
C THR B 96 -12.99 -53.70 13.11
N HIS B 97 -13.38 -52.46 13.35
CA HIS B 97 -14.52 -52.20 14.24
C HIS B 97 -15.14 -50.85 13.89
N ALA B 98 -16.32 -50.61 14.46
CA ALA B 98 -17.08 -49.41 14.14
C ALA B 98 -16.34 -48.16 14.61
N MET B 99 -16.59 -47.04 13.95
CA MET B 99 -15.97 -45.76 14.27
C MET B 99 -17.06 -44.74 14.62
N PHE B 100 -16.72 -43.80 15.49
CA PHE B 100 -17.51 -42.67 15.92
C PHE B 100 -16.65 -41.41 15.90
N PRO B 101 -17.23 -40.25 15.58
CA PRO B 101 -16.40 -39.07 15.27
C PRO B 101 -15.45 -38.66 16.38
N GLN B 102 -15.72 -39.02 17.64
CA GLN B 102 -14.83 -38.60 18.73
C GLN B 102 -13.42 -39.16 18.54
N GLU B 103 -13.31 -40.48 18.45
CA GLU B 103 -11.99 -41.08 18.21
C GLU B 103 -11.45 -40.68 16.85
N ALA B 104 -12.34 -40.38 15.90
CA ALA B 104 -11.89 -39.89 14.60
C ALA B 104 -11.15 -38.56 14.75
N ARG B 105 -11.58 -37.73 15.69
CA ARG B 105 -10.88 -36.47 15.94
C ARG B 105 -9.62 -36.70 16.76
N LEU B 106 -9.72 -37.55 17.78
CA LEU B 106 -8.63 -37.66 18.76
C LEU B 106 -7.35 -38.20 18.12
N ARG B 107 -7.44 -39.38 17.50
CA ARG B 107 -6.25 -40.05 16.97
C ARG B 107 -5.79 -39.47 15.64
N ASN B 108 -6.22 -38.26 15.30
CA ASN B 108 -6.00 -37.67 13.97
C ASN B 108 -6.29 -38.69 12.86
N LEU B 109 -7.56 -39.02 12.72
CA LEU B 109 -8.02 -39.95 11.70
C LEU B 109 -8.98 -39.24 10.74
N THR B 110 -9.27 -39.92 9.64
CA THR B 110 -10.29 -39.49 8.68
C THR B 110 -11.56 -40.25 9.01
N TYR B 111 -12.68 -39.83 8.43
CA TYR B 111 -13.98 -40.42 8.72
C TYR B 111 -14.68 -40.69 7.40
N SER B 112 -14.53 -41.90 6.88
CA SER B 112 -14.99 -42.23 5.54
C SER B 112 -15.67 -43.59 5.54
N SER B 113 -16.31 -43.91 4.41
CA SER B 113 -17.06 -45.15 4.20
C SER B 113 -16.53 -45.87 2.98
N PRO B 114 -16.37 -47.19 3.05
CA PRO B 114 -15.97 -47.95 1.86
C PRO B 114 -17.08 -47.94 0.82
N VAL B 115 -16.71 -48.09 -0.44
CA VAL B 115 -17.65 -48.12 -1.55
C VAL B 115 -17.40 -49.37 -2.38
N TYR B 116 -18.41 -50.22 -2.49
CA TYR B 116 -18.32 -51.43 -3.29
C TYR B 116 -19.09 -51.25 -4.59
N LEU B 117 -18.52 -51.75 -5.67
CA LEU B 117 -19.11 -51.67 -7.01
C LEU B 117 -18.99 -53.02 -7.68
N ASP B 118 -20.09 -53.49 -8.28
CA ASP B 118 -20.11 -54.79 -8.90
C ASP B 118 -19.63 -54.71 -10.35
N MET B 119 -18.98 -55.78 -10.81
CA MET B 119 -18.46 -55.88 -12.16
C MET B 119 -18.94 -57.18 -12.80
N GLU B 120 -18.77 -57.25 -14.13
CA GLU B 120 -19.16 -58.43 -14.89
C GLU B 120 -18.51 -58.34 -16.26
N LYS B 121 -18.03 -59.49 -16.75
CA LYS B 121 -17.28 -59.54 -17.99
C LYS B 121 -18.00 -60.45 -18.99
N SER B 122 -17.68 -60.26 -20.27
CA SER B 122 -18.23 -61.07 -21.36
C SER B 122 -17.24 -61.08 -22.52
N MET B 123 -17.30 -62.17 -23.32
CA MET B 123 -16.35 -62.45 -24.39
C MET B 123 -17.09 -62.55 -25.73
N PHE B 124 -16.74 -61.68 -26.67
CA PHE B 124 -17.24 -61.80 -28.03
C PHE B 124 -16.26 -62.61 -28.86
N THR B 125 -16.79 -63.46 -29.75
CA THR B 125 -15.97 -64.26 -30.65
C THR B 125 -16.64 -64.30 -32.01
N SER B 126 -15.85 -64.47 -33.07
CA SER B 126 -16.36 -64.79 -34.41
C SER B 126 -15.19 -64.93 -35.37
N ILE B 127 -14.98 -66.15 -35.88
CA ILE B 127 -13.88 -66.42 -36.82
C ILE B 127 -14.41 -66.15 -38.23
N ASP B 128 -13.90 -65.08 -38.83
CA ASP B 128 -14.20 -64.71 -40.22
C ASP B 128 -13.33 -63.55 -40.68
N GLY B 153 -13.86 -60.67 -10.10
CA GLY B 153 -15.31 -60.65 -10.13
C GLY B 153 -15.93 -60.28 -8.80
N ASN B 154 -17.17 -59.79 -8.85
CA ASN B 154 -17.97 -59.43 -7.68
C ASN B 154 -17.35 -58.23 -6.94
N LYS B 155 -18.10 -57.67 -5.99
CA LYS B 155 -17.77 -56.47 -5.23
C LYS B 155 -16.29 -56.10 -5.22
N VAL B 156 -15.93 -55.07 -5.97
CA VAL B 156 -14.54 -54.59 -5.99
C VAL B 156 -14.47 -53.27 -5.22
N HIS B 157 -13.69 -53.26 -4.14
CA HIS B 157 -13.53 -52.06 -3.33
C HIS B 157 -12.84 -50.97 -4.14
N ILE B 158 -13.59 -49.93 -4.49
CA ILE B 158 -13.07 -48.86 -5.35
C ILE B 158 -12.69 -47.60 -4.58
N GLY B 159 -12.68 -47.65 -3.25
CA GLY B 159 -12.21 -46.51 -2.48
C GLY B 159 -13.16 -46.18 -1.35
N LYS B 160 -12.82 -45.10 -0.64
CA LYS B 160 -13.56 -44.63 0.51
C LYS B 160 -13.99 -43.19 0.27
N VAL B 161 -15.12 -42.81 0.85
CA VAL B 161 -15.69 -41.46 0.65
C VAL B 161 -15.89 -40.84 2.02
N PRO B 162 -15.41 -39.61 2.26
CA PRO B 162 -15.64 -38.96 3.56
C PRO B 162 -17.12 -38.74 3.80
N ILE B 163 -17.54 -38.86 5.06
CA ILE B 163 -18.94 -38.74 5.44
C ILE B 163 -19.14 -37.44 6.20
N MET B 164 -20.23 -36.74 5.89
CA MET B 164 -20.62 -35.55 6.64
C MET B 164 -21.36 -35.96 7.91
N LEU B 165 -21.10 -35.24 8.99
CA LEU B 165 -21.77 -35.54 10.25
C LEU B 165 -23.24 -35.18 10.20
N ARG B 166 -24.07 -36.02 10.80
CA ARG B 166 -25.51 -35.85 10.97
C ARG B 166 -26.27 -35.87 9.65
N SER B 167 -26.07 -36.87 8.80
CA SER B 167 -26.74 -36.89 7.51
C SER B 167 -27.10 -38.34 7.85
N LYS B 168 -28.07 -38.88 7.12
CA LYS B 168 -28.52 -40.26 7.30
C LYS B 168 -27.40 -41.28 7.43
N PHE B 169 -26.47 -41.31 6.49
CA PHE B 169 -25.37 -42.27 6.50
C PHE B 169 -24.34 -41.98 7.59
N CYS B 170 -24.80 -41.74 8.82
CA CYS B 170 -23.92 -41.43 9.93
C CYS B 170 -24.36 -42.19 11.18
N SER B 171 -23.42 -42.44 12.09
CA SER B 171 -23.74 -43.11 13.33
C SER B 171 -24.28 -42.18 14.40
N LEU B 172 -24.84 -41.02 14.01
CA LEU B 172 -25.38 -40.08 14.97
C LEU B 172 -26.78 -39.59 14.63
N ARG B 173 -27.30 -39.94 13.45
CA ARG B 173 -28.68 -39.59 13.11
C ARG B 173 -29.67 -40.24 14.07
N THR B 174 -29.29 -41.36 14.69
CA THR B 174 -30.18 -42.06 15.62
C THR B 174 -29.76 -41.81 17.07
N LEU B 175 -29.74 -42.87 17.87
CA LEU B 175 -29.21 -42.86 19.24
C LEU B 175 -30.01 -42.00 20.20
N ASP B 176 -30.13 -40.69 19.91
CA ASP B 176 -30.74 -39.69 20.78
C ASP B 176 -29.87 -39.39 22.00
N GLU B 177 -30.38 -38.57 22.92
CA GLU B 177 -29.56 -37.87 23.90
C GLU B 177 -28.69 -38.78 24.76
N VAL B 178 -29.29 -39.52 25.70
CA VAL B 178 -28.52 -40.24 26.72
C VAL B 178 -27.28 -40.88 26.13
N ASP B 179 -27.43 -41.56 25.00
CA ASP B 179 -26.27 -42.14 24.33
C ASP B 179 -25.41 -41.10 23.65
N LEU B 180 -25.98 -40.00 23.13
CA LEU B 180 -25.15 -38.90 22.65
C LEU B 180 -24.23 -38.39 23.75
N TYR B 181 -24.74 -38.32 24.98
CA TYR B 181 -23.90 -37.97 26.12
C TYR B 181 -22.84 -39.03 26.38
N LYS B 182 -23.23 -40.31 26.31
CA LYS B 182 -22.22 -41.35 26.48
C LYS B 182 -21.20 -41.36 25.35
N MET B 183 -21.56 -40.87 24.17
CA MET B 183 -20.63 -40.86 23.05
C MET B 183 -19.79 -39.59 22.98
N LYS B 184 -19.79 -38.80 24.06
CA LYS B 184 -18.93 -37.62 24.18
C LYS B 184 -19.21 -36.59 23.08
N GLU B 185 -20.49 -36.36 22.79
CA GLU B 185 -20.90 -35.40 21.77
C GLU B 185 -21.94 -34.46 22.33
N CYS B 186 -21.81 -33.16 22.01
CA CYS B 186 -22.70 -32.15 22.56
C CYS B 186 -24.01 -32.10 21.76
N PRO B 187 -25.16 -31.99 22.43
CA PRO B 187 -26.43 -31.88 21.69
C PRO B 187 -26.69 -30.49 21.13
N TYR B 188 -25.75 -29.56 21.27
CA TYR B 188 -25.91 -28.25 20.66
C TYR B 188 -25.14 -28.12 19.35
N ASP B 189 -24.20 -29.02 19.08
CA ASP B 189 -23.54 -29.07 17.79
C ASP B 189 -24.57 -29.54 16.76
N MET B 190 -24.59 -28.89 15.60
CA MET B 190 -25.63 -29.13 14.60
C MET B 190 -25.10 -29.87 13.37
N GLY B 191 -23.81 -30.15 13.31
CA GLY B 191 -23.29 -30.88 12.16
C GLY B 191 -23.15 -29.99 10.95
N GLY B 192 -22.90 -30.62 9.81
CA GLY B 192 -22.72 -29.89 8.56
C GLY B 192 -21.29 -29.71 8.12
N TYR B 193 -20.32 -30.22 8.88
CA TYR B 193 -18.92 -30.06 8.54
C TYR B 193 -18.27 -31.42 8.39
N PHE B 194 -17.34 -31.51 7.44
CA PHE B 194 -16.52 -32.70 7.24
C PHE B 194 -15.44 -32.79 8.32
N VAL B 195 -14.79 -33.94 8.37
CA VAL B 195 -13.68 -34.19 9.27
C VAL B 195 -12.58 -34.89 8.47
N ILE B 196 -11.44 -34.22 8.31
CA ILE B 196 -10.31 -34.78 7.55
C ILE B 196 -9.06 -34.69 8.41
N ASN B 197 -8.39 -35.82 8.58
CA ASN B 197 -7.09 -35.89 9.27
C ASN B 197 -7.18 -35.25 10.65
N GLY B 198 -8.23 -35.59 11.39
CA GLY B 198 -8.47 -35.02 12.70
C GLY B 198 -8.76 -33.53 12.70
N SER B 199 -9.38 -33.01 11.65
CA SER B 199 -9.73 -31.59 11.58
C SER B 199 -11.15 -31.42 11.06
N GLU B 200 -11.68 -30.22 11.21
CA GLU B 200 -13.06 -29.92 10.82
C GLU B 200 -13.05 -28.99 9.62
N LYS B 201 -13.59 -29.48 8.50
CA LYS B 201 -13.59 -28.74 7.24
C LYS B 201 -15.02 -28.32 6.90
N VAL B 202 -15.14 -27.26 6.12
CA VAL B 202 -16.43 -26.72 5.70
C VAL B 202 -16.36 -26.40 4.21
N LEU B 203 -17.45 -26.65 3.50
CA LEU B 203 -17.54 -26.37 2.08
C LEU B 203 -18.28 -25.05 1.86
N ILE B 204 -17.53 -24.01 1.52
CA ILE B 204 -18.10 -22.70 1.21
C ILE B 204 -19.03 -22.86 0.03
N ALA B 205 -20.32 -22.57 0.25
CA ALA B 205 -21.31 -22.66 -0.81
C ALA B 205 -20.57 -21.80 -1.83
N GLN B 206 -20.32 -22.39 -3.01
CA GLN B 206 -19.75 -21.69 -4.15
C GLN B 206 -20.90 -21.12 -4.97
N GLU B 207 -20.59 -20.30 -5.96
CA GLU B 207 -21.61 -19.66 -6.79
C GLU B 207 -21.15 -19.59 -8.23
N ARG B 208 -22.11 -19.66 -9.15
CA ARG B 208 -21.86 -19.54 -10.59
C ARG B 208 -23.01 -18.77 -11.22
N SER B 209 -22.97 -18.68 -12.55
CA SER B 209 -24.03 -18.02 -13.30
C SER B 209 -25.02 -19.05 -13.81
N ALA B 210 -26.24 -18.59 -14.07
CA ALA B 210 -27.28 -19.49 -14.57
C ALA B 210 -26.99 -19.87 -16.02
N ALA B 211 -27.36 -21.10 -16.37
CA ALA B 211 -27.14 -21.59 -17.71
C ALA B 211 -28.45 -21.88 -18.42
N ASN B 212 -28.37 -21.93 -19.75
CA ASN B 212 -29.48 -22.35 -20.62
C ASN B 212 -30.64 -21.34 -20.62
N ILE B 213 -30.31 -20.05 -20.51
CA ILE B 213 -31.24 -18.98 -20.81
C ILE B 213 -30.63 -18.15 -21.93
N VAL B 214 -31.26 -17.02 -22.24
CA VAL B 214 -30.78 -16.14 -23.30
C VAL B 214 -30.53 -14.72 -22.76
N GLN B 215 -29.29 -14.28 -22.84
CA GLN B 215 -28.92 -12.95 -22.37
C GLN B 215 -28.43 -12.07 -23.52
N VAL B 216 -28.77 -10.79 -23.46
CA VAL B 216 -28.35 -9.84 -24.49
C VAL B 216 -27.67 -8.62 -23.88
N PHE B 217 -26.35 -8.57 -24.00
CA PHE B 217 -25.57 -7.46 -23.45
C PHE B 217 -25.08 -6.53 -24.55
N LYS B 218 -24.51 -5.40 -24.16
CA LYS B 218 -24.01 -4.42 -25.12
C LYS B 218 -22.51 -4.20 -24.93
N LYS B 219 -21.95 -3.27 -25.70
CA LYS B 219 -20.53 -2.96 -25.63
C LYS B 219 -20.31 -1.50 -25.25
N ALA B 220 -19.05 -1.07 -25.28
CA ALA B 220 -18.70 0.30 -24.95
C ALA B 220 -18.63 0.67 -26.42
N ALA B 221 -18.27 1.92 -26.71
CA ALA B 221 -18.17 2.40 -28.08
C ALA B 221 -16.99 2.43 -29.05
N PRO B 222 -15.72 2.19 -28.62
CA PRO B 222 -14.63 2.14 -29.61
C PRO B 222 -14.53 0.70 -30.10
N SER B 223 -15.65 0.13 -30.52
CA SER B 223 -15.69 -1.27 -30.96
C SER B 223 -16.62 -1.41 -32.15
N PRO B 224 -16.27 -2.29 -33.10
CA PRO B 224 -17.16 -2.50 -34.27
C PRO B 224 -18.38 -3.34 -33.95
N ILE B 225 -18.72 -3.55 -32.68
CA ILE B 225 -19.85 -4.38 -32.30
C ILE B 225 -20.74 -3.60 -31.33
N SER B 226 -22.03 -3.56 -31.61
CA SER B 226 -22.97 -2.79 -30.82
C SER B 226 -23.88 -3.62 -29.93
N HIS B 227 -24.23 -4.83 -30.33
CA HIS B 227 -25.11 -5.69 -29.54
C HIS B 227 -24.68 -7.14 -29.70
N VAL B 228 -24.75 -7.88 -28.59
CA VAL B 228 -24.30 -9.27 -28.54
C VAL B 228 -25.34 -10.12 -27.82
N ALA B 229 -25.67 -11.27 -28.40
CA ALA B 229 -26.48 -12.28 -27.73
C ALA B 229 -25.59 -13.46 -27.37
N GLU B 230 -25.72 -13.94 -26.14
CA GLU B 230 -24.82 -14.97 -25.63
C GLU B 230 -25.63 -16.09 -24.99
N ILE B 231 -25.08 -17.31 -25.01
CA ILE B 231 -25.70 -18.43 -24.32
C ILE B 231 -24.62 -19.46 -23.98
N ARG B 232 -24.70 -19.99 -22.75
CA ARG B 232 -23.95 -21.16 -22.35
C ARG B 232 -24.91 -22.35 -22.35
N SER B 233 -24.53 -23.42 -23.03
CA SER B 233 -25.39 -24.59 -23.15
C SER B 233 -24.91 -25.70 -22.23
N ALA B 234 -25.82 -26.24 -21.43
CA ALA B 234 -25.49 -27.27 -20.45
C ALA B 234 -26.58 -28.35 -20.46
N LEU B 235 -26.16 -29.60 -20.24
CA LEU B 235 -27.12 -30.70 -20.21
C LEU B 235 -27.69 -30.88 -18.81
N GLU B 236 -28.75 -31.67 -18.72
CA GLU B 236 -29.46 -31.86 -17.45
C GLU B 236 -29.10 -33.01 -16.52
N LYS B 237 -28.84 -34.19 -17.07
CA LYS B 237 -28.57 -35.37 -16.25
C LYS B 237 -27.11 -34.96 -16.20
N GLY B 238 -26.61 -34.78 -14.98
CA GLY B 238 -25.29 -34.24 -14.75
C GLY B 238 -25.08 -32.79 -14.38
N SER B 239 -26.03 -31.93 -14.78
CA SER B 239 -26.04 -30.52 -14.44
C SER B 239 -24.70 -29.84 -14.67
N ARG B 240 -24.05 -30.17 -15.79
CA ARG B 240 -22.72 -29.67 -16.09
C ARG B 240 -22.70 -28.92 -17.43
N LEU B 241 -21.75 -28.01 -17.55
CA LEU B 241 -21.66 -27.15 -18.72
C LEU B 241 -20.90 -27.85 -19.85
N ILE B 242 -21.26 -27.51 -21.09
CA ILE B 242 -20.63 -28.10 -22.27
C ILE B 242 -19.99 -27.03 -23.13
N SER B 243 -20.81 -26.25 -23.84
CA SER B 243 -20.28 -25.36 -24.87
C SER B 243 -20.80 -23.95 -24.67
N THR B 244 -20.16 -23.01 -25.36
CA THR B 244 -20.51 -21.60 -25.34
C THR B 244 -20.79 -21.14 -26.76
N MET B 245 -21.94 -20.51 -26.97
CA MET B 245 -22.35 -20.07 -28.29
C MET B 245 -22.77 -18.61 -28.23
N GLN B 246 -22.46 -17.86 -29.28
CA GLN B 246 -22.64 -16.41 -29.33
C GLN B 246 -23.22 -16.00 -30.68
N ILE B 247 -23.75 -14.77 -30.72
CA ILE B 247 -24.15 -14.09 -31.95
C ILE B 247 -23.79 -12.62 -31.79
N LYS B 248 -23.04 -12.08 -32.75
CA LYS B 248 -22.59 -10.70 -32.72
C LYS B 248 -23.25 -9.87 -33.81
N LEU B 249 -23.76 -8.70 -33.44
CA LEU B 249 -24.32 -7.74 -34.38
C LEU B 249 -23.29 -6.64 -34.64
N TYR B 250 -22.78 -6.60 -35.86
CA TYR B 250 -21.87 -5.54 -36.27
C TYR B 250 -22.67 -4.28 -36.59
N GLY B 251 -22.06 -3.40 -37.40
CA GLY B 251 -22.73 -2.18 -37.81
C GLY B 251 -22.99 -1.21 -36.67
N ARG B 252 -21.94 -0.52 -36.23
CA ARG B 252 -22.08 0.58 -35.27
C ARG B 252 -23.04 1.61 -35.87
N GLU B 253 -23.71 2.38 -35.01
CA GLU B 253 -24.72 3.34 -35.45
C GLU B 253 -24.03 4.18 -36.51
N ASP B 254 -24.40 3.95 -37.77
CA ASP B 254 -23.85 4.67 -38.93
C ASP B 254 -22.32 4.61 -38.96
N LYS B 255 -21.77 3.47 -38.56
CA LYS B 255 -20.33 3.25 -38.57
C LYS B 255 -20.06 1.77 -38.74
N GLY B 256 -18.98 1.43 -39.45
CA GLY B 256 -18.65 0.06 -39.75
C GLY B 256 -19.25 -0.46 -41.05
N THR B 257 -19.78 0.41 -41.88
CA THR B 257 -20.35 0.09 -43.20
C THR B 257 -21.50 -0.90 -42.99
N GLY B 258 -21.30 -2.20 -43.15
CA GLY B 258 -22.40 -3.15 -43.12
C GLY B 258 -22.97 -3.45 -41.76
N ARG B 259 -24.30 -3.43 -41.65
CA ARG B 259 -25.00 -3.82 -40.44
C ARG B 259 -25.39 -5.29 -40.49
N THR B 260 -24.37 -6.14 -40.61
CA THR B 260 -24.57 -7.57 -40.78
C THR B 260 -24.48 -8.29 -39.43
N ILE B 261 -24.99 -9.52 -39.39
CA ILE B 261 -24.97 -10.34 -38.18
C ILE B 261 -24.04 -11.52 -38.44
N LYS B 262 -23.13 -11.78 -37.51
CA LYS B 262 -22.20 -12.90 -37.63
C LYS B 262 -22.13 -13.64 -36.31
N ALA B 263 -22.18 -14.97 -36.38
CA ALA B 263 -22.22 -15.82 -35.20
C ALA B 263 -20.84 -16.32 -34.83
N THR B 264 -20.83 -17.41 -34.06
CA THR B 264 -19.62 -18.09 -33.62
C THR B 264 -19.99 -19.49 -33.15
N LEU B 265 -19.21 -20.48 -33.57
CA LEU B 265 -19.53 -21.86 -33.27
C LEU B 265 -18.39 -22.50 -32.47
N PRO B 266 -18.64 -23.64 -31.82
CA PRO B 266 -17.53 -24.40 -31.24
C PRO B 266 -16.75 -25.13 -32.33
N TYR B 267 -15.42 -25.11 -32.20
CA TYR B 267 -14.51 -25.77 -33.15
C TYR B 267 -14.60 -25.14 -34.54
N VAL B 268 -14.56 -23.81 -34.63
CA VAL B 268 -14.48 -23.10 -35.90
C VAL B 268 -13.42 -22.02 -35.78
N LYS B 269 -13.30 -21.19 -36.82
CA LYS B 269 -12.23 -20.21 -36.88
C LYS B 269 -12.73 -18.79 -37.12
N GLN B 270 -13.79 -18.63 -37.90
CA GLN B 270 -14.22 -17.31 -38.36
C GLN B 270 -15.70 -17.11 -38.07
N ASP B 271 -16.09 -15.84 -37.93
CA ASP B 271 -17.48 -15.50 -37.71
C ASP B 271 -18.32 -15.86 -38.92
N ILE B 272 -19.01 -16.98 -38.84
CA ILE B 272 -19.84 -17.50 -39.93
C ILE B 272 -21.14 -16.71 -39.95
N PRO B 273 -21.61 -16.27 -41.12
CA PRO B 273 -22.88 -15.54 -41.18
C PRO B 273 -24.06 -16.40 -40.75
N ILE B 274 -25.26 -15.82 -40.86
CA ILE B 274 -26.43 -16.40 -40.22
C ILE B 274 -27.32 -17.10 -41.25
N VAL B 275 -27.48 -16.49 -42.42
CA VAL B 275 -28.25 -17.14 -43.47
C VAL B 275 -27.58 -18.44 -43.87
N ILE B 276 -26.25 -18.50 -43.72
CA ILE B 276 -25.51 -19.70 -44.09
C ILE B 276 -25.77 -20.82 -43.11
N VAL B 277 -26.06 -20.49 -41.84
CA VAL B 277 -26.38 -21.56 -40.90
C VAL B 277 -27.85 -21.94 -41.00
N PHE B 278 -28.73 -20.99 -41.29
CA PHE B 278 -30.12 -21.35 -41.61
C PHE B 278 -30.17 -22.33 -42.77
N ARG B 279 -29.69 -21.91 -43.93
CA ARG B 279 -29.72 -22.77 -45.11
C ARG B 279 -28.84 -24.00 -44.92
N ALA B 280 -27.84 -23.89 -44.04
CA ALA B 280 -27.01 -25.04 -43.70
C ALA B 280 -27.78 -26.07 -42.88
N LEU B 281 -28.83 -25.66 -42.17
CA LEU B 281 -29.68 -26.61 -41.46
C LEU B 281 -30.83 -27.13 -42.30
N GLY B 282 -31.09 -26.56 -43.47
CA GLY B 282 -32.06 -27.12 -44.38
C GLY B 282 -33.33 -26.34 -44.59
N VAL B 283 -33.24 -25.01 -44.63
CA VAL B 283 -34.37 -24.14 -44.93
C VAL B 283 -33.90 -23.10 -45.94
N VAL B 284 -33.75 -23.53 -47.19
CA VAL B 284 -33.12 -22.72 -48.23
C VAL B 284 -33.94 -21.53 -48.74
N PRO B 285 -35.28 -21.52 -48.69
CA PRO B 285 -35.99 -20.32 -49.20
C PRO B 285 -35.85 -19.14 -48.25
N ASP B 286 -36.57 -18.07 -48.53
CA ASP B 286 -36.48 -16.85 -47.75
C ASP B 286 -37.75 -16.58 -46.96
N GLY B 287 -38.90 -16.98 -47.51
CA GLY B 287 -40.14 -16.91 -46.76
C GLY B 287 -40.09 -17.71 -45.47
N GLU B 288 -39.36 -18.83 -45.49
CA GLU B 288 -39.18 -19.62 -44.28
C GLU B 288 -38.24 -18.93 -43.29
N ILE B 289 -37.21 -18.24 -43.78
CA ILE B 289 -36.26 -17.60 -42.87
C ILE B 289 -36.89 -16.38 -42.22
N LEU B 290 -37.29 -15.39 -43.03
CA LEU B 290 -37.98 -14.23 -42.49
C LEU B 290 -39.30 -14.62 -41.83
N GLN B 291 -39.80 -15.83 -42.13
CA GLN B 291 -40.92 -16.39 -41.39
C GLN B 291 -40.52 -16.82 -39.99
N HIS B 292 -39.35 -17.46 -39.84
CA HIS B 292 -38.85 -17.85 -38.54
C HIS B 292 -38.44 -16.68 -37.66
N ILE B 293 -37.69 -15.72 -38.21
CA ILE B 293 -37.13 -14.65 -37.39
C ILE B 293 -38.14 -13.67 -36.83
N CYS B 294 -38.89 -13.00 -37.71
CA CYS B 294 -39.81 -11.95 -37.28
C CYS B 294 -41.14 -12.65 -37.03
N TYR B 295 -41.98 -12.05 -36.20
CA TYR B 295 -43.28 -12.60 -35.84
C TYR B 295 -44.44 -11.76 -36.37
N ASP B 296 -44.16 -10.84 -37.30
CA ASP B 296 -45.21 -9.98 -37.84
C ASP B 296 -44.81 -9.62 -39.27
N GLU B 297 -45.80 -9.29 -40.10
CA GLU B 297 -45.51 -8.82 -41.45
C GLU B 297 -45.65 -7.30 -41.56
N ASN B 298 -45.66 -6.59 -40.44
CA ASN B 298 -45.68 -5.14 -40.47
C ASN B 298 -44.40 -4.54 -39.91
N ASP B 299 -43.51 -5.38 -39.37
CA ASP B 299 -42.27 -4.91 -38.76
C ASP B 299 -41.24 -4.54 -39.81
N TRP B 300 -41.57 -3.55 -40.64
CA TRP B 300 -40.69 -3.16 -41.74
C TRP B 300 -39.44 -2.45 -41.24
N GLN B 301 -39.30 -2.25 -39.93
CA GLN B 301 -38.07 -1.68 -39.39
C GLN B 301 -37.03 -2.77 -39.18
N MET B 302 -37.39 -3.82 -38.47
CA MET B 302 -36.53 -5.01 -38.40
C MET B 302 -36.33 -5.59 -39.78
N LEU B 303 -37.39 -5.69 -40.58
CA LEU B 303 -37.26 -6.10 -41.98
C LEU B 303 -36.32 -5.16 -42.73
N GLU B 304 -36.34 -3.87 -42.37
CA GLU B 304 -35.43 -2.91 -43.00
C GLU B 304 -33.98 -3.21 -42.64
N MET B 305 -33.74 -3.71 -41.41
CA MET B 305 -32.39 -4.08 -41.04
C MET B 305 -32.00 -5.47 -41.54
N LEU B 306 -32.97 -6.31 -41.90
CA LEU B 306 -32.69 -7.67 -42.35
C LEU B 306 -32.06 -7.75 -43.74
N LYS B 307 -32.43 -6.85 -44.66
CA LYS B 307 -32.03 -6.85 -46.07
C LYS B 307 -30.57 -7.22 -46.29
N PRO B 308 -29.61 -6.60 -45.60
CA PRO B 308 -28.20 -6.96 -45.85
C PRO B 308 -27.85 -8.39 -45.47
N CYS B 309 -28.67 -9.05 -44.65
CA CYS B 309 -28.39 -10.45 -44.32
C CYS B 309 -28.66 -11.36 -45.51
N ILE B 310 -29.78 -11.14 -46.20
CA ILE B 310 -30.09 -11.96 -47.37
C ILE B 310 -29.24 -11.53 -48.56
N GLU B 311 -29.00 -10.22 -48.70
CA GLU B 311 -28.09 -9.77 -49.75
C GLU B 311 -26.67 -10.28 -49.51
N GLU B 312 -26.32 -10.56 -48.25
CA GLU B 312 -25.05 -11.22 -47.94
C GLU B 312 -25.10 -12.72 -48.20
N GLY B 313 -26.23 -13.37 -47.94
CA GLY B 313 -26.35 -14.80 -48.17
C GLY B 313 -27.05 -15.15 -49.46
N PHE B 314 -26.71 -14.44 -50.54
CA PHE B 314 -27.31 -14.73 -51.83
C PHE B 314 -26.49 -15.76 -52.61
N VAL B 315 -25.16 -15.65 -52.56
CA VAL B 315 -24.29 -16.50 -53.37
C VAL B 315 -24.49 -17.99 -53.07
N ILE B 316 -24.92 -18.33 -51.86
CA ILE B 316 -25.24 -19.72 -51.52
C ILE B 316 -26.75 -19.87 -51.69
N GLN B 317 -27.16 -20.91 -52.44
CA GLN B 317 -28.55 -21.09 -52.81
C GLN B 317 -29.10 -22.46 -52.42
N ASP B 318 -28.23 -23.42 -52.13
CA ASP B 318 -28.67 -24.75 -51.74
C ASP B 318 -27.84 -25.23 -50.57
N LYS B 319 -28.05 -26.49 -50.19
CA LYS B 319 -27.63 -26.95 -48.87
C LYS B 319 -26.15 -27.35 -48.85
N GLU B 320 -25.73 -28.17 -49.81
CA GLU B 320 -24.42 -28.83 -49.70
C GLU B 320 -23.27 -27.82 -49.72
N VAL B 321 -23.37 -26.79 -50.56
CA VAL B 321 -22.27 -25.83 -50.64
C VAL B 321 -22.16 -25.01 -49.37
N ALA B 322 -23.24 -24.86 -48.61
CA ALA B 322 -23.15 -24.18 -47.32
C ALA B 322 -22.63 -25.15 -46.25
N LEU B 323 -23.10 -26.39 -46.29
CA LEU B 323 -22.55 -27.43 -45.41
C LEU B 323 -21.04 -27.50 -45.51
N ASP B 324 -20.52 -27.51 -46.74
CA ASP B 324 -19.07 -27.58 -46.90
C ASP B 324 -18.44 -26.20 -46.74
N PHE B 325 -19.22 -25.13 -46.92
CA PHE B 325 -18.72 -23.80 -46.57
C PHE B 325 -18.36 -23.73 -45.09
N ILE B 326 -19.15 -24.41 -44.25
CA ILE B 326 -18.85 -24.44 -42.82
C ILE B 326 -17.78 -25.51 -42.53
N GLY B 327 -17.85 -26.64 -43.24
CA GLY B 327 -16.95 -27.73 -42.95
C GLY B 327 -15.48 -27.40 -43.20
N ARG B 328 -15.21 -26.47 -44.10
CA ARG B 328 -13.84 -26.13 -44.44
C ARG B 328 -13.15 -25.30 -43.37
N ARG B 329 -13.90 -24.48 -42.63
CA ARG B 329 -13.33 -23.66 -41.57
C ARG B 329 -13.10 -24.41 -40.26
N GLY B 330 -13.91 -25.42 -39.96
CA GLY B 330 -13.92 -26.04 -38.64
C GLY B 330 -12.67 -26.80 -38.24
N SER B 331 -11.51 -26.15 -38.37
CA SER B 331 -10.23 -26.73 -37.95
C SER B 331 -10.03 -28.13 -38.53
N ALA B 332 -10.32 -29.15 -37.73
CA ALA B 332 -10.18 -30.55 -38.13
C ALA B 332 -8.76 -30.83 -38.62
N ALA B 333 -8.63 -31.77 -39.56
CA ALA B 333 -7.42 -31.89 -40.34
C ALA B 333 -7.44 -30.85 -41.46
N LEU B 334 -6.59 -31.07 -42.46
CA LEU B 334 -6.58 -30.23 -43.65
C LEU B 334 -6.53 -31.11 -44.88
N GLY B 335 -7.70 -31.47 -45.40
CA GLY B 335 -7.77 -32.31 -46.58
C GLY B 335 -8.96 -33.24 -46.56
N ILE B 336 -9.94 -32.91 -45.72
CA ILE B 336 -11.18 -33.68 -45.62
C ILE B 336 -12.13 -32.93 -46.54
N ARG B 337 -11.89 -33.10 -47.83
CA ARG B 337 -12.61 -32.41 -48.89
C ARG B 337 -14.13 -32.45 -48.77
N ARG B 338 -14.82 -32.44 -49.91
CA ARG B 338 -16.29 -32.47 -49.90
C ARG B 338 -16.81 -33.74 -49.24
N GLU B 339 -16.37 -34.89 -49.74
CA GLU B 339 -16.93 -36.19 -49.36
C GLU B 339 -16.99 -36.40 -47.85
N LYS B 340 -15.85 -36.32 -47.16
CA LYS B 340 -15.82 -36.58 -45.73
C LYS B 340 -16.05 -35.31 -44.94
N ARG B 341 -15.68 -34.15 -45.51
CA ARG B 341 -15.77 -32.90 -44.76
C ARG B 341 -17.22 -32.45 -44.58
N ILE B 342 -18.08 -32.72 -45.55
CA ILE B 342 -19.51 -32.45 -45.35
C ILE B 342 -20.02 -33.25 -44.15
N GLN B 343 -19.66 -34.53 -44.08
CA GLN B 343 -20.03 -35.34 -42.93
C GLN B 343 -19.43 -34.81 -41.64
N TYR B 344 -18.25 -34.19 -41.71
CA TYR B 344 -17.68 -33.54 -40.53
C TYR B 344 -18.54 -32.37 -40.06
N ALA B 345 -18.85 -31.43 -40.97
CA ALA B 345 -19.69 -30.30 -40.59
C ALA B 345 -21.07 -30.73 -40.13
N LYS B 346 -21.61 -31.81 -40.70
CA LYS B 346 -22.91 -32.31 -40.30
C LYS B 346 -22.93 -32.77 -38.84
N ASP B 347 -22.01 -33.65 -38.47
CA ASP B 347 -21.94 -34.10 -37.08
C ASP B 347 -21.51 -32.97 -36.16
N ILE B 348 -20.89 -31.92 -36.70
CA ILE B 348 -20.71 -30.71 -35.91
C ILE B 348 -22.03 -30.02 -35.65
N LEU B 349 -22.90 -29.92 -36.66
CA LEU B 349 -24.18 -29.23 -36.49
C LEU B 349 -25.29 -30.16 -36.00
N GLN B 350 -24.90 -31.27 -35.39
CA GLN B 350 -25.87 -32.11 -34.69
C GLN B 350 -25.49 -31.88 -33.22
N LYS B 351 -24.25 -32.19 -32.86
CA LYS B 351 -23.73 -32.18 -31.46
C LYS B 351 -23.39 -31.02 -30.53
N GLU B 352 -22.37 -30.25 -30.92
CA GLU B 352 -21.84 -29.06 -30.20
C GLU B 352 -22.77 -27.89 -30.20
N LEU B 353 -23.34 -27.62 -31.37
CA LEU B 353 -24.26 -26.50 -31.51
C LEU B 353 -25.57 -26.80 -30.77
N LEU B 354 -25.88 -25.98 -29.77
CA LEU B 354 -27.10 -26.10 -28.98
C LEU B 354 -27.32 -27.53 -28.47
N PRO B 355 -26.39 -28.08 -27.68
CA PRO B 355 -26.55 -29.47 -27.22
C PRO B 355 -27.66 -29.66 -26.20
N HIS B 356 -28.05 -28.62 -25.45
CA HIS B 356 -29.07 -28.79 -24.44
C HIS B 356 -30.45 -28.99 -25.04
N ILE B 357 -30.57 -28.90 -26.36
CA ILE B 357 -31.86 -29.06 -27.01
C ILE B 357 -32.12 -30.53 -27.35
N THR B 358 -31.21 -31.14 -28.10
CA THR B 358 -31.23 -32.57 -28.37
C THR B 358 -29.95 -32.93 -29.13
N GLN B 359 -29.70 -34.23 -29.23
CA GLN B 359 -28.61 -34.74 -30.05
C GLN B 359 -29.03 -35.90 -30.95
N GLU B 360 -30.32 -36.08 -31.22
CA GLU B 360 -30.78 -37.09 -32.15
C GLU B 360 -31.28 -36.45 -33.43
N GLU B 361 -31.04 -37.15 -34.55
CA GLU B 361 -31.34 -36.59 -35.85
C GLU B 361 -32.84 -36.63 -36.15
N GLY B 362 -33.23 -35.85 -37.15
CA GLY B 362 -34.64 -35.69 -37.48
C GLY B 362 -35.35 -34.68 -36.61
N PHE B 363 -34.65 -33.67 -36.13
CA PHE B 363 -35.21 -32.69 -35.20
C PHE B 363 -34.63 -31.29 -35.39
N GLU B 364 -33.80 -31.11 -36.42
CA GLU B 364 -33.15 -29.81 -36.62
C GLU B 364 -34.15 -28.66 -36.79
N THR B 365 -35.40 -28.95 -37.16
CA THR B 365 -36.43 -27.92 -37.12
C THR B 365 -36.47 -27.22 -35.77
N ARG B 366 -36.51 -28.00 -34.68
CA ARG B 366 -36.51 -27.46 -33.33
C ARG B 366 -35.40 -26.42 -33.14
N LYS B 367 -34.17 -26.76 -33.52
CA LYS B 367 -33.06 -25.81 -33.38
C LYS B 367 -33.26 -24.59 -34.26
N THR B 368 -33.86 -24.77 -35.45
CA THR B 368 -34.11 -23.61 -36.30
C THR B 368 -35.12 -22.65 -35.66
N PHE B 369 -36.19 -23.19 -35.05
CA PHE B 369 -37.10 -22.35 -34.29
C PHE B 369 -36.37 -21.62 -33.18
N PHE B 370 -35.51 -22.33 -32.44
CA PHE B 370 -34.80 -21.68 -31.34
C PHE B 370 -33.93 -20.52 -31.83
N LEU B 371 -33.13 -20.75 -32.88
CA LEU B 371 -32.32 -19.66 -33.43
C LEU B 371 -33.19 -18.51 -33.92
N GLY B 372 -34.38 -18.83 -34.47
CA GLY B 372 -35.31 -17.78 -34.83
C GLY B 372 -35.68 -16.91 -33.64
N TYR B 373 -36.02 -17.53 -32.51
CA TYR B 373 -36.31 -16.78 -31.31
C TYR B 373 -35.11 -15.94 -30.87
N MET B 374 -33.90 -16.50 -30.98
CA MET B 374 -32.71 -15.81 -30.51
C MET B 374 -32.43 -14.55 -31.33
N VAL B 375 -32.38 -14.70 -32.65
CA VAL B 375 -32.16 -13.54 -33.52
C VAL B 375 -33.28 -12.53 -33.35
N ASN B 376 -34.50 -13.01 -33.13
CA ASN B 376 -35.62 -12.12 -32.83
C ASN B 376 -35.31 -11.27 -31.60
N ARG B 377 -34.85 -11.89 -30.52
CA ARG B 377 -34.59 -11.15 -29.30
C ARG B 377 -33.44 -10.16 -29.49
N LEU B 378 -32.40 -10.57 -30.22
CA LEU B 378 -31.31 -9.65 -30.51
C LEU B 378 -31.79 -8.42 -31.26
N LEU B 379 -32.59 -8.62 -32.31
CA LEU B 379 -33.08 -7.47 -33.07
C LEU B 379 -34.24 -6.76 -32.36
N LEU B 380 -34.68 -7.28 -31.21
CA LEU B 380 -35.55 -6.49 -30.35
C LEU B 380 -34.74 -5.63 -29.40
N CYS B 381 -33.53 -6.08 -29.04
CA CYS B 381 -32.69 -5.28 -28.15
C CYS B 381 -31.94 -4.20 -28.91
N ALA B 382 -31.53 -4.48 -30.15
CA ALA B 382 -30.72 -3.52 -30.90
C ALA B 382 -31.50 -2.26 -31.24
N LEU B 383 -32.70 -2.39 -31.79
CA LEU B 383 -33.51 -1.25 -32.16
C LEU B 383 -34.14 -0.54 -30.97
N GLU B 384 -33.74 -0.90 -29.75
CA GLU B 384 -34.15 -0.21 -28.53
C GLU B 384 -35.67 -0.29 -28.32
N ARG B 385 -36.19 -1.50 -28.13
CA ARG B 385 -37.56 -1.71 -27.67
C ARG B 385 -37.61 -2.40 -26.33
N LYS B 386 -36.47 -2.75 -25.75
CA LYS B 386 -36.39 -3.47 -24.48
C LYS B 386 -35.00 -3.28 -23.91
N ASP B 387 -34.93 -3.01 -22.61
CA ASP B 387 -33.66 -2.69 -21.97
C ASP B 387 -32.66 -3.84 -22.10
N GLN B 388 -31.38 -3.48 -22.06
CA GLN B 388 -30.32 -4.48 -22.00
C GLN B 388 -30.43 -5.26 -20.70
N ASP B 389 -29.94 -6.50 -20.73
CA ASP B 389 -29.98 -7.34 -19.54
C ASP B 389 -28.99 -6.82 -18.50
N ASP B 390 -29.40 -6.92 -17.23
CA ASP B 390 -28.53 -6.64 -16.11
C ASP B 390 -27.82 -7.93 -15.75
N ARG B 391 -26.51 -7.84 -15.50
CA ARG B 391 -25.72 -9.05 -15.29
C ARG B 391 -25.74 -9.50 -13.83
N ASP B 392 -26.37 -8.73 -12.94
CA ASP B 392 -26.37 -9.06 -11.52
C ASP B 392 -27.78 -9.33 -10.96
N HIS B 393 -28.79 -9.47 -11.81
CA HIS B 393 -30.12 -9.79 -11.31
C HIS B 393 -30.10 -11.15 -10.63
N PHE B 394 -30.42 -11.16 -9.34
CA PHE B 394 -30.19 -12.34 -8.51
C PHE B 394 -31.02 -13.54 -8.95
N GLY B 395 -32.03 -13.33 -9.79
CA GLY B 395 -32.77 -14.46 -10.34
C GLY B 395 -32.01 -15.23 -11.41
N LYS B 396 -30.93 -14.65 -11.93
CA LYS B 396 -30.10 -15.29 -12.94
C LYS B 396 -28.83 -15.92 -12.37
N LYS B 397 -28.87 -16.38 -11.13
CA LYS B 397 -27.69 -16.95 -10.48
C LYS B 397 -28.06 -18.23 -9.76
N ARG B 398 -27.08 -19.13 -9.67
CA ARG B 398 -27.28 -20.43 -9.06
C ARG B 398 -26.12 -20.72 -8.11
N LEU B 399 -26.45 -21.19 -6.91
CA LEU B 399 -25.46 -21.55 -5.92
C LEU B 399 -25.09 -23.01 -6.09
N ASP B 400 -23.80 -23.32 -5.92
CA ASP B 400 -23.31 -24.70 -5.95
C ASP B 400 -22.90 -25.09 -4.53
N LEU B 401 -23.69 -25.96 -3.90
CA LEU B 401 -23.53 -26.31 -2.50
C LEU B 401 -22.64 -27.54 -2.35
N ALA B 402 -23.06 -28.49 -1.51
CA ALA B 402 -22.23 -29.66 -1.23
C ALA B 402 -22.53 -30.80 -2.20
N GLY B 403 -23.56 -30.62 -3.02
CA GLY B 403 -23.94 -31.64 -3.97
C GLY B 403 -23.27 -31.48 -5.31
N PRO B 404 -23.51 -30.35 -5.98
CA PRO B 404 -22.92 -30.15 -7.31
C PRO B 404 -21.40 -29.95 -7.29
N LEU B 405 -20.75 -30.06 -6.14
CA LEU B 405 -19.30 -29.97 -6.10
C LEU B 405 -18.67 -31.35 -6.05
N LEU B 406 -19.04 -32.17 -5.07
CA LEU B 406 -18.44 -33.48 -4.88
C LEU B 406 -18.65 -34.38 -6.10
N ALA B 407 -19.62 -34.05 -6.94
CA ALA B 407 -19.95 -34.88 -8.09
C ALA B 407 -18.89 -34.77 -9.18
N ASN B 408 -18.47 -33.54 -9.49
CA ASN B 408 -17.55 -33.33 -10.60
C ASN B 408 -16.21 -34.01 -10.36
N LEU B 409 -15.56 -33.67 -9.24
CA LEU B 409 -14.31 -34.32 -8.85
C LEU B 409 -14.41 -35.84 -8.94
N PHE B 410 -15.50 -36.41 -8.45
CA PHE B 410 -15.66 -37.86 -8.47
C PHE B 410 -15.80 -38.38 -9.89
N ARG B 411 -16.45 -37.61 -10.77
CA ARG B 411 -16.50 -37.98 -12.18
C ARG B 411 -15.10 -38.05 -12.78
N ILE B 412 -14.28 -37.01 -12.51
CA ILE B 412 -12.93 -36.98 -13.04
C ILE B 412 -12.13 -38.18 -12.54
N LEU B 413 -12.04 -38.34 -11.22
CA LEU B 413 -11.29 -39.46 -10.65
C LEU B 413 -11.78 -40.81 -11.16
N PHE B 414 -13.10 -40.94 -11.35
CA PHE B 414 -13.66 -42.19 -11.85
C PHE B 414 -13.22 -42.47 -13.28
N ARG B 415 -13.20 -41.45 -14.14
CA ARG B 415 -12.62 -41.62 -15.47
C ARG B 415 -11.17 -42.09 -15.37
N LYS B 416 -10.39 -41.48 -14.48
CA LYS B 416 -9.00 -41.88 -14.32
C LYS B 416 -8.87 -43.36 -13.94
N LEU B 417 -9.65 -43.80 -12.94
CA LEU B 417 -9.65 -45.21 -12.55
C LEU B 417 -10.01 -46.10 -13.73
N THR B 418 -11.05 -45.74 -14.48
CA THR B 418 -11.45 -46.53 -15.63
C THR B 418 -10.29 -46.71 -16.60
N ARG B 419 -9.60 -45.62 -16.93
CA ARG B 419 -8.52 -45.73 -17.91
C ARG B 419 -7.33 -46.51 -17.36
N GLU B 420 -7.05 -46.42 -16.05
CA GLU B 420 -5.99 -47.27 -15.50
C GLU B 420 -6.35 -48.75 -15.61
N ILE B 421 -7.59 -49.11 -15.28
CA ILE B 421 -8.03 -50.49 -15.48
C ILE B 421 -7.85 -50.90 -16.93
N TYR B 422 -8.18 -50.00 -17.86
CA TYR B 422 -7.92 -50.24 -19.28
C TYR B 422 -6.48 -50.62 -19.53
N ARG B 423 -5.53 -49.77 -19.09
CA ARG B 423 -4.12 -50.05 -19.35
C ARG B 423 -3.65 -51.36 -18.73
N TYR B 424 -3.98 -51.61 -17.46
CA TYR B 424 -3.56 -52.87 -16.84
C TYR B 424 -4.12 -54.07 -17.59
N MET B 425 -5.36 -53.97 -18.07
CA MET B 425 -5.92 -55.03 -18.89
C MET B 425 -5.12 -55.23 -20.17
N GLN B 426 -4.63 -54.15 -20.78
CA GLN B 426 -3.80 -54.32 -21.97
C GLN B 426 -2.54 -55.12 -21.68
N ARG B 427 -1.86 -54.84 -20.57
CA ARG B 427 -0.64 -55.59 -20.26
C ARG B 427 -0.93 -57.04 -19.91
N CYS B 428 -1.86 -57.29 -18.99
CA CYS B 428 -2.08 -58.67 -18.54
C CYS B 428 -2.76 -59.55 -19.58
N ILE B 429 -3.17 -59.00 -20.72
CA ILE B 429 -3.73 -59.81 -21.79
C ILE B 429 -2.70 -60.11 -22.87
N GLU B 430 -1.63 -59.30 -22.97
CA GLU B 430 -0.56 -59.58 -23.90
C GLU B 430 0.22 -60.84 -23.55
N THR B 431 0.47 -61.07 -22.26
CA THR B 431 1.01 -62.33 -21.79
C THR B 431 -0.01 -63.45 -21.82
N ASP B 432 -1.25 -63.17 -22.22
CA ASP B 432 -2.31 -64.16 -22.36
C ASP B 432 -2.61 -64.83 -21.02
N ARG B 433 -3.12 -64.04 -20.08
CA ARG B 433 -3.48 -64.50 -18.75
C ARG B 433 -4.82 -63.90 -18.34
N ASP B 434 -5.28 -64.26 -17.16
CA ASP B 434 -6.47 -63.64 -16.59
C ASP B 434 -6.07 -62.51 -15.65
N PHE B 435 -6.64 -61.32 -15.87
CA PHE B 435 -6.51 -60.25 -14.91
C PHE B 435 -7.50 -60.48 -13.78
N ASN B 436 -7.00 -60.44 -12.55
CA ASN B 436 -7.75 -60.92 -11.39
C ASN B 436 -8.84 -59.95 -10.95
N LEU B 437 -8.94 -58.77 -11.55
CA LEU B 437 -9.88 -57.72 -11.13
C LEU B 437 -9.64 -57.29 -9.69
N ASN B 438 -9.49 -58.24 -8.78
CA ASN B 438 -9.10 -57.92 -7.41
C ASN B 438 -7.77 -57.17 -7.37
N LEU B 439 -6.88 -57.43 -8.32
CA LEU B 439 -5.59 -56.76 -8.39
C LEU B 439 -5.53 -55.73 -9.52
N ALA B 440 -6.55 -55.66 -10.36
CA ALA B 440 -6.59 -54.71 -11.47
C ALA B 440 -7.16 -53.37 -11.07
N VAL B 441 -7.30 -53.12 -9.76
CA VAL B 441 -7.91 -51.90 -9.23
C VAL B 441 -6.98 -51.36 -8.14
N LYS B 442 -6.46 -50.16 -8.35
CA LYS B 442 -5.71 -49.43 -7.34
C LYS B 442 -6.65 -48.42 -6.70
N SER B 443 -7.21 -48.78 -5.54
CA SER B 443 -8.25 -47.99 -4.91
C SER B 443 -7.76 -46.68 -4.32
N THR B 444 -6.45 -46.43 -4.32
CA THR B 444 -5.92 -45.22 -3.71
C THR B 444 -6.21 -43.98 -4.54
N THR B 445 -6.67 -44.14 -5.79
CA THR B 445 -6.93 -43.00 -6.65
C THR B 445 -8.02 -42.10 -6.07
N ILE B 446 -9.24 -42.62 -5.94
CA ILE B 446 -10.35 -41.82 -5.45
C ILE B 446 -10.10 -41.37 -4.01
N THR B 447 -9.58 -42.27 -3.17
CA THR B 447 -9.34 -41.93 -1.77
C THR B 447 -8.36 -40.77 -1.63
N SER B 448 -7.19 -40.89 -2.26
CA SER B 448 -6.19 -39.83 -2.17
C SER B 448 -6.65 -38.55 -2.86
N GLY B 449 -7.43 -38.68 -3.94
CA GLY B 449 -7.91 -37.49 -4.62
C GLY B 449 -8.89 -36.70 -3.78
N LEU B 450 -9.93 -37.38 -3.27
CA LEU B 450 -10.91 -36.71 -2.42
C LEU B 450 -10.27 -36.17 -1.16
N LYS B 451 -9.43 -36.99 -0.49
CA LYS B 451 -8.81 -36.54 0.75
C LYS B 451 -7.88 -35.35 0.51
N TYR B 452 -7.22 -35.32 -0.65
CA TYR B 452 -6.39 -34.17 -0.97
C TYR B 452 -7.23 -32.92 -1.21
N SER B 453 -8.25 -33.03 -2.07
CA SER B 453 -9.03 -31.84 -2.44
C SER B 453 -9.78 -31.27 -1.25
N LEU B 454 -10.33 -32.13 -0.39
CA LEU B 454 -10.98 -31.63 0.82
C LEU B 454 -9.95 -31.22 1.87
N ALA B 455 -8.74 -31.76 1.78
CA ALA B 455 -7.73 -31.50 2.81
C ALA B 455 -7.02 -30.16 2.62
N THR B 456 -6.78 -29.74 1.38
CA THR B 456 -6.04 -28.51 1.14
C THR B 456 -6.90 -27.36 0.65
N GLY B 457 -7.88 -27.61 -0.21
CA GLY B 457 -8.71 -26.56 -0.74
C GLY B 457 -8.53 -26.28 -2.21
N ASN B 458 -7.34 -26.50 -2.76
CA ASN B 458 -7.10 -26.36 -4.20
C ASN B 458 -8.05 -27.41 -4.74
N TRP B 459 -9.12 -26.95 -5.39
CA TRP B 459 -10.24 -27.81 -5.75
C TRP B 459 -9.97 -28.14 -7.22
N GLY B 460 -9.81 -29.43 -7.48
CA GLY B 460 -9.50 -29.88 -8.83
C GLY B 460 -8.69 -31.17 -8.79
N GLU B 461 -7.39 -31.02 -8.97
CA GLU B 461 -6.48 -32.16 -8.85
C GLU B 461 -5.20 -31.74 -8.14
N GLN B 462 -4.13 -32.53 -8.33
CA GLN B 462 -2.85 -32.18 -7.73
C GLN B 462 -1.84 -31.78 -8.80
N LYS B 463 -1.65 -32.62 -9.81
CA LYS B 463 -0.65 -32.32 -10.85
C LYS B 463 -0.94 -31.02 -11.57
N LYS B 464 -2.20 -30.57 -11.58
CA LYS B 464 -2.54 -29.27 -12.13
C LYS B 464 -2.77 -28.28 -10.98
N ALA B 465 -1.70 -27.97 -10.25
CA ALA B 465 -1.82 -27.10 -9.08
C ALA B 465 -2.36 -25.73 -9.46
N MET B 466 -1.60 -24.98 -10.25
CA MET B 466 -2.08 -23.70 -10.75
C MET B 466 -3.15 -23.92 -11.81
N SER B 467 -3.78 -22.82 -12.22
CA SER B 467 -4.87 -22.82 -13.19
C SER B 467 -6.07 -23.61 -12.68
N SER B 468 -6.07 -23.95 -11.39
CA SER B 468 -7.21 -24.62 -10.79
C SER B 468 -7.73 -23.80 -9.62
N ARG B 469 -9.05 -23.89 -9.40
CA ARG B 469 -9.70 -23.05 -8.41
C ARG B 469 -9.21 -23.35 -7.00
N ALA B 470 -9.03 -22.29 -6.21
CA ALA B 470 -8.55 -22.40 -4.83
C ALA B 470 -9.50 -21.69 -3.88
N GLY B 471 -9.50 -22.15 -2.63
CA GLY B 471 -10.30 -21.55 -1.59
C GLY B 471 -11.76 -21.93 -1.60
N VAL B 472 -12.08 -23.24 -1.61
CA VAL B 472 -13.47 -23.65 -1.62
C VAL B 472 -13.81 -24.41 -0.34
N SER B 473 -12.88 -25.24 0.13
CA SER B 473 -13.00 -25.92 1.41
C SER B 473 -12.12 -25.21 2.44
N GLN B 474 -12.75 -24.61 3.44
CA GLN B 474 -12.03 -23.85 4.46
C GLN B 474 -12.10 -24.58 5.79
N VAL B 475 -11.37 -24.06 6.78
CA VAL B 475 -11.38 -24.66 8.11
C VAL B 475 -12.49 -24.01 8.94
N LEU B 476 -13.19 -24.83 9.72
CA LEU B 476 -14.29 -24.33 10.54
C LEU B 476 -13.76 -23.31 11.55
N ASN B 477 -14.57 -22.31 11.87
CA ASN B 477 -14.11 -21.20 12.69
C ASN B 477 -14.65 -21.33 14.10
N ARG B 478 -14.27 -22.40 14.80
CA ARG B 478 -14.64 -22.63 16.19
C ARG B 478 -14.11 -21.54 17.11
N TYR B 479 -14.97 -20.61 17.56
CA TYR B 479 -14.55 -19.66 18.58
C TYR B 479 -15.72 -19.28 19.47
N THR B 480 -16.70 -18.56 18.93
CA THR B 480 -17.95 -18.33 19.63
C THR B 480 -19.05 -19.05 18.87
N TYR B 481 -20.24 -19.12 19.47
CA TYR B 481 -21.30 -19.91 18.87
C TYR B 481 -21.99 -19.15 17.74
N SER B 482 -21.71 -17.85 17.62
CA SER B 482 -22.25 -17.10 16.50
C SER B 482 -21.32 -17.18 15.30
N SER B 483 -20.01 -17.18 15.54
CA SER B 483 -19.02 -17.27 14.47
C SER B 483 -18.87 -18.71 13.99
N THR B 484 -19.99 -19.44 13.95
CA THR B 484 -20.04 -20.78 13.39
C THR B 484 -21.31 -20.98 12.58
N LEU B 485 -22.47 -20.68 13.17
CA LEU B 485 -23.68 -20.52 12.39
C LEU B 485 -23.48 -19.49 11.29
N SER B 486 -22.71 -18.44 11.60
CA SER B 486 -22.37 -17.46 10.58
C SER B 486 -21.23 -17.95 9.68
N HIS B 487 -20.97 -19.26 9.71
CA HIS B 487 -19.94 -19.82 8.83
C HIS B 487 -20.49 -20.99 8.02
N LEU B 488 -21.53 -21.65 8.52
CA LEU B 488 -22.23 -22.69 7.77
C LEU B 488 -23.34 -22.14 6.89
N ARG B 489 -23.27 -20.87 6.51
CA ARG B 489 -24.34 -20.21 5.76
C ARG B 489 -23.77 -19.23 4.74
N ARG B 490 -22.46 -19.27 4.52
CA ARG B 490 -21.74 -18.27 3.75
C ARG B 490 -21.61 -18.67 2.28
N THR B 491 -21.64 -17.67 1.40
CA THR B 491 -21.43 -17.86 -0.02
C THR B 491 -20.35 -16.92 -0.50
N ASN B 492 -19.73 -17.27 -1.63
CA ASN B 492 -18.57 -16.56 -2.15
C ASN B 492 -18.66 -16.47 -3.67
N THR B 493 -18.51 -15.26 -4.20
CA THR B 493 -18.54 -15.05 -5.65
C THR B 493 -17.13 -14.83 -6.17
N PRO B 494 -16.68 -15.59 -7.16
CA PRO B 494 -15.28 -15.48 -7.64
C PRO B 494 -15.11 -14.51 -8.81
N ILE B 495 -15.33 -13.22 -8.56
CA ILE B 495 -15.14 -12.22 -9.60
C ILE B 495 -13.73 -11.65 -9.58
N GLY B 496 -13.03 -11.79 -8.45
CA GLY B 496 -11.67 -11.31 -8.36
C GLY B 496 -11.49 -10.17 -7.39
N ARG B 497 -10.36 -9.46 -7.49
CA ARG B 497 -10.06 -8.36 -6.58
C ARG B 497 -9.58 -7.15 -7.36
N ASP B 498 -9.24 -7.36 -8.62
CA ASP B 498 -8.68 -6.32 -9.47
C ASP B 498 -9.81 -5.52 -10.12
N GLY B 499 -9.45 -4.63 -11.04
CA GLY B 499 -10.41 -3.92 -11.86
C GLY B 499 -11.40 -3.06 -11.10
N LYS B 500 -11.15 -2.84 -9.81
CA LYS B 500 -12.07 -2.14 -8.91
C LYS B 500 -13.53 -2.39 -9.27
N LEU B 501 -14.21 -1.40 -9.85
CA LEU B 501 -15.59 -1.46 -10.36
C LEU B 501 -16.53 -1.49 -9.15
N ALA B 502 -17.73 -0.90 -9.25
CA ALA B 502 -18.66 -0.89 -8.14
C ALA B 502 -20.01 -1.46 -8.55
N LYS B 503 -19.99 -2.44 -9.46
CA LYS B 503 -21.25 -3.06 -9.87
C LYS B 503 -21.45 -4.43 -9.25
N PRO B 504 -20.45 -5.32 -9.20
CA PRO B 504 -20.66 -6.59 -8.46
C PRO B 504 -20.48 -6.45 -6.96
N ARG B 505 -20.20 -5.26 -6.44
CA ARG B 505 -20.00 -5.10 -5.00
C ARG B 505 -21.19 -4.45 -4.31
N GLN B 506 -22.02 -3.72 -5.03
CA GLN B 506 -23.16 -3.04 -4.40
C GLN B 506 -24.23 -4.03 -3.99
N LEU B 507 -25.25 -3.52 -3.30
CA LEU B 507 -26.39 -4.32 -2.88
C LEU B 507 -27.52 -4.10 -3.87
N HIS B 508 -27.91 -5.14 -4.58
CA HIS B 508 -28.92 -5.01 -5.62
C HIS B 508 -30.32 -5.03 -5.03
N ASN B 509 -31.28 -4.51 -5.79
CA ASN B 509 -32.66 -4.43 -5.31
C ASN B 509 -33.28 -5.81 -5.14
N THR B 510 -32.87 -6.77 -5.95
CA THR B 510 -33.40 -8.12 -5.84
C THR B 510 -32.80 -8.92 -4.69
N HIS B 511 -32.07 -8.26 -3.77
CA HIS B 511 -31.55 -8.97 -2.61
C HIS B 511 -32.45 -8.83 -1.38
N TRP B 512 -33.74 -8.59 -1.59
CA TRP B 512 -34.70 -8.46 -0.50
C TRP B 512 -35.10 -9.82 0.05
N GLY B 513 -34.57 -10.18 1.21
CA GLY B 513 -34.95 -11.41 1.87
C GLY B 513 -34.23 -12.66 1.41
N LEU B 514 -33.47 -12.59 0.32
CA LEU B 514 -32.70 -13.72 -0.16
C LEU B 514 -31.28 -13.74 0.38
N VAL B 515 -30.70 -12.58 0.65
CA VAL B 515 -29.42 -12.48 1.36
C VAL B 515 -29.55 -11.37 2.40
N CYS B 516 -28.55 -11.27 3.27
CA CYS B 516 -28.57 -10.28 4.32
C CYS B 516 -28.05 -8.95 3.79
N PRO B 517 -28.66 -7.82 4.17
CA PRO B 517 -28.15 -6.52 3.70
C PRO B 517 -26.91 -6.03 4.42
N ALA B 518 -26.81 -6.22 5.73
CA ALA B 518 -25.76 -5.60 6.53
C ALA B 518 -24.52 -6.45 6.67
N GLU B 519 -24.64 -7.70 7.11
CA GLU B 519 -23.47 -8.52 7.45
C GLU B 519 -22.65 -8.78 6.20
N THR B 520 -21.37 -8.39 6.25
CA THR B 520 -20.40 -8.61 5.19
C THR B 520 -19.02 -8.25 5.71
N PRO B 521 -17.97 -8.91 5.23
CA PRO B 521 -16.61 -8.51 5.62
C PRO B 521 -16.25 -7.16 5.03
N GLU B 522 -15.05 -6.69 5.37
CA GLU B 522 -14.57 -5.41 4.87
C GLU B 522 -13.14 -5.53 4.35
N GLY B 523 -12.72 -4.51 3.59
CA GLY B 523 -11.40 -4.49 3.00
C GLY B 523 -11.42 -4.81 1.52
N GLN B 524 -10.92 -5.99 1.16
CA GLN B 524 -10.89 -6.36 -0.26
C GLN B 524 -12.20 -6.98 -0.71
N ALA B 525 -12.87 -7.74 0.16
CA ALA B 525 -14.05 -8.50 -0.22
C ALA B 525 -15.34 -7.90 0.31
N CYS B 526 -15.56 -6.60 0.15
CA CYS B 526 -16.82 -6.00 0.55
C CYS B 526 -17.85 -6.16 -0.57
N GLY B 527 -18.98 -6.80 -0.25
CA GLY B 527 -20.01 -7.08 -1.21
C GLY B 527 -19.91 -8.43 -1.89
N LEU B 528 -18.72 -9.03 -1.93
CA LEU B 528 -18.54 -10.35 -2.53
C LEU B 528 -19.04 -11.47 -1.64
N VAL B 529 -18.45 -11.65 -0.46
CA VAL B 529 -18.87 -12.65 0.51
C VAL B 529 -20.27 -12.31 0.99
N LYS B 530 -21.17 -13.29 0.95
CA LYS B 530 -22.57 -13.10 1.33
C LYS B 530 -22.94 -14.08 2.44
N ASN B 531 -24.01 -13.73 3.16
CA ASN B 531 -24.54 -14.57 4.23
C ASN B 531 -26.06 -14.62 4.09
N LEU B 532 -26.59 -15.83 3.88
CA LEU B 532 -28.00 -15.98 3.56
C LEU B 532 -28.89 -15.45 4.66
N SER B 533 -30.14 -15.15 4.31
CA SER B 533 -31.09 -14.68 5.30
C SER B 533 -31.49 -15.81 6.24
N LEU B 534 -32.45 -15.53 7.12
CA LEU B 534 -32.79 -16.48 8.16
C LEU B 534 -33.87 -17.46 7.69
N LEU B 535 -34.62 -17.09 6.65
CA LEU B 535 -35.64 -17.96 6.09
C LEU B 535 -35.38 -18.32 4.63
N SER B 536 -34.14 -18.63 4.27
CA SER B 536 -33.84 -18.94 2.88
C SER B 536 -33.80 -20.46 2.67
N GLY B 537 -33.62 -20.86 1.42
CA GLY B 537 -33.57 -22.27 1.08
C GLY B 537 -33.08 -22.48 -0.34
N ILE B 538 -32.48 -23.65 -0.55
CA ILE B 538 -31.91 -24.03 -1.84
C ILE B 538 -32.71 -25.19 -2.39
N SER B 539 -33.02 -25.13 -3.69
CA SER B 539 -33.81 -26.19 -4.31
C SER B 539 -32.98 -27.46 -4.47
N ILE B 540 -33.65 -28.56 -4.79
CA ILE B 540 -32.94 -29.84 -4.91
C ILE B 540 -32.81 -30.26 -6.37
N GLY B 541 -33.92 -30.48 -7.06
CA GLY B 541 -33.85 -30.85 -8.47
C GLY B 541 -34.81 -31.97 -8.82
N SER B 542 -35.94 -31.60 -9.42
CA SER B 542 -36.98 -32.54 -9.78
C SER B 542 -36.92 -32.82 -11.28
N PRO B 543 -37.23 -34.04 -11.70
CA PRO B 543 -37.30 -34.31 -13.14
C PRO B 543 -38.48 -33.56 -13.77
N SER B 544 -38.41 -33.39 -15.09
CA SER B 544 -39.37 -32.54 -15.79
C SER B 544 -40.43 -33.33 -16.55
N GLU B 545 -40.23 -34.62 -16.77
CA GLU B 545 -41.20 -35.40 -17.53
C GLU B 545 -42.60 -35.38 -16.94
N PRO B 546 -42.79 -35.48 -15.62
CA PRO B 546 -44.15 -35.30 -15.09
C PRO B 546 -44.77 -33.98 -15.49
N ILE B 547 -44.05 -32.85 -15.35
CA ILE B 547 -44.59 -31.56 -15.78
C ILE B 547 -44.99 -31.63 -17.25
N ILE B 548 -44.20 -32.31 -18.08
CA ILE B 548 -44.54 -32.44 -19.49
C ILE B 548 -45.85 -33.19 -19.66
N ASN B 549 -46.09 -34.21 -18.83
CA ASN B 549 -47.34 -34.94 -18.90
C ASN B 549 -48.52 -34.06 -18.47
N PHE B 550 -48.39 -33.38 -17.33
CA PHE B 550 -49.43 -32.47 -16.87
C PHE B 550 -49.74 -31.39 -17.90
N LEU B 551 -48.74 -30.98 -18.68
CA LEU B 551 -48.98 -30.00 -19.73
C LEU B 551 -49.69 -30.62 -20.92
N GLU B 552 -49.16 -31.73 -21.44
CA GLU B 552 -49.75 -32.32 -22.64
C GLU B 552 -51.11 -32.94 -22.37
N GLU B 553 -51.53 -32.99 -21.10
CA GLU B 553 -52.92 -33.34 -20.81
C GLU B 553 -53.87 -32.26 -21.30
N TRP B 554 -53.69 -31.02 -20.87
CA TRP B 554 -54.67 -29.96 -21.04
C TRP B 554 -54.71 -29.43 -22.48
N GLY B 555 -53.58 -29.45 -23.17
CA GLY B 555 -53.56 -29.10 -24.58
C GLY B 555 -52.38 -28.26 -25.00
N MET B 556 -51.14 -28.71 -24.76
CA MET B 556 -49.99 -27.98 -25.23
C MET B 556 -49.73 -28.44 -26.67
N GLU B 557 -49.84 -27.49 -27.61
CA GLU B 557 -49.65 -27.87 -29.00
C GLU B 557 -48.17 -28.06 -29.30
N PRO B 558 -47.80 -29.17 -29.94
CA PRO B 558 -46.40 -29.41 -30.29
C PRO B 558 -45.83 -28.31 -31.17
N LEU B 559 -44.50 -28.33 -31.29
CA LEU B 559 -43.82 -27.32 -32.10
C LEU B 559 -44.10 -27.48 -33.58
N GLU B 560 -43.70 -28.60 -34.20
CA GLU B 560 -43.69 -28.76 -35.65
C GLU B 560 -44.97 -28.24 -36.33
N ASP B 561 -46.09 -28.19 -35.61
CA ASP B 561 -47.34 -27.65 -36.14
C ASP B 561 -47.34 -26.12 -36.15
N TYR B 562 -46.22 -25.49 -35.78
CA TYR B 562 -46.13 -24.06 -35.62
C TYR B 562 -46.10 -23.35 -36.97
N ASP B 563 -46.57 -22.11 -36.99
CA ASP B 563 -46.46 -21.20 -38.11
C ASP B 563 -46.75 -19.80 -37.59
N PRO B 564 -45.79 -18.87 -37.68
CA PRO B 564 -45.96 -17.58 -36.99
C PRO B 564 -47.10 -16.75 -37.52
N ALA B 565 -47.37 -16.79 -38.84
CA ALA B 565 -48.56 -16.14 -39.35
C ALA B 565 -49.82 -16.84 -38.87
N GLN B 566 -49.73 -18.15 -38.63
CA GLN B 566 -50.83 -18.90 -38.04
C GLN B 566 -50.84 -18.76 -36.52
N HIS B 567 -49.69 -18.44 -35.93
CA HIS B 567 -49.57 -18.33 -34.48
C HIS B 567 -48.98 -16.98 -34.10
N THR B 568 -49.77 -15.93 -34.34
CA THR B 568 -49.36 -14.57 -34.01
C THR B 568 -49.92 -14.10 -32.68
N LYS B 569 -50.79 -14.88 -32.04
CA LYS B 569 -51.29 -14.56 -30.71
C LYS B 569 -51.06 -15.68 -29.70
N SER B 570 -50.23 -16.67 -30.03
CA SER B 570 -50.00 -17.80 -29.14
C SER B 570 -49.16 -17.39 -27.94
N THR B 571 -49.28 -18.17 -26.88
CA THR B 571 -48.43 -18.02 -25.70
C THR B 571 -47.39 -19.11 -25.70
N ARG B 572 -46.12 -18.71 -25.72
CA ARG B 572 -45.02 -19.65 -25.90
C ARG B 572 -44.58 -20.22 -24.56
N ILE B 573 -44.67 -21.54 -24.42
CA ILE B 573 -44.41 -22.23 -23.17
C ILE B 573 -42.98 -22.73 -23.18
N PHE B 574 -42.16 -22.22 -22.25
CA PHE B 574 -40.81 -22.69 -22.04
C PHE B 574 -40.79 -23.63 -20.84
N VAL B 575 -39.88 -24.60 -20.87
CA VAL B 575 -39.65 -25.53 -19.76
C VAL B 575 -38.14 -25.68 -19.61
N ASN B 576 -37.60 -25.14 -18.51
CA ASN B 576 -36.17 -25.21 -18.22
C ASN B 576 -35.34 -24.59 -19.34
N GLY B 577 -35.92 -23.60 -20.03
CA GLY B 577 -35.23 -22.90 -21.09
C GLY B 577 -35.50 -23.42 -22.48
N VAL B 578 -35.44 -24.73 -22.70
CA VAL B 578 -35.70 -25.32 -24.01
C VAL B 578 -37.16 -25.07 -24.36
N TRP B 579 -37.41 -24.69 -25.61
CA TRP B 579 -38.74 -24.27 -26.02
C TRP B 579 -39.48 -25.45 -26.64
N THR B 580 -40.52 -25.93 -25.96
CA THR B 580 -41.13 -27.21 -26.28
C THR B 580 -42.51 -27.12 -26.89
N GLY B 581 -43.24 -26.02 -26.70
CA GLY B 581 -44.59 -25.97 -27.25
C GLY B 581 -45.20 -24.59 -27.07
N ILE B 582 -46.35 -24.43 -27.73
CA ILE B 582 -47.11 -23.19 -27.68
C ILE B 582 -48.56 -23.53 -27.32
N HIS B 583 -49.25 -22.55 -26.72
CA HIS B 583 -50.63 -22.73 -26.32
C HIS B 583 -51.39 -21.48 -26.71
N ARG B 584 -52.68 -21.41 -26.37
CA ARG B 584 -53.48 -20.27 -26.76
C ARG B 584 -54.02 -19.49 -25.56
N ASP B 585 -54.86 -20.10 -24.73
CA ASP B 585 -55.45 -19.46 -23.55
C ASP B 585 -54.59 -19.81 -22.35
N PRO B 586 -53.95 -18.82 -21.72
CA PRO B 586 -53.00 -19.13 -20.65
C PRO B 586 -53.61 -19.16 -19.25
N SER B 587 -54.74 -18.48 -19.03
CA SER B 587 -55.24 -18.31 -17.67
C SER B 587 -55.62 -19.64 -17.03
N MET B 588 -56.41 -20.46 -17.73
CA MET B 588 -56.77 -21.76 -17.19
C MET B 588 -55.53 -22.60 -16.89
N LEU B 589 -54.49 -22.46 -17.71
CA LEU B 589 -53.28 -23.25 -17.51
C LEU B 589 -52.51 -22.78 -16.28
N VAL B 590 -52.38 -21.47 -16.10
CA VAL B 590 -51.63 -20.96 -14.96
C VAL B 590 -52.36 -21.24 -13.65
N SER B 591 -53.69 -21.14 -13.66
CA SER B 591 -54.45 -21.42 -12.45
C SER B 591 -54.42 -22.91 -12.13
N THR B 592 -54.68 -23.75 -13.12
CA THR B 592 -54.70 -25.20 -12.89
C THR B 592 -53.33 -25.70 -12.43
N MET B 593 -52.27 -25.27 -13.10
CA MET B 593 -50.92 -25.67 -12.69
C MET B 593 -50.60 -25.14 -11.29
N ARG B 594 -51.04 -23.91 -10.99
CA ARG B 594 -50.78 -23.36 -9.66
C ARG B 594 -51.43 -24.18 -8.57
N ASP B 595 -52.70 -24.57 -8.76
CA ASP B 595 -53.35 -25.41 -7.76
C ASP B 595 -52.74 -26.80 -7.71
N LEU B 596 -52.33 -27.36 -8.86
CA LEU B 596 -51.66 -28.65 -8.86
C LEU B 596 -50.29 -28.56 -8.18
N ARG B 597 -49.78 -27.33 -7.97
CA ARG B 597 -48.61 -27.18 -7.12
C ARG B 597 -49.01 -27.05 -5.66
N ARG B 598 -50.06 -26.26 -5.38
CA ARG B 598 -50.48 -26.04 -4.00
C ARG B 598 -51.12 -27.26 -3.35
N SER B 599 -51.41 -28.31 -4.13
CA SER B 599 -51.96 -29.54 -3.57
C SER B 599 -50.89 -30.51 -3.11
N GLY B 600 -49.66 -30.37 -3.60
CA GLY B 600 -48.57 -31.27 -3.26
C GLY B 600 -48.26 -32.31 -4.31
N ALA B 601 -49.03 -32.34 -5.41
CA ALA B 601 -48.73 -33.29 -6.47
C ALA B 601 -47.37 -33.00 -7.10
N ILE B 602 -47.10 -31.74 -7.42
CA ILE B 602 -45.81 -31.30 -7.93
C ILE B 602 -44.97 -30.84 -6.73
N SER B 603 -43.67 -31.03 -6.82
CA SER B 603 -42.77 -30.56 -5.77
C SER B 603 -42.99 -29.07 -5.53
N PRO B 604 -43.17 -28.64 -4.28
CA PRO B 604 -43.56 -27.24 -4.04
C PRO B 604 -42.54 -26.22 -4.52
N GLU B 605 -41.27 -26.58 -4.61
CA GLU B 605 -40.23 -25.64 -5.03
C GLU B 605 -40.13 -25.51 -6.55
N VAL B 606 -41.25 -25.60 -7.26
CA VAL B 606 -41.25 -25.42 -8.72
C VAL B 606 -41.76 -24.03 -9.05
N SER B 607 -41.06 -23.35 -9.97
CA SER B 607 -41.41 -21.99 -10.35
C SER B 607 -42.34 -21.99 -11.55
N ILE B 608 -43.48 -21.33 -11.42
CA ILE B 608 -44.43 -21.13 -12.50
C ILE B 608 -44.50 -19.63 -12.75
N ILE B 609 -43.77 -19.15 -13.75
CA ILE B 609 -43.56 -17.73 -13.97
C ILE B 609 -44.22 -17.36 -15.29
N ARG B 610 -45.14 -16.39 -15.25
CA ARG B 610 -45.77 -15.87 -16.45
C ARG B 610 -45.33 -14.43 -16.68
N ASP B 611 -44.69 -14.19 -17.82
CA ASP B 611 -44.46 -12.84 -18.33
C ASP B 611 -45.62 -12.53 -19.26
N ILE B 612 -46.57 -11.73 -18.77
CA ILE B 612 -47.75 -11.42 -19.56
C ILE B 612 -47.39 -10.43 -20.67
N ARG B 613 -46.26 -9.73 -20.52
CA ARG B 613 -45.85 -8.73 -21.49
C ARG B 613 -45.47 -9.11 -22.92
N GLU B 614 -44.49 -9.98 -23.08
CA GLU B 614 -44.08 -10.44 -24.40
C GLU B 614 -44.70 -11.84 -24.54
N ARG B 615 -45.59 -12.22 -23.63
CA ARG B 615 -46.32 -13.48 -23.70
C ARG B 615 -45.36 -14.67 -23.64
N GLU B 616 -44.86 -14.94 -22.45
CA GLU B 616 -43.96 -16.07 -22.22
C GLU B 616 -44.37 -16.79 -20.94
N PHE B 617 -44.48 -18.11 -21.02
CA PHE B 617 -44.88 -18.93 -19.87
C PHE B 617 -43.72 -19.87 -19.55
N LYS B 618 -42.89 -19.48 -18.59
CA LYS B 618 -41.69 -20.21 -18.24
C LYS B 618 -41.90 -21.02 -16.97
N ILE B 619 -41.42 -22.26 -16.98
CA ILE B 619 -41.48 -23.15 -15.83
C ILE B 619 -40.06 -23.55 -15.47
N PHE B 620 -39.72 -23.40 -14.19
CA PHE B 620 -38.36 -23.66 -13.72
C PHE B 620 -38.36 -24.77 -12.68
N THR B 621 -37.62 -25.84 -12.96
CA THR B 621 -37.41 -26.95 -12.03
C THR B 621 -35.94 -27.32 -11.89
N ASP B 622 -35.08 -26.37 -11.53
CA ASP B 622 -33.65 -26.63 -11.56
C ASP B 622 -33.08 -26.68 -10.15
N VAL B 623 -31.76 -26.79 -10.06
CA VAL B 623 -31.08 -26.87 -8.77
C VAL B 623 -30.30 -25.58 -8.53
N GLY B 624 -30.36 -25.08 -7.30
CA GLY B 624 -29.61 -23.90 -6.92
C GLY B 624 -30.44 -22.64 -6.72
N ARG B 625 -31.70 -22.64 -7.12
CA ARG B 625 -32.55 -21.47 -6.96
C ARG B 625 -32.75 -21.14 -5.49
N VAL B 626 -32.38 -19.93 -5.11
CA VAL B 626 -32.56 -19.45 -3.74
C VAL B 626 -34.01 -18.98 -3.59
N TYR B 627 -34.69 -19.48 -2.57
CA TYR B 627 -36.09 -19.15 -2.36
C TYR B 627 -36.38 -18.98 -0.88
N ARG B 628 -37.61 -18.58 -0.58
CA ARG B 628 -38.07 -18.25 0.76
C ARG B 628 -39.58 -18.40 0.82
N PRO B 629 -40.13 -18.74 1.98
CA PRO B 629 -41.59 -18.92 2.10
C PRO B 629 -42.35 -17.61 2.29
N LEU B 630 -43.65 -17.69 2.06
CA LEU B 630 -44.57 -16.57 2.25
C LEU B 630 -45.98 -17.08 2.56
N PHE B 631 -46.74 -16.24 3.26
CA PHE B 631 -48.17 -16.46 3.42
C PHE B 631 -48.87 -16.35 2.07
N ILE B 632 -50.17 -16.64 2.06
CA ILE B 632 -50.96 -16.56 0.84
C ILE B 632 -52.21 -15.73 1.10
N VAL B 633 -52.52 -14.83 0.18
CA VAL B 633 -53.73 -14.02 0.23
C VAL B 633 -54.69 -14.55 -0.83
N GLU B 634 -55.92 -14.80 -0.43
CA GLU B 634 -56.94 -15.27 -1.38
C GLU B 634 -57.45 -14.10 -2.20
N ASP B 635 -56.97 -13.98 -3.44
CA ASP B 635 -57.32 -12.87 -4.30
C ASP B 635 -58.50 -13.13 -5.23
N ASP B 636 -58.93 -14.38 -5.36
CA ASP B 636 -59.92 -14.77 -6.36
C ASP B 636 -61.24 -14.05 -6.11
N GLU B 637 -61.70 -13.32 -7.11
CA GLU B 637 -63.00 -12.66 -7.04
C GLU B 637 -64.11 -13.70 -7.15
N SER B 638 -64.51 -14.29 -6.02
CA SER B 638 -65.48 -15.37 -6.03
C SER B 638 -66.18 -15.53 -4.68
N LYS B 639 -65.41 -15.71 -3.61
CA LYS B 639 -65.98 -15.99 -2.29
C LYS B 639 -65.75 -14.78 -1.39
N ASP B 640 -66.37 -14.84 -0.20
CA ASP B 640 -66.22 -13.76 0.77
C ASP B 640 -64.78 -13.65 1.28
N ASN B 641 -63.97 -14.69 1.10
CA ASN B 641 -62.56 -14.59 1.46
C ASN B 641 -61.78 -13.82 0.39
N LYS B 642 -62.24 -12.61 0.05
CA LYS B 642 -61.57 -11.83 -0.98
C LYS B 642 -60.70 -10.75 -0.36
N GLY B 643 -59.38 -11.01 -0.37
CA GLY B 643 -58.43 -10.10 0.23
C GLY B 643 -57.96 -10.48 1.62
N GLU B 644 -58.57 -11.49 2.24
CA GLU B 644 -58.20 -11.92 3.58
C GLU B 644 -57.22 -13.09 3.51
N LEU B 645 -56.62 -13.39 4.65
CA LEU B 645 -55.67 -14.50 4.73
C LEU B 645 -56.39 -15.83 4.80
N ARG B 646 -55.75 -16.88 4.27
CA ARG B 646 -56.29 -18.22 4.43
C ARG B 646 -56.04 -18.77 5.82
N ILE B 647 -54.78 -18.88 6.23
CA ILE B 647 -54.42 -19.48 7.52
C ILE B 647 -55.01 -18.66 8.66
N THR B 648 -55.90 -19.29 9.42
CA THR B 648 -56.56 -18.64 10.56
C THR B 648 -56.25 -19.42 11.83
N LYS B 649 -57.05 -19.16 12.86
CA LYS B 649 -56.74 -19.63 14.21
C LYS B 649 -56.77 -21.16 14.33
N GLU B 650 -57.56 -21.84 13.50
CA GLU B 650 -57.63 -23.30 13.61
C GLU B 650 -56.26 -23.93 13.36
N HIS B 651 -55.56 -23.47 12.32
CA HIS B 651 -54.23 -23.98 12.04
C HIS B 651 -53.27 -23.69 13.20
N ILE B 652 -53.43 -22.52 13.83
CA ILE B 652 -52.58 -22.18 14.97
C ILE B 652 -52.83 -23.13 16.13
N ARG B 653 -54.10 -23.48 16.36
CA ARG B 653 -54.41 -24.49 17.38
C ARG B 653 -53.76 -25.83 17.04
N LYS B 654 -53.90 -26.26 15.78
CA LYS B 654 -53.34 -27.56 15.40
C LYS B 654 -51.82 -27.58 15.49
N ILE B 655 -51.18 -26.42 15.31
CA ILE B 655 -49.72 -26.34 15.50
C ILE B 655 -49.39 -26.39 16.99
N GLN B 656 -50.17 -25.71 17.82
CA GLN B 656 -49.90 -25.68 19.27
C GLN B 656 -50.26 -27.00 19.98
N GLN B 657 -50.87 -27.92 19.21
CA GLN B 657 -51.34 -29.22 19.73
C GLN B 657 -50.91 -30.65 19.28
N GLY B 658 -50.12 -30.76 18.20
CA GLY B 658 -49.35 -31.95 17.87
C GLY B 658 -49.98 -33.00 16.97
N TYR B 659 -51.25 -32.83 16.61
CA TYR B 659 -51.92 -33.79 15.74
C TYR B 659 -53.23 -33.19 15.26
N ASP B 660 -53.68 -33.66 14.10
CA ASP B 660 -54.88 -33.13 13.48
C ASP B 660 -56.12 -33.64 14.23
N ASP B 661 -57.26 -33.55 13.56
CA ASP B 661 -58.51 -34.06 14.13
C ASP B 661 -59.26 -34.92 13.10
N ASP B 662 -58.47 -35.64 12.31
CA ASP B 662 -58.99 -36.59 11.34
C ASP B 662 -59.91 -35.91 10.33
N VAL B 675 -47.82 -36.30 12.86
CA VAL B 675 -47.58 -34.97 13.40
C VAL B 675 -47.96 -33.90 12.37
N TYR B 676 -48.49 -32.79 12.86
CA TYR B 676 -48.98 -31.70 12.00
C TYR B 676 -47.94 -30.58 12.04
N GLY B 677 -46.88 -30.72 11.25
CA GLY B 677 -45.76 -29.81 11.28
C GLY B 677 -45.84 -28.77 10.19
N TRP B 678 -44.70 -28.13 9.94
CA TRP B 678 -44.60 -27.14 8.87
C TRP B 678 -44.96 -27.74 7.52
N SER B 679 -44.60 -29.01 7.30
CA SER B 679 -44.89 -29.65 6.02
C SER B 679 -46.38 -29.74 5.73
N SER B 680 -47.20 -30.06 6.73
CA SER B 680 -48.64 -30.12 6.50
C SER B 680 -49.20 -28.75 6.16
N LEU B 681 -48.65 -27.69 6.75
CA LEU B 681 -49.04 -26.34 6.36
C LEU B 681 -48.63 -26.03 4.93
N VAL B 682 -47.44 -26.49 4.51
CA VAL B 682 -47.00 -26.22 3.15
C VAL B 682 -47.90 -26.94 2.14
N THR B 683 -48.22 -28.20 2.41
CA THR B 683 -49.01 -29.01 1.49
C THR B 683 -50.50 -28.72 1.53
N SER B 684 -51.01 -28.14 2.62
CA SER B 684 -52.44 -27.90 2.78
C SER B 684 -52.88 -26.57 2.18
N GLY B 685 -52.00 -25.89 1.46
CA GLY B 685 -52.39 -24.70 0.72
C GLY B 685 -52.59 -23.43 1.53
N VAL B 686 -51.64 -23.09 2.40
CA VAL B 686 -51.70 -21.83 3.13
C VAL B 686 -50.38 -21.07 3.08
N ILE B 687 -49.27 -21.73 2.73
CA ILE B 687 -47.95 -21.11 2.63
C ILE B 687 -47.32 -21.60 1.34
N GLU B 688 -46.57 -20.73 0.66
CA GLU B 688 -45.91 -21.16 -0.56
C GLU B 688 -44.47 -20.64 -0.59
N TYR B 689 -43.61 -21.40 -1.26
CA TYR B 689 -42.23 -21.01 -1.48
C TYR B 689 -42.13 -20.22 -2.78
N VAL B 690 -41.55 -19.02 -2.69
CA VAL B 690 -41.30 -18.18 -3.86
C VAL B 690 -39.81 -17.92 -3.94
N ASP B 691 -39.29 -17.80 -5.16
CA ASP B 691 -37.88 -17.55 -5.38
C ASP B 691 -37.66 -16.16 -5.97
N GLY B 692 -36.56 -15.99 -6.70
CA GLY B 692 -36.19 -14.67 -7.17
C GLY B 692 -36.75 -14.32 -8.54
N GLU B 693 -36.71 -15.26 -9.49
CA GLU B 693 -37.17 -14.97 -10.83
C GLU B 693 -38.69 -14.87 -10.87
N GLU B 694 -39.36 -15.43 -9.87
CA GLU B 694 -40.82 -15.28 -9.77
C GLU B 694 -41.20 -14.00 -9.05
N GLU B 695 -40.34 -13.51 -8.15
CA GLU B 695 -40.67 -12.38 -7.31
C GLU B 695 -41.02 -11.13 -8.14
N GLU B 696 -40.57 -11.09 -9.40
CA GLU B 696 -40.93 -9.99 -10.27
C GLU B 696 -42.42 -9.92 -10.55
N THR B 697 -43.10 -11.07 -10.63
CA THR B 697 -44.47 -11.13 -11.11
C THR B 697 -45.52 -10.92 -10.03
N ILE B 698 -45.14 -11.04 -8.75
CA ILE B 698 -46.10 -11.01 -7.65
C ILE B 698 -46.27 -9.57 -7.16
N MET B 699 -46.99 -9.44 -6.05
CA MET B 699 -47.28 -8.15 -5.42
C MET B 699 -47.54 -8.41 -3.94
N ILE B 700 -46.78 -7.74 -3.07
CA ILE B 700 -46.66 -8.13 -1.68
C ILE B 700 -47.22 -7.02 -0.78
N ALA B 701 -47.86 -7.41 0.31
CA ALA B 701 -48.16 -6.48 1.39
C ALA B 701 -47.19 -6.73 2.55
N MET B 702 -46.77 -5.65 3.21
CA MET B 702 -45.74 -5.79 4.22
C MET B 702 -46.26 -6.42 5.52
N THR B 703 -47.36 -5.91 6.04
CA THR B 703 -47.90 -6.38 7.32
C THR B 703 -49.34 -6.83 7.10
N PRO B 704 -49.84 -7.73 7.95
CA PRO B 704 -51.26 -8.11 7.86
C PRO B 704 -52.20 -6.93 8.06
N GLU B 705 -51.85 -6.01 8.96
CA GLU B 705 -52.69 -4.83 9.19
C GLU B 705 -52.80 -3.95 7.95
N ASP B 706 -52.06 -4.26 6.88
CA ASP B 706 -52.17 -3.55 5.61
C ASP B 706 -53.13 -4.22 4.64
N LEU B 707 -53.41 -5.51 4.81
CA LEU B 707 -54.31 -6.20 3.89
C LEU B 707 -55.71 -5.61 3.92
N GLN B 708 -56.10 -4.98 5.02
CA GLN B 708 -57.34 -4.24 5.09
C GLN B 708 -57.04 -2.81 5.50
N THR B 709 -56.96 -1.93 4.51
CA THR B 709 -56.65 -0.53 4.75
C THR B 709 -57.62 0.07 5.77
N ARG B 710 -57.06 0.84 6.70
CA ARG B 710 -57.73 1.33 7.89
C ARG B 710 -58.91 2.24 7.54
N SER B 711 -59.52 2.78 8.58
CA SER B 711 -60.65 3.70 8.44
C SER B 711 -60.30 4.90 7.56
N LEU B 719 -55.13 8.66 14.66
CA LEU B 719 -53.70 8.42 14.76
C LEU B 719 -52.96 9.70 15.15
N ASN B 720 -52.07 10.14 14.26
CA ASN B 720 -51.26 11.35 14.47
C ASN B 720 -50.43 11.26 15.76
N ASP B 721 -49.23 10.70 15.66
CA ASP B 721 -48.37 10.50 16.82
C ASP B 721 -46.94 10.88 16.45
N THR B 722 -46.18 11.36 17.43
CA THR B 722 -44.80 11.75 17.20
C THR B 722 -43.81 10.64 17.54
N ALA B 723 -44.20 9.66 18.35
CA ALA B 723 -43.31 8.57 18.72
C ALA B 723 -43.22 7.50 17.65
N LYS B 724 -44.34 6.87 17.33
CA LYS B 724 -44.35 5.84 16.29
C LYS B 724 -44.18 6.48 14.91
N ARG B 725 -43.48 5.75 14.04
CA ARG B 725 -42.97 6.31 12.79
C ARG B 725 -44.10 6.55 11.79
N ILE B 726 -43.73 7.16 10.67
CA ILE B 726 -44.68 7.48 9.60
C ILE B 726 -44.63 6.37 8.55
N LYS B 727 -45.70 5.59 8.48
CA LYS B 727 -45.85 4.52 7.50
C LYS B 727 -46.26 5.10 6.15
N PRO B 728 -46.09 4.36 5.05
CA PRO B 728 -46.38 4.94 3.73
C PRO B 728 -47.87 5.21 3.52
N GLU B 729 -48.20 5.61 2.30
CA GLU B 729 -49.57 6.01 1.98
C GLU B 729 -50.08 5.30 0.74
N MET B 730 -49.17 4.89 -0.14
CA MET B 730 -49.51 4.39 -1.47
C MET B 730 -50.35 5.42 -2.22
N SER B 731 -49.78 6.61 -2.39
CA SER B 731 -50.45 7.78 -2.92
C SER B 731 -51.21 7.49 -4.21
N THR B 732 -50.63 6.73 -5.13
CA THR B 732 -51.30 6.38 -6.37
C THR B 732 -51.86 4.97 -6.35
N SER B 733 -52.83 4.69 -5.49
CA SER B 733 -53.51 3.41 -5.43
C SER B 733 -54.72 3.49 -4.51
N SER B 734 -55.89 3.77 -5.10
CA SER B 734 -57.11 3.87 -4.31
C SER B 734 -57.71 2.49 -4.06
N HIS B 735 -57.12 1.45 -4.63
CA HIS B 735 -57.58 0.08 -4.44
C HIS B 735 -56.47 -0.88 -4.83
N HIS B 736 -56.04 -1.70 -3.88
CA HIS B 736 -55.01 -2.70 -4.12
C HIS B 736 -55.65 -4.07 -4.31
N THR B 737 -54.84 -5.02 -4.77
CA THR B 737 -55.18 -6.44 -4.89
C THR B 737 -53.94 -7.22 -4.48
N PHE B 738 -53.61 -7.15 -3.19
CA PHE B 738 -52.42 -7.84 -2.69
C PHE B 738 -52.56 -9.34 -2.88
N THR B 739 -51.44 -10.01 -3.14
CA THR B 739 -51.43 -11.44 -3.41
C THR B 739 -50.62 -12.24 -2.42
N HIS B 740 -49.85 -11.59 -1.56
CA HIS B 740 -49.03 -12.29 -0.56
C HIS B 740 -48.92 -11.43 0.69
N CYS B 741 -48.07 -11.88 1.60
CA CYS B 741 -47.85 -11.20 2.87
C CYS B 741 -46.56 -11.71 3.50
N GLU B 742 -45.68 -10.77 3.82
CA GLU B 742 -44.47 -11.12 4.57
C GLU B 742 -44.85 -11.65 5.95
N ILE B 743 -44.20 -12.74 6.35
CA ILE B 743 -44.47 -13.30 7.68
C ILE B 743 -44.15 -12.27 8.76
N HIS B 744 -42.86 -11.92 8.89
CA HIS B 744 -42.46 -10.84 9.78
C HIS B 744 -41.28 -10.15 9.14
N PRO B 745 -41.30 -8.82 9.02
CA PRO B 745 -40.27 -8.13 8.23
C PRO B 745 -38.87 -8.20 8.84
N SER B 746 -38.74 -8.67 10.09
CA SER B 746 -37.42 -8.73 10.72
C SER B 746 -36.68 -10.00 10.30
N MET B 747 -37.26 -10.76 9.36
CA MET B 747 -36.63 -12.00 8.90
C MET B 747 -35.64 -11.73 7.78
N ILE B 748 -35.59 -10.49 7.29
CA ILE B 748 -34.67 -10.15 6.22
C ILE B 748 -33.23 -10.05 6.71
N LEU B 749 -33.01 -10.13 8.01
CA LEU B 749 -31.66 -10.03 8.55
C LEU B 749 -30.97 -11.39 8.56
N GLY B 750 -29.68 -11.38 8.86
CA GLY B 750 -28.89 -12.58 8.93
C GLY B 750 -28.85 -13.16 10.33
N VAL B 751 -27.76 -13.90 10.61
CA VAL B 751 -27.59 -14.51 11.92
C VAL B 751 -26.89 -13.56 12.87
N ALA B 752 -25.71 -13.07 12.47
CA ALA B 752 -24.94 -12.21 13.36
C ALA B 752 -25.52 -10.81 13.41
N ALA B 753 -26.61 -10.56 12.67
CA ALA B 753 -27.29 -9.28 12.74
C ALA B 753 -28.54 -9.33 13.60
N SER B 754 -28.99 -10.52 13.97
CA SER B 754 -30.14 -10.65 14.87
C SER B 754 -29.75 -10.51 16.33
N ILE B 755 -28.46 -10.34 16.64
CA ILE B 755 -28.04 -10.09 18.00
C ILE B 755 -28.24 -8.64 18.42
N ILE B 756 -28.29 -7.71 17.47
CA ILE B 756 -28.36 -6.28 17.82
C ILE B 756 -29.77 -5.93 18.26
N PRO B 757 -29.94 -5.29 19.41
CA PRO B 757 -31.26 -4.78 19.80
C PRO B 757 -31.55 -3.47 19.07
N PHE B 758 -32.76 -3.34 18.55
CA PHE B 758 -33.19 -2.19 17.78
C PHE B 758 -32.22 -1.91 16.64
N PRO B 759 -32.02 -2.84 15.71
CA PRO B 759 -31.02 -2.62 14.65
C PRO B 759 -31.45 -1.60 13.60
N ASP B 760 -32.26 -0.60 13.97
CA ASP B 760 -32.68 0.43 13.02
C ASP B 760 -32.43 1.84 13.54
N HIS B 761 -32.41 2.04 14.86
CA HIS B 761 -32.01 3.32 15.45
C HIS B 761 -30.51 3.53 15.40
N ASN B 762 -29.88 3.31 14.24
CA ASN B 762 -28.44 3.36 14.12
C ASN B 762 -28.03 3.93 12.77
N GLN B 763 -26.82 3.58 12.36
CA GLN B 763 -26.33 3.95 11.03
C GLN B 763 -25.56 2.76 10.45
N SER B 764 -25.90 2.39 9.22
CA SER B 764 -25.55 1.06 8.71
C SER B 764 -24.08 0.67 8.88
N PRO B 765 -23.08 1.55 8.73
CA PRO B 765 -21.71 1.11 9.00
C PRO B 765 -21.51 0.60 10.42
N ARG B 766 -22.40 0.97 11.35
CA ARG B 766 -22.31 0.44 12.70
C ARG B 766 -22.92 -0.95 12.79
N ASN B 767 -23.99 -1.21 12.03
CA ASN B 767 -24.51 -2.57 11.93
C ASN B 767 -23.51 -3.48 11.23
N THR B 768 -22.67 -2.90 10.36
CA THR B 768 -21.63 -3.68 9.70
C THR B 768 -20.47 -3.97 10.64
N TYR B 769 -19.97 -2.93 11.32
CA TYR B 769 -18.90 -3.11 12.30
C TYR B 769 -19.30 -4.10 13.39
N GLN B 770 -20.52 -3.95 13.92
CA GLN B 770 -21.01 -4.91 14.91
C GLN B 770 -21.21 -6.29 14.30
N SER B 771 -21.67 -6.35 13.06
CA SER B 771 -21.83 -7.64 12.40
C SER B 771 -20.48 -8.30 12.16
N ALA B 772 -19.38 -7.56 12.26
CA ALA B 772 -18.06 -8.14 12.09
C ALA B 772 -17.39 -8.43 13.43
N MET B 773 -17.76 -7.66 14.47
CA MET B 773 -17.13 -7.88 15.77
C MET B 773 -17.89 -8.90 16.61
N GLY B 774 -19.15 -9.18 16.26
CA GLY B 774 -19.90 -10.18 17.00
C GLY B 774 -19.33 -11.58 16.82
N LYS B 775 -18.38 -11.74 15.90
CA LYS B 775 -17.72 -13.02 15.66
C LYS B 775 -16.33 -13.10 16.27
N GLN B 776 -16.02 -12.27 17.27
CA GLN B 776 -14.72 -12.27 17.91
C GLN B 776 -14.80 -12.26 19.44
N ALA B 777 -16.00 -12.27 20.00
CA ALA B 777 -16.19 -12.14 21.43
C ALA B 777 -15.95 -13.48 22.12
N MET B 778 -15.37 -13.45 23.30
CA MET B 778 -15.19 -14.66 24.08
C MET B 778 -16.53 -15.22 24.53
N GLY B 779 -16.51 -16.41 25.11
CA GLY B 779 -17.73 -17.01 25.64
C GLY B 779 -17.63 -18.51 25.78
N VAL B 780 -18.71 -19.21 25.42
CA VAL B 780 -18.76 -20.67 25.49
C VAL B 780 -19.16 -21.21 24.13
N PHE B 781 -18.25 -21.94 23.48
CA PHE B 781 -18.52 -22.42 22.13
C PHE B 781 -19.22 -23.78 22.14
N LEU B 782 -18.85 -24.65 23.08
CA LEU B 782 -19.53 -25.94 23.24
C LEU B 782 -19.62 -26.26 24.72
N THR B 783 -20.37 -27.33 25.02
CA THR B 783 -20.55 -27.76 26.39
C THR B 783 -19.67 -28.96 26.76
N ASN B 784 -18.79 -29.39 25.86
CA ASN B 784 -17.82 -30.44 26.14
C ASN B 784 -16.38 -29.95 25.98
N TYR B 785 -16.09 -28.73 26.44
CA TYR B 785 -14.74 -28.18 26.32
C TYR B 785 -13.73 -29.00 27.12
N ASN B 786 -14.21 -29.87 28.01
CA ASN B 786 -13.32 -30.70 28.81
C ASN B 786 -12.71 -31.85 28.02
N VAL B 787 -13.49 -32.45 27.11
CA VAL B 787 -13.06 -33.68 26.45
C VAL B 787 -12.44 -33.45 25.07
N ARG B 788 -12.79 -32.36 24.40
CA ARG B 788 -12.18 -32.04 23.11
C ARG B 788 -10.75 -31.59 23.30
N MET B 789 -9.97 -31.63 22.22
CA MET B 789 -8.58 -31.19 22.22
C MET B 789 -8.33 -30.42 20.92
N ASP B 790 -8.83 -29.18 20.87
CA ASP B 790 -8.57 -28.29 19.76
C ASP B 790 -7.24 -27.57 19.96
N THR B 791 -6.99 -26.58 19.11
CA THR B 791 -5.74 -25.84 19.21
C THR B 791 -5.83 -24.74 20.26
N MET B 792 -6.82 -23.87 20.16
CA MET B 792 -7.01 -22.80 21.14
C MET B 792 -8.49 -22.74 21.50
N ALA B 793 -8.77 -22.21 22.69
CA ALA B 793 -10.14 -22.08 23.17
C ALA B 793 -10.17 -21.06 24.29
N ASN B 794 -11.13 -20.13 24.20
CA ASN B 794 -11.34 -19.13 25.23
C ASN B 794 -12.66 -19.42 25.95
N ILE B 795 -12.65 -19.25 27.27
CA ILE B 795 -13.84 -19.48 28.10
C ILE B 795 -14.02 -18.25 28.96
N LEU B 796 -15.27 -17.93 29.30
CA LEU B 796 -15.53 -16.85 30.23
C LEU B 796 -16.05 -17.41 31.54
N TYR B 797 -15.53 -16.86 32.66
CA TYR B 797 -15.91 -17.36 33.98
C TYR B 797 -17.43 -17.34 34.18
N TYR B 798 -18.01 -16.15 34.26
CA TYR B 798 -19.41 -15.98 34.66
C TYR B 798 -20.19 -15.32 33.54
N PRO B 799 -20.65 -16.10 32.56
CA PRO B 799 -21.47 -15.51 31.49
C PRO B 799 -22.85 -15.13 32.00
N GLN B 800 -23.45 -14.14 31.36
CA GLN B 800 -24.77 -13.66 31.72
C GLN B 800 -25.58 -13.37 30.47
N LYS B 801 -26.84 -13.84 30.47
CA LYS B 801 -27.71 -13.60 29.34
C LYS B 801 -28.20 -12.14 29.32
N PRO B 802 -28.41 -11.57 28.14
CA PRO B 802 -28.68 -10.13 28.06
C PRO B 802 -30.04 -9.75 28.61
N LEU B 803 -30.25 -8.45 28.78
CA LEU B 803 -31.52 -7.92 29.25
C LEU B 803 -32.35 -7.29 28.13
N ALA B 804 -31.80 -7.19 26.92
CA ALA B 804 -32.52 -6.67 25.77
C ALA B 804 -32.56 -7.77 24.72
N LYS B 805 -33.63 -8.54 24.70
CA LYS B 805 -33.74 -9.69 23.83
C LYS B 805 -34.61 -9.37 22.62
N THR B 806 -34.08 -9.72 21.44
CA THR B 806 -34.89 -9.84 20.25
C THR B 806 -35.42 -11.27 20.19
N GLN B 807 -36.62 -11.42 19.63
CA GLN B 807 -37.28 -12.73 19.64
C GLN B 807 -36.43 -13.80 18.97
N ALA B 808 -35.79 -13.47 17.85
CA ALA B 808 -35.03 -14.45 17.09
C ALA B 808 -33.92 -15.10 17.92
N MET B 809 -33.38 -14.40 18.91
CA MET B 809 -32.37 -14.98 19.79
C MET B 809 -32.80 -16.35 20.31
N GLU B 810 -34.11 -16.55 20.55
CA GLU B 810 -34.60 -17.79 21.12
C GLU B 810 -34.16 -19.01 20.31
N TYR B 811 -33.83 -18.81 19.04
CA TYR B 811 -33.48 -19.95 18.20
C TYR B 811 -32.00 -20.04 17.89
N LEU B 812 -31.22 -19.02 18.26
CA LEU B 812 -29.78 -19.11 18.12
C LEU B 812 -29.11 -19.72 19.34
N LYS B 813 -29.88 -20.35 20.23
CA LYS B 813 -29.39 -20.83 21.52
C LYS B 813 -28.68 -19.75 22.30
N PHE B 814 -29.14 -18.50 22.17
CA PHE B 814 -28.36 -17.36 22.63
C PHE B 814 -28.74 -16.97 24.06
N ARG B 815 -29.48 -17.83 24.76
CA ARG B 815 -29.61 -17.66 26.19
C ARG B 815 -29.45 -18.98 26.92
N GLU B 816 -28.84 -19.98 26.27
CA GLU B 816 -28.27 -21.13 26.97
C GLU B 816 -26.77 -21.22 26.78
N LEU B 817 -26.21 -20.50 25.81
CA LEU B 817 -24.77 -20.35 25.64
C LEU B 817 -24.46 -18.89 25.33
N PRO B 818 -24.68 -17.99 26.27
CA PRO B 818 -24.42 -16.57 26.02
C PRO B 818 -22.94 -16.27 26.00
N ALA B 819 -22.60 -15.08 25.50
CA ALA B 819 -21.21 -14.65 25.34
C ALA B 819 -21.12 -13.15 25.58
N GLY B 820 -21.01 -12.77 26.85
CA GLY B 820 -20.92 -11.36 27.20
C GLY B 820 -21.58 -11.13 28.55
N GLN B 821 -21.24 -10.00 29.15
CA GLN B 821 -21.70 -9.70 30.49
C GLN B 821 -22.40 -8.35 30.52
N ASN B 822 -23.40 -8.26 31.40
CA ASN B 822 -24.05 -6.99 31.71
C ASN B 822 -23.09 -6.17 32.55
N ALA B 823 -23.24 -4.85 32.52
CA ALA B 823 -22.36 -3.96 33.27
C ALA B 823 -23.03 -2.62 33.54
N ILE B 824 -22.67 -2.00 34.65
CA ILE B 824 -23.19 -0.68 34.98
C ILE B 824 -22.34 0.35 34.26
N VAL B 825 -22.98 1.15 33.41
CA VAL B 825 -22.29 2.09 32.54
C VAL B 825 -22.76 3.49 32.90
N ALA B 826 -21.80 4.41 33.01
CA ALA B 826 -22.06 5.83 33.16
C ALA B 826 -21.37 6.58 32.04
N ILE B 827 -21.90 7.76 31.72
CA ILE B 827 -21.40 8.57 30.61
C ILE B 827 -20.97 9.92 31.19
N ALA B 828 -19.67 10.12 31.35
CA ALA B 828 -19.22 11.37 31.93
C ALA B 828 -17.86 11.75 31.40
N CYS B 829 -17.67 13.05 31.19
CA CYS B 829 -16.34 13.61 30.87
C CYS B 829 -15.79 13.76 32.27
N TYR B 830 -14.92 12.82 32.66
CA TYR B 830 -14.52 12.64 34.06
C TYR B 830 -13.19 13.27 34.39
N SER B 831 -12.14 12.47 34.60
CA SER B 831 -10.79 13.00 34.78
C SER B 831 -10.01 13.21 33.49
N GLY B 832 -10.53 12.71 32.36
CA GLY B 832 -9.88 12.94 31.10
C GLY B 832 -9.14 11.77 30.50
N TYR B 833 -9.14 10.60 31.15
CA TYR B 833 -8.46 9.43 30.64
C TYR B 833 -9.33 8.63 29.66
N ASN B 834 -10.59 9.04 29.47
CA ASN B 834 -11.51 8.32 28.60
C ASN B 834 -11.81 9.11 27.32
N GLN B 835 -10.77 9.45 26.56
CA GLN B 835 -10.96 10.20 25.33
C GLN B 835 -10.41 9.42 24.14
N GLU B 836 -10.97 9.70 22.96
CA GLU B 836 -10.60 9.02 21.72
C GLU B 836 -10.82 7.51 21.84
N ASP B 837 -12.03 7.15 22.25
CA ASP B 837 -12.50 5.77 22.35
C ASP B 837 -11.74 4.95 23.37
N SER B 838 -11.35 5.54 24.50
CA SER B 838 -10.83 4.80 25.64
C SER B 838 -11.88 4.85 26.75
N MET B 839 -11.60 4.14 27.84
CA MET B 839 -12.61 4.06 28.90
C MET B 839 -11.93 3.97 30.27
N ILE B 840 -12.75 3.94 31.31
CA ILE B 840 -12.28 3.85 32.69
C ILE B 840 -13.00 2.68 33.36
N MET B 841 -12.28 1.60 33.60
CA MET B 841 -12.86 0.41 34.21
C MET B 841 -12.54 0.37 35.70
N ASN B 842 -13.44 -0.25 36.47
CA ASN B 842 -13.32 -0.27 37.92
C ASN B 842 -12.40 -1.40 38.35
N GLN B 843 -11.58 -1.14 39.38
CA GLN B 843 -10.64 -2.15 39.84
C GLN B 843 -11.31 -3.21 40.71
N SER B 844 -12.26 -2.79 41.55
CA SER B 844 -12.88 -3.74 42.48
C SER B 844 -13.69 -4.79 41.74
N SER B 845 -14.35 -4.38 40.65
CA SER B 845 -15.11 -5.35 39.85
C SER B 845 -14.18 -6.32 39.14
N ILE B 846 -13.02 -5.84 38.70
CA ILE B 846 -12.02 -6.75 38.14
C ILE B 846 -11.56 -7.73 39.20
N ASP B 847 -11.45 -7.26 40.45
CA ASP B 847 -11.02 -8.14 41.53
C ASP B 847 -12.07 -9.20 41.84
N ARG B 848 -13.35 -8.82 41.83
CA ARG B 848 -14.42 -9.74 42.16
C ARG B 848 -14.77 -10.71 41.03
N GLY B 849 -14.24 -10.49 39.83
CA GLY B 849 -14.46 -11.41 38.72
C GLY B 849 -15.27 -10.86 37.56
N LEU B 850 -14.92 -9.71 37.00
CA LEU B 850 -15.68 -9.15 35.88
C LEU B 850 -14.85 -9.24 34.61
N PHE B 851 -15.41 -9.88 33.58
CA PHE B 851 -14.74 -10.10 32.29
C PHE B 851 -13.46 -10.92 32.44
N ARG B 852 -13.49 -11.98 33.25
CA ARG B 852 -12.27 -12.73 33.53
C ARG B 852 -12.36 -14.12 32.89
N SER B 853 -11.27 -14.53 32.23
CA SER B 853 -11.39 -15.59 31.25
C SER B 853 -10.36 -16.70 31.44
N LEU B 854 -10.67 -17.86 30.87
CA LEU B 854 -9.77 -19.00 30.76
C LEU B 854 -9.25 -19.14 29.33
N PHE B 855 -8.03 -19.68 29.21
CA PHE B 855 -7.32 -19.76 27.94
C PHE B 855 -6.53 -21.07 27.86
N PHE B 856 -6.97 -21.97 26.97
CA PHE B 856 -6.33 -23.26 26.80
C PHE B 856 -5.33 -23.20 25.65
N ARG B 857 -4.70 -24.35 25.36
CA ARG B 857 -3.83 -24.54 24.22
C ARG B 857 -3.37 -25.99 24.20
N SER B 858 -3.10 -26.54 23.01
CA SER B 858 -2.71 -27.94 22.87
C SER B 858 -1.56 -28.09 21.87
N TYR B 859 -0.73 -29.10 22.09
CA TYR B 859 0.42 -29.44 21.27
C TYR B 859 0.34 -30.90 20.88
N MET B 860 1.08 -31.28 19.84
CA MET B 860 1.02 -32.63 19.27
C MET B 860 2.38 -33.01 18.70
N ASP B 861 2.71 -34.30 18.80
CA ASP B 861 3.91 -34.83 18.18
C ASP B 861 3.76 -36.34 18.05
N GLN B 862 4.39 -36.91 17.03
CA GLN B 862 4.27 -38.34 16.78
C GLN B 862 5.63 -38.90 16.38
N GLU B 863 5.60 -40.16 15.92
CA GLU B 863 6.82 -40.88 15.61
C GLU B 863 6.89 -41.24 14.13
N LYS B 864 7.84 -40.66 13.42
CA LYS B 864 8.08 -40.98 12.02
C LYS B 864 9.12 -42.09 11.91
N ARG B 865 8.88 -43.00 10.97
CA ARG B 865 9.75 -44.16 10.75
C ARG B 865 10.65 -43.91 9.55
N PHE B 866 11.91 -44.31 9.66
CA PHE B 866 12.86 -44.17 8.57
C PHE B 866 13.44 -45.49 8.11
N GLY B 867 13.91 -46.34 9.01
CA GLY B 867 14.37 -47.65 8.63
C GLY B 867 13.41 -48.71 9.11
N ILE B 868 13.74 -49.97 8.81
CA ILE B 868 12.90 -51.07 9.25
C ILE B 868 12.87 -51.16 10.77
N SER B 869 14.03 -50.97 11.41
CA SER B 869 14.13 -50.96 12.86
C SER B 869 14.46 -49.57 13.38
N ILE B 870 14.82 -48.67 12.48
CA ILE B 870 15.23 -47.30 12.82
C ILE B 870 13.96 -46.47 12.94
N VAL B 871 13.66 -46.00 14.16
CA VAL B 871 12.49 -45.17 14.44
C VAL B 871 12.90 -44.07 15.41
N GLU B 872 11.90 -43.45 16.03
CA GLU B 872 12.13 -42.44 17.04
C GLU B 872 11.36 -42.78 18.31
N GLU B 873 12.04 -42.62 19.46
CA GLU B 873 11.50 -43.04 20.74
C GLU B 873 11.39 -41.84 21.67
N PHE B 874 10.22 -41.66 22.28
CA PHE B 874 10.04 -40.63 23.30
C PHE B 874 10.80 -41.05 24.55
N GLU B 875 11.63 -40.14 25.07
CA GLU B 875 12.43 -40.44 26.25
C GLU B 875 13.01 -39.14 26.79
N LYS B 876 14.02 -39.27 27.64
CA LYS B 876 14.77 -38.12 28.13
C LYS B 876 16.20 -38.22 27.64
N PRO B 877 16.72 -37.23 26.91
CA PRO B 877 18.13 -37.28 26.49
C PRO B 877 19.06 -36.85 27.61
N THR B 878 20.22 -37.48 27.68
CA THR B 878 21.27 -37.04 28.59
C THR B 878 22.46 -36.50 27.79
N ARG B 879 23.30 -35.70 28.46
CA ARG B 879 24.39 -35.04 27.75
C ARG B 879 25.44 -36.01 27.24
N ALA B 880 25.53 -37.21 27.83
CA ALA B 880 26.58 -38.14 27.44
C ALA B 880 26.33 -38.72 26.05
N THR B 881 25.08 -39.06 25.73
CA THR B 881 24.77 -39.74 24.48
C THR B 881 24.36 -38.81 23.35
N THR B 882 23.29 -38.04 23.52
CA THR B 882 22.71 -37.25 22.44
C THR B 882 23.55 -36.02 22.16
N LEU B 883 23.26 -35.34 21.05
CA LEU B 883 23.98 -34.16 20.62
C LEU B 883 23.00 -33.06 20.16
N ARG B 884 23.52 -31.84 20.10
CA ARG B 884 22.72 -30.66 19.75
C ARG B 884 21.49 -30.53 20.64
N LEU B 885 21.72 -30.53 21.96
CA LEU B 885 20.65 -30.28 22.90
C LEU B 885 20.17 -28.84 22.78
N LYS B 886 18.97 -28.58 23.29
CA LYS B 886 18.44 -27.23 23.26
C LYS B 886 18.70 -26.80 24.70
N HIS B 887 18.53 -25.49 24.94
CA HIS B 887 18.76 -24.95 26.27
C HIS B 887 17.92 -25.03 27.54
N GLY B 888 16.60 -25.03 27.43
CA GLY B 888 15.73 -25.06 28.59
C GLY B 888 15.93 -26.32 29.42
N THR B 889 15.43 -26.25 30.65
CA THR B 889 15.60 -27.35 31.59
C THR B 889 14.87 -28.60 31.10
N TYR B 890 15.54 -29.74 31.24
CA TYR B 890 14.97 -31.04 30.92
C TYR B 890 14.49 -31.78 32.16
N GLU B 891 14.58 -31.16 33.33
CA GLU B 891 14.33 -31.82 34.60
C GLU B 891 12.85 -32.00 34.90
N LYS B 892 11.96 -31.49 34.05
CA LYS B 892 10.53 -31.62 34.27
C LYS B 892 9.91 -32.79 33.54
N LEU B 893 10.69 -33.50 32.72
CA LEU B 893 10.20 -34.71 32.08
C LEU B 893 10.27 -35.88 33.05
N ASP B 894 9.34 -36.82 32.93
CA ASP B 894 9.35 -38.01 33.78
C ASP B 894 10.22 -38.86 32.88
N GLU B 895 10.30 -40.16 33.17
CA GLU B 895 11.08 -41.05 32.31
C GLU B 895 10.82 -41.49 30.89
N ASP B 896 9.57 -41.50 30.44
CA ASP B 896 9.26 -41.85 29.06
C ASP B 896 9.18 -40.63 28.14
N GLY B 897 9.37 -39.42 28.67
CA GLY B 897 9.46 -38.25 27.84
C GLY B 897 8.24 -37.35 27.82
N LEU B 898 7.24 -37.61 28.65
CA LEU B 898 6.03 -36.81 28.69
C LEU B 898 5.88 -36.16 30.06
N ILE B 899 5.74 -34.84 30.07
CA ILE B 899 5.55 -34.12 31.33
C ILE B 899 4.15 -34.41 31.88
N ALA B 900 4.04 -34.43 33.22
CA ALA B 900 2.82 -34.79 33.93
C ALA B 900 1.97 -33.57 34.21
N PRO B 901 0.65 -33.74 34.28
CA PRO B 901 -0.22 -32.62 34.64
C PRO B 901 -0.04 -32.23 36.09
N GLY B 902 -0.16 -30.93 36.36
CA GLY B 902 0.08 -30.38 37.68
C GLY B 902 1.40 -29.65 37.81
N VAL B 903 2.24 -29.70 36.81
CA VAL B 903 3.55 -29.05 36.83
C VAL B 903 3.42 -27.69 36.16
N ARG B 904 4.09 -26.68 36.73
CA ARG B 904 4.09 -25.37 36.11
C ARG B 904 5.19 -25.28 35.05
N VAL B 905 4.84 -24.75 33.89
CA VAL B 905 5.79 -24.54 32.81
C VAL B 905 5.76 -23.08 32.39
N SER B 906 6.93 -22.52 32.14
CA SER B 906 7.08 -21.12 31.79
C SER B 906 7.76 -20.97 30.44
N GLY B 907 8.88 -20.26 30.43
CA GLY B 907 9.55 -19.93 29.19
C GLY B 907 10.46 -21.02 28.67
N ASP B 908 10.08 -21.61 27.53
CA ASP B 908 10.91 -22.58 26.81
C ASP B 908 11.21 -23.83 27.64
N ASP B 909 10.26 -24.23 28.48
CA ASP B 909 10.42 -25.49 29.21
C ASP B 909 10.11 -26.67 28.29
N ILE B 910 11.08 -27.55 28.13
CA ILE B 910 10.95 -28.70 27.24
C ILE B 910 9.85 -29.62 27.77
N ILE B 911 8.89 -29.95 26.91
CA ILE B 911 7.76 -30.77 27.30
C ILE B 911 7.76 -32.14 26.64
N ILE B 912 8.47 -32.34 25.53
CA ILE B 912 8.51 -33.63 24.84
C ILE B 912 9.93 -33.85 24.35
N GLY B 913 10.64 -34.77 25.00
CA GLY B 913 11.98 -35.13 24.57
C GLY B 913 11.94 -36.29 23.60
N LYS B 914 12.38 -36.05 22.37
CA LYS B 914 12.37 -37.07 21.34
C LYS B 914 13.72 -37.05 20.62
N THR B 915 14.23 -38.24 20.29
CA THR B 915 15.54 -38.38 19.70
C THR B 915 15.44 -38.98 18.30
N THR B 916 16.42 -38.63 17.47
CA THR B 916 16.58 -39.18 16.13
C THR B 916 17.94 -39.86 16.05
N PRO B 917 18.00 -41.11 15.64
CA PRO B 917 19.28 -41.82 15.60
C PRO B 917 20.15 -41.36 14.44
N ILE B 918 21.43 -41.20 14.73
CA ILE B 918 22.42 -40.75 13.75
C ILE B 918 22.63 -41.82 12.67
N PRO B 919 22.65 -41.44 11.40
CA PRO B 919 23.05 -42.40 10.36
C PRO B 919 24.50 -42.79 10.52
N PRO B 920 24.80 -44.10 10.51
CA PRO B 920 26.15 -44.61 10.76
C PRO B 920 27.14 -44.24 9.66
N TYR B 931 31.17 -43.71 20.33
CA TYR B 931 29.93 -43.38 21.01
C TYR B 931 29.36 -42.07 20.49
N HIS B 932 28.48 -41.44 21.29
CA HIS B 932 27.91 -40.14 20.95
C HIS B 932 27.17 -40.25 19.62
N THR B 933 26.01 -40.93 19.62
CA THR B 933 25.40 -41.40 18.39
C THR B 933 23.92 -41.09 18.25
N LYS B 934 23.39 -40.05 18.88
CA LYS B 934 22.00 -39.65 18.71
C LYS B 934 21.88 -38.14 18.68
N ARG B 935 20.84 -37.66 18.00
CA ARG B 935 20.62 -36.24 17.80
C ARG B 935 19.26 -35.85 18.37
N ASP B 936 19.18 -34.69 19.00
CA ASP B 936 17.96 -34.30 19.68
C ASP B 936 16.95 -33.71 18.71
N ALA B 937 15.68 -34.06 18.91
CA ALA B 937 14.57 -33.51 18.14
C ALA B 937 13.38 -33.24 19.05
N SER B 938 13.51 -32.25 19.93
CA SER B 938 12.54 -31.99 20.97
C SER B 938 11.37 -31.17 20.45
N THR B 939 10.60 -30.61 21.39
CA THR B 939 9.46 -29.75 21.09
C THR B 939 9.25 -28.81 22.26
N PRO B 940 9.80 -27.61 22.24
CA PRO B 940 9.70 -26.72 23.40
C PRO B 940 8.41 -25.92 23.43
N LEU B 941 8.02 -25.54 24.65
CA LEU B 941 6.91 -24.62 24.83
C LEU B 941 7.26 -23.26 24.26
N ARG B 942 6.23 -22.53 23.82
CA ARG B 942 6.45 -21.24 23.17
C ARG B 942 7.14 -20.27 24.11
N SER B 943 7.94 -19.37 23.53
CA SER B 943 8.84 -18.56 24.34
C SER B 943 8.12 -17.42 25.05
N THR B 944 6.81 -17.30 24.88
CA THR B 944 6.05 -16.24 25.52
C THR B 944 4.79 -16.74 26.22
N GLU B 945 4.89 -17.84 26.98
CA GLU B 945 3.74 -18.40 27.66
C GLU B 945 4.12 -18.85 29.07
N ASN B 946 3.14 -18.78 29.96
CA ASN B 946 3.33 -19.17 31.36
C ASN B 946 2.06 -19.86 31.83
N GLY B 947 2.10 -21.18 31.88
CA GLY B 947 0.87 -21.91 32.12
C GLY B 947 1.10 -23.14 32.98
N ILE B 948 -0.02 -23.67 33.48
CA ILE B 948 -0.07 -24.92 34.22
C ILE B 948 -0.49 -26.02 33.26
N VAL B 949 0.24 -27.14 33.27
CA VAL B 949 -0.12 -28.25 32.40
C VAL B 949 -1.44 -28.84 32.88
N ASP B 950 -2.34 -29.10 31.92
CA ASP B 950 -3.69 -29.56 32.28
C ASP B 950 -3.93 -31.02 31.95
N GLN B 951 -3.66 -31.46 30.72
CA GLN B 951 -4.05 -32.84 30.40
C GLN B 951 -3.15 -33.39 29.31
N VAL B 952 -2.65 -34.60 29.51
CA VAL B 952 -1.72 -35.25 28.59
C VAL B 952 -2.40 -36.45 27.95
N LEU B 953 -2.23 -36.61 26.64
CA LEU B 953 -2.83 -37.72 25.91
C LEU B 953 -1.76 -38.55 25.20
N LEU B 954 -1.92 -39.88 25.28
CA LEU B 954 -0.96 -40.84 24.74
C LEU B 954 -1.71 -41.97 24.07
N THR B 955 -1.53 -42.11 22.76
CA THR B 955 -2.18 -43.20 22.02
C THR B 955 -1.34 -43.50 20.78
N THR B 956 -1.87 -44.37 19.92
CA THR B 956 -1.19 -44.76 18.69
C THR B 956 -1.73 -43.96 17.51
N ASN B 957 -0.93 -43.93 16.44
CA ASN B 957 -1.27 -43.21 15.23
C ASN B 957 -2.06 -44.09 14.28
N GLN B 958 -1.90 -43.83 12.97
CA GLN B 958 -2.53 -44.66 11.96
C GLN B 958 -1.68 -45.89 11.61
N GLU B 959 -0.41 -45.68 11.32
CA GLU B 959 0.50 -46.76 10.97
C GLU B 959 0.66 -47.80 12.08
N GLY B 960 0.96 -47.36 13.31
CA GLY B 960 1.17 -48.26 14.40
C GLY B 960 2.25 -47.86 15.37
N LEU B 961 2.54 -46.56 15.50
CA LEU B 961 3.51 -46.07 16.46
C LEU B 961 2.85 -45.07 17.40
N LYS B 962 3.62 -44.60 18.38
CA LYS B 962 3.06 -43.72 19.40
C LYS B 962 2.69 -42.37 18.82
N PHE B 963 2.07 -41.56 19.68
CA PHE B 963 1.34 -40.37 19.26
C PHE B 963 0.87 -39.64 20.50
N VAL B 964 1.43 -38.45 20.73
CA VAL B 964 1.24 -37.74 21.98
C VAL B 964 0.66 -36.35 21.73
N LYS B 965 -0.19 -35.92 22.65
CA LYS B 965 -0.69 -34.55 22.70
C LYS B 965 -0.57 -34.05 24.12
N VAL B 966 -0.49 -32.73 24.27
CA VAL B 966 -0.40 -32.07 25.57
C VAL B 966 -1.38 -30.91 25.56
N ARG B 967 -1.95 -30.58 26.70
CA ARG B 967 -2.89 -29.48 26.80
C ARG B 967 -2.58 -28.64 28.03
N MET B 968 -2.10 -27.43 27.79
CA MET B 968 -1.79 -26.43 28.80
C MET B 968 -2.92 -25.42 28.88
N ARG B 969 -3.06 -24.76 30.03
CA ARG B 969 -4.10 -23.77 30.24
C ARG B 969 -3.60 -22.67 31.16
N THR B 970 -4.30 -21.54 31.17
CA THR B 970 -3.92 -20.38 31.95
C THR B 970 -5.12 -19.45 32.09
N THR B 971 -5.00 -18.48 33.00
CA THR B 971 -6.08 -17.55 33.31
C THR B 971 -5.67 -16.17 32.85
N LYS B 972 -6.64 -15.40 32.35
CA LYS B 972 -6.38 -14.05 31.87
C LYS B 972 -7.39 -13.07 32.49
N VAL B 973 -6.90 -11.89 32.83
CA VAL B 973 -7.65 -10.88 33.58
C VAL B 973 -7.51 -9.55 32.84
N PRO B 974 -8.56 -8.73 32.76
CA PRO B 974 -8.43 -7.45 32.06
C PRO B 974 -7.41 -6.53 32.71
N GLN B 975 -6.84 -5.64 31.91
CA GLN B 975 -5.87 -4.67 32.38
C GLN B 975 -5.78 -3.53 31.36
N ILE B 976 -4.85 -2.61 31.61
CA ILE B 976 -4.71 -1.44 30.76
C ILE B 976 -4.18 -1.86 29.39
N GLY B 977 -5.07 -1.93 28.40
CA GLY B 977 -4.71 -2.26 27.04
C GLY B 977 -5.67 -3.19 26.33
N ASP B 978 -6.42 -4.00 27.07
CA ASP B 978 -7.34 -4.94 26.45
C ASP B 978 -8.53 -4.20 25.82
N LYS B 979 -9.09 -4.83 24.79
CA LYS B 979 -10.14 -4.21 23.97
C LYS B 979 -11.51 -4.73 24.37
N PHE B 980 -12.52 -3.86 24.26
CA PHE B 980 -13.89 -4.16 24.63
C PHE B 980 -14.83 -3.54 23.59
N ALA B 981 -16.07 -4.02 23.57
CA ALA B 981 -17.02 -3.58 22.56
C ALA B 981 -18.45 -3.81 23.05
N SER B 982 -19.32 -2.88 22.69
CA SER B 982 -20.75 -3.02 22.98
C SER B 982 -21.41 -3.84 21.86
N ARG B 983 -22.74 -3.74 21.77
CA ARG B 983 -23.47 -4.35 20.66
C ARG B 983 -23.89 -3.34 19.60
N HIS B 984 -23.21 -2.20 19.52
CA HIS B 984 -23.58 -1.17 18.56
C HIS B 984 -22.37 -0.60 17.86
N GLY B 985 -21.40 -1.45 17.54
CA GLY B 985 -20.21 -1.02 16.84
C GLY B 985 -19.43 0.06 17.55
N GLN B 986 -19.27 -0.04 18.86
CA GLN B 986 -18.64 1.00 19.67
C GLN B 986 -17.46 0.38 20.42
N LYS B 987 -16.36 0.20 19.71
CA LYS B 987 -15.17 -0.45 20.25
C LYS B 987 -14.30 0.56 21.01
N GLY B 988 -13.59 0.06 22.01
CA GLY B 988 -12.68 0.91 22.76
C GLY B 988 -11.91 0.10 23.78
N THR B 989 -10.78 0.66 24.21
CA THR B 989 -9.87 -0.01 25.12
C THR B 989 -9.89 0.65 26.50
N ILE B 990 -9.29 -0.05 27.47
CA ILE B 990 -9.16 0.46 28.82
C ILE B 990 -8.06 1.50 28.85
N GLY B 991 -8.26 2.57 29.64
CA GLY B 991 -7.27 3.60 29.84
C GLY B 991 -6.62 3.54 31.20
N VAL B 992 -7.41 3.75 32.25
CA VAL B 992 -6.90 3.67 33.62
C VAL B 992 -7.92 2.92 34.46
N THR B 993 -7.50 2.40 35.61
CA THR B 993 -8.36 1.67 36.52
C THR B 993 -8.40 2.37 37.87
N TYR B 994 -9.62 2.72 38.30
CA TYR B 994 -9.84 3.36 39.59
C TYR B 994 -10.42 2.34 40.55
N ARG B 995 -10.26 2.61 41.85
CA ARG B 995 -10.81 1.72 42.86
C ARG B 995 -12.20 2.19 43.28
N HIS B 996 -12.78 1.45 44.24
CA HIS B 996 -14.19 1.63 44.57
C HIS B 996 -14.48 3.01 45.15
N GLU B 997 -13.68 3.45 46.12
CA GLU B 997 -13.97 4.70 46.81
C GLU B 997 -13.69 5.93 45.96
N ASP B 998 -12.97 5.79 44.84
CA ASP B 998 -12.70 6.91 43.95
C ASP B 998 -13.74 7.07 42.86
N MET B 999 -14.48 6.01 42.52
CA MET B 999 -15.48 6.11 41.49
C MET B 999 -16.62 7.04 41.94
N PRO B 1000 -17.16 7.84 41.04
CA PRO B 1000 -18.26 8.74 41.41
C PRO B 1000 -19.50 7.95 41.83
N PHE B 1001 -19.63 7.75 43.14
CA PHE B 1001 -20.74 6.99 43.70
C PHE B 1001 -22.01 7.81 43.57
N SER B 1002 -23.10 7.12 43.24
CA SER B 1002 -24.39 7.78 43.11
C SER B 1002 -24.95 8.10 44.49
N ALA B 1003 -26.16 8.66 44.50
CA ALA B 1003 -26.77 9.12 45.75
C ALA B 1003 -27.15 7.94 46.64
N GLU B 1004 -27.35 6.76 46.05
CA GLU B 1004 -27.76 5.59 46.81
C GLU B 1004 -26.60 4.71 47.25
N GLY B 1005 -25.44 4.84 46.62
CA GLY B 1005 -24.32 3.97 46.90
C GLY B 1005 -23.88 3.12 45.74
N ILE B 1006 -24.68 3.05 44.68
CA ILE B 1006 -24.28 2.33 43.48
C ILE B 1006 -23.22 3.12 42.73
N VAL B 1007 -22.11 2.46 42.42
CA VAL B 1007 -21.05 3.07 41.62
C VAL B 1007 -21.11 2.48 40.23
N PRO B 1008 -20.75 3.22 39.19
CA PRO B 1008 -20.65 2.61 37.86
C PRO B 1008 -19.35 1.84 37.70
N ASP B 1009 -19.40 0.79 36.87
CA ASP B 1009 -18.19 0.04 36.55
C ASP B 1009 -17.49 0.57 35.30
N LEU B 1010 -18.25 1.04 34.31
CA LEU B 1010 -17.60 1.46 33.08
C LEU B 1010 -18.13 2.82 32.64
N ILE B 1011 -17.26 3.82 32.58
CA ILE B 1011 -17.61 5.17 32.15
C ILE B 1011 -17.10 5.34 30.73
N ILE B 1012 -17.98 5.75 29.82
CA ILE B 1012 -17.59 6.03 28.46
C ILE B 1012 -17.88 7.51 28.31
N ASN B 1013 -17.63 8.06 27.12
CA ASN B 1013 -17.36 9.47 26.87
C ASN B 1013 -18.43 10.07 25.98
N PRO B 1014 -19.09 11.15 26.42
CA PRO B 1014 -20.13 11.77 25.58
C PRO B 1014 -19.66 12.16 24.18
N HIS B 1015 -18.39 12.54 24.03
CA HIS B 1015 -17.92 12.98 22.72
C HIS B 1015 -17.83 11.84 21.70
N ALA B 1016 -18.31 10.64 22.03
CA ALA B 1016 -18.32 9.55 21.06
C ALA B 1016 -19.68 9.36 20.39
N ILE B 1017 -20.71 10.06 20.86
CA ILE B 1017 -22.07 9.82 20.42
C ILE B 1017 -22.54 10.80 19.33
N PRO B 1018 -22.46 12.12 19.53
CA PRO B 1018 -23.16 13.01 18.59
C PRO B 1018 -22.61 12.99 17.18
N SER B 1019 -21.36 12.57 17.00
CA SER B 1019 -20.79 12.48 15.67
C SER B 1019 -20.91 11.08 15.07
N ARG B 1020 -21.39 10.12 15.84
CA ARG B 1020 -21.56 8.76 15.35
C ARG B 1020 -23.02 8.34 15.29
N MET B 1021 -23.90 9.02 16.02
CA MET B 1021 -25.34 8.79 16.00
C MET B 1021 -25.70 7.32 16.19
N THR B 1022 -25.69 6.87 17.44
CA THR B 1022 -26.14 5.52 17.79
C THR B 1022 -27.13 5.63 18.95
N VAL B 1023 -28.38 5.98 18.60
CA VAL B 1023 -29.39 6.24 19.62
C VAL B 1023 -29.84 4.95 20.27
N ALA B 1024 -29.77 3.84 19.54
CA ALA B 1024 -30.18 2.55 20.09
C ALA B 1024 -29.31 2.13 21.26
N HIS B 1025 -28.13 2.74 21.43
CA HIS B 1025 -27.34 2.49 22.62
C HIS B 1025 -28.03 3.09 23.85
N LEU B 1026 -28.46 4.34 23.74
CA LEU B 1026 -29.15 4.99 24.84
C LEU B 1026 -30.48 4.30 25.12
N ILE B 1027 -31.28 4.08 24.07
CA ILE B 1027 -32.56 3.40 24.24
C ILE B 1027 -32.36 2.03 24.86
N GLU B 1028 -31.30 1.33 24.44
CA GLU B 1028 -30.97 0.04 25.05
C GLU B 1028 -30.71 0.19 26.54
N CYS B 1029 -29.92 1.20 26.93
CA CYS B 1029 -29.60 1.40 28.34
C CYS B 1029 -30.86 1.66 29.16
N LEU B 1030 -31.73 2.53 28.67
CA LEU B 1030 -32.95 2.87 29.40
C LEU B 1030 -33.87 1.66 29.54
N LEU B 1031 -34.12 0.98 28.41
CA LEU B 1031 -34.99 -0.19 28.43
C LEU B 1031 -34.43 -1.28 29.33
N SER B 1032 -33.11 -1.40 29.41
CA SER B 1032 -32.51 -2.38 30.32
C SER B 1032 -32.66 -1.95 31.77
N LYS B 1033 -32.57 -0.65 32.05
CA LYS B 1033 -32.81 -0.16 33.39
C LYS B 1033 -34.21 -0.54 33.85
N VAL B 1034 -35.22 -0.25 33.04
CA VAL B 1034 -36.60 -0.59 33.42
C VAL B 1034 -36.76 -2.10 33.52
N GLY B 1035 -36.18 -2.83 32.56
CA GLY B 1035 -36.26 -4.28 32.60
C GLY B 1035 -35.71 -4.87 33.88
N SER B 1036 -34.67 -4.25 34.44
CA SER B 1036 -34.10 -4.74 35.69
C SER B 1036 -34.90 -4.26 36.90
N ILE B 1037 -35.52 -3.09 36.81
CA ILE B 1037 -36.25 -2.55 37.96
C ILE B 1037 -37.55 -3.32 38.16
N ARG B 1038 -38.29 -3.58 37.07
CA ARG B 1038 -39.57 -4.27 37.23
C ARG B 1038 -39.44 -5.78 37.36
N GLY B 1039 -38.45 -6.39 36.70
CA GLY B 1039 -38.13 -7.78 36.97
C GLY B 1039 -38.47 -8.78 35.87
N TYR B 1040 -37.97 -8.53 34.66
CA TYR B 1040 -38.18 -9.44 33.53
C TYR B 1040 -37.33 -8.97 32.36
N GLU B 1041 -36.99 -9.91 31.48
CA GLU B 1041 -36.26 -9.58 30.25
C GLU B 1041 -37.18 -8.78 29.33
N GLY B 1042 -36.77 -7.56 29.01
CA GLY B 1042 -37.59 -6.71 28.17
C GLY B 1042 -37.49 -7.10 26.71
N ASP B 1043 -38.61 -6.94 26.00
CA ASP B 1043 -38.67 -7.24 24.57
C ASP B 1043 -38.07 -6.06 23.81
N ALA B 1044 -37.44 -6.36 22.67
CA ALA B 1044 -36.80 -5.35 21.84
C ALA B 1044 -36.67 -5.79 20.38
N THR B 1045 -37.78 -6.12 19.75
CA THR B 1045 -37.75 -6.59 18.37
C THR B 1045 -37.85 -5.40 17.42
N PRO B 1046 -37.03 -5.33 16.38
CA PRO B 1046 -37.14 -4.22 15.43
C PRO B 1046 -38.47 -4.25 14.69
N PHE B 1047 -38.90 -3.08 14.25
CA PHE B 1047 -40.08 -2.91 13.41
C PHE B 1047 -41.36 -3.31 14.15
N THR B 1048 -41.59 -2.69 15.31
CA THR B 1048 -42.75 -3.00 16.14
C THR B 1048 -43.47 -1.71 16.55
N ASP B 1049 -43.85 -1.64 17.83
CA ASP B 1049 -44.61 -0.51 18.34
C ASP B 1049 -44.00 0.10 19.60
N LEU B 1050 -42.91 -0.45 20.11
CA LEU B 1050 -42.35 0.02 21.36
C LEU B 1050 -41.71 1.39 21.17
N THR B 1051 -42.26 2.40 21.83
CA THR B 1051 -41.83 3.79 21.69
C THR B 1051 -40.76 4.12 22.72
N VAL B 1052 -40.59 5.42 22.97
CA VAL B 1052 -39.72 5.86 24.05
C VAL B 1052 -40.55 6.48 25.18
N ASP B 1053 -41.70 7.06 24.83
CA ASP B 1053 -42.56 7.65 25.85
C ASP B 1053 -43.16 6.59 26.75
N ALA B 1054 -43.25 5.34 26.26
CA ALA B 1054 -43.75 4.26 27.09
C ALA B 1054 -42.76 3.90 28.19
N VAL B 1055 -41.50 3.70 27.83
CA VAL B 1055 -40.47 3.46 28.84
C VAL B 1055 -40.35 4.68 29.75
N SER B 1056 -40.59 5.87 29.19
CA SER B 1056 -40.57 7.08 30.01
C SER B 1056 -41.66 7.02 31.08
N ASN B 1057 -42.88 6.63 30.69
CA ASN B 1057 -43.98 6.60 31.64
C ASN B 1057 -43.78 5.50 32.68
N LEU B 1058 -43.30 4.34 32.25
CA LEU B 1058 -43.06 3.23 33.17
C LEU B 1058 -42.00 3.60 34.20
N LEU B 1059 -40.85 4.08 33.72
CA LEU B 1059 -39.77 4.44 34.63
C LEU B 1059 -40.16 5.60 35.53
N ARG B 1060 -40.96 6.53 35.02
CA ARG B 1060 -41.43 7.63 35.85
C ARG B 1060 -42.38 7.13 36.93
N ASP B 1061 -43.16 6.09 36.64
CA ASP B 1061 -44.05 5.51 37.64
C ASP B 1061 -43.31 4.70 38.69
N ASN B 1062 -42.27 3.96 38.31
CA ASN B 1062 -41.57 3.07 39.24
C ASN B 1062 -40.64 3.79 40.21
N GLY B 1063 -40.61 5.13 40.17
CA GLY B 1063 -39.90 5.91 41.17
C GLY B 1063 -38.51 6.38 40.78
N TYR B 1064 -38.36 6.98 39.60
CA TYR B 1064 -37.08 7.53 39.16
C TYR B 1064 -37.32 8.70 38.22
N GLN B 1065 -36.22 9.34 37.80
CA GLN B 1065 -36.31 10.37 36.79
C GLN B 1065 -36.45 9.72 35.41
N SER B 1066 -37.42 10.20 34.64
CA SER B 1066 -37.86 9.50 33.45
C SER B 1066 -36.75 9.24 32.43
N ARG B 1067 -35.90 10.22 32.15
CA ARG B 1067 -34.80 10.03 31.21
C ARG B 1067 -33.52 9.50 31.86
N GLY B 1068 -33.64 8.79 32.97
CA GLY B 1068 -32.54 8.05 33.55
C GLY B 1068 -31.42 8.89 34.15
N PHE B 1069 -31.57 10.21 34.22
CA PHE B 1069 -30.54 11.02 34.85
C PHE B 1069 -30.55 10.82 36.35
N GLU B 1070 -29.41 11.10 36.98
CA GLU B 1070 -29.26 10.91 38.41
C GLU B 1070 -28.42 12.04 39.00
N VAL B 1071 -28.67 12.33 40.28
CA VAL B 1071 -27.78 13.20 41.03
C VAL B 1071 -26.63 12.36 41.55
N MET B 1072 -25.41 12.80 41.25
CA MET B 1072 -24.22 12.02 41.57
C MET B 1072 -23.20 12.91 42.28
N TYR B 1073 -22.33 12.27 43.04
CA TYR B 1073 -21.34 12.97 43.84
C TYR B 1073 -19.95 12.68 43.28
N ASN B 1074 -18.99 13.52 43.62
CA ASN B 1074 -17.60 13.25 43.26
C ASN B 1074 -16.98 12.37 44.33
N GLY B 1075 -16.23 11.37 43.89
CA GLY B 1075 -15.64 10.44 44.84
C GLY B 1075 -14.49 11.02 45.62
N HIS B 1076 -13.90 12.10 45.11
CA HIS B 1076 -12.71 12.66 45.76
C HIS B 1076 -13.08 13.52 46.96
N THR B 1077 -13.99 14.49 46.78
CA THR B 1077 -14.34 15.42 47.85
C THR B 1077 -15.81 15.45 48.20
N GLY B 1078 -16.58 14.42 47.83
CA GLY B 1078 -17.98 14.34 48.20
C GLY B 1078 -18.78 15.60 47.94
N LYS B 1079 -19.12 15.88 46.68
CA LYS B 1079 -19.74 17.15 46.35
C LYS B 1079 -20.61 16.99 45.11
N LYS B 1080 -21.80 17.57 45.14
CA LYS B 1080 -22.72 17.42 44.03
C LYS B 1080 -22.15 18.05 42.76
N LEU B 1081 -22.00 17.23 41.73
CA LEU B 1081 -21.61 17.72 40.42
C LEU B 1081 -22.72 18.61 39.86
N MET B 1082 -22.32 19.65 39.13
CA MET B 1082 -23.28 20.59 38.57
C MET B 1082 -24.04 19.98 37.38
N ALA B 1083 -23.76 18.73 37.03
CA ALA B 1083 -24.40 18.08 35.90
C ALA B 1083 -24.82 16.66 36.27
N GLN B 1084 -26.01 16.29 35.83
CA GLN B 1084 -26.49 14.94 36.00
C GLN B 1084 -25.94 14.03 34.91
N VAL B 1085 -25.90 12.74 35.20
CA VAL B 1085 -25.20 11.78 34.37
C VAL B 1085 -26.19 10.69 33.96
N PHE B 1086 -26.25 10.40 32.66
CA PHE B 1086 -27.03 9.27 32.16
C PHE B 1086 -26.39 7.98 32.66
N PHE B 1087 -27.22 7.07 33.18
CA PHE B 1087 -26.70 5.99 34.01
C PHE B 1087 -27.52 4.73 33.79
N GLY B 1088 -26.87 3.59 33.58
CA GLY B 1088 -27.60 2.35 33.47
C GLY B 1088 -26.78 1.18 32.95
N PRO B 1089 -27.32 -0.03 33.10
CA PRO B 1089 -26.58 -1.23 32.68
C PRO B 1089 -26.76 -1.52 31.20
N THR B 1090 -25.64 -1.78 30.53
CA THR B 1090 -25.62 -2.16 29.12
C THR B 1090 -24.89 -3.50 29.02
N TYR B 1091 -25.11 -4.20 27.92
CA TYR B 1091 -24.51 -5.52 27.71
C TYR B 1091 -23.24 -5.39 26.89
N TYR B 1092 -22.08 -5.58 27.55
CA TYR B 1092 -20.79 -5.45 26.89
C TYR B 1092 -20.16 -6.82 26.68
N GLN B 1093 -19.30 -6.89 25.66
CA GLN B 1093 -18.61 -8.11 25.28
C GLN B 1093 -17.15 -7.80 25.00
N ARG B 1094 -16.30 -8.81 25.21
CA ARG B 1094 -14.85 -8.63 25.30
C ARG B 1094 -14.18 -9.42 24.19
N LEU B 1095 -13.37 -8.74 23.38
CA LEU B 1095 -12.83 -9.31 22.15
C LEU B 1095 -11.58 -10.13 22.43
N ARG B 1096 -10.88 -10.50 21.35
CA ARG B 1096 -9.70 -11.35 21.47
C ARG B 1096 -8.41 -10.61 21.15
N HIS B 1097 -8.35 -9.30 21.36
CA HIS B 1097 -7.15 -8.53 21.09
C HIS B 1097 -6.59 -8.06 22.43
N MET B 1098 -5.45 -8.64 22.82
CA MET B 1098 -4.83 -8.39 24.11
C MET B 1098 -3.44 -7.83 23.91
N VAL B 1099 -3.04 -6.88 24.76
CA VAL B 1099 -1.75 -6.23 24.64
C VAL B 1099 -0.64 -7.21 25.01
N ASP B 1100 -0.99 -8.27 25.76
CA ASP B 1100 -0.01 -9.27 26.17
C ASP B 1100 0.34 -10.16 24.99
N ASP B 1101 -0.38 -10.03 23.89
CA ASP B 1101 -0.13 -10.78 22.68
C ASP B 1101 0.32 -9.90 21.51
N LYS B 1102 0.82 -8.70 21.79
CA LYS B 1102 1.22 -7.75 20.75
C LYS B 1102 2.50 -7.00 21.07
N ILE B 1103 2.87 -6.91 22.35
CA ILE B 1103 4.08 -6.17 22.71
C ILE B 1103 5.31 -6.94 22.24
N HIS B 1104 6.31 -6.20 21.76
CA HIS B 1104 7.49 -6.83 21.19
C HIS B 1104 8.66 -5.85 21.17
N ALA B 1105 9.87 -6.39 21.26
CA ALA B 1105 11.09 -5.61 21.19
C ALA B 1105 12.27 -6.53 20.93
N ARG B 1106 13.34 -5.96 20.40
CA ARG B 1106 14.54 -6.73 20.07
C ARG B 1106 15.79 -5.92 20.34
N ALA B 1107 16.83 -6.59 20.84
CA ALA B 1107 18.16 -6.02 20.90
C ALA B 1107 19.01 -6.58 19.77
N ARG B 1108 19.55 -7.79 19.97
CA ARG B 1108 20.32 -8.49 18.95
C ARG B 1108 20.00 -9.98 19.00
N GLY B 1109 19.01 -10.38 18.21
CA GLY B 1109 18.61 -11.76 18.12
C GLY B 1109 19.29 -12.48 16.98
N PRO B 1110 18.59 -13.40 16.33
CA PRO B 1110 19.18 -14.12 15.21
C PRO B 1110 19.06 -13.32 13.92
N VAL B 1111 19.62 -13.90 12.85
CA VAL B 1111 19.53 -13.33 11.51
C VAL B 1111 19.13 -14.45 10.56
N GLN B 1112 19.03 -14.11 9.28
CA GLN B 1112 18.78 -15.12 8.26
C GLN B 1112 20.07 -15.76 7.80
N VAL B 1113 20.03 -16.34 6.59
CA VAL B 1113 21.22 -16.96 6.02
C VAL B 1113 21.54 -16.34 4.66
N LEU B 1114 20.50 -15.96 3.93
CA LEU B 1114 20.68 -15.47 2.57
C LEU B 1114 21.22 -14.05 2.55
N THR B 1115 20.73 -13.18 3.42
CA THR B 1115 21.14 -11.78 3.44
C THR B 1115 21.68 -11.31 4.78
N ARG B 1116 21.64 -12.15 5.82
CA ARG B 1116 22.17 -11.83 7.13
C ARG B 1116 21.51 -10.58 7.73
N GLN B 1117 20.24 -10.39 7.43
CA GLN B 1117 19.41 -9.33 7.99
C GLN B 1117 18.51 -9.87 9.09
N PRO B 1118 17.83 -9.02 9.86
CA PRO B 1118 16.85 -9.52 10.82
C PRO B 1118 15.74 -10.30 10.12
N VAL B 1119 15.06 -11.15 10.89
CA VAL B 1119 14.09 -12.08 10.34
C VAL B 1119 12.68 -11.51 10.48
N GLU B 1120 11.72 -12.13 9.80
CA GLU B 1120 10.33 -11.73 9.86
C GLU B 1120 9.58 -12.59 10.88
N GLY B 1121 9.07 -11.95 11.93
CA GLY B 1121 8.30 -12.67 12.92
C GLY B 1121 8.26 -12.02 14.29
N ARG B 1122 7.45 -12.59 15.18
CA ARG B 1122 7.33 -12.11 16.54
C ARG B 1122 7.72 -13.20 17.52
N SER B 1123 7.32 -14.44 17.24
CA SER B 1123 7.72 -15.58 18.06
C SER B 1123 9.14 -16.03 17.77
N ARG B 1124 9.96 -15.17 17.15
CA ARG B 1124 11.33 -15.51 16.76
C ARG B 1124 12.30 -14.37 17.06
N ASP B 1125 11.92 -13.44 17.94
CA ASP B 1125 12.71 -12.25 18.21
C ASP B 1125 13.01 -11.48 16.92
N GLY B 1126 11.96 -11.26 16.13
CA GLY B 1126 12.13 -10.61 14.84
C GLY B 1126 12.34 -9.12 14.95
N GLY B 1127 12.54 -8.49 13.80
CA GLY B 1127 12.76 -7.06 13.70
C GLY B 1127 11.68 -6.39 12.88
N LEU B 1128 11.46 -5.11 13.16
CA LEU B 1128 10.42 -4.36 12.46
C LEU B 1128 10.97 -3.75 11.17
N ARG B 1129 10.05 -3.39 10.27
CA ARG B 1129 10.43 -2.97 8.93
C ARG B 1129 10.60 -1.46 8.87
N PHE B 1130 11.40 -0.99 7.91
CA PHE B 1130 11.72 0.43 7.73
C PHE B 1130 11.42 0.78 6.28
N GLY B 1131 10.14 1.04 5.99
CA GLY B 1131 9.67 1.18 4.63
C GLY B 1131 10.27 2.36 3.90
N GLU B 1132 10.01 2.40 2.59
CA GLU B 1132 10.49 3.48 1.75
C GLU B 1132 9.91 4.83 2.15
N MET B 1133 8.68 4.82 2.66
CA MET B 1133 8.01 6.08 3.02
C MET B 1133 8.67 6.73 4.23
N GLU B 1134 9.04 5.93 5.23
CA GLU B 1134 9.79 6.46 6.36
C GLU B 1134 11.16 6.98 5.92
N ARG B 1135 11.76 6.33 4.92
CA ARG B 1135 12.98 6.87 4.32
C ARG B 1135 12.72 8.24 3.72
N ASP B 1136 11.61 8.38 3.00
CA ASP B 1136 11.26 9.67 2.43
C ASP B 1136 11.05 10.72 3.52
N CYS B 1137 10.51 10.33 4.66
CA CYS B 1137 10.30 11.30 5.74
C CYS B 1137 11.63 11.70 6.38
N MET B 1138 12.52 10.74 6.62
CA MET B 1138 13.82 11.10 7.18
C MET B 1138 14.71 11.79 6.16
N ILE B 1139 14.31 11.80 4.89
CA ILE B 1139 14.92 12.72 3.94
C ILE B 1139 14.29 14.10 4.06
N ALA B 1140 12.98 14.13 4.35
CA ALA B 1140 12.29 15.41 4.50
C ALA B 1140 12.81 16.19 5.69
N HIS B 1141 13.15 15.51 6.79
CA HIS B 1141 13.80 16.18 7.91
C HIS B 1141 15.24 16.55 7.62
N GLY B 1142 16.00 15.70 6.95
CA GLY B 1142 17.35 16.05 6.58
C GLY B 1142 18.43 15.32 7.35
N ALA B 1143 18.08 14.54 8.37
CA ALA B 1143 19.06 13.81 9.16
C ALA B 1143 19.68 12.70 8.31
N ALA B 1144 20.79 13.06 7.66
CA ALA B 1144 21.47 12.09 6.79
C ALA B 1144 22.27 11.07 7.60
N GLY B 1145 22.80 11.49 8.75
CA GLY B 1145 23.56 10.56 9.58
C GLY B 1145 22.68 9.50 10.19
N PHE B 1146 21.47 9.88 10.60
CA PHE B 1146 20.53 8.91 11.15
C PHE B 1146 20.14 7.87 10.11
N LEU B 1147 19.98 8.30 8.85
CA LEU B 1147 19.66 7.35 7.78
C LEU B 1147 20.85 6.44 7.50
N LYS B 1148 22.05 7.02 7.37
CA LYS B 1148 23.25 6.21 7.14
C LYS B 1148 23.46 5.20 8.26
N GLU B 1149 22.97 5.54 9.47
CA GLU B 1149 23.03 4.58 10.57
C GLU B 1149 21.96 3.49 10.41
N ARG B 1150 20.70 3.91 10.28
CA ARG B 1150 19.58 2.97 10.20
C ARG B 1150 19.78 1.95 9.09
N LEU B 1151 20.48 2.31 8.02
CA LEU B 1151 20.68 1.38 6.92
C LEU B 1151 22.09 0.79 6.88
N MET B 1152 22.78 0.69 8.03
CA MET B 1152 24.11 0.11 8.08
C MET B 1152 24.36 -0.63 9.39
N GLU B 1153 24.78 0.12 10.42
CA GLU B 1153 25.18 -0.50 11.68
C GLU B 1153 24.05 -1.32 12.29
N ALA B 1154 22.87 -0.72 12.42
CA ALA B 1154 21.73 -1.37 13.05
C ALA B 1154 21.05 -2.39 12.14
N SER B 1155 21.79 -3.03 11.24
CA SER B 1155 21.21 -4.00 10.33
C SER B 1155 22.23 -5.00 9.81
N ASP B 1156 22.98 -4.61 8.77
CA ASP B 1156 23.89 -5.51 8.06
C ASP B 1156 25.09 -4.78 7.46
N ALA B 1157 26.16 -4.62 8.23
CA ALA B 1157 27.38 -4.04 7.68
C ALA B 1157 28.29 -5.14 7.15
N PHE B 1158 29.09 -4.82 6.14
CA PHE B 1158 29.98 -5.79 5.55
C PHE B 1158 31.15 -5.06 4.91
N ARG B 1159 32.26 -5.78 4.74
CA ARG B 1159 33.50 -5.19 4.24
C ARG B 1159 33.99 -5.97 3.03
N VAL B 1160 34.43 -5.25 1.98
CA VAL B 1160 34.90 -5.87 0.76
C VAL B 1160 36.20 -5.22 0.30
N HIS B 1161 37.18 -6.05 -0.01
CA HIS B 1161 38.45 -5.61 -0.58
C HIS B 1161 38.36 -5.65 -2.10
N VAL B 1162 38.55 -4.48 -2.73
CA VAL B 1162 38.43 -4.35 -4.18
C VAL B 1162 39.74 -3.81 -4.74
N CYS B 1163 39.97 -4.10 -6.02
CA CYS B 1163 41.16 -3.65 -6.73
C CYS B 1163 40.96 -2.23 -7.25
N GLY B 1164 42.00 -1.68 -7.88
CA GLY B 1164 41.93 -0.31 -8.38
C GLY B 1164 42.17 -0.17 -9.86
N ILE B 1165 42.52 -1.25 -10.55
CA ILE B 1165 42.73 -1.20 -11.99
C ILE B 1165 41.49 -1.79 -12.68
N CYS B 1166 41.20 -3.06 -12.40
CA CYS B 1166 40.00 -3.70 -12.92
C CYS B 1166 38.72 -3.17 -12.30
N GLY B 1167 38.65 -3.06 -10.98
CA GLY B 1167 37.47 -2.54 -10.32
C GLY B 1167 36.41 -3.56 -10.00
N LEU B 1168 36.81 -4.75 -9.54
CA LEU B 1168 35.85 -5.79 -9.20
C LEU B 1168 36.11 -6.30 -7.78
N MET B 1169 35.08 -6.89 -7.20
CA MET B 1169 35.15 -7.47 -5.85
C MET B 1169 35.79 -8.84 -5.86
N SER B 1170 36.72 -9.10 -6.78
CA SER B 1170 37.33 -10.41 -6.93
C SER B 1170 38.74 -10.48 -6.37
N VAL B 1171 39.02 -9.73 -5.32
CA VAL B 1171 40.34 -9.72 -4.70
C VAL B 1171 40.46 -10.91 -3.74
N ILE B 1172 41.53 -11.67 -3.88
CA ILE B 1172 41.85 -12.78 -2.97
C ILE B 1172 42.71 -12.20 -1.86
N ALA B 1173 42.17 -12.16 -0.66
CA ALA B 1173 42.79 -11.47 0.48
C ALA B 1173 43.08 -12.49 1.57
N ASN B 1174 44.11 -12.22 2.37
CA ASN B 1174 44.41 -13.01 3.57
C ASN B 1174 45.05 -12.08 4.59
N LEU B 1175 44.54 -12.12 5.82
CA LEU B 1175 44.79 -11.03 6.77
C LEU B 1175 45.87 -11.36 7.79
N LYS B 1176 45.76 -12.48 8.49
CA LYS B 1176 46.76 -12.81 9.51
C LYS B 1176 48.12 -13.10 8.90
N LYS B 1177 48.17 -13.30 7.58
CA LYS B 1177 49.41 -13.34 6.84
C LYS B 1177 49.73 -12.02 6.15
N ASN B 1178 48.76 -11.10 6.12
CA ASN B 1178 48.94 -9.78 5.54
C ASN B 1178 49.42 -9.87 4.09
N GLN B 1179 48.56 -10.36 3.21
CA GLN B 1179 48.89 -10.46 1.80
C GLN B 1179 47.62 -10.50 0.96
N PHE B 1180 47.70 -9.89 -0.22
CA PHE B 1180 46.57 -9.73 -1.13
C PHE B 1180 46.98 -10.18 -2.52
N GLU B 1181 46.00 -10.35 -3.41
CA GLU B 1181 46.30 -10.70 -4.79
C GLU B 1181 45.06 -10.52 -5.66
N CYS B 1182 45.22 -9.81 -6.77
CA CYS B 1182 44.19 -9.71 -7.79
C CYS B 1182 44.76 -10.28 -9.08
N ARG B 1183 44.42 -11.53 -9.39
CA ARG B 1183 45.11 -12.27 -10.45
C ARG B 1183 44.66 -11.80 -11.84
N SER B 1184 43.58 -11.05 -11.93
CA SER B 1184 43.08 -10.62 -13.24
C SER B 1184 43.97 -9.55 -13.84
N CYS B 1185 44.79 -8.90 -13.02
CA CYS B 1185 45.67 -7.84 -13.47
C CYS B 1185 47.09 -7.97 -12.94
N LYS B 1186 47.38 -9.01 -12.18
CA LYS B 1186 48.66 -9.16 -11.48
C LYS B 1186 48.96 -7.91 -10.65
N ASN B 1187 48.13 -7.68 -9.63
CA ASN B 1187 48.15 -6.46 -8.85
C ASN B 1187 48.18 -6.81 -7.37
N LYS B 1188 49.34 -6.61 -6.73
CA LYS B 1188 49.48 -6.79 -5.30
C LYS B 1188 49.83 -5.49 -4.58
N THR B 1189 49.37 -4.35 -5.09
CA THR B 1189 49.68 -3.05 -4.49
C THR B 1189 48.47 -2.12 -4.44
N ASN B 1190 47.66 -2.08 -5.50
CA ASN B 1190 46.60 -1.08 -5.63
C ASN B 1190 45.26 -1.72 -5.25
N ILE B 1191 44.98 -1.72 -3.94
CA ILE B 1191 43.80 -2.36 -3.38
C ILE B 1191 43.24 -1.48 -2.27
N TYR B 1192 41.91 -1.39 -2.20
CA TYR B 1192 41.22 -0.58 -1.21
C TYR B 1192 40.04 -1.36 -0.63
N GLN B 1193 39.76 -1.14 0.66
CA GLN B 1193 38.65 -1.80 1.32
C GLN B 1193 37.48 -0.83 1.47
N LEU B 1194 36.27 -1.39 1.47
CA LEU B 1194 35.05 -0.61 1.52
C LEU B 1194 34.06 -1.22 2.51
N HIS B 1195 33.19 -0.37 3.05
CA HIS B 1195 32.11 -0.76 3.95
C HIS B 1195 30.79 -0.64 3.20
N ILE B 1196 30.21 -1.76 2.83
CA ILE B 1196 28.93 -1.79 2.11
C ILE B 1196 28.00 -2.78 2.80
N PRO B 1197 26.69 -2.62 2.61
CA PRO B 1197 25.75 -3.63 3.10
C PRO B 1197 25.97 -4.96 2.40
N TYR B 1198 25.57 -6.05 3.06
CA TYR B 1198 25.70 -7.37 2.45
C TYR B 1198 24.79 -7.51 1.22
N ALA B 1199 23.62 -6.88 1.26
CA ALA B 1199 22.68 -7.00 0.15
C ALA B 1199 23.24 -6.42 -1.14
N ALA B 1200 24.08 -5.39 -1.06
CA ALA B 1200 24.72 -4.88 -2.26
C ALA B 1200 25.74 -5.86 -2.81
N LYS B 1201 26.46 -6.54 -1.92
CA LYS B 1201 27.39 -7.60 -2.32
C LYS B 1201 26.66 -8.72 -3.05
N LEU B 1202 25.57 -9.20 -2.46
CA LEU B 1202 24.77 -10.24 -3.11
C LEU B 1202 24.25 -9.78 -4.46
N LEU B 1203 23.69 -8.57 -4.51
CA LEU B 1203 23.18 -7.99 -5.75
C LEU B 1203 24.26 -8.01 -6.83
N PHE B 1204 25.42 -7.42 -6.54
CA PHE B 1204 26.45 -7.31 -7.56
C PHE B 1204 26.98 -8.67 -7.99
N GLN B 1205 27.03 -9.62 -7.05
CA GLN B 1205 27.44 -10.98 -7.44
C GLN B 1205 26.44 -11.61 -8.38
N GLU B 1206 25.14 -11.36 -8.20
CA GLU B 1206 24.18 -11.90 -9.16
C GLU B 1206 24.27 -11.20 -10.52
N LEU B 1207 24.42 -9.87 -10.51
CA LEU B 1207 24.58 -9.14 -11.75
C LEU B 1207 25.79 -9.63 -12.52
N MET B 1208 26.89 -9.93 -11.82
CA MET B 1208 28.03 -10.57 -12.48
C MET B 1208 27.67 -11.99 -12.93
N ALA B 1209 26.83 -12.67 -12.18
CA ALA B 1209 26.40 -14.02 -12.56
C ALA B 1209 25.51 -14.00 -13.80
N MET B 1210 25.05 -12.84 -14.24
CA MET B 1210 24.32 -12.72 -15.50
C MET B 1210 25.14 -12.04 -16.59
N ASN B 1211 26.46 -11.95 -16.43
CA ASN B 1211 27.37 -11.28 -17.36
C ASN B 1211 27.04 -9.80 -17.57
N ILE B 1212 26.64 -9.09 -16.51
CA ILE B 1212 26.59 -7.63 -16.50
C ILE B 1212 27.50 -7.15 -15.38
N ALA B 1213 28.56 -6.44 -15.76
CA ALA B 1213 29.63 -6.14 -14.81
C ALA B 1213 29.51 -4.73 -14.27
N PRO B 1214 29.28 -4.54 -12.95
CA PRO B 1214 29.46 -3.21 -12.35
C PRO B 1214 30.87 -3.02 -11.84
N ARG B 1215 31.49 -1.89 -12.13
CA ARG B 1215 32.84 -1.60 -11.66
C ARG B 1215 32.80 -0.39 -10.73
N LEU B 1216 33.53 -0.49 -9.61
CA LEU B 1216 33.50 0.54 -8.57
C LEU B 1216 34.88 1.18 -8.46
N TYR B 1217 34.94 2.49 -8.62
CA TYR B 1217 36.18 3.25 -8.54
C TYR B 1217 36.08 4.31 -7.46
N THR B 1218 37.22 4.61 -6.82
CA THR B 1218 37.25 5.47 -5.65
C THR B 1218 37.65 6.91 -5.96
N GLU B 1219 37.89 7.23 -7.23
CA GLU B 1219 38.30 8.59 -7.58
C GLU B 1219 37.65 9.00 -8.89
N ARG B 1220 37.15 10.24 -8.92
CA ARG B 1220 36.53 10.79 -10.11
C ARG B 1220 37.58 11.04 -11.18
N SER B 1221 37.14 11.25 -12.42
CA SER B 1221 38.05 11.51 -13.52
C SER B 1221 37.39 12.36 -14.60
N GLY B 1222 36.28 13.00 -14.25
CA GLY B 1222 35.56 13.85 -15.18
C GLY B 1222 34.77 13.08 -16.23
N GLU C 4 -18.62 19.04 70.19
CA GLU C 4 -19.36 19.78 69.18
C GLU C 4 -20.11 18.87 68.17
N PRO C 5 -19.46 17.84 67.62
CA PRO C 5 -20.19 16.94 66.72
C PRO C 5 -21.37 16.28 67.42
N LYS C 6 -22.30 15.76 66.62
CA LYS C 6 -23.50 15.13 67.12
C LYS C 6 -23.83 13.90 66.28
N VAL C 7 -24.64 13.01 66.85
CA VAL C 7 -25.07 11.79 66.18
C VAL C 7 -26.55 11.59 66.49
N ASN C 8 -27.31 11.15 65.49
CA ASN C 8 -28.71 10.82 65.67
C ASN C 8 -29.04 9.58 64.84
N ILE C 9 -28.98 8.41 65.48
CA ILE C 9 -29.24 7.15 64.78
C ILE C 9 -30.73 7.08 64.45
N ILE C 10 -31.04 6.81 63.18
CA ILE C 10 -32.43 6.68 62.75
C ILE C 10 -32.85 5.21 62.76
N ASN C 11 -31.98 4.32 62.28
CA ASN C 11 -32.28 2.90 62.28
C ASN C 11 -31.04 2.13 62.70
N ALA C 12 -31.21 1.28 63.71
CA ALA C 12 -30.08 0.49 64.22
C ALA C 12 -30.53 -0.94 64.43
N GLN C 13 -29.71 -1.88 63.96
CA GLN C 13 -29.99 -3.29 64.13
C GLN C 13 -28.67 -4.07 64.02
N ASP C 14 -28.76 -5.31 63.56
CA ASP C 14 -27.63 -6.21 63.59
C ASP C 14 -26.52 -5.76 62.65
N ASP C 15 -26.79 -5.73 61.35
CA ASP C 15 -25.74 -5.58 60.36
C ASP C 15 -25.93 -4.40 59.41
N GLU C 16 -26.58 -3.32 59.84
CA GLU C 16 -26.67 -2.10 59.05
C GLU C 16 -27.20 -0.98 59.93
N VAL C 17 -26.74 0.25 59.66
CA VAL C 17 -27.09 1.42 60.46
C VAL C 17 -27.48 2.54 59.51
N GLU C 18 -28.43 3.36 59.94
CA GLU C 18 -28.88 4.53 59.19
C GLU C 18 -28.91 5.74 60.12
N LEU C 19 -28.01 6.68 59.88
CA LEU C 19 -27.82 7.78 60.83
C LEU C 19 -27.65 9.10 60.09
N MET C 20 -27.89 10.18 60.83
CA MET C 20 -27.71 11.55 60.36
C MET C 20 -26.59 12.23 61.14
N LEU C 21 -25.46 12.45 60.48
CA LEU C 21 -24.28 13.01 61.11
C LEU C 21 -24.27 14.52 60.88
N SER C 22 -24.27 15.29 61.97
CA SER C 22 -24.57 16.71 61.90
C SER C 22 -23.43 17.54 62.49
N ASP C 23 -23.50 18.85 62.22
CA ASP C 23 -22.60 19.87 62.78
C ASP C 23 -21.14 19.43 62.79
N VAL C 24 -20.60 19.16 61.61
CA VAL C 24 -19.18 18.92 61.40
C VAL C 24 -18.78 19.56 60.07
N ASN C 25 -17.64 19.15 59.55
CA ASN C 25 -17.22 19.57 58.22
C ASN C 25 -17.70 18.58 57.17
N LEU C 26 -17.15 18.70 55.96
CA LEU C 26 -17.52 17.80 54.87
C LEU C 26 -16.48 16.71 54.68
N SER C 27 -15.21 17.08 54.55
CA SER C 27 -14.18 16.09 54.23
C SER C 27 -13.89 15.19 55.43
N LEU C 28 -14.45 15.50 56.59
CA LEU C 28 -14.30 14.60 57.72
C LEU C 28 -15.28 13.43 57.63
N ALA C 29 -16.52 13.72 57.23
CA ALA C 29 -17.48 12.65 56.98
C ALA C 29 -17.12 11.88 55.72
N ASN C 30 -16.72 12.59 54.66
CA ASN C 30 -16.29 11.92 53.45
C ASN C 30 -15.06 11.06 53.71
N SER C 31 -14.05 11.62 54.40
CA SER C 31 -12.87 10.84 54.74
C SER C 31 -13.20 9.67 55.64
N LEU C 32 -14.23 9.82 56.47
CA LEU C 32 -14.71 8.69 57.26
C LEU C 32 -15.25 7.59 56.36
N ARG C 33 -16.04 7.97 55.35
CA ARG C 33 -16.58 6.99 54.41
C ARG C 33 -15.47 6.26 53.67
N ARG C 34 -14.55 7.01 53.05
CA ARG C 34 -13.44 6.41 52.34
C ARG C 34 -12.61 5.53 53.26
N THR C 35 -12.46 5.94 54.52
CA THR C 35 -11.73 5.11 55.47
C THR C 35 -12.46 3.79 55.74
N MET C 36 -13.79 3.84 55.78
CA MET C 36 -14.55 2.61 56.04
C MET C 36 -14.55 1.69 54.82
N LEU C 37 -14.44 2.26 53.62
CA LEU C 37 -14.43 1.42 52.42
C LEU C 37 -13.01 0.92 52.12
N ALA C 38 -11.99 1.59 52.64
CA ALA C 38 -10.62 1.32 52.23
C ALA C 38 -9.73 0.72 53.32
N GLU C 39 -9.87 1.17 54.57
CA GLU C 39 -8.98 0.71 55.63
C GLU C 39 -9.70 0.22 56.88
N VAL C 40 -10.30 -0.96 56.84
CA VAL C 40 -10.74 -1.66 58.05
C VAL C 40 -10.12 -3.05 57.97
N PRO C 41 -9.00 -3.29 58.65
CA PRO C 41 -8.28 -4.55 58.46
C PRO C 41 -9.10 -5.76 58.90
N THR C 42 -9.40 -6.62 57.94
CA THR C 42 -10.18 -7.82 58.19
C THR C 42 -9.34 -9.05 57.88
N LEU C 43 -10.01 -10.19 57.76
CA LEU C 43 -9.37 -11.49 57.61
C LEU C 43 -9.98 -12.23 56.43
N ALA C 44 -9.15 -12.95 55.68
CA ALA C 44 -9.67 -13.68 54.53
C ALA C 44 -8.69 -14.77 54.11
N ILE C 45 -9.21 -15.74 53.36
CA ILE C 45 -8.38 -16.84 52.87
C ILE C 45 -7.38 -16.31 51.86
N ASP C 46 -6.14 -16.80 51.95
CA ASP C 46 -5.08 -16.29 51.10
C ASP C 46 -4.38 -17.37 50.29
N LEU C 47 -4.07 -18.53 50.88
CA LEU C 47 -3.33 -19.55 50.14
C LEU C 47 -4.16 -20.83 50.13
N VAL C 48 -4.08 -21.56 49.02
CA VAL C 48 -4.82 -22.82 48.85
C VAL C 48 -3.86 -23.85 48.29
N GLU C 49 -3.78 -25.02 48.95
CA GLU C 49 -2.96 -26.13 48.48
C GLU C 49 -3.88 -27.31 48.19
N ILE C 50 -4.23 -27.49 46.93
CA ILE C 50 -5.19 -28.51 46.51
C ILE C 50 -4.49 -29.86 46.53
N LYS C 51 -4.94 -30.76 47.41
CA LYS C 51 -4.41 -32.12 47.46
C LYS C 51 -4.96 -32.99 46.35
N MET C 52 -6.23 -32.83 45.99
CA MET C 52 -6.85 -33.66 44.96
C MET C 52 -8.09 -32.95 44.43
N ASN C 53 -8.19 -32.85 43.10
CA ASN C 53 -9.38 -32.29 42.46
C ASN C 53 -9.68 -33.14 41.23
N THR C 54 -10.88 -33.72 41.20
CA THR C 54 -11.36 -34.50 40.07
C THR C 54 -12.75 -34.04 39.62
N SER C 55 -13.10 -32.78 39.85
CA SER C 55 -14.40 -32.28 39.47
C SER C 55 -14.36 -31.66 38.07
N VAL C 56 -15.47 -31.04 37.68
CA VAL C 56 -15.55 -30.38 36.39
C VAL C 56 -15.21 -28.90 36.45
N LEU C 57 -14.39 -28.48 37.42
CA LEU C 57 -14.01 -27.08 37.57
C LEU C 57 -12.50 -26.96 37.65
N ALA C 58 -11.96 -26.01 36.88
CA ALA C 58 -10.53 -25.71 36.98
C ALA C 58 -10.20 -25.23 38.38
N ASP C 59 -8.92 -25.33 38.73
CA ASP C 59 -8.51 -25.06 40.10
C ASP C 59 -8.70 -23.59 40.47
N GLU C 60 -8.04 -22.68 39.76
CA GLU C 60 -8.11 -21.25 40.11
C GLU C 60 -9.53 -20.71 40.09
N PHE C 61 -10.46 -21.39 39.43
CA PHE C 61 -11.88 -21.07 39.59
C PHE C 61 -12.31 -21.30 41.03
N ILE C 62 -12.05 -22.51 41.54
CA ILE C 62 -12.35 -22.82 42.94
C ILE C 62 -11.59 -21.89 43.88
N SER C 63 -10.26 -21.79 43.70
CA SER C 63 -9.45 -20.95 44.56
C SER C 63 -9.92 -19.50 44.53
N HIS C 64 -10.52 -19.06 43.43
CA HIS C 64 -11.13 -17.75 43.39
C HIS C 64 -12.38 -17.70 44.29
N ARG C 65 -13.27 -18.67 44.13
CA ARG C 65 -14.50 -18.67 44.91
C ARG C 65 -14.19 -18.74 46.41
N LEU C 66 -13.27 -19.61 46.81
CA LEU C 66 -12.79 -19.61 48.19
C LEU C 66 -12.15 -18.28 48.54
N GLY C 67 -11.45 -17.66 47.58
CA GLY C 67 -10.85 -16.37 47.82
C GLY C 67 -11.87 -15.31 48.16
N LEU C 68 -13.10 -15.46 47.70
CA LEU C 68 -14.17 -14.56 48.10
C LEU C 68 -15.13 -15.19 49.11
N ILE C 69 -14.73 -15.40 50.35
CA ILE C 69 -15.64 -15.90 51.39
C ILE C 69 -15.50 -15.07 52.65
N PRO C 70 -16.59 -14.57 53.21
CA PRO C 70 -16.50 -13.75 54.43
C PRO C 70 -16.33 -14.62 55.67
N LEU C 71 -15.33 -14.29 56.49
CA LEU C 71 -15.08 -14.96 57.75
C LEU C 71 -15.33 -14.00 58.90
N VAL C 72 -15.61 -14.56 60.08
CA VAL C 72 -15.83 -13.75 61.27
C VAL C 72 -14.51 -13.22 61.77
N SER C 73 -14.46 -11.91 62.08
CA SER C 73 -13.22 -11.27 62.47
C SER C 73 -13.44 -10.22 63.55
N GLU C 74 -13.97 -10.60 64.71
CA GLU C 74 -14.18 -9.64 65.78
C GLU C 74 -12.88 -9.29 66.48
N ASP C 75 -12.01 -10.28 66.66
CA ASP C 75 -10.75 -10.11 67.37
C ASP C 75 -9.56 -10.00 66.44
N VAL C 76 -9.73 -9.36 65.27
CA VAL C 76 -8.66 -9.28 64.29
C VAL C 76 -7.77 -8.07 64.54
N GLU C 77 -8.05 -7.26 65.57
CA GLU C 77 -7.18 -6.13 65.87
C GLU C 77 -6.11 -6.49 66.89
N GLU C 78 -5.80 -7.77 67.05
CA GLU C 78 -4.76 -8.20 67.98
C GLU C 78 -3.69 -9.05 67.31
N MET C 79 -4.11 -10.00 66.49
CA MET C 79 -3.26 -10.75 65.57
C MET C 79 -2.40 -9.80 64.74
N LYS C 80 -1.14 -10.16 64.56
CA LYS C 80 -0.21 -9.34 63.80
C LYS C 80 -0.30 -9.65 62.30
N TYR C 81 0.34 -8.80 61.50
CA TYR C 81 0.32 -8.95 60.05
C TYR C 81 1.19 -10.13 59.64
N SER C 82 1.23 -10.37 58.32
CA SER C 82 2.00 -11.49 57.80
C SER C 82 3.48 -11.13 57.64
N ARG C 83 3.81 -9.83 57.70
CA ARG C 83 5.16 -9.39 57.44
C ARG C 83 5.96 -9.13 58.70
N ASP C 84 5.32 -9.10 59.87
CA ASP C 84 6.01 -8.86 61.12
C ASP C 84 5.95 -10.06 62.07
N CYS C 85 5.97 -11.27 61.52
CA CYS C 85 6.20 -12.48 62.31
C CYS C 85 7.52 -13.08 61.89
N THR C 86 8.37 -13.39 62.88
CA THR C 86 9.75 -13.78 62.60
C THR C 86 9.93 -15.27 62.39
N CYS C 87 8.85 -16.03 62.22
CA CYS C 87 8.99 -17.47 62.05
C CYS C 87 9.43 -17.80 60.63
N GLU C 88 9.28 -19.07 60.28
CA GLU C 88 9.56 -19.55 58.94
C GLU C 88 8.33 -20.27 58.40
N ASP C 89 8.01 -20.03 57.14
CA ASP C 89 6.78 -20.50 56.52
C ASP C 89 5.62 -19.81 57.24
N TYR C 90 4.87 -20.54 58.06
CA TYR C 90 3.94 -19.89 58.97
C TYR C 90 3.95 -20.60 60.32
N CYS C 91 3.45 -19.90 61.33
CA CYS C 91 3.42 -20.44 62.69
C CYS C 91 1.99 -20.41 63.20
N ASP C 92 1.77 -19.70 64.30
CA ASP C 92 0.45 -19.64 64.93
C ASP C 92 -0.01 -18.21 65.15
N GLU C 93 0.91 -17.27 65.35
CA GLU C 93 0.55 -15.86 65.52
C GLU C 93 0.52 -15.10 64.20
N CYS C 94 0.07 -15.72 63.11
CA CYS C 94 0.12 -15.05 61.81
C CYS C 94 -0.90 -15.57 60.81
N SER C 95 -1.64 -16.63 61.14
CA SER C 95 -2.57 -17.20 60.17
C SER C 95 -3.61 -18.06 60.88
N VAL C 96 -4.64 -18.43 60.14
CA VAL C 96 -5.65 -19.40 60.59
C VAL C 96 -5.78 -20.46 59.51
N VAL C 97 -5.75 -21.73 59.92
CA VAL C 97 -5.69 -22.84 58.98
C VAL C 97 -7.05 -23.51 58.88
N LEU C 98 -7.58 -23.61 57.66
CA LEU C 98 -8.82 -24.31 57.40
C LEU C 98 -8.54 -25.53 56.52
N GLU C 99 -9.47 -26.49 56.55
CA GLU C 99 -9.38 -27.69 55.73
C GLU C 99 -10.78 -28.10 55.29
N LEU C 100 -10.89 -28.60 54.05
CA LEU C 100 -12.15 -29.08 53.51
C LEU C 100 -11.93 -30.44 52.87
N SER C 101 -12.92 -31.32 53.02
CA SER C 101 -12.86 -32.65 52.44
C SER C 101 -14.28 -33.13 52.16
N ALA C 102 -14.59 -33.37 50.90
CA ALA C 102 -15.91 -33.82 50.47
C ALA C 102 -15.79 -34.79 49.31
N ARG C 103 -16.73 -35.74 49.28
CA ARG C 103 -16.78 -36.76 48.23
C ARG C 103 -18.23 -37.15 48.00
N HIS C 104 -18.52 -37.63 46.80
CA HIS C 104 -19.82 -38.20 46.47
C HIS C 104 -19.72 -39.71 46.63
N GLU C 105 -20.86 -40.35 46.94
CA GLU C 105 -20.90 -41.78 47.18
C GLU C 105 -22.16 -42.38 46.59
N GLY C 106 -22.00 -43.10 45.49
CA GLY C 106 -23.12 -43.76 44.84
C GLY C 106 -23.19 -43.53 43.34
N GLU C 107 -24.31 -43.85 42.73
CA GLU C 107 -24.52 -43.65 41.30
C GLU C 107 -25.51 -42.54 40.99
N GLU C 108 -26.62 -42.47 41.71
CA GLU C 108 -27.56 -41.36 41.56
C GLU C 108 -27.34 -40.37 42.71
N GLY C 109 -27.31 -39.10 42.34
CA GLY C 109 -27.09 -38.04 43.30
C GLY C 109 -26.15 -36.97 42.78
N THR C 110 -26.29 -35.79 43.36
CA THR C 110 -25.48 -34.63 43.01
C THR C 110 -25.23 -33.82 44.27
N THR C 111 -24.14 -34.14 44.97
CA THR C 111 -23.83 -33.55 46.26
C THR C 111 -23.39 -32.11 46.03
N ASP C 112 -23.86 -31.20 46.89
CA ASP C 112 -23.53 -29.79 46.79
C ASP C 112 -22.54 -29.44 47.89
N VAL C 113 -21.32 -29.09 47.51
CA VAL C 113 -20.28 -28.69 48.45
C VAL C 113 -20.48 -27.23 48.79
N TYR C 114 -20.94 -26.97 50.02
CA TYR C 114 -21.23 -25.62 50.48
C TYR C 114 -20.04 -25.05 51.23
N SER C 115 -20.24 -23.85 51.79
CA SER C 115 -19.18 -23.21 52.57
C SER C 115 -19.27 -23.56 54.04
N SER C 116 -20.43 -23.97 54.53
CA SER C 116 -20.57 -24.35 55.93
C SER C 116 -19.76 -25.60 56.26
N SER C 117 -19.38 -26.38 55.26
CA SER C 117 -18.56 -27.57 55.49
C SER C 117 -17.10 -27.25 55.75
N LEU C 118 -16.73 -25.98 55.84
CA LEU C 118 -15.37 -25.61 56.23
C LEU C 118 -15.20 -25.78 57.73
N ILE C 119 -14.17 -26.51 58.13
CA ILE C 119 -13.91 -26.82 59.53
C ILE C 119 -12.64 -26.11 59.96
N LYS C 120 -12.75 -25.25 60.96
CA LYS C 120 -11.58 -24.61 61.55
C LYS C 120 -10.70 -25.67 62.21
N VAL C 121 -9.42 -25.68 61.84
CA VAL C 121 -8.46 -26.63 62.38
C VAL C 121 -7.62 -26.00 63.48
N SER C 122 -6.73 -25.07 63.14
CA SER C 122 -5.82 -24.49 64.11
C SER C 122 -5.75 -22.98 63.88
N GLY C 123 -5.77 -22.24 65.00
CA GLY C 123 -5.63 -20.81 64.99
C GLY C 123 -5.26 -20.32 66.37
N PRO C 124 -4.68 -19.11 66.45
CA PRO C 124 -4.29 -18.57 67.76
C PRO C 124 -5.48 -18.35 68.67
N GLY C 125 -5.41 -18.89 69.89
CA GLY C 125 -6.55 -18.83 70.79
C GLY C 125 -6.17 -18.27 72.14
N ASN C 126 -7.21 -17.94 72.92
CA ASN C 126 -8.58 -18.09 72.47
C ASN C 126 -9.15 -16.77 71.97
N LEU C 127 -9.18 -16.61 70.65
CA LEU C 127 -9.77 -15.43 70.04
C LEU C 127 -10.92 -15.84 69.13
N ASN C 128 -11.77 -14.87 68.79
CA ASN C 128 -12.97 -15.14 68.00
C ASN C 128 -12.70 -14.83 66.54
N VAL C 129 -12.12 -15.82 65.85
CA VAL C 129 -11.86 -15.74 64.42
C VAL C 129 -12.18 -17.08 63.78
N GLY C 130 -11.79 -17.24 62.52
CA GLY C 130 -11.85 -18.52 61.83
C GLY C 130 -13.21 -18.93 61.31
N GLU C 131 -14.21 -19.03 62.16
CA GLU C 131 -15.49 -19.58 61.73
C GLU C 131 -16.11 -18.72 60.64
N PRO C 132 -16.68 -19.32 59.59
CA PRO C 132 -17.32 -18.52 58.54
C PRO C 132 -18.65 -17.95 59.03
N VAL C 133 -19.11 -16.91 58.34
CA VAL C 133 -20.32 -16.23 58.77
C VAL C 133 -21.53 -17.09 58.47
N ARG C 134 -22.37 -17.27 59.49
CA ARG C 134 -23.62 -18.01 59.36
C ARG C 134 -24.79 -17.07 59.62
N ARG C 135 -25.85 -17.23 58.83
CA ARG C 135 -27.02 -16.35 58.98
C ARG C 135 -27.89 -16.78 60.15
N ASP C 136 -28.21 -18.07 60.24
CA ASP C 136 -29.21 -18.57 61.17
C ASP C 136 -28.64 -19.69 62.03
N ASP C 137 -29.49 -20.66 62.38
CA ASP C 137 -29.07 -21.86 63.08
C ASP C 137 -29.23 -23.12 62.24
N TYR C 138 -29.57 -22.98 60.95
CA TYR C 138 -29.77 -24.10 60.06
C TYR C 138 -29.22 -23.82 58.66
N ASP C 139 -29.04 -22.55 58.32
CA ASP C 139 -28.74 -22.14 56.96
C ASP C 139 -27.41 -22.73 56.53
N GLN C 140 -27.32 -23.09 55.24
CA GLN C 140 -26.13 -23.76 54.73
C GLN C 140 -25.11 -22.78 54.14
N GLY C 141 -25.57 -21.68 53.56
CA GLY C 141 -24.65 -20.63 53.13
C GLY C 141 -24.24 -20.64 51.68
N ILE C 142 -22.96 -20.37 51.43
CA ILE C 142 -22.44 -20.19 50.08
C ILE C 142 -22.33 -21.55 49.39
N LEU C 143 -22.57 -21.57 48.09
CA LEU C 143 -22.45 -22.80 47.32
C LEU C 143 -21.15 -22.84 46.55
N LEU C 144 -20.17 -23.58 47.06
CA LEU C 144 -18.87 -23.71 46.42
C LEU C 144 -18.86 -24.57 45.17
N CYS C 145 -19.16 -25.86 45.28
CA CYS C 145 -19.00 -26.75 44.14
C CYS C 145 -20.13 -27.76 44.11
N LYS C 146 -20.08 -28.63 43.11
CA LYS C 146 -21.00 -29.74 42.97
C LYS C 146 -20.22 -30.98 42.55
N LEU C 147 -20.64 -32.14 43.04
CA LEU C 147 -19.97 -33.39 42.77
C LEU C 147 -20.97 -34.45 42.36
N ARG C 148 -20.57 -35.12 41.28
CA ARG C 148 -21.26 -36.24 40.68
C ARG C 148 -20.50 -37.51 41.09
N ASN C 149 -20.92 -38.65 40.57
CA ASN C 149 -20.26 -39.93 40.85
C ASN C 149 -18.71 -40.01 40.84
N HIS C 150 -18.15 -40.43 41.99
CA HIS C 150 -16.72 -40.66 42.20
C HIS C 150 -15.85 -39.44 41.92
N GLN C 151 -16.07 -38.32 42.58
CA GLN C 151 -15.28 -37.12 42.32
C GLN C 151 -14.85 -36.49 43.63
N GLU C 152 -13.72 -36.95 44.17
CA GLU C 152 -13.22 -36.51 45.47
C GLU C 152 -12.65 -35.10 45.37
N LEU C 153 -12.83 -34.35 46.44
CA LEU C 153 -12.26 -33.01 46.58
C LEU C 153 -11.74 -32.87 48.00
N ASN C 154 -10.47 -32.50 48.15
CA ASN C 154 -9.85 -32.38 49.47
C ASN C 154 -8.76 -31.31 49.38
N ILE C 155 -8.89 -30.26 50.18
CA ILE C 155 -8.03 -29.08 50.09
C ILE C 155 -7.74 -28.53 51.48
N ARG C 156 -6.69 -27.71 51.56
CA ARG C 156 -6.22 -27.11 52.80
C ARG C 156 -5.86 -25.65 52.52
N CYS C 157 -6.44 -24.74 53.29
CA CYS C 157 -6.37 -23.31 53.02
C CYS C 157 -5.74 -22.55 54.18
N ILE C 158 -4.96 -21.54 53.85
CA ILE C 158 -4.38 -20.61 54.82
C ILE C 158 -5.22 -19.35 54.80
N ALA C 159 -5.29 -18.64 55.93
CA ALA C 159 -6.08 -17.42 56.04
C ALA C 159 -5.28 -16.34 56.76
N LYS C 160 -5.17 -15.18 56.14
CA LYS C 160 -4.34 -14.08 56.64
C LYS C 160 -5.15 -12.80 56.75
N LYS C 161 -4.54 -11.81 57.40
CA LYS C 161 -5.16 -10.52 57.63
C LYS C 161 -4.74 -9.53 56.56
N GLY C 162 -5.66 -8.65 56.17
CA GLY C 162 -5.36 -7.66 55.15
C GLY C 162 -6.37 -6.54 55.14
N ILE C 163 -6.15 -5.61 54.23
CA ILE C 163 -7.01 -4.44 54.07
C ILE C 163 -7.52 -4.41 52.63
N ALA C 164 -8.41 -3.45 52.37
CA ALA C 164 -9.07 -3.38 51.08
C ALA C 164 -8.31 -2.57 50.05
N LYS C 165 -6.99 -2.40 50.23
CA LYS C 165 -6.19 -1.72 49.21
C LYS C 165 -5.32 -2.72 48.46
N GLU C 166 -5.15 -3.92 49.01
CA GLU C 166 -4.31 -4.93 48.38
C GLU C 166 -5.13 -5.87 47.51
N HIS C 167 -6.39 -6.08 47.87
CA HIS C 167 -7.33 -6.81 47.02
C HIS C 167 -8.73 -6.49 47.51
N ALA C 168 -9.69 -6.47 46.59
CA ALA C 168 -11.06 -6.13 46.97
C ALA C 168 -11.78 -7.27 47.68
N LYS C 169 -11.06 -8.13 48.42
CA LYS C 169 -11.72 -9.20 49.15
C LYS C 169 -11.71 -8.97 50.66
N TRP C 170 -10.69 -8.27 51.19
CA TRP C 170 -10.66 -7.94 52.60
C TRP C 170 -11.60 -6.82 52.98
N SER C 171 -12.46 -6.39 52.06
CA SER C 171 -13.32 -5.25 52.32
C SER C 171 -14.49 -5.65 53.21
N PRO C 172 -14.81 -4.89 54.26
CA PRO C 172 -15.95 -5.22 55.12
C PRO C 172 -17.34 -4.75 54.71
N CYS C 173 -17.50 -3.48 54.35
CA CYS C 173 -18.79 -2.93 53.94
C CYS C 173 -19.04 -3.16 52.46
N SER C 174 -20.32 -3.23 52.11
CA SER C 174 -20.72 -3.28 50.70
C SER C 174 -20.84 -1.87 50.16
N ALA C 175 -22.07 -1.38 50.01
CA ALA C 175 -22.29 -0.02 49.59
C ALA C 175 -22.75 0.85 50.76
N ILE C 176 -22.28 2.09 50.78
CA ILE C 176 -22.60 3.04 51.84
C ILE C 176 -23.39 4.18 51.21
N ALA C 177 -24.64 4.36 51.63
CA ALA C 177 -25.43 5.49 51.16
C ALA C 177 -24.97 6.78 51.82
N PHE C 178 -25.00 7.86 51.06
CA PHE C 178 -24.48 9.15 51.52
C PHE C 178 -25.21 10.25 50.76
N GLU C 179 -25.62 11.30 51.47
CA GLU C 179 -26.17 12.47 50.82
C GLU C 179 -26.20 13.64 51.79
N TYR C 180 -26.52 14.82 51.25
CA TYR C 180 -26.73 16.00 52.06
C TYR C 180 -27.53 17.00 51.24
N ASP C 181 -28.26 17.87 51.94
CA ASP C 181 -29.04 18.93 51.33
C ASP C 181 -30.05 18.38 50.33
N PRO C 182 -31.22 17.94 50.79
CA PRO C 182 -32.20 17.36 49.86
C PRO C 182 -33.00 18.38 49.07
N HIS C 183 -33.52 19.43 49.71
CA HIS C 183 -34.36 20.43 49.05
C HIS C 183 -33.61 21.29 48.05
N ASN C 184 -32.29 21.14 47.96
CA ASN C 184 -31.45 22.02 47.13
C ASN C 184 -31.57 23.47 47.58
N LYS C 185 -30.71 23.88 48.52
CA LYS C 185 -30.73 25.24 49.02
C LYS C 185 -29.39 25.93 48.83
N LEU C 186 -28.30 25.16 48.86
CA LEU C 186 -26.98 25.73 48.61
C LEU C 186 -26.71 25.96 47.13
N LYS C 187 -27.58 25.45 46.26
CA LYS C 187 -27.43 25.59 44.80
C LYS C 187 -26.09 25.02 44.33
N HIS C 188 -25.67 23.90 44.93
CA HIS C 188 -24.46 23.23 44.48
C HIS C 188 -24.66 22.46 43.18
N THR C 189 -25.89 22.31 42.72
CA THR C 189 -26.19 21.58 41.51
C THR C 189 -27.29 22.28 40.73
N ASP C 190 -27.54 21.79 39.52
CA ASP C 190 -28.58 22.33 38.64
C ASP C 190 -29.35 21.16 38.05
N PHE C 191 -30.64 21.37 37.77
CA PHE C 191 -31.49 20.29 37.34
C PHE C 191 -31.92 20.45 35.88
N TRP C 192 -31.68 19.41 35.09
CA TRP C 192 -32.19 19.33 33.73
C TRP C 192 -33.70 19.23 33.75
N PHE C 193 -34.34 19.84 32.75
CA PHE C 193 -35.80 19.80 32.66
C PHE C 193 -36.24 20.11 31.23
N GLU C 194 -37.44 19.65 30.89
CA GLU C 194 -38.07 19.98 29.62
C GLU C 194 -39.14 21.06 29.79
N VAL C 195 -39.92 20.95 30.87
CA VAL C 195 -41.01 21.89 31.13
C VAL C 195 -40.85 22.48 32.52
N ASP C 196 -40.61 21.62 33.51
CA ASP C 196 -40.55 22.05 34.90
C ASP C 196 -39.42 21.29 35.60
N ALA C 197 -38.74 21.96 36.52
CA ALA C 197 -37.68 21.31 37.28
C ALA C 197 -38.19 20.83 38.63
N LYS C 198 -39.51 20.91 38.86
CA LYS C 198 -40.08 20.45 40.11
C LYS C 198 -40.96 19.22 39.90
N LYS C 199 -41.72 19.19 38.81
CA LYS C 199 -42.58 18.05 38.54
C LYS C 199 -41.89 17.03 37.63
N GLU C 200 -40.56 17.01 37.62
CA GLU C 200 -39.81 16.03 36.86
C GLU C 200 -38.68 15.40 37.65
N TRP C 201 -38.76 15.38 38.97
CA TRP C 201 -37.70 14.81 39.77
C TRP C 201 -38.26 14.05 40.97
N PRO C 202 -37.63 12.98 41.40
CA PRO C 202 -38.06 12.31 42.63
C PRO C 202 -37.75 13.16 43.85
N ASP C 203 -38.35 12.75 44.97
CA ASP C 203 -38.04 13.38 46.25
C ASP C 203 -37.25 12.41 47.12
N SER C 204 -36.01 12.79 47.44
CA SER C 204 -35.16 11.95 48.27
C SER C 204 -35.85 11.65 49.60
N LYS C 205 -35.81 10.36 49.99
CA LYS C 205 -36.49 9.88 51.18
C LYS C 205 -36.43 10.80 52.39
N TYR C 206 -35.43 11.66 52.49
CA TYR C 206 -35.28 12.64 53.56
C TYR C 206 -35.74 14.09 53.39
N ALA C 207 -36.66 14.32 52.46
CA ALA C 207 -37.12 15.67 52.17
C ALA C 207 -38.16 16.14 53.16
N THR C 208 -38.45 15.35 54.19
CA THR C 208 -39.37 15.75 55.25
C THR C 208 -38.66 16.14 56.53
N TRP C 209 -37.46 15.60 56.78
CA TRP C 209 -36.67 15.96 57.95
C TRP C 209 -36.28 17.43 57.97
N GLU C 210 -36.02 18.04 56.81
CA GLU C 210 -35.74 19.46 56.75
C GLU C 210 -36.95 20.17 56.17
N GLU C 211 -36.99 21.48 56.37
CA GLU C 211 -38.21 22.10 55.86
C GLU C 211 -38.01 22.57 54.42
N PRO C 212 -39.09 22.60 53.63
CA PRO C 212 -38.97 23.06 52.24
C PRO C 212 -38.74 24.56 52.19
N PRO C 213 -38.01 25.05 51.19
CA PRO C 213 -37.70 26.48 51.13
C PRO C 213 -38.93 27.29 50.76
N LYS C 214 -38.98 28.52 51.26
CA LYS C 214 -40.08 29.42 50.93
C LYS C 214 -39.91 29.97 49.52
N PRO C 215 -40.98 30.03 48.73
CA PRO C 215 -40.89 30.68 47.41
C PRO C 215 -40.72 32.19 47.50
N GLY C 216 -40.69 32.76 48.70
CA GLY C 216 -40.44 34.18 48.87
C GLY C 216 -39.09 34.44 49.50
N GLU C 217 -38.22 33.41 49.47
CA GLU C 217 -36.90 33.50 50.06
C GLU C 217 -35.91 34.17 49.11
N VAL C 218 -34.94 34.90 49.65
CA VAL C 218 -33.84 35.39 48.84
C VAL C 218 -32.71 34.38 48.97
N PHE C 219 -31.53 34.74 48.48
CA PHE C 219 -30.42 33.80 48.43
C PHE C 219 -29.34 34.20 49.44
N ASP C 220 -29.17 33.39 50.48
CA ASP C 220 -28.09 33.57 51.44
C ASP C 220 -26.81 33.06 50.77
N TYR C 221 -25.67 33.47 51.29
CA TYR C 221 -24.39 33.12 50.70
C TYR C 221 -23.28 32.89 51.71
N LYS C 222 -23.61 32.51 52.94
CA LYS C 222 -22.60 32.18 53.94
C LYS C 222 -22.74 30.75 54.47
N ALA C 223 -23.77 30.02 54.05
CA ALA C 223 -24.01 28.70 54.59
C ALA C 223 -23.09 27.66 53.97
N LYS C 224 -22.95 26.53 54.64
CA LYS C 224 -22.11 25.41 54.25
C LYS C 224 -22.85 24.11 54.50
N PRO C 225 -22.54 23.05 53.76
CA PRO C 225 -23.21 21.76 54.00
C PRO C 225 -22.99 21.28 55.42
N ASN C 226 -24.08 21.13 56.15
CA ASN C 226 -23.99 20.97 57.60
C ASN C 226 -24.54 19.62 58.07
N ARG C 227 -25.75 19.27 57.61
CA ARG C 227 -26.42 18.05 58.07
C ARG C 227 -26.27 16.98 57.01
N PHE C 228 -25.70 15.84 57.39
CA PHE C 228 -25.34 14.77 56.47
C PHE C 228 -26.19 13.54 56.78
N TYR C 229 -26.46 12.74 55.75
CA TYR C 229 -27.28 11.54 55.88
C TYR C 229 -26.53 10.35 55.32
N MET C 230 -26.22 9.36 56.16
CA MET C 230 -25.45 8.22 55.67
C MET C 230 -25.97 6.91 56.25
N THR C 231 -25.75 5.83 55.50
CA THR C 231 -26.23 4.50 55.85
C THR C 231 -25.15 3.50 55.50
N VAL C 232 -24.86 2.59 56.43
CA VAL C 232 -23.75 1.66 56.31
C VAL C 232 -24.32 0.24 56.36
N GLU C 233 -23.87 -0.60 55.42
CA GLU C 233 -24.17 -2.02 55.42
C GLU C 233 -22.91 -2.83 55.69
N THR C 234 -23.11 -4.11 55.98
CA THR C 234 -22.03 -5.07 56.16
C THR C 234 -22.41 -6.40 55.51
N THR C 235 -21.47 -7.34 55.50
CA THR C 235 -21.69 -8.68 54.98
C THR C 235 -21.72 -9.74 56.08
N GLY C 236 -21.69 -9.34 57.34
CA GLY C 236 -21.64 -10.26 58.46
C GLY C 236 -20.26 -10.49 59.03
N SER C 237 -19.21 -10.21 58.26
CA SER C 237 -17.85 -10.37 58.78
C SER C 237 -17.60 -9.45 59.96
N LEU C 238 -18.28 -8.30 60.01
CA LEU C 238 -18.26 -7.41 61.16
C LEU C 238 -19.67 -6.95 61.46
N LYS C 239 -19.81 -6.17 62.52
CA LYS C 239 -21.08 -5.54 62.83
C LYS C 239 -20.91 -4.04 62.85
N ALA C 240 -21.92 -3.33 62.32
CA ALA C 240 -21.73 -1.98 61.81
C ALA C 240 -21.08 -1.05 62.84
N ASN C 241 -21.48 -1.15 64.11
CA ASN C 241 -20.87 -0.32 65.14
C ASN C 241 -19.37 -0.55 65.23
N GLN C 242 -18.93 -1.81 65.13
CA GLN C 242 -17.51 -2.10 65.14
C GLN C 242 -16.81 -1.51 63.92
N VAL C 243 -17.48 -1.53 62.76
CA VAL C 243 -16.90 -0.92 61.57
C VAL C 243 -16.68 0.57 61.79
N PHE C 244 -17.69 1.25 62.33
CA PHE C 244 -17.59 2.69 62.56
C PHE C 244 -16.48 3.02 63.55
N SER C 245 -16.51 2.38 64.72
CA SER C 245 -15.50 2.65 65.75
C SER C 245 -14.09 2.35 65.24
N ARG C 246 -13.91 1.21 64.56
CA ARG C 246 -12.59 0.89 64.04
C ARG C 246 -12.15 1.87 62.97
N GLY C 247 -13.08 2.39 62.18
CA GLY C 247 -12.72 3.42 61.21
C GLY C 247 -12.18 4.67 61.88
N ILE C 248 -12.94 5.22 62.84
CA ILE C 248 -12.47 6.42 63.54
C ILE C 248 -11.13 6.15 64.22
N LYS C 249 -10.97 4.96 64.81
CA LYS C 249 -9.73 4.62 65.49
C LYS C 249 -8.56 4.63 64.51
N THR C 250 -8.77 4.03 63.32
CA THR C 250 -7.70 3.98 62.32
C THR C 250 -7.33 5.38 61.85
N LEU C 251 -8.32 6.23 61.60
CA LEU C 251 -8.02 7.60 61.18
C LEU C 251 -7.21 8.34 62.25
N GLN C 252 -7.63 8.23 63.51
CA GLN C 252 -6.87 8.85 64.59
C GLN C 252 -5.43 8.34 64.62
N GLU C 253 -5.24 7.04 64.47
CA GLU C 253 -3.89 6.48 64.46
C GLU C 253 -3.06 7.05 63.31
N LYS C 254 -3.69 7.27 62.15
CA LYS C 254 -2.98 7.84 61.02
C LYS C 254 -2.50 9.26 61.34
N LEU C 255 -3.42 10.11 61.80
CA LEU C 255 -3.03 11.48 62.16
C LEU C 255 -1.93 11.47 63.22
N ALA C 256 -2.04 10.58 64.22
CA ALA C 256 -1.01 10.49 65.24
C ALA C 256 0.34 10.09 64.63
N ASN C 257 0.32 9.23 63.61
CA ASN C 257 1.57 8.85 62.95
C ASN C 257 2.20 10.04 62.25
N VAL C 258 1.40 10.80 61.49
CA VAL C 258 1.96 11.96 60.80
C VAL C 258 2.52 12.97 61.80
N LEU C 259 1.79 13.21 62.89
CA LEU C 259 2.29 14.11 63.92
C LEU C 259 3.59 13.62 64.52
N PHE C 260 3.72 12.30 64.71
CA PHE C 260 4.97 11.74 65.20
C PHE C 260 6.12 12.03 64.23
N GLU C 261 5.87 11.84 62.93
CA GLU C 261 6.91 12.17 61.95
C GLU C 261 7.31 13.63 62.03
N LEU C 262 6.33 14.54 62.08
CA LEU C 262 6.65 15.97 62.16
C LEU C 262 7.45 16.30 63.42
N GLU C 263 7.11 15.70 64.55
CA GLU C 263 7.81 15.98 65.80
C GLU C 263 9.22 15.41 65.83
N ASN C 264 9.41 14.14 65.49
CA ASN C 264 10.73 13.54 65.51
C ASN C 264 11.63 14.05 64.40
N SER C 265 11.07 14.66 63.35
CA SER C 265 11.90 15.20 62.27
C SER C 265 12.70 16.43 62.71
N ARG C 266 12.45 16.95 63.90
CA ARG C 266 13.17 18.13 64.39
C ARG C 266 14.65 17.84 64.62
N VAL D 3 51.90 2.22 0.50
CA VAL D 3 51.86 3.00 1.74
C VAL D 3 52.29 4.43 1.46
N SER D 4 53.57 4.62 1.17
CA SER D 4 54.11 5.94 0.87
C SER D 4 54.11 6.16 -0.64
N THR D 5 53.30 7.10 -1.10
CA THR D 5 53.16 7.40 -2.53
C THR D 5 54.05 8.58 -2.88
N SER D 6 53.81 9.14 -4.07
CA SER D 6 54.63 10.24 -4.57
C SER D 6 53.78 11.30 -5.25
N THR D 7 53.92 11.43 -6.58
CA THR D 7 53.21 12.49 -7.29
C THR D 7 52.49 11.95 -8.53
N VAL D 8 52.82 10.73 -8.95
CA VAL D 8 52.36 10.24 -10.25
C VAL D 8 51.15 9.34 -10.05
N GLY D 9 50.04 9.69 -10.70
CA GLY D 9 48.89 8.82 -10.81
C GLY D 9 48.58 8.55 -12.27
N ALA D 10 47.30 8.49 -12.62
CA ALA D 10 46.84 8.34 -14.01
C ALA D 10 47.48 7.10 -14.60
N ARG D 11 48.29 7.20 -15.66
CA ARG D 11 48.87 6.07 -16.40
C ARG D 11 47.88 4.91 -16.54
N ARG D 12 46.60 5.25 -16.63
CA ARG D 12 45.53 4.28 -16.48
C ARG D 12 45.57 3.22 -17.59
N ARG D 13 45.05 2.04 -17.25
CA ARG D 13 44.96 0.95 -18.22
C ARG D 13 44.02 1.32 -19.35
N ARG D 14 44.32 0.81 -20.54
CA ARG D 14 43.55 1.11 -21.73
C ARG D 14 43.04 -0.19 -22.36
N ALA D 15 43.10 -0.25 -23.68
CA ALA D 15 42.69 -1.47 -24.38
C ALA D 15 43.89 -2.36 -24.67
N LYS D 16 45.09 -1.83 -24.53
CA LYS D 16 46.32 -2.55 -24.83
C LYS D 16 47.18 -2.66 -23.58
N GLN D 17 48.17 -3.54 -23.63
CA GLN D 17 49.21 -3.61 -22.62
C GLN D 17 50.57 -3.39 -23.28
N GLN D 18 51.22 -2.28 -22.89
CA GLN D 18 52.48 -1.89 -23.49
C GLN D 18 53.58 -2.84 -23.04
N VAL D 19 54.45 -3.21 -23.99
CA VAL D 19 55.57 -4.11 -23.72
C VAL D 19 56.93 -3.48 -23.52
N ASP D 20 57.06 -2.16 -23.68
CA ASP D 20 58.31 -1.47 -23.43
C ASP D 20 58.05 -0.90 -22.04
N ASP D 21 58.20 -1.74 -21.01
CA ASP D 21 57.85 -1.35 -19.65
C ASP D 21 58.93 -1.80 -18.67
N GLU D 22 59.81 -2.70 -19.12
CA GLU D 22 60.86 -3.21 -18.26
C GLU D 22 61.97 -2.18 -18.12
N GLU D 23 62.71 -2.26 -17.01
CA GLU D 23 63.78 -1.30 -16.75
C GLU D 23 65.07 -1.75 -17.42
N ASN D 24 65.75 -0.80 -18.09
CA ASN D 24 67.05 -1.06 -18.68
C ASN D 24 67.82 0.25 -18.70
N ALA D 25 68.87 0.34 -17.88
CA ALA D 25 69.64 1.58 -17.80
C ALA D 25 70.64 1.70 -18.95
N THR D 26 70.70 0.71 -19.83
CA THR D 26 71.53 0.84 -21.03
C THR D 26 70.71 1.39 -22.20
N LEU D 27 69.39 1.30 -22.10
CA LEU D 27 68.50 1.83 -23.12
C LEU D 27 67.62 2.97 -22.62
N LEU D 28 67.98 3.56 -21.47
CA LEU D 28 67.25 4.70 -20.89
C LEU D 28 65.79 4.33 -20.62
N ARG D 29 65.58 3.17 -20.02
CA ARG D 29 64.24 2.73 -19.61
C ARG D 29 64.22 2.70 -18.08
N LEU D 30 63.67 3.74 -17.48
CA LEU D 30 63.63 3.89 -16.03
C LEU D 30 62.24 3.64 -15.44
N GLY D 31 61.36 2.98 -16.20
CA GLY D 31 60.02 2.71 -15.72
C GLY D 31 59.16 3.96 -15.67
N PRO D 32 57.91 3.81 -15.23
CA PRO D 32 57.02 4.96 -15.15
C PRO D 32 57.21 5.79 -13.89
N GLU D 33 58.39 5.78 -13.28
CA GLU D 33 58.59 6.53 -12.04
C GLU D 33 59.67 7.59 -12.18
N PHE D 34 60.78 7.26 -12.83
CA PHE D 34 61.81 8.26 -13.10
C PHE D 34 61.82 8.62 -14.59
N ALA D 35 60.68 9.10 -15.08
CA ALA D 35 60.59 9.49 -16.48
C ALA D 35 61.29 10.82 -16.72
N LEU D 36 61.09 11.36 -17.91
CA LEU D 36 61.75 12.62 -18.27
C LEU D 36 61.04 13.81 -17.65
N LYS D 37 59.72 13.87 -17.75
CA LYS D 37 58.93 15.00 -17.28
C LYS D 37 58.12 14.58 -16.07
N GLN D 38 58.44 15.14 -14.91
CA GLN D 38 57.73 14.86 -13.67
C GLN D 38 56.90 16.07 -13.23
N TYR D 39 56.32 15.96 -12.04
CA TYR D 39 55.51 17.02 -11.47
C TYR D 39 55.81 17.13 -9.97
N ASP D 40 55.93 18.36 -9.49
CA ASP D 40 56.26 18.61 -8.10
C ASP D 40 55.05 18.42 -7.20
N HIS D 41 55.11 19.01 -6.01
CA HIS D 41 54.02 18.93 -5.03
C HIS D 41 52.83 19.80 -5.38
N ASP D 42 52.82 20.52 -6.50
CA ASP D 42 51.73 21.41 -6.85
C ASP D 42 51.14 21.14 -8.23
N GLY D 43 51.77 20.28 -9.03
CA GLY D 43 51.28 19.97 -10.36
C GLY D 43 51.98 20.70 -11.49
N ASN D 44 52.99 21.51 -11.20
CA ASN D 44 53.71 22.22 -12.24
C ASN D 44 54.66 21.28 -12.97
N GLU D 45 54.98 21.64 -14.21
CA GLU D 45 55.79 20.77 -15.06
C GLU D 45 57.26 20.89 -14.70
N HIS D 46 57.83 19.77 -14.29
CA HIS D 46 59.19 19.73 -13.76
C HIS D 46 60.01 18.73 -14.57
N ASP D 47 61.33 18.91 -14.55
CA ASP D 47 62.24 17.94 -15.14
C ASP D 47 62.78 16.99 -14.08
N LEU D 48 63.42 15.93 -14.53
CA LEU D 48 64.00 14.95 -13.61
C LEU D 48 65.33 15.47 -13.06
N ILE D 49 65.58 15.16 -11.79
CA ILE D 49 66.80 15.61 -11.11
C ILE D 49 67.56 14.35 -10.69
N ALA D 50 68.48 13.91 -11.53
CA ALA D 50 69.37 12.81 -11.21
C ALA D 50 70.64 13.36 -10.57
N LEU D 51 71.21 12.58 -9.65
CA LEU D 51 72.33 13.03 -8.84
C LEU D 51 73.53 12.10 -9.02
N SER D 52 74.69 12.69 -9.21
CA SER D 52 75.92 11.95 -9.50
C SER D 52 76.58 11.99 -8.01
N LEU D 53 77.77 11.41 -7.88
CA LEU D 53 78.49 11.45 -6.72
C LEU D 53 78.93 12.66 -5.86
N SER D 54 79.46 13.64 -6.58
CA SER D 54 79.92 14.88 -5.97
C SER D 54 78.75 15.70 -5.44
N GLU D 55 77.82 16.06 -6.32
CA GLU D 55 76.64 16.81 -5.88
C GLU D 55 75.82 16.00 -4.90
N SER D 56 75.93 14.68 -4.99
CA SER D 56 75.23 13.78 -4.08
C SER D 56 75.74 13.98 -2.66
N ARG D 57 77.05 13.81 -2.47
CA ARG D 57 77.66 13.98 -1.16
C ARG D 57 77.51 15.42 -0.65
N LEU D 58 77.73 16.40 -1.53
CA LEU D 58 77.66 17.80 -1.10
C LEU D 58 76.26 18.18 -0.64
N LEU D 59 75.24 17.72 -1.37
CA LEU D 59 73.87 18.08 -1.01
C LEU D 59 73.39 17.32 0.22
N ILE D 60 73.83 16.07 0.37
CA ILE D 60 73.51 15.34 1.60
C ILE D 60 74.15 16.04 2.79
N ARG D 61 75.41 16.47 2.67
CA ARG D 61 76.04 17.26 3.71
C ARG D 61 75.25 18.54 3.98
N GLU D 62 74.76 19.20 2.92
CA GLU D 62 74.01 20.44 3.10
C GLU D 62 72.72 20.21 3.89
N ALA D 63 71.86 19.31 3.40
CA ALA D 63 70.58 19.10 4.07
C ALA D 63 70.77 18.59 5.49
N LEU D 64 71.72 17.68 5.70
CA LEU D 64 71.87 17.10 7.03
C LEU D 64 72.59 18.06 7.98
N LYS D 65 73.41 18.97 7.46
CA LYS D 65 74.02 19.95 8.35
C LYS D 65 73.02 21.04 8.73
N ALA D 66 72.16 21.44 7.79
CA ALA D 66 71.09 22.36 8.12
C ALA D 66 70.07 21.68 9.04
N ARG D 67 70.01 20.35 9.00
CA ARG D 67 69.16 19.62 9.94
C ARG D 67 69.80 19.54 11.31
N SER D 68 71.14 19.43 11.36
CA SER D 68 71.84 19.42 12.64
C SER D 68 71.75 20.77 13.33
N ARG D 69 72.17 21.83 12.64
CA ARG D 69 72.05 23.18 13.21
C ARG D 69 70.59 23.55 13.41
N ALA D 70 69.69 23.04 12.57
CA ALA D 70 68.27 23.32 12.73
C ALA D 70 67.73 22.70 14.01
N ARG D 71 68.07 21.44 14.28
CA ARG D 71 67.66 20.81 15.53
C ARG D 71 68.40 21.40 16.73
N ASN D 72 69.56 22.01 16.53
CA ASN D 72 70.28 22.67 17.60
C ASN D 72 69.78 24.09 17.84
N GLY D 73 68.63 24.44 17.27
CA GLY D 73 68.08 25.77 17.45
C GLY D 73 68.81 26.88 16.72
N GLY D 74 69.89 26.56 16.02
CA GLY D 74 70.67 27.55 15.33
C GLY D 74 72.13 27.55 15.76
N VAL D 75 72.54 26.50 16.45
CA VAL D 75 73.92 26.36 16.89
C VAL D 75 74.75 25.63 15.84
N ILE D 84 79.22 18.02 10.11
CA ILE D 84 80.62 18.28 9.82
C ILE D 84 81.34 17.00 9.46
N ASP D 85 80.94 15.89 10.10
CA ASP D 85 81.50 14.57 9.79
C ASP D 85 80.36 13.68 9.31
N ASP D 86 80.73 12.58 8.64
CA ASP D 86 79.71 11.69 8.09
C ASP D 86 78.85 11.07 9.19
N ASP D 87 79.44 10.21 10.03
CA ASP D 87 78.67 9.39 10.95
C ASP D 87 77.96 10.22 12.01
N GLU D 88 78.62 11.25 12.53
CA GLU D 88 77.97 12.15 13.48
C GLU D 88 76.79 12.88 12.86
N LEU D 89 76.89 13.19 11.56
CA LEU D 89 75.79 13.88 10.88
C LEU D 89 74.65 12.93 10.58
N ALA D 90 74.95 11.64 10.42
CA ALA D 90 73.91 10.63 10.23
C ALA D 90 73.15 10.34 11.52
N LYS D 91 73.65 10.80 12.66
CA LYS D 91 72.97 10.62 13.94
C LYS D 91 71.84 11.62 14.14
N VAL D 92 71.87 12.75 13.43
CA VAL D 92 70.81 13.75 13.54
C VAL D 92 69.47 13.15 13.12
N THR D 93 69.51 12.09 12.32
CA THR D 93 68.30 11.40 11.88
C THR D 93 67.62 10.71 13.05
N SER D 94 66.61 9.90 12.72
CA SER D 94 65.85 9.14 13.71
C SER D 94 65.88 7.66 13.33
N GLY D 95 65.64 6.80 14.30
CA GLY D 95 65.68 5.37 14.07
C GLY D 95 67.10 4.87 13.85
N ALA D 96 67.23 3.63 13.38
CA ALA D 96 68.56 3.08 13.10
C ALA D 96 68.76 2.82 11.62
N VAL D 97 67.67 2.79 10.85
CA VAL D 97 67.77 2.50 9.42
C VAL D 97 68.56 3.59 8.71
N ALA D 98 68.28 4.85 9.04
CA ALA D 98 69.05 5.95 8.47
C ALA D 98 70.45 6.01 9.08
N ASN D 99 70.60 5.52 10.31
CA ASN D 99 71.93 5.48 10.91
C ASN D 99 72.86 4.59 10.11
N GLY D 100 72.49 3.32 9.92
CA GLY D 100 73.31 2.41 9.16
C GLY D 100 73.36 2.73 7.68
N VAL D 101 72.18 2.83 7.05
CA VAL D 101 72.10 3.06 5.61
C VAL D 101 72.74 4.39 5.24
N VAL D 102 72.39 5.46 5.95
CA VAL D 102 72.96 6.78 5.67
C VAL D 102 74.45 6.80 6.06
N LYS D 103 74.84 6.00 7.05
CA LYS D 103 76.25 5.88 7.38
C LYS D 103 77.06 5.34 6.19
N LYS D 104 76.71 4.14 5.73
CA LYS D 104 77.43 3.54 4.61
C LYS D 104 77.25 4.35 3.33
N THR D 105 76.18 5.15 3.25
CA THR D 105 76.01 6.04 2.10
C THR D 105 76.98 7.21 2.17
N LEU D 106 77.23 7.73 3.37
CA LEU D 106 78.16 8.85 3.52
C LEU D 106 79.61 8.40 3.34
N ASP D 107 79.96 7.23 3.85
CA ASP D 107 81.30 6.70 3.58
C ASP D 107 81.46 6.35 2.10
N TYR D 108 80.44 5.71 1.52
CA TYR D 108 80.47 5.34 0.12
C TYR D 108 80.67 6.57 -0.78
N LEU D 109 79.74 7.53 -0.71
CA LEU D 109 79.89 8.73 -1.52
C LEU D 109 81.02 9.61 -1.04
N ASN D 110 81.62 9.29 0.11
CA ASN D 110 82.73 10.07 0.63
C ASN D 110 84.07 9.65 0.03
N THR D 111 84.31 8.35 -0.10
CA THR D 111 85.60 7.84 -0.58
C THR D 111 85.71 7.85 -2.10
N PHE D 112 84.66 8.28 -2.82
CA PHE D 112 84.73 8.42 -4.27
C PHE D 112 84.54 9.86 -4.74
N ALA D 113 84.70 10.86 -3.89
CA ALA D 113 84.39 12.24 -4.23
C ALA D 113 85.33 12.72 -5.33
N ARG D 114 84.79 12.88 -6.55
CA ARG D 114 85.55 13.50 -7.62
C ARG D 114 85.77 14.98 -7.34
N PHE D 115 84.94 15.56 -6.48
CA PHE D 115 85.06 16.96 -6.06
C PHE D 115 84.56 17.04 -4.63
N LYS D 116 85.19 17.90 -3.84
CA LYS D 116 84.76 18.15 -2.47
C LYS D 116 84.62 19.64 -2.17
N ASP D 117 83.89 20.37 -3.01
CA ASP D 117 83.67 21.80 -2.83
C ASP D 117 82.51 22.24 -3.70
N GLU D 118 81.68 23.12 -3.16
CA GLU D 118 80.52 23.60 -3.91
C GLU D 118 80.93 24.57 -5.02
N GLU D 119 82.16 25.08 -4.96
CA GLU D 119 82.62 26.04 -5.96
C GLU D 119 82.91 25.36 -7.29
N THR D 120 83.72 24.29 -7.25
CA THR D 120 83.94 23.51 -8.46
C THR D 120 82.70 22.71 -8.81
N CYS D 121 81.83 22.48 -7.83
CA CYS D 121 80.48 21.99 -8.13
C CYS D 121 79.74 23.00 -8.99
N THR D 122 79.98 24.29 -8.78
CA THR D 122 79.42 25.31 -9.66
C THR D 122 80.15 25.32 -11.01
N ALA D 123 81.44 24.99 -11.01
CA ALA D 123 82.17 24.88 -12.27
C ALA D 123 81.58 23.80 -13.17
N VAL D 124 81.57 22.55 -12.69
CA VAL D 124 80.97 21.47 -13.46
C VAL D 124 79.48 21.73 -13.69
N ASP D 125 78.83 22.39 -12.74
CA ASP D 125 77.43 22.77 -12.92
C ASP D 125 77.29 23.71 -14.11
N GLN D 126 78.34 24.47 -14.42
CA GLN D 126 78.36 25.23 -15.66
C GLN D 126 78.71 24.35 -16.85
N LEU D 127 79.52 23.31 -16.61
CA LEU D 127 79.97 22.46 -17.72
C LEU D 127 78.83 21.65 -18.31
N LEU D 128 78.08 20.92 -17.47
CA LEU D 128 77.05 20.01 -17.94
C LEU D 128 75.97 20.69 -18.78
N HIS D 129 75.46 21.83 -18.34
CA HIS D 129 74.39 22.50 -19.06
C HIS D 129 74.93 23.68 -19.87
N LEU D 137 71.01 16.60 -24.34
CA LEU D 137 71.39 16.45 -22.93
C LEU D 137 70.23 15.85 -22.13
N HIS D 138 70.46 14.65 -21.61
CA HIS D 138 69.44 13.95 -20.84
C HIS D 138 69.83 13.90 -19.36
N PRO D 139 68.91 14.29 -18.47
CA PRO D 139 69.28 14.44 -17.04
C PRO D 139 69.95 13.21 -16.45
N PHE D 140 69.53 12.01 -16.84
CA PHE D 140 70.23 10.81 -16.40
C PHE D 140 71.69 10.82 -16.85
N GLU D 141 71.92 10.96 -18.15
CA GLU D 141 73.29 10.95 -18.65
C GLU D 141 74.00 12.26 -18.31
N ILE D 142 73.25 13.32 -17.97
CA ILE D 142 73.87 14.52 -17.43
C ILE D 142 74.50 14.22 -16.07
N ALA D 143 73.74 13.56 -15.19
CA ALA D 143 74.29 13.17 -13.90
C ALA D 143 75.24 11.99 -14.01
N GLN D 144 75.30 11.33 -15.18
CA GLN D 144 76.26 10.25 -15.37
C GLN D 144 77.59 10.80 -15.90
N LEU D 145 77.54 11.87 -16.69
CA LEU D 145 78.78 12.58 -17.02
C LEU D 145 79.40 13.18 -15.77
N SER D 146 78.56 13.63 -14.84
CA SER D 146 79.05 14.08 -13.54
C SER D 146 79.35 12.91 -12.62
N SER D 147 78.83 11.72 -12.93
CA SER D 147 79.05 10.55 -12.08
C SER D 147 80.39 9.90 -12.34
N LEU D 148 80.44 8.96 -13.29
CA LEU D 148 81.58 8.09 -13.50
C LEU D 148 82.74 8.90 -14.09
N GLY D 149 83.88 8.90 -13.39
CA GLY D 149 85.08 9.48 -13.96
C GLY D 149 85.70 8.54 -14.97
N CYS D 150 85.87 9.03 -16.19
CA CYS D 150 86.28 8.20 -17.30
C CYS D 150 87.67 8.58 -17.78
N GLU D 151 88.23 7.73 -18.64
CA GLU D 151 89.54 7.98 -19.25
C GLU D 151 89.39 8.58 -20.65
N ASP D 152 89.10 7.73 -21.63
CA ASP D 152 88.91 8.15 -23.01
C ASP D 152 87.43 8.23 -23.32
N VAL D 153 87.11 8.20 -24.63
CA VAL D 153 85.72 8.28 -25.05
C VAL D 153 85.08 6.90 -25.02
N ASP D 154 85.83 5.85 -25.37
CA ASP D 154 85.25 4.52 -25.44
C ASP D 154 84.73 4.07 -24.09
N GLU D 155 85.40 4.47 -23.00
CA GLU D 155 84.85 4.26 -21.67
C GLU D 155 83.55 5.03 -21.46
N ALA D 156 83.45 6.26 -21.96
CA ALA D 156 82.23 7.04 -21.81
C ALA D 156 81.07 6.43 -22.59
N ILE D 157 81.35 5.70 -23.68
CA ILE D 157 80.28 5.08 -24.43
C ILE D 157 80.10 3.60 -24.10
N THR D 158 81.11 2.94 -23.53
CA THR D 158 80.94 1.56 -23.09
C THR D 158 80.21 1.51 -21.76
N LEU D 159 80.58 2.39 -20.83
CA LEU D 159 79.84 2.49 -19.58
C LEU D 159 78.45 3.07 -19.80
N ILE D 160 78.31 4.01 -20.74
CA ILE D 160 77.03 4.63 -21.04
C ILE D 160 76.74 4.42 -22.53
N PRO D 161 76.05 3.34 -22.90
CA PRO D 161 75.75 3.12 -24.33
C PRO D 161 74.64 4.02 -24.84
N SER D 162 74.23 5.00 -24.04
CA SER D 162 73.19 5.94 -24.43
C SER D 162 73.72 7.16 -25.17
N LEU D 163 75.04 7.39 -25.13
CA LEU D 163 75.65 8.52 -25.83
C LEU D 163 75.96 8.21 -27.29
N ALA D 164 75.36 7.17 -27.87
CA ALA D 164 75.66 6.77 -29.24
C ALA D 164 74.93 7.66 -30.24
N ALA D 165 73.61 7.53 -30.33
CA ALA D 165 72.80 8.25 -31.31
C ALA D 165 72.49 9.67 -30.87
N LYS D 166 73.50 10.46 -30.50
CA LYS D 166 73.32 11.85 -30.11
C LYS D 166 74.02 12.83 -31.04
N LYS D 167 75.20 12.49 -31.54
CA LYS D 167 75.94 13.30 -32.51
C LYS D 167 76.23 14.70 -31.99
N GLU D 168 76.79 14.76 -30.78
CA GLU D 168 77.15 16.00 -30.12
C GLU D 168 78.24 15.64 -29.11
N VAL D 169 79.49 15.65 -29.56
CA VAL D 169 80.62 15.28 -28.74
C VAL D 169 81.06 16.28 -27.68
N ASN D 170 82.11 17.04 -28.00
CA ASN D 170 82.71 17.99 -27.08
C ASN D 170 82.96 17.31 -25.73
N LEU D 171 83.16 15.99 -25.75
CA LEU D 171 83.22 15.19 -24.54
C LEU D 171 84.67 15.06 -24.06
N GLN D 172 85.63 15.22 -24.98
CA GLN D 172 87.03 15.07 -24.62
C GLN D 172 87.47 16.17 -23.66
N ARG D 173 87.03 17.41 -23.92
CA ARG D 173 87.37 18.50 -23.00
C ARG D 173 86.46 18.49 -21.77
N ILE D 174 85.31 17.83 -21.85
CA ILE D 174 84.54 17.56 -20.64
C ILE D 174 85.33 16.64 -19.72
N LEU D 175 86.03 15.67 -20.30
CA LEU D 175 86.88 14.80 -19.49
C LEU D 175 88.16 15.51 -19.06
N ASP D 176 88.64 16.45 -19.88
CA ASP D 176 89.85 17.19 -19.52
C ASP D 176 89.54 18.22 -18.43
N GLU D 177 88.28 18.63 -18.31
CA GLU D 177 87.92 19.59 -17.27
C GLU D 177 87.49 18.86 -16.00
N LEU D 178 86.68 17.80 -16.15
CA LEU D 178 86.34 16.97 -15.00
C LEU D 178 87.57 16.32 -14.40
N ASN D 179 88.58 16.05 -15.22
CA ASN D 179 89.81 15.45 -14.72
C ASN D 179 90.83 16.50 -14.30
N ARG D 180 90.92 17.60 -15.04
CA ARG D 180 91.86 18.66 -14.67
C ARG D 180 91.45 19.34 -13.37
N LEU D 181 90.14 19.44 -13.12
CA LEU D 181 89.68 20.08 -11.89
C LEU D 181 89.57 19.08 -10.74
N GLU D 182 89.58 17.78 -11.05
CA GLU D 182 89.33 16.74 -10.06
C GLU D 182 90.29 16.82 -8.90
N ASP D 183 89.78 17.14 -7.71
CA ASP D 183 90.61 17.26 -6.53
C ASP D 183 91.21 15.91 -6.16
N PRO D 184 92.42 15.90 -5.60
CA PRO D 184 93.07 14.64 -5.25
C PRO D 184 92.47 14.02 -4.00
N TYR D 185 92.36 12.69 -4.03
CA TYR D 185 91.89 11.94 -2.87
C TYR D 185 93.07 11.31 -2.12
N GLU E 2 -19.83 40.36 -48.81
CA GLU E 2 -20.11 38.94 -48.72
C GLU E 2 -18.86 38.13 -48.35
N ASP E 3 -18.74 36.93 -48.91
CA ASP E 3 -17.58 36.08 -48.66
C ASP E 3 -16.27 36.76 -49.05
N ASN E 4 -16.34 37.83 -49.85
CA ASN E 4 -15.15 38.56 -50.24
C ASN E 4 -14.46 39.19 -49.03
N ASN E 5 -15.24 39.87 -48.17
CA ASN E 5 -14.67 40.67 -47.10
C ASN E 5 -13.97 39.80 -46.06
N ARG E 6 -14.40 38.55 -45.87
CA ARG E 6 -13.72 37.71 -44.89
C ARG E 6 -12.37 37.24 -45.38
N ILE E 7 -12.27 36.89 -46.68
CA ILE E 7 -10.97 36.54 -47.24
C ILE E 7 -10.03 37.74 -47.21
N ILE E 8 -10.54 38.90 -47.66
CA ILE E 8 -9.72 40.11 -47.65
C ILE E 8 -9.27 40.44 -46.24
N SER E 9 -10.15 40.22 -45.25
CA SER E 9 -9.79 40.52 -43.86
C SER E 9 -8.72 39.57 -43.36
N ARG E 10 -8.83 38.28 -43.71
CA ARG E 10 -7.80 37.32 -43.33
C ARG E 10 -6.45 37.69 -43.91
N LEU E 11 -6.41 37.99 -45.22
CA LEU E 11 -5.15 38.37 -45.84
C LEU E 11 -4.58 39.64 -45.20
N TRP E 12 -5.45 40.61 -44.90
CA TRP E 12 -5.01 41.83 -44.25
C TRP E 12 -4.38 41.55 -42.88
N ARG E 13 -5.09 40.84 -42.02
CA ARG E 13 -4.55 40.52 -40.70
C ARG E 13 -3.23 39.77 -40.81
N SER E 14 -3.14 38.82 -41.75
CA SER E 14 -1.89 38.09 -41.95
C SER E 14 -0.75 39.05 -42.30
N PHE E 15 -1.00 39.98 -43.24
CA PHE E 15 0.05 40.92 -43.61
C PHE E 15 0.48 41.78 -42.44
N ARG E 16 -0.49 42.27 -41.65
CA ARG E 16 -0.15 43.08 -40.48
C ARG E 16 0.70 42.28 -39.50
N THR E 17 0.32 41.04 -39.21
CA THR E 17 1.12 40.21 -38.30
C THR E 17 2.52 39.99 -38.86
N VAL E 18 2.63 39.80 -40.18
CA VAL E 18 3.96 39.66 -40.79
C VAL E 18 4.79 40.91 -40.54
N LYS E 19 4.17 42.09 -40.63
CA LYS E 19 4.94 43.31 -40.45
C LYS E 19 5.38 43.49 -39.01
N GLU E 20 4.48 43.21 -38.05
CA GLU E 20 4.88 43.32 -36.64
C GLU E 20 5.98 42.32 -36.31
N MET E 21 5.88 41.11 -36.86
CA MET E 21 6.96 40.13 -36.71
C MET E 21 8.27 40.67 -37.28
N ALA E 22 8.18 41.37 -38.41
CA ALA E 22 9.38 41.94 -39.02
C ALA E 22 9.85 43.18 -38.25
N ALA E 23 9.04 43.65 -37.29
CA ALA E 23 9.40 44.83 -36.52
C ALA E 23 10.06 44.43 -35.21
N ASP E 24 9.61 43.34 -34.59
CA ASP E 24 10.20 42.91 -33.32
C ASP E 24 11.54 42.23 -33.53
N ARG E 25 11.86 41.82 -34.76
CA ARG E 25 13.14 41.16 -34.99
C ARG E 25 14.28 42.14 -35.22
N GLY E 26 14.00 43.44 -35.27
CA GLY E 26 15.03 44.46 -35.29
C GLY E 26 15.06 45.33 -36.53
N TYR E 27 14.23 45.05 -37.53
CA TYR E 27 14.30 45.80 -38.78
C TYR E 27 13.55 47.13 -38.67
N PHE E 28 13.28 47.73 -39.82
CA PHE E 28 12.74 49.07 -39.90
C PHE E 28 11.50 49.09 -40.80
N ILE E 29 10.36 49.44 -40.22
CA ILE E 29 9.11 49.62 -40.95
C ILE E 29 8.51 50.97 -40.56
N SER E 30 8.35 51.84 -41.55
CA SER E 30 7.82 53.18 -41.28
C SER E 30 6.34 53.10 -40.92
N GLN E 31 5.88 54.10 -40.17
CA GLN E 31 4.51 54.13 -39.68
C GLN E 31 3.47 54.29 -40.77
N GLU E 32 3.85 54.80 -41.95
CA GLU E 32 2.90 54.84 -43.07
C GLU E 32 2.54 53.44 -43.54
N GLU E 33 3.43 52.47 -43.31
CA GLU E 33 3.17 51.09 -43.70
C GLU E 33 2.42 50.33 -42.61
N MET E 34 2.79 50.55 -41.34
CA MET E 34 2.14 49.83 -40.25
C MET E 34 0.67 50.21 -40.12
N ASP E 35 0.38 51.51 -40.02
CA ASP E 35 -0.98 51.99 -39.82
C ASP E 35 -1.82 51.98 -41.10
N GLN E 36 -1.62 50.99 -41.97
CA GLN E 36 -2.44 50.86 -43.17
C GLN E 36 -3.86 50.48 -42.78
N SER E 37 -4.83 51.20 -43.33
CA SER E 37 -6.23 50.92 -43.04
C SER E 37 -6.64 49.96 -44.15
N LEU E 38 -7.92 49.62 -44.17
CA LEU E 38 -8.43 48.72 -45.20
C LEU E 38 -8.71 49.16 -46.63
N GLU E 39 -9.09 50.43 -46.81
CA GLU E 39 -9.35 50.94 -48.15
C GLU E 39 -8.06 51.00 -48.98
N GLU E 40 -6.93 51.26 -48.32
CA GLU E 40 -5.64 51.19 -49.00
C GLU E 40 -5.34 49.76 -49.42
N PHE E 41 -5.71 48.78 -48.60
CA PHE E 41 -5.45 47.39 -48.93
C PHE E 41 -6.30 46.94 -50.11
N ARG E 42 -7.61 47.19 -50.05
CA ARG E 42 -8.49 46.83 -51.16
C ARG E 42 -8.11 47.59 -52.43
N SER E 43 -7.64 48.83 -52.29
CA SER E 43 -7.40 49.66 -53.46
C SER E 43 -6.04 49.34 -54.08
N LYS E 44 -5.11 48.81 -53.29
CA LYS E 44 -3.75 48.66 -53.76
C LYS E 44 -3.33 47.20 -53.93
N ILE E 45 -4.18 46.27 -53.52
CA ILE E 45 -3.86 44.85 -53.64
C ILE E 45 -4.82 44.11 -54.57
N CYS E 46 -6.12 44.32 -54.43
CA CYS E 46 -7.11 43.62 -55.23
C CYS E 46 -7.13 44.14 -56.66
N ASP E 47 -7.46 43.24 -57.59
CA ASP E 47 -7.69 43.63 -58.98
C ASP E 47 -9.01 44.37 -59.10
N SER E 48 -9.34 44.82 -60.32
CA SER E 48 -10.64 45.44 -60.54
C SER E 48 -11.77 44.46 -60.29
N MET E 49 -11.48 43.15 -60.34
CA MET E 49 -12.45 42.11 -59.99
C MET E 49 -12.65 41.98 -58.49
N GLY E 50 -11.86 42.67 -57.68
CA GLY E 50 -11.88 42.47 -56.25
C GLY E 50 -11.11 41.27 -55.75
N ASN E 51 -10.04 40.87 -56.45
CA ASN E 51 -9.29 39.67 -56.10
C ASN E 51 -7.81 39.98 -56.00
N PRO E 52 -7.09 39.34 -55.08
CA PRO E 52 -5.72 39.75 -54.76
C PRO E 52 -4.68 39.35 -55.79
N GLN E 53 -3.55 40.03 -55.73
CA GLN E 53 -2.34 39.69 -56.47
C GLN E 53 -1.21 39.62 -55.45
N ARG E 54 -0.78 38.39 -55.12
CA ARG E 54 0.20 38.22 -54.05
C ARG E 54 1.55 38.81 -54.44
N LYS E 55 1.84 38.88 -55.73
CA LYS E 55 3.13 39.42 -56.17
C LYS E 55 3.23 40.92 -55.99
N LEU E 56 2.13 41.58 -55.60
CA LEU E 56 2.20 42.99 -55.24
C LEU E 56 2.23 43.21 -53.73
N MET E 57 2.63 42.21 -52.96
CA MET E 57 2.70 42.34 -51.51
C MET E 57 4.09 42.06 -50.96
N SER E 58 5.04 41.70 -51.82
CA SER E 58 6.39 41.42 -51.38
C SER E 58 7.14 42.72 -51.10
N PHE E 59 8.16 42.65 -50.24
CA PHE E 59 8.96 43.82 -49.95
C PHE E 59 10.28 43.41 -49.32
N LEU E 60 11.17 44.41 -49.18
CA LEU E 60 12.50 44.28 -48.62
C LEU E 60 12.56 45.08 -47.33
N ALA E 61 13.48 44.69 -46.44
CA ALA E 61 13.61 45.33 -45.14
C ALA E 61 15.07 45.45 -44.76
N ASN E 62 15.45 46.65 -44.32
CA ASN E 62 16.79 46.98 -43.87
C ASN E 62 16.80 47.18 -42.36
N PRO E 63 17.92 46.90 -41.69
CA PRO E 63 17.94 46.99 -40.23
C PRO E 63 18.12 48.42 -39.74
N THR E 64 17.73 48.65 -38.49
CA THR E 64 17.93 49.93 -37.84
C THR E 64 19.36 50.02 -37.32
N PRO E 65 19.83 51.23 -36.96
CA PRO E 65 21.20 51.33 -36.41
C PRO E 65 21.37 50.65 -35.06
N GLU E 66 20.42 50.85 -34.13
CA GLU E 66 20.54 50.25 -32.81
C GLU E 66 20.61 48.73 -32.90
N ALA E 67 19.66 48.12 -33.60
CA ALA E 67 19.66 46.66 -33.76
C ALA E 67 20.88 46.20 -34.54
N LEU E 68 21.42 47.06 -35.40
CA LEU E 68 22.66 46.72 -36.10
C LEU E 68 23.85 46.71 -35.13
N GLU E 69 23.81 47.55 -34.11
CA GLU E 69 24.91 47.60 -33.15
C GLU E 69 24.83 46.47 -32.14
N LYS E 70 23.65 46.25 -31.58
CA LYS E 70 23.52 45.24 -30.53
C LYS E 70 23.65 43.84 -31.10
N TYR E 71 23.03 43.57 -32.24
CA TYR E 71 23.09 42.28 -32.91
C TYR E 71 23.88 42.49 -34.19
N SER E 72 25.02 41.81 -34.32
CA SER E 72 25.93 42.06 -35.43
C SER E 72 25.61 41.23 -36.68
N ASP E 73 25.22 39.97 -36.52
CA ASP E 73 24.97 39.08 -37.65
C ASP E 73 23.57 39.24 -38.24
N LEU E 74 23.20 40.44 -38.67
CA LEU E 74 21.88 40.71 -39.22
C LEU E 74 22.03 41.44 -40.55
N GLY E 75 21.61 40.79 -41.64
CA GLY E 75 21.66 41.35 -42.97
C GLY E 75 20.40 42.12 -43.32
N THR E 76 19.72 41.67 -44.37
CA THR E 76 18.45 42.25 -44.77
C THR E 76 17.37 41.17 -44.77
N LEU E 77 16.12 41.59 -45.00
CA LEU E 77 14.98 40.69 -44.96
C LEU E 77 14.20 40.77 -46.27
N TRP E 78 13.80 39.62 -46.80
CA TRP E 78 13.00 39.54 -48.00
C TRP E 78 11.69 38.83 -47.67
N VAL E 79 10.57 39.47 -47.99
CA VAL E 79 9.25 38.91 -47.68
C VAL E 79 8.46 38.79 -48.97
N GLU E 80 8.07 37.56 -49.31
CA GLU E 80 7.29 37.28 -50.51
C GLU E 80 6.21 36.27 -50.21
N PHE E 81 4.96 36.63 -50.51
CA PHE E 81 3.84 35.72 -50.42
C PHE E 81 3.78 34.88 -51.69
N CYS E 82 3.52 33.59 -51.54
CA CYS E 82 3.50 32.67 -52.67
C CYS E 82 2.24 32.87 -53.49
N ASP E 83 2.18 32.24 -54.67
CA ASP E 83 1.03 32.34 -55.54
C ASP E 83 0.27 31.03 -55.67
N GLU E 84 0.95 29.92 -55.97
CA GLU E 84 0.29 28.64 -56.19
C GLU E 84 -0.24 28.11 -54.89
N PRO E 85 -1.33 27.33 -54.89
CA PRO E 85 -1.81 26.74 -53.63
C PRO E 85 -1.11 25.59 -52.92
N SER E 86 -0.86 24.49 -53.62
CA SER E 86 -0.16 23.34 -53.06
C SER E 86 1.25 23.59 -53.59
N VAL E 87 2.09 24.18 -52.75
CA VAL E 87 3.45 24.54 -53.13
C VAL E 87 4.25 23.25 -53.31
N GLY E 88 4.66 22.97 -54.54
CA GLY E 88 5.46 21.80 -54.85
C GLY E 88 6.92 22.14 -55.04
N ILE E 89 7.56 21.37 -55.93
CA ILE E 89 8.98 21.58 -56.22
C ILE E 89 9.18 22.79 -57.10
N LYS E 90 8.19 23.13 -57.94
CA LYS E 90 8.37 24.16 -58.95
C LYS E 90 8.61 25.54 -58.32
N THR E 91 7.63 26.05 -57.58
CA THR E 91 7.76 27.37 -56.99
C THR E 91 8.90 27.43 -55.98
N MET E 92 9.14 26.32 -55.27
CA MET E 92 10.23 26.29 -54.31
C MET E 92 11.59 26.44 -54.99
N ARG E 93 11.82 25.75 -56.10
CA ARG E 93 13.10 25.84 -56.79
C ARG E 93 13.35 27.26 -57.31
N ASN E 94 12.38 27.81 -58.04
CA ASN E 94 12.54 29.16 -58.59
C ASN E 94 12.69 30.21 -57.49
N PHE E 95 11.96 30.05 -56.39
CA PHE E 95 12.14 30.96 -55.26
C PHE E 95 13.55 30.86 -54.70
N CYS E 96 14.04 29.63 -54.54
CA CYS E 96 15.42 29.44 -54.07
C CYS E 96 16.42 30.13 -55.00
N LEU E 97 16.19 30.06 -56.31
CA LEU E 97 17.04 30.80 -57.24
C LEU E 97 16.91 32.30 -57.01
N ARG E 98 15.70 32.77 -56.72
CA ARG E 98 15.46 34.19 -56.52
C ARG E 98 16.19 34.71 -55.29
N ILE E 99 16.33 33.86 -54.27
CA ILE E 99 17.11 34.25 -53.09
C ILE E 99 18.60 34.12 -53.38
N GLN E 100 18.98 33.13 -54.19
CA GLN E 100 20.39 32.93 -54.52
C GLN E 100 20.87 33.97 -55.53
N GLU E 101 19.96 34.80 -56.02
CA GLU E 101 20.33 35.77 -57.05
C GLU E 101 20.84 37.07 -56.43
N LYS E 102 19.99 37.77 -55.67
CA LYS E 102 20.39 39.03 -55.05
C LYS E 102 21.36 38.91 -53.88
N ASN E 103 21.76 37.70 -53.52
CA ASN E 103 22.46 37.30 -52.28
C ASN E 103 22.00 38.06 -51.05
N PHE E 104 20.78 37.77 -50.62
CA PHE E 104 20.26 38.35 -49.39
C PHE E 104 20.26 37.15 -48.45
N SER E 105 19.99 37.42 -47.17
CA SER E 105 20.41 36.72 -45.96
C SER E 105 19.27 35.93 -45.33
N THR E 106 18.03 36.40 -45.47
CA THR E 106 16.89 35.71 -44.89
C THR E 106 15.65 35.99 -45.73
N GLY E 107 14.91 34.94 -46.06
CA GLY E 107 13.66 35.07 -46.77
C GLY E 107 12.50 34.38 -46.08
N ILE E 108 11.29 34.88 -46.29
CA ILE E 108 10.08 34.30 -45.71
C ILE E 108 9.15 33.89 -46.85
N PHE E 109 8.91 32.59 -46.98
CA PHE E 109 8.11 32.04 -48.06
C PHE E 109 6.78 31.55 -47.48
N ILE E 110 5.77 32.44 -47.48
CA ILE E 110 4.45 32.10 -46.95
C ILE E 110 3.75 31.20 -47.95
N TYR E 111 3.33 30.02 -47.52
CA TYR E 111 2.52 29.16 -48.37
C TYR E 111 1.05 29.29 -47.95
N GLN E 112 0.22 28.44 -48.55
CA GLN E 112 -1.23 28.55 -48.38
C GLN E 112 -1.85 27.31 -47.74
N ASN E 113 -1.56 26.12 -48.26
CA ASN E 113 -2.20 24.89 -47.81
C ASN E 113 -1.21 23.82 -47.38
N ASN E 114 -0.24 23.48 -48.22
CA ASN E 114 0.74 22.45 -47.89
C ASN E 114 1.94 22.57 -48.81
N ILE E 115 3.06 22.02 -48.36
CA ILE E 115 4.30 21.97 -49.11
C ILE E 115 4.70 20.52 -49.29
N THR E 116 5.17 20.16 -50.47
CA THR E 116 5.57 18.78 -50.73
C THR E 116 6.89 18.47 -50.02
N PRO E 117 7.07 17.24 -49.53
CA PRO E 117 8.32 16.91 -48.83
C PRO E 117 9.56 16.95 -49.72
N SER E 118 9.45 16.50 -50.96
CA SER E 118 10.60 16.54 -51.87
C SER E 118 11.08 17.97 -52.06
N ALA E 119 10.16 18.94 -52.03
CA ALA E 119 10.55 20.34 -51.98
C ALA E 119 10.88 20.78 -50.57
N ASN E 120 10.41 20.06 -49.55
CA ASN E 120 10.82 20.36 -48.18
C ASN E 120 12.25 19.94 -47.91
N LYS E 121 12.87 19.20 -48.83
CA LYS E 121 14.32 19.01 -48.81
C LYS E 121 15.06 20.16 -49.46
N MET E 122 14.37 21.00 -50.24
CA MET E 122 14.98 22.15 -50.89
C MET E 122 15.12 23.35 -49.97
N ILE E 123 15.63 23.17 -48.76
CA ILE E 123 15.86 24.29 -47.84
C ILE E 123 17.33 24.31 -47.44
N PRO E 124 17.97 23.18 -47.16
CA PRO E 124 19.44 23.19 -47.03
C PRO E 124 20.19 23.33 -48.35
N THR E 125 19.51 23.70 -49.44
CA THR E 125 20.16 23.90 -50.74
C THR E 125 20.26 25.38 -51.12
N VAL E 126 19.97 26.28 -50.19
CA VAL E 126 19.89 27.70 -50.48
C VAL E 126 20.94 28.45 -49.65
N SER E 127 21.76 27.70 -48.92
CA SER E 127 22.80 28.27 -48.10
C SER E 127 23.73 29.16 -48.93
N PRO E 128 24.40 30.15 -48.31
CA PRO E 128 24.45 30.50 -46.88
C PRO E 128 23.22 31.24 -46.36
N ALA E 129 22.21 31.44 -47.19
CA ALA E 129 21.01 32.13 -46.76
C ALA E 129 20.16 31.24 -45.86
N ILE E 130 19.09 31.83 -45.32
CA ILE E 130 18.19 31.13 -44.41
C ILE E 130 16.76 31.35 -44.88
N ILE E 131 16.14 30.30 -45.41
CA ILE E 131 14.74 30.33 -45.83
C ILE E 131 13.89 29.81 -44.67
N GLU E 132 12.84 30.54 -44.35
CA GLU E 132 11.96 30.21 -43.22
C GLU E 132 10.52 30.21 -43.68
N THR E 133 9.88 29.05 -43.57
CA THR E 133 8.53 28.85 -44.08
C THR E 133 7.50 29.10 -42.99
N PHE E 134 6.34 29.60 -43.40
CA PHE E 134 5.21 29.82 -42.51
C PHE E 134 3.92 29.56 -43.28
N GLN E 135 2.90 29.07 -42.58
CA GLN E 135 1.58 28.95 -43.18
C GLN E 135 0.83 30.26 -42.99
N GLU E 136 -0.16 30.53 -43.84
CA GLU E 136 -0.90 31.77 -43.72
C GLU E 136 -1.96 31.69 -42.64
N SER E 137 -2.71 30.58 -42.60
CA SER E 137 -3.80 30.44 -41.62
C SER E 137 -3.27 30.45 -40.20
N ASP E 138 -1.95 30.35 -40.05
CA ASP E 138 -1.34 30.50 -38.74
C ASP E 138 -1.24 31.95 -38.29
N LEU E 139 -0.80 32.86 -39.17
CA LEU E 139 -0.47 34.21 -38.77
C LEU E 139 -1.67 35.15 -38.76
N VAL E 140 -2.89 34.62 -38.70
CA VAL E 140 -4.06 35.49 -38.62
C VAL E 140 -4.14 36.16 -37.25
N VAL E 141 -3.66 35.46 -36.23
CA VAL E 141 -3.67 35.96 -34.85
C VAL E 141 -2.23 36.14 -34.40
N ASN E 142 -1.95 37.29 -33.78
CA ASN E 142 -0.62 37.54 -33.21
C ASN E 142 -0.61 36.95 -31.80
N ILE E 143 0.17 35.90 -31.59
CA ILE E 143 0.16 35.21 -30.31
C ILE E 143 0.76 35.96 -29.13
N THR E 144 1.28 37.16 -29.38
CA THR E 144 2.08 37.88 -28.40
C THR E 144 1.20 38.85 -27.63
N HIS E 145 0.10 39.28 -28.25
CA HIS E 145 -0.92 40.08 -27.58
C HIS E 145 -1.80 39.25 -26.67
N HIS E 146 -1.68 37.92 -26.72
CA HIS E 146 -2.41 37.04 -25.83
C HIS E 146 -2.03 37.32 -24.37
N GLU E 147 -2.95 37.03 -23.46
CA GLU E 147 -2.70 37.30 -22.05
C GLU E 147 -1.47 36.58 -21.54
N LEU E 148 -1.45 35.25 -21.63
CA LEU E 148 -0.48 34.42 -20.93
C LEU E 148 0.96 34.66 -21.40
N VAL E 149 1.20 34.76 -22.69
CA VAL E 149 2.56 34.80 -23.24
C VAL E 149 3.27 36.07 -22.79
N PRO E 150 4.36 35.95 -22.02
CA PRO E 150 5.11 37.15 -21.63
C PRO E 150 6.09 37.58 -22.71
N LYS E 151 6.90 38.59 -22.37
CA LYS E 151 7.87 39.14 -23.30
C LYS E 151 9.07 38.20 -23.45
N HIS E 152 9.51 38.01 -24.69
CA HIS E 152 10.71 37.25 -24.98
C HIS E 152 11.72 38.15 -25.69
N ILE E 153 12.91 38.27 -25.10
CA ILE E 153 13.93 39.19 -25.61
C ILE E 153 15.21 38.40 -25.86
N ARG E 154 15.61 38.29 -27.12
CA ARG E 154 16.82 37.57 -27.47
C ARG E 154 18.05 38.36 -27.04
N LEU E 155 19.09 37.64 -26.62
CA LEU E 155 20.29 38.30 -26.10
C LEU E 155 21.37 38.39 -27.17
N SER E 156 22.43 39.11 -26.85
CA SER E 156 23.55 39.29 -27.78
C SER E 156 24.58 38.22 -27.44
N ASP E 157 25.75 38.32 -28.07
CA ASP E 157 26.82 37.36 -27.83
C ASP E 157 27.54 37.35 -26.49
N GLY E 158 27.93 38.53 -26.02
CA GLY E 158 28.62 38.66 -24.75
C GLY E 158 27.70 38.43 -23.56
N GLU E 159 26.75 39.32 -23.38
CA GLU E 159 25.80 39.21 -22.28
C GLU E 159 25.54 37.76 -21.92
N LYS E 160 25.51 36.88 -22.92
CA LYS E 160 25.38 35.46 -22.66
C LYS E 160 26.58 34.93 -21.88
N SER E 161 27.79 35.35 -22.28
CA SER E 161 28.98 34.92 -21.56
C SER E 161 28.94 35.42 -20.12
N GLN E 162 28.51 36.67 -19.91
CA GLN E 162 28.37 37.19 -18.56
C GLN E 162 27.37 36.37 -17.76
N LEU E 163 26.26 35.98 -18.39
CA LEU E 163 25.25 35.19 -17.70
C LEU E 163 25.81 33.81 -17.32
N LEU E 164 26.66 33.25 -18.18
CA LEU E 164 27.26 31.95 -17.87
C LEU E 164 28.37 32.09 -16.84
N GLN E 165 28.86 33.32 -16.63
CA GLN E 165 29.86 33.55 -15.60
C GLN E 165 29.22 33.77 -14.23
N ARG E 166 28.03 34.37 -14.22
CA ARG E 166 27.37 34.66 -12.93
C ARG E 166 26.91 33.39 -12.25
N TYR E 167 26.50 32.39 -13.02
CA TYR E 167 26.00 31.14 -12.46
C TYR E 167 27.01 30.00 -12.55
N LYS E 168 28.11 30.19 -13.28
CA LYS E 168 29.10 29.13 -13.51
C LYS E 168 28.43 27.90 -14.11
N LEU E 169 28.17 27.95 -15.41
CA LEU E 169 27.34 26.95 -16.07
C LEU E 169 27.96 26.50 -17.40
N LYS E 170 27.33 25.51 -18.00
CA LYS E 170 27.54 25.16 -19.40
C LYS E 170 26.22 25.26 -20.14
N GLU E 171 26.31 25.53 -21.45
CA GLU E 171 25.14 25.96 -22.20
C GLU E 171 24.03 24.90 -22.20
N SER E 172 24.36 23.66 -21.82
CA SER E 172 23.35 22.61 -21.84
C SER E 172 22.53 22.52 -20.56
N GLN E 173 22.92 23.21 -19.49
CA GLN E 173 22.25 23.12 -18.21
C GLN E 173 21.28 24.27 -17.96
N LEU E 174 20.56 24.72 -18.98
CA LEU E 174 19.51 25.71 -18.78
C LEU E 174 18.15 25.14 -19.17
N PRO E 175 17.06 25.73 -18.67
CA PRO E 175 15.75 25.38 -19.21
C PRO E 175 15.69 25.69 -20.70
N ARG E 176 15.11 24.77 -21.45
CA ARG E 176 15.21 24.80 -22.91
C ARG E 176 13.89 25.18 -23.54
N ILE E 177 13.97 25.63 -24.79
CA ILE E 177 12.82 25.85 -25.65
C ILE E 177 13.10 25.15 -26.97
N GLN E 178 12.04 24.76 -27.68
CA GLN E 178 12.21 23.97 -28.89
C GLN E 178 12.27 24.86 -30.12
N ARG E 179 12.94 24.35 -31.16
CA ARG E 179 13.13 25.13 -32.39
C ARG E 179 11.81 25.37 -33.10
N GLU E 180 10.86 24.46 -32.98
CA GLU E 180 9.52 24.65 -33.51
C GLU E 180 8.48 24.95 -32.44
N ASP E 181 8.48 26.16 -31.90
CA ASP E 181 7.56 26.50 -30.83
C ASP E 181 7.13 27.96 -30.99
N PRO E 182 5.86 28.22 -31.33
CA PRO E 182 5.50 29.48 -32.01
C PRO E 182 6.22 30.74 -31.52
N VAL E 183 6.44 30.87 -30.22
CA VAL E 183 7.15 32.04 -29.73
C VAL E 183 8.66 31.84 -29.85
N ALA E 184 9.11 30.75 -30.49
CA ALA E 184 10.53 30.58 -30.75
C ALA E 184 10.86 30.85 -32.21
N ARG E 185 9.86 30.83 -33.08
CA ARG E 185 10.08 31.22 -34.46
C ARG E 185 9.49 32.59 -34.74
N TYR E 186 8.61 33.07 -33.86
CA TYR E 186 8.21 34.47 -33.90
C TYR E 186 9.43 35.39 -33.86
N LEU E 187 10.46 35.01 -33.11
CA LEU E 187 11.69 35.77 -33.05
C LEU E 187 12.78 35.23 -33.96
N GLY E 188 12.60 34.04 -34.50
CA GLY E 188 13.62 33.45 -35.37
C GLY E 188 14.88 33.04 -34.63
N LEU E 189 14.82 31.96 -33.87
CA LEU E 189 15.97 31.53 -33.09
C LEU E 189 16.80 30.51 -33.84
N LYS E 190 18.05 30.36 -33.41
CA LYS E 190 18.97 29.33 -33.89
C LYS E 190 19.67 28.68 -32.72
N ARG E 191 20.31 27.54 -32.99
CA ARG E 191 20.89 26.73 -31.93
C ARG E 191 21.99 27.49 -31.20
N GLY E 192 21.73 27.84 -29.94
CA GLY E 192 22.69 28.50 -29.09
C GLY E 192 22.32 29.91 -28.68
N GLN E 193 21.07 30.31 -28.87
CA GLN E 193 20.64 31.65 -28.52
C GLN E 193 19.64 31.61 -27.36
N VAL E 194 19.95 32.38 -26.32
CA VAL E 194 19.21 32.36 -25.07
C VAL E 194 18.23 33.52 -25.04
N VAL E 195 16.95 33.20 -24.97
CA VAL E 195 15.91 34.21 -24.82
C VAL E 195 15.69 34.48 -23.35
N LYS E 196 15.52 35.76 -23.01
CA LYS E 196 15.16 36.19 -21.66
C LYS E 196 13.66 36.39 -21.58
N ILE E 197 13.09 36.01 -20.44
CA ILE E 197 11.66 36.07 -20.19
C ILE E 197 11.46 36.86 -18.91
N ILE E 198 10.44 37.72 -18.88
CA ILE E 198 10.10 38.51 -17.69
C ILE E 198 8.68 38.16 -17.28
N ARG E 199 8.53 37.15 -16.44
CA ARG E 199 7.22 36.67 -16.03
C ARG E 199 6.73 37.47 -14.84
N ARG E 200 5.41 37.60 -14.76
CA ARG E 200 4.78 38.12 -13.56
C ARG E 200 4.70 37.03 -12.50
N SER E 201 4.73 37.43 -11.23
CA SER E 201 4.62 36.50 -10.12
C SER E 201 3.87 37.18 -8.97
N GLU E 202 3.09 36.40 -8.23
CA GLU E 202 2.32 36.94 -7.12
C GLU E 202 2.96 36.66 -5.77
N THR E 203 4.28 36.51 -5.70
CA THR E 203 5.02 36.49 -4.46
C THR E 203 6.16 37.50 -4.43
N SER E 204 6.50 38.06 -5.60
CA SER E 204 7.50 39.12 -5.70
C SER E 204 7.28 40.02 -6.90
N GLY E 205 6.10 39.99 -7.51
CA GLY E 205 5.77 40.88 -8.60
C GLY E 205 6.45 40.57 -9.91
N ARG E 206 7.76 40.81 -9.98
CA ARG E 206 8.50 40.74 -11.23
C ARG E 206 9.60 39.69 -11.14
N TYR E 207 9.47 38.62 -11.93
CA TYR E 207 10.44 37.54 -11.88
C TYR E 207 11.04 37.33 -13.26
N ALA E 208 12.36 37.50 -13.37
CA ALA E 208 13.07 37.35 -14.62
C ALA E 208 13.68 35.95 -14.70
N SER E 209 13.35 35.22 -15.75
CA SER E 209 13.81 33.85 -15.95
C SER E 209 14.24 33.65 -17.41
N TYR E 210 15.41 33.04 -17.59
CA TYR E 210 16.01 32.83 -18.89
C TYR E 210 15.59 31.47 -19.43
N ARG E 211 15.87 31.24 -20.72
CA ARG E 211 15.58 29.96 -21.36
C ARG E 211 16.35 29.87 -22.67
N ILE E 212 16.96 28.71 -22.92
CA ILE E 212 17.85 28.51 -24.06
C ILE E 212 17.11 27.75 -25.15
N CYS E 213 17.63 27.80 -26.37
CA CYS E 213 17.03 27.09 -27.50
C CYS E 213 17.92 25.94 -27.93
N LEU E 214 17.53 25.28 -29.02
CA LEU E 214 18.30 24.18 -29.58
C LEU E 214 18.37 24.27 -31.10
N GLU F 71 43.28 25.35 -5.12
CA GLU F 71 43.09 25.51 -6.54
C GLU F 71 41.73 26.13 -6.86
N LEU F 72 40.68 25.60 -6.23
CA LEU F 72 39.33 26.09 -6.50
C LEU F 72 38.82 26.96 -5.37
N ALA F 73 39.63 27.19 -4.34
CA ALA F 73 39.17 27.94 -3.18
C ALA F 73 38.89 29.40 -3.55
N ILE F 74 38.15 30.07 -2.67
CA ILE F 74 37.82 31.48 -2.83
C ILE F 74 38.42 32.25 -1.66
N LEU F 75 39.12 33.34 -1.96
CA LEU F 75 39.88 34.05 -0.93
C LEU F 75 38.96 34.73 0.07
N LYS F 76 39.58 35.37 1.07
CA LYS F 76 38.81 35.90 2.19
C LYS F 76 38.29 37.31 1.91
N GLU F 77 38.14 37.66 0.64
CA GLU F 77 37.46 38.90 0.28
C GLU F 77 36.31 38.67 -0.69
N GLU F 78 36.29 37.52 -1.37
CA GLU F 78 35.32 37.21 -2.40
C GLU F 78 34.23 36.27 -1.91
N ARG F 79 34.19 36.00 -0.60
CA ARG F 79 33.20 35.07 -0.04
C ARG F 79 31.81 35.69 -0.10
N THR F 80 30.88 35.02 -0.76
CA THR F 80 29.55 35.54 -0.99
C THR F 80 28.42 34.65 -0.50
N THR F 81 28.66 33.78 0.48
CA THR F 81 27.57 33.01 1.06
C THR F 81 27.07 33.68 2.34
N THR F 82 25.85 33.34 2.73
CA THR F 82 25.20 34.04 3.84
C THR F 82 25.97 33.81 5.14
N PRO F 83 26.11 34.84 5.98
CA PRO F 83 26.91 34.71 7.21
C PRO F 83 26.14 34.23 8.42
N TYR F 84 25.05 33.48 8.25
CA TYR F 84 24.25 33.02 9.37
C TYR F 84 24.36 31.51 9.53
N LEU F 85 24.63 31.07 10.76
CA LEU F 85 24.73 29.64 11.04
C LEU F 85 23.37 28.98 10.88
N THR F 86 23.22 28.18 9.83
CA THR F 86 21.96 27.50 9.57
C THR F 86 21.77 26.34 10.55
N LYS F 87 20.55 25.78 10.56
CA LYS F 87 20.23 24.77 11.54
C LYS F 87 20.99 23.48 11.30
N TYR F 88 21.20 23.09 10.04
CA TYR F 88 21.94 21.86 9.77
C TYR F 88 23.39 21.99 10.25
N GLU F 89 24.03 23.11 9.91
CA GLU F 89 25.38 23.38 10.39
C GLU F 89 25.45 23.32 11.91
N ARG F 90 24.56 24.04 12.60
CA ARG F 90 24.51 24.00 14.06
C ARG F 90 24.39 22.56 14.55
N ALA F 91 23.53 21.77 13.91
CA ALA F 91 23.33 20.39 14.32
C ALA F 91 24.64 19.60 14.25
N ARG F 92 25.34 19.67 13.11
CA ARG F 92 26.54 18.85 12.98
C ARG F 92 27.67 19.37 13.86
N ILE F 93 27.72 20.68 14.11
CA ILE F 93 28.72 21.21 15.03
C ILE F 93 28.49 20.67 16.44
N LEU F 94 27.24 20.76 16.92
CA LEU F 94 26.94 20.24 18.26
C LEU F 94 27.24 18.76 18.35
N GLY F 95 26.82 18.00 17.34
CA GLY F 95 27.04 16.56 17.37
C GLY F 95 28.51 16.20 17.40
N THR F 96 29.29 16.75 16.47
CA THR F 96 30.70 16.41 16.39
C THR F 96 31.47 16.88 17.62
N ARG F 97 31.20 18.12 18.06
CA ARG F 97 31.88 18.64 19.24
C ARG F 97 31.55 17.81 20.48
N ALA F 98 30.29 17.37 20.61
CA ALA F 98 29.94 16.49 21.71
C ALA F 98 30.69 15.17 21.63
N LEU F 99 30.79 14.62 20.42
CA LEU F 99 31.50 13.36 20.23
C LEU F 99 32.97 13.51 20.59
N GLN F 100 33.54 14.71 20.41
CA GLN F 100 34.92 14.93 20.81
C GLN F 100 35.02 15.13 22.32
N ILE F 101 34.07 15.85 22.92
CA ILE F 101 34.10 16.09 24.36
C ILE F 101 33.97 14.78 25.12
N SER F 102 33.24 13.80 24.55
CA SER F 102 33.13 12.50 25.20
C SER F 102 34.38 11.65 25.34
N MET F 103 35.22 11.58 24.31
CA MET F 103 36.38 10.70 24.28
C MET F 103 37.55 11.50 24.84
N ASN F 104 37.38 12.15 26.00
CA ASN F 104 38.44 12.87 26.70
C ASN F 104 39.20 13.85 25.80
N ALA F 105 38.58 15.00 25.55
CA ALA F 105 39.27 16.06 24.83
C ALA F 105 39.24 17.35 25.66
N PRO F 106 40.20 18.24 25.46
CA PRO F 106 40.22 19.49 26.22
C PRO F 106 38.96 20.31 25.98
N VAL F 107 38.31 20.71 27.07
CA VAL F 107 37.11 21.55 27.01
C VAL F 107 37.52 22.98 27.30
N LEU F 108 36.96 23.91 26.53
CA LEU F 108 37.47 25.28 26.49
C LEU F 108 36.55 26.30 27.17
N VAL F 109 35.83 25.91 28.21
CA VAL F 109 35.06 26.85 29.02
C VAL F 109 35.22 26.46 30.48
N ASP F 110 34.50 27.19 31.35
CA ASP F 110 34.50 26.87 32.77
C ASP F 110 33.45 25.80 33.06
N ILE F 111 33.90 24.57 33.20
CA ILE F 111 33.04 23.42 33.42
C ILE F 111 32.49 23.51 34.83
N GLU F 112 31.16 23.48 34.97
CA GLU F 112 30.54 23.71 36.27
C GLU F 112 29.48 22.68 36.62
N GLY F 113 28.21 23.04 36.49
CA GLY F 113 27.14 22.21 37.00
C GLY F 113 26.39 21.37 35.98
N GLU F 114 27.03 21.06 34.85
CA GLU F 114 26.42 20.19 33.84
C GLU F 114 27.48 19.21 33.36
N THR F 115 27.08 17.94 33.21
CA THR F 115 28.00 16.88 32.83
C THR F 115 27.66 16.26 31.48
N ASP F 116 26.44 16.44 30.99
CA ASP F 116 26.09 15.87 29.69
C ASP F 116 26.89 16.55 28.58
N PRO F 117 27.51 15.79 27.68
CA PRO F 117 28.35 16.41 26.65
C PRO F 117 27.60 17.37 25.73
N LEU F 118 26.33 17.09 25.42
CA LEU F 118 25.58 18.00 24.56
C LEU F 118 25.32 19.33 25.25
N GLN F 119 25.02 19.28 26.55
CA GLN F 119 24.87 20.51 27.32
C GLN F 119 26.16 21.32 27.33
N ILE F 120 27.31 20.65 27.46
CA ILE F 120 28.59 21.34 27.44
C ILE F 120 28.85 21.95 26.07
N ALA F 121 28.51 21.23 25.00
CA ALA F 121 28.74 21.74 23.66
C ALA F 121 27.89 22.98 23.38
N MET F 122 26.60 22.94 23.74
CA MET F 122 25.77 24.12 23.59
C MET F 122 26.26 25.27 24.45
N LYS F 123 26.75 24.96 25.66
CA LYS F 123 27.27 26.01 26.54
C LYS F 123 28.50 26.66 25.93
N GLU F 124 29.29 25.89 25.18
CA GLU F 124 30.41 26.49 24.46
C GLU F 124 29.93 27.33 23.30
N LEU F 125 28.94 26.82 22.54
CA LEU F 125 28.46 27.54 21.37
C LEU F 125 27.82 28.87 21.76
N SER F 126 27.32 28.96 23.00
CA SER F 126 26.75 30.23 23.45
C SER F 126 27.81 31.31 23.61
N GLN F 127 28.99 30.97 24.12
CA GLN F 127 30.06 31.93 24.38
C GLN F 127 31.11 31.95 23.29
N ARG F 128 30.94 31.14 22.23
CA ARG F 128 31.81 31.18 21.05
C ARG F 128 33.25 30.82 21.41
N LYS F 129 33.55 29.52 21.45
CA LYS F 129 34.90 29.02 21.66
C LYS F 129 35.19 27.78 20.82
N ILE F 130 34.27 27.36 19.96
CA ILE F 130 34.40 26.11 19.21
C ILE F 130 35.37 26.30 18.05
N PRO F 131 36.48 25.55 17.99
CA PRO F 131 37.47 25.66 16.91
C PRO F 131 37.26 24.67 15.77
N LEU F 132 36.40 25.03 14.81
CA LEU F 132 36.17 24.20 13.64
C LEU F 132 36.01 25.08 12.41
N VAL F 133 36.08 24.45 11.24
CA VAL F 133 36.07 25.15 9.96
C VAL F 133 34.96 24.57 9.10
N ILE F 134 33.99 25.41 8.76
CA ILE F 134 32.96 25.04 7.80
C ILE F 134 33.53 25.19 6.40
N ARG F 135 33.34 24.17 5.56
CA ARG F 135 33.79 24.20 4.17
C ARG F 135 32.57 24.00 3.28
N ARG F 136 31.95 25.10 2.89
CA ARG F 136 30.72 25.07 2.09
C ARG F 136 31.07 24.82 0.64
N TYR F 137 30.72 23.64 0.13
CA TYR F 137 30.95 23.31 -1.27
C TYR F 137 29.91 24.02 -2.15
N LEU F 138 30.38 24.90 -3.01
CA LEU F 138 29.53 25.53 -4.01
C LEU F 138 29.13 24.51 -5.07
N PRO F 139 28.09 24.79 -5.85
CA PRO F 139 27.53 23.76 -6.75
C PRO F 139 28.52 23.11 -7.70
N ASP F 140 29.19 23.88 -8.56
CA ASP F 140 30.03 23.30 -9.60
C ASP F 140 31.36 22.64 -9.25
N GLY F 141 31.99 23.00 -8.15
CA GLY F 141 33.11 22.27 -7.58
C GLY F 141 33.95 23.06 -6.59
N SER F 142 33.79 24.37 -6.55
CA SER F 142 34.55 25.18 -5.61
C SER F 142 33.93 25.09 -4.22
N TYR F 143 34.45 25.92 -3.31
CA TYR F 143 34.01 25.91 -1.93
C TYR F 143 34.43 27.20 -1.26
N GLU F 144 34.03 27.37 0.00
CA GLU F 144 34.45 28.49 0.83
C GLU F 144 34.76 27.96 2.23
N ASP F 145 35.66 28.64 2.93
CA ASP F 145 36.05 28.24 4.27
C ASP F 145 35.71 29.34 5.26
N TRP F 146 34.79 29.04 6.18
CA TRP F 146 34.38 29.95 7.23
C TRP F 146 34.84 29.40 8.57
N GLY F 147 35.26 30.29 9.47
CA GLY F 147 35.51 29.88 10.82
C GLY F 147 34.24 29.85 11.63
N CYS F 148 34.14 28.86 12.52
CA CYS F 148 32.94 28.72 13.34
C CYS F 148 32.82 29.82 14.39
N ASP F 149 33.82 30.70 14.49
CA ASP F 149 33.73 31.80 15.45
C ASP F 149 33.58 33.15 14.76
N GLU F 150 33.15 33.15 13.50
CA GLU F 150 32.72 34.39 12.85
C GLU F 150 31.37 34.25 12.16
N LEU F 151 30.86 33.03 11.99
CA LEU F 151 29.48 32.85 11.57
C LEU F 151 28.54 33.37 12.65
N ILE F 152 27.74 34.37 12.30
CA ILE F 152 26.89 35.04 13.27
C ILE F 152 25.84 34.04 13.79
N VAL F 153 26.06 33.53 14.99
CA VAL F 153 25.13 32.64 15.65
C VAL F 153 23.88 33.43 16.00
N ASP F 154 22.74 32.99 15.49
CA ASP F 154 21.49 33.74 15.63
C ASP F 154 21.06 33.83 17.09
N MET G 1 68.99 4.04 -9.08
CA MET G 1 69.29 5.38 -9.53
C MET G 1 68.75 6.42 -8.54
N PHE G 2 69.54 7.44 -8.25
CA PHE G 2 69.20 8.43 -7.24
C PHE G 2 68.40 9.57 -7.86
N PHE G 3 67.45 10.11 -7.11
CA PHE G 3 66.51 11.10 -7.62
C PHE G 3 66.08 12.05 -6.51
N LEU G 4 65.27 13.04 -6.91
CA LEU G 4 64.61 13.95 -6.00
C LEU G 4 63.09 13.82 -6.22
N LYS G 5 62.46 12.92 -5.47
CA LYS G 5 61.06 12.60 -5.72
C LYS G 5 60.16 13.39 -4.79
N ASP G 6 59.05 13.88 -5.34
CA ASP G 6 58.06 14.65 -4.60
C ASP G 6 57.01 13.68 -4.08
N LEU G 7 56.98 13.47 -2.77
CA LEU G 7 56.08 12.49 -2.15
C LEU G 7 55.10 13.19 -1.22
N SER G 8 53.89 12.63 -1.16
CA SER G 8 52.85 13.12 -0.26
C SER G 8 52.29 11.94 0.53
N LEU G 9 52.25 12.09 1.85
CA LEU G 9 51.80 11.02 2.72
C LEU G 9 50.56 11.45 3.48
N ILE G 10 49.62 10.53 3.66
CA ILE G 10 48.36 10.81 4.33
C ILE G 10 48.47 10.38 5.80
N LEU G 11 48.61 11.35 6.69
CA LEU G 11 48.65 11.11 8.12
C LEU G 11 47.28 11.37 8.72
N THR G 12 46.64 10.31 9.20
CA THR G 12 45.32 10.39 9.81
C THR G 12 45.48 10.56 11.32
N LEU G 13 45.32 11.80 11.79
CA LEU G 13 45.59 12.16 13.17
C LEU G 13 44.40 11.82 14.05
N HIS G 14 44.67 11.42 15.29
CA HIS G 14 43.63 11.06 16.24
C HIS G 14 43.14 12.32 16.97
N PRO G 15 41.86 12.35 17.35
CA PRO G 15 41.32 13.53 18.04
C PRO G 15 42.01 13.85 19.36
N SER G 16 42.46 12.84 20.10
CA SER G 16 43.10 13.08 21.39
C SER G 16 44.37 13.92 21.27
N TYR G 17 45.17 13.72 20.22
CA TYR G 17 46.38 14.49 20.01
C TYR G 17 46.12 15.80 19.26
N PHE G 18 45.11 16.57 19.66
CA PHE G 18 44.85 17.89 19.09
C PHE G 18 45.37 18.97 20.04
N GLY G 19 46.60 18.74 20.52
CA GLY G 19 47.22 19.65 21.45
C GLY G 19 47.77 20.90 20.77
N PRO G 20 48.43 21.76 21.54
CA PRO G 20 48.95 23.00 20.95
C PRO G 20 50.19 22.82 20.09
N GLN G 21 50.62 21.59 19.85
CA GLN G 21 51.77 21.32 18.99
C GLN G 21 51.46 20.25 17.95
N MET G 22 50.53 20.55 17.04
CA MET G 22 50.10 19.56 16.06
C MET G 22 51.18 19.31 15.01
N ASN G 23 51.61 20.38 14.32
CA ASN G 23 52.52 20.23 13.20
C ASN G 23 53.82 19.53 13.61
N GLN G 24 54.29 19.80 14.84
CA GLN G 24 55.51 19.17 15.32
C GLN G 24 55.36 17.65 15.38
N TYR G 25 54.32 17.16 16.05
CA TYR G 25 54.08 15.72 16.10
C TYR G 25 53.84 15.15 14.71
N LEU G 26 53.24 15.95 13.82
CA LEU G 26 53.05 15.50 12.45
C LEU G 26 54.38 15.21 11.78
N ARG G 27 55.33 16.14 11.88
CA ARG G 27 56.65 15.90 11.32
C ARG G 27 57.35 14.75 12.03
N GLU G 28 57.11 14.60 13.34
CA GLU G 28 57.72 13.51 14.09
C GLU G 28 57.31 12.15 13.54
N LYS G 29 55.99 11.93 13.42
CA LYS G 29 55.53 10.63 12.91
C LYS G 29 55.88 10.46 11.44
N LEU G 30 55.72 11.53 10.65
CA LEU G 30 56.14 11.51 9.25
C LEU G 30 57.55 10.96 9.11
N LEU G 31 58.51 11.57 9.80
CA LEU G 31 59.90 11.19 9.60
C LEU G 31 60.24 9.94 10.38
N THR G 32 59.35 9.50 11.27
CA THR G 32 59.48 8.16 11.83
C THR G 32 59.10 7.11 10.80
N ASP G 33 58.17 7.43 9.91
CA ASP G 33 57.69 6.47 8.92
C ASP G 33 58.52 6.47 7.64
N VAL G 34 58.55 7.57 6.90
CA VAL G 34 59.05 7.60 5.54
C VAL G 34 60.55 7.30 5.47
N GLU G 35 61.33 7.90 6.37
CA GLU G 35 62.79 7.91 6.24
C GLU G 35 63.37 6.50 6.19
N GLY G 36 63.82 6.11 5.01
CA GLY G 36 64.59 4.88 4.84
C GLY G 36 63.87 3.73 4.19
N THR G 37 62.53 3.74 4.17
CA THR G 37 61.78 2.56 3.75
C THR G 37 62.01 2.26 2.27
N CYS G 38 61.67 1.04 1.89
CA CYS G 38 61.80 0.57 0.51
C CYS G 38 60.42 0.51 -0.13
N THR G 39 60.32 1.02 -1.35
CA THR G 39 59.09 0.98 -2.13
C THR G 39 59.42 0.53 -3.54
N GLY G 40 58.89 -0.64 -3.92
CA GLY G 40 59.12 -1.17 -5.26
C GLY G 40 58.79 -0.19 -6.36
N GLN G 41 57.98 0.84 -6.06
CA GLN G 41 57.67 1.87 -7.03
C GLN G 41 58.73 2.97 -7.04
N PHE G 42 59.45 3.16 -5.93
CA PHE G 42 60.50 4.16 -5.84
C PHE G 42 61.69 3.75 -4.97
N GLY G 43 61.92 2.46 -4.77
CA GLY G 43 63.10 1.97 -4.09
C GLY G 43 63.24 2.47 -2.66
N TYR G 44 64.50 2.68 -2.28
CA TYR G 44 64.83 3.08 -0.92
C TYR G 44 64.89 4.59 -0.80
N ILE G 45 63.92 5.16 -0.10
CA ILE G 45 63.80 6.61 0.09
C ILE G 45 64.83 7.02 1.13
N VAL G 46 65.86 7.77 0.72
CA VAL G 46 66.94 8.10 1.62
C VAL G 46 66.75 9.19 2.68
N THR G 47 66.49 10.42 2.24
CA THR G 47 66.42 11.55 3.15
C THR G 47 65.62 12.64 2.45
N VAL G 48 64.75 13.28 3.22
CA VAL G 48 63.84 14.31 2.69
C VAL G 48 64.58 15.64 2.62
N LEU G 49 64.35 16.39 1.54
CA LEU G 49 64.88 17.74 1.42
C LEU G 49 64.03 18.71 2.24
N ASP G 50 64.68 19.45 3.14
CA ASP G 50 64.01 20.40 3.90
C ASP G 50 62.94 20.23 5.02
N GLY G 51 63.23 19.39 5.96
CA GLY G 51 62.28 18.63 6.77
C GLY G 51 61.46 19.55 7.76
N MET G 52 61.99 20.72 8.14
CA MET G 52 61.31 21.53 9.14
C MET G 52 60.42 22.62 8.53
N ASN G 53 60.15 22.56 7.22
CA ASN G 53 59.25 23.51 6.58
C ASN G 53 58.33 22.83 5.56
N ILE G 54 57.51 21.87 6.00
CA ILE G 54 56.66 21.16 5.07
C ILE G 54 55.22 21.58 5.29
N ASP G 55 54.60 22.15 4.26
CA ASP G 55 53.24 22.66 4.35
C ASP G 55 52.28 21.47 4.44
N VAL G 56 51.97 21.05 5.67
CA VAL G 56 51.00 19.99 5.88
C VAL G 56 49.58 20.44 5.62
N GLY G 57 49.33 21.75 5.60
CA GLY G 57 48.01 22.27 5.31
C GLY G 57 47.04 22.06 6.46
N LYS G 58 45.82 21.67 6.10
CA LYS G 58 44.76 21.43 7.06
C LYS G 58 44.13 20.07 6.80
N GLY G 59 43.24 19.65 7.70
CA GLY G 59 42.73 18.29 7.64
C GLY G 59 41.22 18.21 7.58
N ARG G 60 40.72 17.32 6.74
CA ARG G 60 39.29 17.08 6.63
C ARG G 60 38.85 16.12 7.72
N ILE G 61 38.06 16.63 8.67
CA ILE G 61 37.49 15.79 9.73
C ILE G 61 36.61 14.73 9.08
N ILE G 62 37.08 13.50 9.06
CA ILE G 62 36.41 12.38 8.40
C ILE G 62 35.01 12.20 8.99
N PRO G 63 33.96 12.42 8.19
CA PRO G 63 32.60 12.36 8.74
C PRO G 63 32.25 10.96 9.24
N GLY G 64 31.93 10.88 10.53
CA GLY G 64 31.54 9.63 11.14
C GLY G 64 32.60 8.97 11.98
N SER G 65 33.83 9.50 12.00
CA SER G 65 34.91 8.92 12.78
C SER G 65 35.56 9.89 13.75
N GLY G 66 35.73 11.16 13.39
CA GLY G 66 36.30 12.14 14.30
C GLY G 66 37.75 12.46 14.04
N SER G 67 38.43 11.62 13.25
CA SER G 67 39.85 11.78 13.01
C SER G 67 40.11 12.90 12.00
N ALA G 68 41.38 13.09 11.67
CA ALA G 68 41.81 14.10 10.72
C ALA G 68 42.65 13.46 9.62
N GLU G 69 42.67 14.10 8.46
CA GLU G 69 43.42 13.61 7.31
C GLU G 69 44.37 14.70 6.81
N PHE G 70 45.66 14.42 6.89
CA PHE G 70 46.70 15.38 6.53
C PHE G 70 47.46 14.89 5.31
N GLU G 71 47.70 15.81 4.37
CA GLU G 71 48.33 15.50 3.09
C GLU G 71 49.70 16.18 3.07
N VAL G 72 50.71 15.46 3.55
CA VAL G 72 52.05 16.01 3.73
C VAL G 72 52.75 16.00 2.36
N LYS G 73 53.31 17.15 1.99
CA LYS G 73 53.98 17.29 0.70
C LYS G 73 55.46 17.61 0.90
N TYR G 74 56.31 16.60 0.70
CA TYR G 74 57.74 16.74 0.93
C TYR G 74 58.49 16.27 -0.31
N ARG G 75 59.82 16.43 -0.25
CA ARG G 75 60.71 16.15 -1.36
C ARG G 75 61.95 15.43 -0.86
N ALA G 76 62.28 14.28 -1.46
CA ALA G 76 63.32 13.42 -0.94
C ALA G 76 64.37 13.11 -2.00
N VAL G 77 65.44 12.48 -1.55
CA VAL G 77 66.56 12.07 -2.41
C VAL G 77 66.51 10.55 -2.52
N VAL G 78 65.57 10.05 -3.32
CA VAL G 78 65.25 8.63 -3.31
C VAL G 78 66.28 7.87 -4.14
N TRP G 79 66.12 6.54 -4.15
CA TRP G 79 66.93 5.64 -4.98
C TRP G 79 65.98 4.58 -5.52
N LYS G 80 66.26 4.08 -6.73
CA LYS G 80 65.50 2.96 -7.28
C LYS G 80 66.34 2.23 -8.31
N PRO G 81 66.39 0.90 -8.25
CA PRO G 81 67.13 0.14 -9.27
C PRO G 81 66.32 -0.02 -10.55
N PHE G 82 67.03 -0.40 -11.60
CA PHE G 82 66.41 -0.68 -12.88
C PHE G 82 67.22 -1.76 -13.59
N LYS G 83 66.54 -2.58 -14.39
CA LYS G 83 67.23 -3.63 -15.13
C LYS G 83 68.13 -3.01 -16.18
N GLY G 84 69.39 -3.45 -16.21
CA GLY G 84 70.39 -2.92 -17.11
C GLY G 84 71.13 -1.71 -16.57
N GLU G 85 70.97 -1.39 -15.29
CA GLU G 85 71.61 -0.21 -14.72
C GLU G 85 73.01 -0.55 -14.22
N VAL G 86 73.99 0.16 -14.75
CA VAL G 86 75.38 -0.01 -14.34
C VAL G 86 75.65 0.89 -13.13
N VAL G 87 75.98 0.28 -11.99
CA VAL G 87 76.21 1.00 -10.76
C VAL G 87 77.49 0.49 -10.10
N ASP G 88 77.97 1.27 -9.12
CA ASP G 88 79.11 0.89 -8.31
C ASP G 88 78.61 0.17 -7.05
N ALA G 89 79.56 -0.38 -6.29
CA ALA G 89 79.22 -1.14 -5.08
C ALA G 89 80.48 -1.39 -4.26
N ILE G 90 80.26 -1.63 -2.97
CA ILE G 90 81.31 -2.07 -2.06
C ILE G 90 80.86 -3.40 -1.46
N VAL G 91 81.60 -4.47 -1.75
CA VAL G 91 81.20 -5.80 -1.31
C VAL G 91 81.24 -5.88 0.21
N SER G 92 80.48 -6.84 0.76
CA SER G 92 80.42 -7.05 2.20
C SER G 92 80.69 -8.48 2.61
N ASN G 93 80.32 -9.45 1.78
CA ASN G 93 80.53 -10.86 2.10
C ASN G 93 80.92 -11.61 0.83
N VAL G 94 81.71 -12.66 1.01
CA VAL G 94 82.11 -13.55 -0.08
C VAL G 94 81.66 -14.96 0.27
N SER G 95 81.39 -15.76 -0.75
CA SER G 95 80.88 -17.11 -0.54
C SER G 95 81.15 -17.97 -1.77
N PRO G 96 81.19 -19.31 -1.62
CA PRO G 96 81.41 -20.16 -2.79
C PRO G 96 80.30 -20.10 -3.83
N ILE G 97 79.18 -19.45 -3.52
CA ILE G 97 78.07 -19.33 -4.47
C ILE G 97 77.95 -17.93 -5.03
N GLY G 98 78.91 -17.04 -4.73
CA GLY G 98 78.85 -15.67 -5.18
C GLY G 98 79.24 -14.69 -4.10
N PHE G 99 79.20 -13.39 -4.40
CA PHE G 99 79.57 -12.38 -3.43
C PHE G 99 78.45 -11.35 -3.30
N PHE G 100 78.41 -10.70 -2.13
CA PHE G 100 77.44 -9.65 -1.83
C PHE G 100 78.12 -8.31 -2.00
N ALA G 101 77.44 -7.38 -2.66
CA ALA G 101 77.97 -6.06 -2.96
C ALA G 101 76.94 -5.00 -2.60
N ASP G 102 77.21 -4.23 -1.57
CA ASP G 102 76.32 -3.16 -1.12
C ASP G 102 76.33 -2.04 -2.14
N VAL G 103 75.15 -1.70 -2.65
CA VAL G 103 75.01 -0.55 -3.54
C VAL G 103 74.26 0.52 -2.75
N GLY G 104 74.87 0.97 -1.66
CA GLY G 104 74.27 1.97 -0.80
C GLY G 104 73.20 1.38 0.11
N PRO G 105 71.94 1.70 -0.17
CA PRO G 105 70.87 1.29 0.75
C PRO G 105 70.64 -0.21 0.79
N LEU G 106 71.08 -0.97 -0.21
CA LEU G 106 70.75 -2.38 -0.31
C LEU G 106 71.99 -3.20 -0.64
N ASN G 107 71.79 -4.52 -0.71
CA ASN G 107 72.85 -5.47 -1.00
C ASN G 107 72.47 -6.29 -2.23
N VAL G 108 73.41 -6.41 -3.16
CA VAL G 108 73.20 -7.12 -4.42
C VAL G 108 73.99 -8.42 -4.39
N PHE G 109 73.32 -9.52 -4.73
CA PHE G 109 73.95 -10.83 -4.80
C PHE G 109 74.45 -11.09 -6.21
N VAL G 110 75.70 -11.55 -6.33
CA VAL G 110 76.29 -11.91 -7.62
C VAL G 110 76.68 -13.38 -7.55
N SER G 111 76.03 -14.21 -8.36
CA SER G 111 76.28 -15.63 -8.38
C SER G 111 77.60 -15.96 -9.07
N THR G 112 78.04 -17.21 -8.92
CA THR G 112 79.30 -17.63 -9.50
C THR G 112 79.24 -17.69 -11.02
N ARG G 113 78.11 -18.13 -11.57
CA ARG G 113 77.96 -18.22 -13.03
C ARG G 113 78.05 -16.86 -13.72
N LEU G 114 77.83 -15.77 -12.99
CA LEU G 114 77.97 -14.42 -13.51
C LEU G 114 79.33 -13.81 -13.17
N ILE G 115 80.32 -14.66 -12.88
CA ILE G 115 81.66 -14.24 -12.53
C ILE G 115 82.61 -14.87 -13.53
N PRO G 116 83.58 -14.12 -14.07
CA PRO G 116 84.49 -14.71 -15.07
C PRO G 116 85.27 -15.89 -14.52
N ASP G 117 85.66 -16.80 -15.42
CA ASP G 117 86.26 -18.05 -15.01
C ASP G 117 87.63 -17.85 -14.37
N ASN G 118 88.30 -16.73 -14.68
CA ASN G 118 89.60 -16.46 -14.08
C ASN G 118 89.51 -16.18 -12.58
N LEU G 119 88.44 -15.56 -12.10
CA LEU G 119 88.25 -15.28 -10.68
C LEU G 119 87.91 -16.58 -9.97
N VAL G 120 88.82 -17.04 -9.11
CA VAL G 120 88.64 -18.28 -8.36
C VAL G 120 88.56 -17.95 -6.88
N TYR G 121 87.54 -18.49 -6.22
CA TYR G 121 87.36 -18.28 -4.79
C TYR G 121 88.46 -18.99 -4.02
N ASN G 122 89.18 -18.24 -3.18
CA ASN G 122 90.31 -18.78 -2.43
C ASN G 122 90.00 -18.79 -0.94
N PRO G 123 89.56 -19.92 -0.39
CA PRO G 123 89.30 -19.97 1.06
C PRO G 123 90.57 -19.89 1.89
N SER G 124 91.71 -20.33 1.36
CA SER G 124 92.94 -20.36 2.15
C SER G 124 93.50 -18.97 2.38
N ASN G 125 93.24 -18.02 1.48
CA ASN G 125 93.75 -16.67 1.65
C ASN G 125 93.05 -15.99 2.82
N SER G 126 93.81 -15.22 3.58
CA SER G 126 93.29 -14.45 4.70
C SER G 126 93.48 -12.96 4.41
N PRO G 127 92.40 -12.20 4.17
CA PRO G 127 91.00 -12.66 4.14
C PRO G 127 90.64 -13.40 2.84
N PRO G 128 89.60 -14.23 2.90
CA PRO G 128 89.16 -14.93 1.68
C PRO G 128 88.73 -13.93 0.61
N ALA G 129 89.00 -14.30 -0.65
CA ALA G 129 88.75 -13.38 -1.75
C ALA G 129 88.65 -14.17 -3.05
N TYR G 130 88.14 -13.50 -4.07
CA TYR G 130 88.15 -14.02 -5.43
C TYR G 130 89.43 -13.55 -6.12
N MET G 131 90.33 -14.48 -6.42
CA MET G 131 91.68 -14.14 -6.86
C MET G 131 91.88 -14.49 -8.33
N SER G 132 92.95 -13.94 -8.89
CA SER G 132 93.38 -14.20 -10.26
C SER G 132 94.61 -13.30 -10.33
N ASN G 133 95.26 -13.30 -11.49
CA ASN G 133 96.35 -12.39 -11.81
C ASN G 133 96.00 -10.95 -12.14
N ASP G 134 96.60 -10.01 -11.40
CA ASP G 134 96.28 -8.59 -11.49
C ASP G 134 94.81 -8.35 -11.16
N GLU G 135 94.21 -9.25 -10.40
CA GLU G 135 92.81 -9.17 -10.01
C GLU G 135 92.65 -9.68 -8.58
N LEU G 136 91.80 -9.00 -7.81
CA LEU G 136 91.57 -9.37 -6.42
C LEU G 136 90.26 -8.75 -5.96
N ILE G 137 89.35 -9.59 -5.44
CA ILE G 137 88.08 -9.09 -4.92
C ILE G 137 87.89 -9.63 -3.50
N THR G 138 88.21 -8.81 -2.51
CA THR G 138 88.05 -9.15 -1.10
C THR G 138 87.02 -8.21 -0.46
N LYS G 139 86.71 -8.49 0.81
CA LYS G 139 85.74 -7.70 1.53
C LYS G 139 86.18 -6.24 1.61
N GLY G 140 85.35 -5.34 1.09
CA GLY G 140 85.66 -3.93 1.07
C GLY G 140 86.32 -3.43 -0.19
N SER G 141 86.12 -4.11 -1.32
CA SER G 141 86.75 -3.71 -2.58
C SER G 141 85.74 -2.96 -3.45
N LYS G 142 86.23 -1.97 -4.18
CA LYS G 142 85.38 -1.19 -5.07
C LYS G 142 85.04 -2.02 -6.31
N VAL G 143 83.75 -2.31 -6.49
CA VAL G 143 83.29 -3.18 -7.56
C VAL G 143 82.35 -2.41 -8.47
N ARG G 144 82.57 -2.56 -9.78
CA ARG G 144 81.74 -1.94 -10.81
C ARG G 144 80.87 -3.02 -11.43
N LEU G 145 79.57 -2.92 -11.23
CA LEU G 145 78.64 -3.96 -11.69
C LEU G 145 77.49 -3.35 -12.48
N LYS G 146 76.58 -4.22 -12.89
CA LYS G 146 75.43 -3.87 -13.72
C LYS G 146 74.20 -4.55 -13.16
N VAL G 147 73.19 -3.77 -12.81
CA VAL G 147 71.94 -4.31 -12.26
C VAL G 147 71.16 -4.97 -13.40
N VAL G 148 71.04 -6.29 -13.35
CA VAL G 148 70.32 -7.05 -14.37
C VAL G 148 69.05 -7.69 -13.82
N GLY G 149 68.88 -7.74 -12.50
CA GLY G 149 67.67 -8.31 -11.94
C GLY G 149 67.16 -7.59 -10.71
N THR G 150 65.84 -7.40 -10.63
CA THR G 150 65.20 -6.76 -9.49
C THR G 150 63.96 -7.57 -9.11
N ARG G 151 63.85 -7.89 -7.82
CA ARG G 151 62.73 -8.63 -7.27
C ARG G 151 62.04 -7.73 -6.25
N THR G 152 60.71 -7.77 -6.22
CA THR G 152 59.94 -6.95 -5.30
C THR G 152 59.25 -7.82 -4.27
N ASP G 153 59.76 -7.80 -3.03
CA ASP G 153 59.09 -8.43 -1.91
C ASP G 153 58.20 -7.44 -1.17
N VAL G 154 57.69 -6.42 -1.86
CA VAL G 154 56.87 -5.36 -1.28
C VAL G 154 57.64 -4.63 -0.21
N ASN G 155 58.01 -5.33 0.86
CA ASN G 155 58.84 -4.78 1.93
C ASN G 155 60.17 -4.26 1.43
N GLU G 156 61.05 -5.15 0.94
CA GLU G 156 62.35 -4.77 0.41
C GLU G 156 62.52 -5.42 -0.96
N ILE G 157 63.41 -4.83 -1.77
CA ILE G 157 63.70 -5.36 -3.09
C ILE G 157 65.05 -6.05 -3.05
N TYR G 158 65.30 -6.91 -4.03
CA TYR G 158 66.52 -7.71 -4.09
C TYR G 158 67.01 -7.77 -5.53
N ALA G 159 68.19 -7.20 -5.77
CA ALA G 159 68.76 -7.08 -7.10
C ALA G 159 69.92 -8.06 -7.28
N ILE G 160 70.15 -8.47 -8.52
CA ILE G 160 71.27 -9.32 -8.89
C ILE G 160 71.97 -8.69 -10.09
N GLY G 161 73.29 -8.87 -10.17
CA GLY G 161 74.10 -8.33 -11.22
C GLY G 161 75.19 -9.27 -11.68
N SER G 162 76.03 -8.76 -12.59
CA SER G 162 77.09 -9.56 -13.19
C SER G 162 78.28 -8.66 -13.52
N ILE G 163 79.43 -9.28 -13.76
CA ILE G 163 80.64 -8.59 -14.16
C ILE G 163 81.45 -9.50 -15.10
N LYS G 164 80.79 -10.43 -15.78
CA LYS G 164 81.30 -11.16 -16.94
C LYS G 164 81.18 -10.33 -18.22
N GLU G 165 81.34 -9.11 -18.29
CA GLU G 165 81.43 -8.34 -19.52
C GLU G 165 82.58 -7.37 -19.61
N ASP G 166 82.54 -6.50 -20.63
CA ASP G 166 83.58 -5.50 -20.79
C ASP G 166 83.32 -4.32 -19.86
N PHE G 167 84.40 -3.76 -19.32
CA PHE G 167 84.41 -2.65 -18.37
C PHE G 167 83.66 -2.98 -17.09
N LEU G 168 83.42 -4.24 -16.78
CA LEU G 168 82.88 -4.66 -15.50
C LEU G 168 83.84 -5.62 -14.82
N GLY G 169 84.44 -5.17 -13.73
CA GLY G 169 85.38 -5.97 -12.97
C GLY G 169 85.99 -5.14 -11.86
N ALA G 170 87.26 -5.41 -11.58
CA ALA G 170 87.97 -4.67 -10.54
C ALA G 170 88.60 -3.42 -11.11
N ILE G 171 88.42 -2.31 -10.40
CA ILE G 171 88.96 -1.02 -10.82
C ILE G 171 89.82 -0.42 -9.72
N SER H 3 -9.48 61.62 47.60
CA SER H 3 -9.70 60.19 47.75
C SER H 3 -10.40 59.60 46.52
N ALA H 4 -11.70 59.78 46.45
CA ALA H 4 -12.53 59.23 45.38
C ALA H 4 -12.39 60.09 44.13
N LEU H 5 -12.23 59.40 42.99
CA LEU H 5 -12.10 60.06 41.71
C LEU H 5 -13.43 60.57 41.16
N PHE H 6 -14.48 59.75 41.19
CA PHE H 6 -15.77 60.15 40.67
C PHE H 6 -16.84 59.73 41.67
N ASP H 7 -17.98 60.40 41.63
CA ASP H 7 -19.07 60.14 42.57
C ASP H 7 -20.33 60.76 42.03
N ASP H 8 -21.43 59.99 42.05
CA ASP H 8 -22.69 60.48 41.49
C ASP H 8 -23.80 59.54 41.96
N ILE H 9 -25.04 59.93 41.66
CA ILE H 9 -26.23 59.16 41.99
C ILE H 9 -26.99 58.86 40.71
N PHE H 10 -27.39 57.61 40.53
CA PHE H 10 -28.03 57.15 39.31
C PHE H 10 -29.41 56.56 39.60
N THR H 11 -30.17 56.32 38.54
CA THR H 11 -31.49 55.71 38.61
C THR H 11 -31.59 54.61 37.57
N VAL H 12 -31.67 53.36 38.02
CA VAL H 12 -31.73 52.21 37.13
C VAL H 12 -33.03 52.26 36.34
N GLN H 13 -32.93 52.30 35.02
CA GLN H 13 -34.11 52.40 34.17
C GLN H 13 -34.49 51.07 33.54
N THR H 14 -33.56 50.41 32.86
CA THR H 14 -33.84 49.14 32.20
C THR H 14 -32.85 48.09 32.66
N VAL H 15 -33.37 46.89 32.95
CA VAL H 15 -32.57 45.76 33.39
C VAL H 15 -32.83 44.64 32.39
N ASP H 16 -31.76 44.09 31.83
CA ASP H 16 -31.86 43.03 30.83
C ASP H 16 -31.29 41.74 31.43
N ASN H 17 -32.10 40.68 31.39
CA ASN H 17 -31.66 39.34 31.74
C ASN H 17 -31.43 38.54 30.46
N GLY H 18 -32.43 37.79 30.04
CA GLY H 18 -32.42 37.15 28.74
C GLY H 18 -31.52 35.94 28.60
N ARG H 19 -30.25 36.17 28.23
CA ARG H 19 -29.37 35.07 27.87
C ARG H 19 -28.95 34.26 29.10
N TYR H 20 -28.68 34.94 30.21
CA TYR H 20 -28.05 34.31 31.36
C TYR H 20 -28.97 34.36 32.58
N ASN H 21 -28.51 33.73 33.66
CA ASN H 21 -29.25 33.73 34.92
C ASN H 21 -28.61 34.61 35.99
N LYS H 22 -27.34 34.39 36.30
CA LYS H 22 -26.66 35.14 37.36
C LYS H 22 -26.38 36.58 37.00
N VAL H 23 -26.17 36.90 35.72
CA VAL H 23 -25.71 38.22 35.31
C VAL H 23 -26.87 38.99 34.70
N SER H 24 -27.04 40.23 35.12
CA SER H 24 -28.00 41.14 34.51
C SER H 24 -27.28 42.42 34.07
N ARG H 25 -27.81 43.06 33.03
CA ARG H 25 -27.21 44.26 32.48
C ARG H 25 -28.14 45.45 32.72
N ILE H 26 -27.65 46.43 33.48
CA ILE H 26 -28.44 47.59 33.86
C ILE H 26 -28.00 48.79 33.05
N ILE H 27 -28.99 49.59 32.63
CA ILE H 27 -28.77 50.86 31.96
C ILE H 27 -29.28 51.97 32.87
N GLY H 28 -28.48 53.02 33.03
CA GLY H 28 -28.80 54.07 33.98
C GLY H 28 -28.45 55.44 33.47
N ILE H 29 -29.38 56.37 33.72
CA ILE H 29 -29.20 57.80 33.47
C ILE H 29 -29.24 58.52 34.81
N SER H 30 -28.41 59.56 34.95
CA SER H 30 -28.31 60.27 36.22
C SER H 30 -29.56 61.12 36.46
N THR H 31 -29.53 61.91 37.53
CA THR H 31 -30.68 62.73 37.87
C THR H 31 -30.35 64.22 37.82
N THR H 32 -29.30 64.65 38.51
CA THR H 32 -28.90 66.05 38.54
C THR H 32 -28.42 66.55 37.18
N ASN H 33 -28.15 65.65 36.23
CA ASN H 33 -27.69 66.04 34.90
C ASN H 33 -27.93 64.86 33.96
N SER H 34 -28.38 65.17 32.74
CA SER H 34 -28.44 64.16 31.69
C SER H 34 -27.09 64.06 31.00
N ALA H 35 -27.10 63.45 29.83
CA ALA H 35 -25.91 63.25 28.98
C ALA H 35 -24.80 62.49 29.69
N ILE H 36 -25.11 61.77 30.76
CA ILE H 36 -24.15 60.94 31.47
C ILE H 36 -24.79 59.57 31.61
N LYS H 37 -24.43 58.66 30.72
CA LYS H 37 -25.05 57.34 30.64
C LYS H 37 -24.09 56.29 31.17
N LEU H 38 -24.65 55.32 31.91
CA LEU H 38 -23.87 54.23 32.48
C LEU H 38 -24.51 52.91 32.07
N THR H 39 -23.70 51.98 31.57
CA THR H 39 -24.15 50.64 31.23
C THR H 39 -23.27 49.63 31.95
N LEU H 40 -23.88 48.75 32.73
CA LEU H 40 -23.11 47.92 33.65
C LEU H 40 -23.60 46.49 33.62
N ASP H 41 -22.69 45.55 33.87
CA ASP H 41 -23.08 44.17 34.15
C ASP H 41 -22.86 43.87 35.62
N ILE H 42 -23.82 43.14 36.22
CA ILE H 42 -23.76 42.81 37.63
C ILE H 42 -24.22 41.37 37.86
N ASN H 43 -23.83 40.83 39.01
CA ASN H 43 -24.31 39.53 39.46
C ASN H 43 -25.60 39.71 40.23
N ASN H 44 -26.64 38.96 39.85
CA ASN H 44 -27.94 39.11 40.49
C ASN H 44 -27.93 38.60 41.91
N GLU H 45 -27.50 37.35 42.11
CA GLU H 45 -27.68 36.68 43.39
C GLU H 45 -26.77 37.24 44.49
N MET H 46 -26.03 38.30 44.20
CA MET H 46 -25.25 38.98 45.24
C MET H 46 -25.83 40.34 45.57
N PHE H 47 -25.92 41.25 44.60
CA PHE H 47 -26.60 42.53 44.76
C PHE H 47 -27.74 42.60 43.77
N PRO H 48 -28.92 42.11 44.14
CA PRO H 48 -30.05 42.09 43.20
C PRO H 48 -30.59 43.51 42.99
N VAL H 49 -31.04 43.77 41.77
CA VAL H 49 -31.56 45.08 41.39
C VAL H 49 -32.98 44.91 40.88
N SER H 50 -33.55 46.01 40.41
CA SER H 50 -34.90 46.02 39.84
C SER H 50 -35.08 47.25 38.96
N GLN H 51 -36.24 47.31 38.30
CA GLN H 51 -36.55 48.47 37.47
C GLN H 51 -36.95 49.65 38.34
N ASP H 52 -36.51 50.84 37.94
CA ASP H 52 -36.77 52.12 38.60
C ASP H 52 -36.29 52.13 40.04
N ASP H 53 -35.00 52.35 40.27
CA ASP H 53 -34.46 52.38 41.62
C ASP H 53 -33.62 53.63 41.85
N SER H 54 -32.54 53.47 42.61
CA SER H 54 -31.60 54.55 42.88
C SER H 54 -30.31 53.95 43.41
N LEU H 55 -29.17 54.44 42.90
CA LEU H 55 -27.86 53.91 43.25
C LEU H 55 -26.93 55.04 43.63
N THR H 56 -26.09 54.81 44.64
CA THR H 56 -25.03 55.74 45.01
C THR H 56 -23.71 55.17 44.50
N VAL H 57 -23.15 55.78 43.47
CA VAL H 57 -22.02 55.23 42.72
C VAL H 57 -20.78 56.05 43.01
N THR H 58 -19.67 55.37 43.26
CA THR H 58 -18.38 55.99 43.51
C THR H 58 -17.28 55.23 42.77
N LEU H 59 -16.37 55.98 42.15
CA LEU H 59 -15.24 55.40 41.43
C LEU H 59 -13.96 55.88 42.06
N ALA H 60 -13.09 54.93 42.44
CA ALA H 60 -11.87 55.26 43.16
C ALA H 60 -10.74 54.34 42.74
N ASN H 61 -9.55 54.91 42.59
CA ASN H 61 -8.37 54.16 42.18
C ASN H 61 -7.74 53.37 43.32
N SER H 62 -8.18 53.60 44.56
CA SER H 62 -7.67 52.86 45.71
C SER H 62 -8.67 53.00 46.84
N LEU H 63 -8.55 52.11 47.84
CA LEU H 63 -9.51 52.04 48.94
C LEU H 63 -8.96 52.60 50.24
N SER H 64 -7.67 52.40 50.52
CA SER H 64 -7.10 52.70 51.83
C SER H 64 -7.26 54.18 52.16
N LEU H 65 -7.74 54.47 53.37
CA LEU H 65 -7.89 55.84 53.83
C LEU H 65 -6.55 56.41 54.29
N LYS H 76 0.93 42.58 47.43
CA LYS H 76 0.36 42.37 46.10
C LYS H 76 -0.32 41.01 46.00
N SER H 77 0.29 40.00 46.60
CA SER H 77 -0.31 38.68 46.72
C SER H 77 -1.52 38.80 47.64
N TRP H 78 -2.71 38.78 47.03
CA TRP H 78 -3.93 39.05 47.79
C TRP H 78 -4.08 38.05 48.94
N ARG H 79 -4.72 38.51 50.01
CA ARG H 79 -4.92 37.70 51.20
C ARG H 79 -6.22 38.10 51.88
N PRO H 80 -6.89 37.18 52.57
CA PRO H 80 -8.23 37.45 53.10
C PRO H 80 -8.24 38.69 53.99
N PRO H 81 -9.25 39.54 53.86
CA PRO H 81 -9.28 40.77 54.64
C PRO H 81 -9.54 40.50 56.11
N LYS H 82 -8.83 41.23 56.96
CA LYS H 82 -9.02 41.11 58.40
C LYS H 82 -10.33 41.76 58.82
N PRO H 83 -11.00 41.25 59.85
CA PRO H 83 -12.20 41.93 60.36
C PRO H 83 -11.89 43.13 61.24
N THR H 84 -10.63 43.57 61.30
CA THR H 84 -10.26 44.67 62.19
C THR H 84 -9.71 45.88 61.44
N ASP H 85 -9.57 45.79 60.12
CA ASP H 85 -9.17 46.93 59.32
C ASP H 85 -10.30 47.36 58.39
N LYS H 86 -10.18 48.57 57.86
CA LYS H 86 -11.26 49.17 57.10
C LYS H 86 -10.72 49.91 55.89
N SER H 87 -11.63 50.49 55.11
CA SER H 87 -11.29 51.29 53.95
C SER H 87 -12.51 52.09 53.53
N LEU H 88 -12.61 52.35 52.22
CA LEU H 88 -13.79 53.03 51.69
C LEU H 88 -14.90 52.03 51.40
N ALA H 89 -14.64 50.74 51.66
CA ALA H 89 -15.61 49.69 51.36
C ALA H 89 -16.68 49.53 52.42
N ASP H 90 -16.41 49.91 53.67
CA ASP H 90 -17.39 49.72 54.73
C ASP H 90 -18.55 50.71 54.64
N ASP H 91 -18.59 51.53 53.59
CA ASP H 91 -19.68 52.46 53.37
C ASP H 91 -20.60 52.05 52.23
N TYR H 92 -20.33 50.90 51.61
CA TYR H 92 -21.02 50.50 50.39
C TYR H 92 -21.44 49.03 50.48
N ASP H 93 -22.18 48.59 49.46
CA ASP H 93 -22.72 47.24 49.44
C ASP H 93 -22.31 46.41 48.23
N TYR H 94 -21.60 46.99 47.26
CA TYR H 94 -21.16 46.21 46.11
C TYR H 94 -19.94 46.84 45.49
N VAL H 95 -18.78 46.19 45.65
CA VAL H 95 -17.50 46.71 45.18
C VAL H 95 -16.92 45.77 44.14
N MET H 96 -16.52 46.32 42.98
CA MET H 96 -15.88 45.53 41.96
C MET H 96 -14.55 46.14 41.57
N PHE H 97 -13.65 45.27 41.11
CA PHE H 97 -12.30 45.63 40.69
C PHE H 97 -12.19 45.44 39.18
N GLY H 98 -11.76 46.48 38.46
CA GLY H 98 -11.76 46.40 37.02
C GLY H 98 -10.58 47.10 36.37
N THR H 99 -10.43 46.85 35.08
CA THR H 99 -9.34 47.40 34.27
C THR H 99 -9.95 48.29 33.20
N VAL H 100 -9.16 49.22 32.66
CA VAL H 100 -9.61 50.08 31.57
C VAL H 100 -8.95 49.59 30.28
N TYR H 101 -9.76 49.38 29.24
CA TYR H 101 -9.21 48.87 27.99
C TYR H 101 -9.47 49.76 26.79
N LYS H 102 -10.07 50.94 26.98
CA LYS H 102 -10.27 51.88 25.88
C LYS H 102 -10.71 53.22 26.46
N PHE H 103 -10.03 54.28 26.06
CA PHE H 103 -10.37 55.64 26.49
C PHE H 103 -10.46 56.50 25.23
N GLU H 104 -11.68 56.89 24.86
CA GLU H 104 -11.93 57.62 23.63
C GLU H 104 -12.04 59.11 23.94
N GLU H 105 -11.60 59.95 23.02
CA GLU H 105 -11.78 61.41 23.10
C GLU H 105 -12.42 61.85 21.79
N GLY H 106 -13.68 61.48 21.61
CA GLY H 106 -14.38 61.71 20.36
C GLY H 106 -14.73 63.17 20.14
N ASP H 107 -15.60 63.39 19.15
CA ASP H 107 -16.00 64.72 18.75
C ASP H 107 -16.83 65.39 19.85
N GLU H 108 -16.56 66.68 20.04
CA GLU H 108 -17.26 67.52 21.02
C GLU H 108 -17.15 66.94 22.43
N ASP H 109 -18.12 67.27 23.29
CA ASP H 109 -18.06 66.94 24.70
C ASP H 109 -18.52 65.50 24.93
N LYS H 110 -17.73 64.54 24.45
CA LYS H 110 -18.08 63.12 24.55
C LYS H 110 -16.85 62.32 24.94
N ILE H 111 -16.95 61.55 26.02
CA ILE H 111 -15.92 60.63 26.46
C ILE H 111 -16.56 59.29 26.81
N LYS H 112 -16.00 58.21 26.27
CA LYS H 112 -16.45 56.86 26.52
C LYS H 112 -15.33 56.05 27.17
N VAL H 113 -15.54 55.65 28.42
CA VAL H 113 -14.58 54.86 29.18
C VAL H 113 -15.09 53.43 29.20
N TYR H 114 -14.25 52.50 28.74
CA TYR H 114 -14.58 51.08 28.70
C TYR H 114 -13.81 50.35 29.78
N VAL H 115 -14.53 49.93 30.83
CA VAL H 115 -13.93 49.26 31.97
C VAL H 115 -14.45 47.83 32.02
N SER H 116 -13.53 46.87 31.95
CA SER H 116 -13.83 45.46 32.04
C SER H 116 -13.53 44.97 33.45
N PHE H 117 -14.57 44.55 34.18
CA PHE H 117 -14.43 44.02 35.53
C PHE H 117 -14.24 42.51 35.41
N GLY H 118 -12.98 42.11 35.24
CA GLY H 118 -12.61 40.70 35.26
C GLY H 118 -13.46 39.80 34.39
N GLY H 119 -13.97 40.32 33.27
CA GLY H 119 -14.89 39.58 32.42
C GLY H 119 -16.22 40.27 32.19
N LEU H 120 -16.85 40.78 33.25
CA LEU H 120 -18.04 41.59 33.09
C LEU H 120 -17.64 42.93 32.49
N LEU H 121 -18.62 43.70 32.04
CA LEU H 121 -18.33 44.91 31.28
C LEU H 121 -19.09 46.12 31.80
N MET H 122 -18.50 47.30 31.58
CA MET H 122 -19.10 48.57 31.92
C MET H 122 -18.66 49.61 30.91
N CYS H 123 -19.62 50.35 30.37
CA CYS H 123 -19.36 51.49 29.50
C CYS H 123 -19.89 52.75 30.18
N LEU H 124 -19.03 53.76 30.29
CA LEU H 124 -19.37 55.02 30.93
C LEU H 124 -19.22 56.16 29.93
N GLU H 125 -20.31 56.88 29.67
CA GLU H 125 -20.30 57.97 28.70
C GLU H 125 -20.65 59.29 29.38
N GLY H 126 -19.77 60.26 29.25
CA GLY H 126 -20.00 61.54 29.90
C GLY H 126 -19.17 62.64 29.28
N GLY H 127 -19.28 63.82 29.91
CA GLY H 127 -18.60 65.01 29.45
C GLY H 127 -17.10 64.98 29.71
N TYR H 128 -16.43 66.05 29.28
CA TYR H 128 -14.97 66.08 29.42
C TYR H 128 -14.54 66.37 30.85
N LYS H 129 -14.82 67.58 31.34
CA LYS H 129 -14.28 68.00 32.63
C LYS H 129 -14.75 67.10 33.77
N SER H 130 -15.83 66.35 33.57
CA SER H 130 -16.31 65.43 34.60
C SER H 130 -15.51 64.14 34.66
N LEU H 131 -15.09 63.61 33.52
CA LEU H 131 -14.44 62.31 33.47
C LEU H 131 -12.96 62.37 33.11
N ALA H 132 -12.39 63.57 32.95
CA ALA H 132 -11.02 63.68 32.44
C ALA H 132 -9.99 63.21 33.46
N SER H 133 -10.41 62.94 34.69
CA SER H 133 -9.49 62.41 35.68
C SER H 133 -9.52 60.90 35.76
N LEU H 134 -10.44 60.25 35.05
CA LEU H 134 -10.52 58.80 35.06
C LEU H 134 -9.60 58.16 34.04
N LYS H 135 -8.39 58.66 33.87
CA LYS H 135 -7.44 58.13 32.90
C LYS H 135 -6.36 57.33 33.63
N GLN H 136 -6.81 56.41 34.48
CA GLN H 136 -5.94 55.53 35.22
C GLN H 136 -5.76 54.23 34.46
N ASP H 137 -5.38 53.17 35.18
CA ASP H 137 -5.20 51.86 34.56
C ASP H 137 -5.97 50.79 35.30
N ASN H 138 -6.38 51.07 36.54
CA ASN H 138 -7.19 50.16 37.32
C ASN H 138 -8.20 50.97 38.13
N LEU H 139 -9.46 50.52 38.10
CA LEU H 139 -10.51 51.27 38.74
C LEU H 139 -11.32 50.38 39.68
N TYR H 140 -11.66 50.95 40.84
CA TYR H 140 -12.61 50.37 41.76
C TYR H 140 -13.96 51.04 41.59
N ILE H 141 -15.01 50.23 41.47
CA ILE H 141 -16.38 50.72 41.47
C ILE H 141 -17.04 50.33 42.78
N LEU H 142 -17.82 51.25 43.34
CA LEU H 142 -18.46 51.07 44.64
C LEU H 142 -19.91 51.50 44.53
N ILE H 143 -20.83 50.64 44.98
CA ILE H 143 -22.26 50.81 44.77
C ILE H 143 -22.96 50.69 46.11
N ARG H 144 -23.78 51.69 46.42
CA ARG H 144 -24.54 51.80 47.67
C ARG H 144 -26.02 51.81 47.34
N ARG H 145 -26.80 51.05 48.12
CA ARG H 145 -28.25 50.97 47.96
C ARG H 145 -28.63 50.51 46.55
N SER I 3 -41.74 -1.89 -46.96
CA SER I 3 -42.70 -2.79 -47.59
C SER I 3 -42.12 -3.39 -48.87
N PHE I 4 -41.80 -4.68 -48.82
CA PHE I 4 -41.29 -5.38 -49.99
C PHE I 4 -41.96 -6.74 -50.17
N ARG I 5 -41.94 -7.25 -51.40
CA ARG I 5 -42.68 -8.47 -51.72
C ARG I 5 -41.76 -9.67 -51.99
N PHE I 6 -42.38 -10.83 -52.19
CA PHE I 6 -41.64 -12.06 -52.44
C PHE I 6 -42.11 -12.74 -53.72
N CYS I 7 -41.25 -13.60 -54.27
CA CYS I 7 -41.58 -14.37 -55.47
C CYS I 7 -42.62 -15.45 -55.14
N LEU I 8 -43.31 -15.92 -56.17
CA LEU I 8 -44.34 -16.94 -55.99
C LEU I 8 -43.87 -18.31 -56.49
N GLU I 9 -42.71 -18.33 -57.13
CA GLU I 9 -42.16 -19.57 -57.67
C GLU I 9 -40.85 -19.95 -56.99
N CYS I 10 -40.47 -19.19 -55.96
CA CYS I 10 -39.22 -19.45 -55.25
C CYS I 10 -39.32 -18.96 -53.81
N ASN I 11 -40.33 -18.15 -53.55
CA ASN I 11 -40.56 -17.56 -52.22
C ASN I 11 -39.40 -16.69 -51.74
N ASN I 12 -38.60 -16.21 -52.69
CA ASN I 12 -37.53 -15.27 -52.37
C ASN I 12 -37.98 -13.84 -52.64
N MET I 13 -37.30 -12.87 -52.03
CA MET I 13 -37.74 -11.48 -52.13
C MET I 13 -37.48 -10.89 -53.52
N LEU I 14 -38.32 -9.94 -53.91
CA LEU I 14 -38.25 -9.33 -55.23
C LEU I 14 -37.49 -8.01 -55.19
N TYR I 15 -36.44 -7.91 -56.01
CA TYR I 15 -35.68 -6.68 -56.13
C TYR I 15 -36.25 -5.85 -57.28
N PRO I 16 -36.27 -4.52 -57.12
CA PRO I 16 -36.83 -3.62 -58.15
C PRO I 16 -36.01 -3.64 -59.44
N LYS I 17 -36.64 -4.05 -60.54
CA LYS I 17 -35.98 -4.05 -61.84
C LYS I 17 -36.64 -3.03 -62.77
N GLU I 18 -35.83 -2.42 -63.64
CA GLU I 18 -36.31 -1.40 -64.55
C GLU I 18 -36.71 -1.97 -65.91
N ASP I 19 -37.88 -1.54 -66.40
CA ASP I 19 -38.31 -1.87 -67.76
C ASP I 19 -38.05 -0.68 -68.66
N LYS I 20 -36.86 -0.67 -69.26
CA LYS I 20 -36.36 0.48 -70.03
C LYS I 20 -37.27 0.91 -71.18
N GLU I 21 -37.83 -0.07 -71.88
CA GLU I 21 -38.60 0.20 -73.09
C GLU I 21 -39.95 0.85 -72.81
N ASN I 22 -40.76 0.20 -71.97
CA ASN I 22 -42.10 0.70 -71.67
C ASN I 22 -42.09 1.81 -70.61
N GLN I 23 -40.90 2.09 -70.08
CA GLN I 23 -40.72 3.14 -69.07
C GLN I 23 -41.57 2.89 -67.83
N ARG I 24 -41.41 1.71 -67.22
CA ARG I 24 -42.16 1.36 -66.02
C ARG I 24 -41.33 0.54 -65.04
N LEU I 25 -41.82 0.45 -63.80
CA LEU I 25 -41.09 -0.25 -62.75
C LEU I 25 -41.69 -1.62 -62.45
N LEU I 26 -40.82 -2.60 -62.22
CA LEU I 26 -41.25 -3.96 -61.89
C LEU I 26 -40.49 -4.50 -60.68
N TYR I 27 -41.09 -5.48 -60.00
CA TYR I 27 -40.40 -6.23 -58.96
C TYR I 27 -40.09 -7.63 -59.49
N SER I 28 -38.83 -7.87 -59.82
CA SER I 28 -38.45 -9.13 -60.45
C SER I 28 -37.53 -9.99 -59.57
N CYS I 29 -37.79 -11.29 -59.56
CA CYS I 29 -36.98 -12.23 -58.78
C CYS I 29 -35.61 -12.40 -59.41
N ARG I 30 -34.59 -12.54 -58.56
CA ARG I 30 -33.22 -12.71 -59.02
C ARG I 30 -32.83 -14.18 -59.01
N ASN I 31 -33.59 -14.98 -58.28
CA ASN I 31 -33.36 -16.43 -58.24
C ASN I 31 -34.11 -17.16 -59.34
N CYS I 32 -35.29 -16.66 -59.71
CA CYS I 32 -36.09 -17.25 -60.77
C CYS I 32 -36.36 -16.25 -61.89
N ASP I 33 -37.44 -16.47 -62.63
CA ASP I 33 -37.77 -15.62 -63.75
C ASP I 33 -39.09 -14.89 -63.56
N TYR I 34 -39.61 -14.94 -62.33
CA TYR I 34 -40.86 -14.27 -61.99
C TYR I 34 -40.74 -12.75 -62.15
N THR I 35 -41.84 -12.11 -62.54
CA THR I 35 -41.86 -10.66 -62.72
C THR I 35 -43.24 -10.09 -62.39
N GLU I 36 -43.26 -9.04 -61.57
CA GLU I 36 -44.50 -8.43 -61.13
C GLU I 36 -44.45 -6.92 -61.26
N LEU I 37 -45.58 -6.31 -61.61
CA LEU I 37 -45.67 -4.86 -61.73
C LEU I 37 -45.58 -4.17 -60.38
N ALA I 38 -45.08 -2.94 -60.38
CA ALA I 38 -44.95 -2.16 -59.15
C ALA I 38 -46.03 -1.08 -59.07
N GLU I 39 -46.88 -1.19 -58.05
CA GLU I 39 -47.99 -0.25 -57.87
C GLU I 39 -47.53 1.07 -57.26
N ASP I 40 -46.44 1.03 -56.51
CA ASP I 40 -45.91 2.24 -55.87
C ASP I 40 -44.57 2.66 -56.48
N PRO I 41 -44.37 3.97 -56.65
CA PRO I 41 -43.15 4.50 -57.25
C PRO I 41 -41.95 4.45 -56.31
N LYS I 42 -42.19 4.45 -55.00
CA LYS I 42 -41.10 4.45 -54.03
C LYS I 42 -40.45 3.07 -53.90
N VAL I 43 -39.14 3.07 -53.68
CA VAL I 43 -38.36 1.85 -53.60
C VAL I 43 -37.63 1.76 -52.26
N TYR I 44 -37.20 2.93 -51.76
CA TYR I 44 -36.39 2.99 -50.56
C TYR I 44 -36.75 4.18 -49.70
N ARG I 45 -36.92 3.95 -48.39
CA ARG I 45 -37.15 5.04 -47.45
C ARG I 45 -36.25 4.93 -46.23
N HIS I 46 -35.60 6.03 -45.88
CA HIS I 46 -34.70 6.08 -44.74
C HIS I 46 -35.00 7.30 -43.88
N GLU I 47 -35.81 7.09 -42.85
CA GLU I 47 -36.20 8.20 -41.97
C GLU I 47 -35.18 8.43 -40.86
N LEU I 48 -34.61 9.63 -40.83
CA LEU I 48 -33.59 9.97 -39.85
C LEU I 48 -34.19 10.41 -38.53
N ILE I 49 -34.62 11.66 -38.46
CA ILE I 49 -35.29 12.16 -37.25
C ILE I 49 -36.68 11.55 -37.16
N THR I 50 -37.04 11.09 -35.97
CA THR I 50 -38.32 10.41 -35.76
C THR I 50 -39.19 11.18 -34.77
N ASN I 51 -40.33 10.59 -34.42
CA ASN I 51 -41.24 11.20 -33.48
C ASN I 51 -41.80 10.17 -32.50
N ILE I 52 -43.10 10.30 -32.21
CA ILE I 52 -43.84 9.37 -31.34
C ILE I 52 -43.36 9.36 -29.90
N GLY I 53 -44.26 9.73 -28.98
CA GLY I 53 -44.04 9.57 -27.56
C GLY I 53 -45.17 8.74 -27.01
N GLU I 54 -45.63 7.80 -27.81
CA GLU I 54 -46.81 7.00 -27.50
C GLU I 54 -46.41 5.61 -27.02
N THR I 55 -46.75 4.61 -27.83
CA THR I 55 -46.42 3.20 -27.56
C THR I 55 -46.96 2.71 -26.22
N ALA I 56 -48.19 2.22 -26.22
CA ALA I 56 -48.77 1.61 -25.04
C ALA I 56 -48.32 0.15 -24.94
N GLY I 57 -47.75 -0.34 -26.04
CA GLY I 57 -47.23 -1.70 -26.09
C GLY I 57 -48.30 -2.76 -25.95
N ILE I 58 -47.86 -3.99 -25.66
CA ILE I 58 -48.77 -5.10 -25.46
C ILE I 58 -49.62 -4.87 -24.21
N VAL I 59 -50.94 -4.99 -24.36
CA VAL I 59 -51.85 -4.68 -23.27
C VAL I 59 -52.90 -5.77 -23.02
N ASP I 60 -52.64 -6.98 -23.48
CA ASP I 60 -53.58 -8.07 -23.27
C ASP I 60 -53.54 -8.52 -21.81
N ASP I 61 -54.74 -8.71 -21.22
CA ASP I 61 -54.87 -9.12 -19.83
C ASP I 61 -54.11 -8.19 -18.88
N ILE I 62 -54.00 -6.93 -19.25
CA ILE I 62 -53.25 -5.95 -18.46
C ILE I 62 -54.12 -5.38 -17.36
N GLY I 63 -55.39 -5.77 -17.34
CA GLY I 63 -56.34 -5.25 -16.38
C GLY I 63 -56.28 -5.92 -15.02
N GLN I 64 -55.91 -7.20 -15.00
CA GLN I 64 -55.85 -7.94 -13.74
C GLN I 64 -54.45 -7.96 -13.15
N ASP I 65 -53.49 -7.42 -13.90
CA ASP I 65 -52.10 -7.32 -13.44
C ASP I 65 -52.03 -6.52 -12.14
N PRO I 66 -51.71 -7.21 -11.03
CA PRO I 66 -51.77 -6.63 -9.67
C PRO I 66 -50.68 -5.60 -9.41
N THR I 67 -49.68 -5.53 -10.29
CA THR I 67 -48.55 -4.62 -10.09
C THR I 67 -48.80 -3.25 -10.68
N LEU I 68 -49.94 -3.08 -11.34
CA LEU I 68 -50.28 -1.80 -11.96
C LEU I 68 -51.22 -0.97 -11.10
N PRO I 69 -50.98 0.35 -11.05
CA PRO I 69 -51.80 1.27 -10.25
C PRO I 69 -53.15 1.52 -10.90
N ARG I 70 -54.14 1.88 -10.09
CA ARG I 70 -55.49 2.13 -10.60
C ARG I 70 -55.96 3.55 -10.31
N SER I 71 -56.85 4.05 -11.17
CA SER I 71 -57.33 5.42 -11.06
C SER I 71 -58.85 5.49 -11.16
N ASP I 72 -59.41 6.62 -10.75
CA ASP I 72 -60.85 6.82 -10.81
C ASP I 72 -61.25 7.59 -12.06
N LYS I 73 -60.39 7.53 -13.08
CA LYS I 73 -60.64 8.21 -14.34
C LYS I 73 -61.82 7.60 -15.08
N GLU I 74 -62.72 8.44 -15.57
CA GLU I 74 -63.88 7.95 -16.31
C GLU I 74 -63.51 7.64 -17.76
N CYS I 75 -63.98 6.48 -18.24
CA CYS I 75 -63.70 6.03 -19.59
C CYS I 75 -64.57 6.76 -20.61
N PRO I 76 -63.95 7.22 -21.71
CA PRO I 76 -64.69 7.90 -22.78
C PRO I 76 -65.66 6.98 -23.51
N GLU I 77 -65.50 5.67 -23.31
CA GLU I 77 -66.33 4.70 -24.00
C GLU I 77 -67.61 4.35 -23.20
N CYS I 78 -67.42 3.75 -22.04
CA CYS I 78 -68.55 3.27 -21.24
C CYS I 78 -68.78 4.07 -19.96
N HIS I 79 -67.99 5.14 -19.78
CA HIS I 79 -68.14 6.04 -18.64
C HIS I 79 -67.93 5.37 -17.27
N SER I 80 -67.18 4.28 -17.26
CA SER I 80 -66.82 3.62 -16.00
C SER I 80 -65.65 4.34 -15.35
N ARG I 81 -65.70 4.48 -14.03
CA ARG I 81 -64.67 5.21 -13.31
C ARG I 81 -63.75 4.29 -12.51
N ASP I 82 -63.10 3.36 -13.21
CA ASP I 82 -62.18 2.43 -12.58
C ASP I 82 -61.26 1.82 -13.64
N CYS I 83 -60.02 2.29 -13.70
CA CYS I 83 -59.10 1.86 -14.75
C CYS I 83 -57.65 1.78 -14.27
N VAL I 84 -56.86 0.98 -14.98
CA VAL I 84 -55.42 0.87 -14.73
C VAL I 84 -54.66 1.84 -15.62
N PHE I 85 -53.57 2.41 -15.12
CA PHE I 85 -52.79 3.35 -15.92
C PHE I 85 -51.29 3.05 -15.95
N PHE I 86 -50.64 3.46 -17.04
CA PHE I 86 -49.19 3.35 -17.19
C PHE I 86 -48.63 4.53 -17.97
N GLN I 87 -47.30 4.58 -18.13
CA GLN I 87 -46.64 5.82 -18.56
C GLN I 87 -46.16 5.88 -20.01
N SER I 88 -45.79 4.72 -20.57
CA SER I 88 -45.34 4.55 -21.94
C SER I 88 -44.54 3.27 -22.02
N GLN I 89 -44.26 2.82 -23.24
CA GLN I 89 -43.39 1.68 -23.46
C GLN I 89 -42.38 2.08 -24.53
N GLN I 90 -41.25 1.37 -24.58
CA GLN I 90 -40.15 1.71 -25.49
C GLN I 90 -39.71 3.16 -25.27
N ARG I 91 -38.96 3.38 -24.20
CA ARG I 91 -38.66 4.72 -23.73
C ARG I 91 -37.31 5.27 -24.20
N ARG I 92 -37.36 6.30 -25.03
CA ARG I 92 -36.16 7.05 -25.36
C ARG I 92 -35.86 7.96 -24.18
N LYS I 93 -34.68 8.58 -24.19
CA LYS I 93 -34.31 9.48 -23.11
C LYS I 93 -35.11 10.79 -23.17
N ASP I 94 -35.76 11.03 -24.31
CA ASP I 94 -36.49 12.27 -24.52
C ASP I 94 -38.01 12.09 -24.48
N THR I 95 -38.45 10.91 -24.08
CA THR I 95 -39.87 10.57 -24.12
C THR I 95 -40.68 11.28 -23.03
N ASN I 96 -41.89 11.71 -23.40
CA ASN I 96 -42.82 12.38 -22.50
C ASN I 96 -43.21 11.52 -21.29
N MET I 97 -43.76 12.15 -20.26
CA MET I 97 -44.20 11.45 -19.07
C MET I 97 -45.72 11.31 -18.99
N THR I 98 -46.40 11.51 -20.11
CA THR I 98 -47.86 11.39 -20.16
C THR I 98 -48.30 9.94 -20.03
N LEU I 99 -49.58 9.70 -19.85
CA LEU I 99 -50.04 8.36 -19.44
C LEU I 99 -51.02 7.68 -20.40
N PHE I 100 -51.15 6.36 -20.23
CA PHE I 100 -52.17 5.58 -20.91
C PHE I 100 -53.07 4.92 -19.87
N TYR I 101 -54.38 5.10 -20.00
CA TYR I 101 -55.33 4.48 -19.09
C TYR I 101 -56.02 3.31 -19.77
N VAL I 102 -56.30 2.25 -19.02
CA VAL I 102 -57.00 1.08 -19.57
C VAL I 102 -58.19 0.70 -18.69
N CYS I 103 -59.39 0.80 -19.25
CA CYS I 103 -60.62 0.54 -18.51
C CYS I 103 -60.78 -0.93 -18.12
N LEU I 104 -61.21 -1.16 -16.90
CA LEU I 104 -61.41 -2.52 -16.39
C LEU I 104 -62.78 -3.07 -16.79
N ASN I 105 -63.65 -2.18 -17.24
CA ASN I 105 -65.00 -2.57 -17.62
C ASN I 105 -65.11 -2.92 -19.10
N CYS I 106 -64.73 -1.98 -19.96
CA CYS I 106 -64.89 -2.15 -21.40
C CYS I 106 -63.59 -2.59 -22.09
N LYS I 107 -62.50 -2.63 -21.32
CA LYS I 107 -61.21 -3.10 -21.81
C LYS I 107 -60.69 -2.25 -22.98
N LYS I 108 -60.87 -0.94 -22.89
CA LYS I 108 -60.40 -0.03 -23.93
C LYS I 108 -59.27 0.87 -23.45
N THR I 109 -58.23 1.01 -24.27
CA THR I 109 -57.10 1.87 -23.97
C THR I 109 -57.42 3.31 -24.38
N PHE I 110 -57.33 4.24 -23.42
CA PHE I 110 -57.60 5.64 -23.70
C PHE I 110 -56.59 6.56 -23.04
N ARG I 111 -56.56 7.82 -23.47
CA ARG I 111 -55.63 8.80 -22.92
C ARG I 111 -56.35 9.96 -22.24
N ASP I 112 -55.71 11.12 -22.23
CA ASP I 112 -56.21 12.27 -21.48
C ASP I 112 -56.09 13.58 -22.26
N GLU I 113 -56.89 13.72 -23.32
CA GLU I 113 -56.90 14.94 -24.11
C GLU I 113 -58.33 15.44 -24.36
N MET J 1 -22.21 -19.90 34.37
CA MET J 1 -21.61 -21.21 34.63
C MET J 1 -22.05 -21.71 36.00
N ILE J 2 -21.86 -20.86 37.00
CA ILE J 2 -22.40 -21.09 38.34
C ILE J 2 -22.52 -19.73 39.01
N ILE J 3 -23.44 -19.64 39.97
CA ILE J 3 -23.76 -18.37 40.63
C ILE J 3 -22.50 -17.78 41.27
N PRO J 4 -22.26 -16.48 41.14
CA PRO J 4 -21.08 -15.89 41.77
C PRO J 4 -21.25 -15.84 43.28
N VAL J 5 -20.22 -15.35 43.96
CA VAL J 5 -20.28 -15.25 45.42
C VAL J 5 -20.64 -13.83 45.83
N ARG J 6 -19.72 -12.89 45.64
CA ARG J 6 -19.98 -11.48 45.84
C ARG J 6 -20.77 -10.93 44.66
N CYS J 7 -21.15 -9.65 44.76
CA CYS J 7 -21.68 -8.95 43.60
C CYS J 7 -20.53 -8.47 42.73
N PHE J 8 -20.84 -7.64 41.74
CA PHE J 8 -19.78 -7.13 40.88
C PHE J 8 -19.53 -5.65 41.13
N SER J 9 -20.53 -4.92 41.63
CA SER J 9 -20.38 -3.48 41.78
C SER J 9 -20.24 -3.06 43.24
N CYS J 10 -20.97 -3.72 44.15
CA CYS J 10 -20.97 -3.33 45.55
C CYS J 10 -20.36 -4.36 46.48
N GLY J 11 -20.60 -5.65 46.24
CA GLY J 11 -20.04 -6.71 47.06
C GLY J 11 -20.99 -7.34 48.05
N LYS J 12 -22.29 -7.15 47.88
CA LYS J 12 -23.26 -7.82 48.74
C LYS J 12 -23.38 -9.27 48.33
N VAL J 13 -23.14 -10.16 49.29
CA VAL J 13 -22.98 -11.59 48.98
C VAL J 13 -24.31 -12.16 48.50
N VAL J 14 -24.32 -12.68 47.27
CA VAL J 14 -25.49 -13.32 46.69
C VAL J 14 -25.26 -14.79 46.36
N GLY J 15 -24.39 -15.48 47.09
CA GLY J 15 -24.10 -16.88 46.85
C GLY J 15 -24.99 -17.85 47.57
N ASP J 16 -25.95 -17.37 48.35
CA ASP J 16 -26.89 -18.21 49.09
C ASP J 16 -28.35 -17.90 48.75
N LYS J 17 -28.59 -17.23 47.62
CA LYS J 17 -29.94 -16.88 47.20
C LYS J 17 -30.30 -17.51 45.86
N TRP J 18 -29.79 -18.71 45.56
CA TRP J 18 -30.15 -19.39 44.34
C TRP J 18 -31.16 -20.51 44.62
N ASP J 19 -30.92 -21.26 45.71
CA ASP J 19 -31.85 -22.32 46.09
C ASP J 19 -33.20 -21.75 46.47
N ALA J 20 -33.23 -20.71 47.30
CA ALA J 20 -34.49 -20.08 47.67
C ALA J 20 -35.17 -19.45 46.46
N TYR J 21 -34.39 -18.96 45.51
CA TYR J 21 -34.98 -18.35 44.32
C TYR J 21 -35.66 -19.40 43.45
N LEU J 22 -34.99 -20.54 43.22
CA LEU J 22 -35.61 -21.61 42.46
C LEU J 22 -36.85 -22.15 43.18
N ARG J 23 -36.72 -22.41 44.49
CA ARG J 23 -37.84 -22.95 45.24
C ARG J 23 -39.03 -22.00 45.24
N LEU J 24 -38.77 -20.69 45.31
CA LEU J 24 -39.86 -19.73 45.18
C LEU J 24 -40.38 -19.66 43.75
N LEU J 25 -39.60 -20.11 42.78
CA LEU J 25 -40.11 -20.20 41.42
C LEU J 25 -40.94 -21.46 41.20
N GLU J 26 -40.80 -22.47 42.06
CA GLU J 26 -41.70 -23.62 41.98
C GLU J 26 -43.09 -23.26 42.48
N GLU J 27 -43.16 -22.45 43.53
CA GLU J 27 -44.43 -22.05 44.15
C GLU J 27 -45.26 -21.10 43.29
N GLY J 28 -44.82 -20.72 42.10
CA GLY J 28 -45.60 -19.84 41.25
C GLY J 28 -45.44 -18.36 41.54
N LYS J 29 -44.38 -17.96 42.23
CA LYS J 29 -44.15 -16.54 42.48
C LYS J 29 -43.63 -15.86 41.21
N GLN J 30 -43.51 -14.53 41.29
CA GLN J 30 -42.95 -13.77 40.19
C GLN J 30 -41.55 -13.27 40.55
N GLU J 31 -40.73 -13.07 39.52
CA GLU J 31 -39.34 -12.66 39.72
C GLU J 31 -39.27 -11.37 40.52
N GLY J 32 -40.15 -10.42 40.22
CA GLY J 32 -40.20 -9.19 40.99
C GLY J 32 -40.51 -9.43 42.44
N ASP J 33 -41.46 -10.31 42.72
CA ASP J 33 -41.83 -10.61 44.11
C ASP J 33 -40.88 -11.64 44.72
N ALA J 34 -40.30 -12.51 43.89
CA ALA J 34 -39.31 -13.46 44.41
C ALA J 34 -38.01 -12.76 44.77
N LEU J 35 -37.80 -11.56 44.23
CA LEU J 35 -36.65 -10.76 44.65
C LEU J 35 -37.03 -9.76 45.73
N ASP J 36 -38.29 -9.33 45.74
CA ASP J 36 -38.77 -8.49 46.83
C ASP J 36 -38.89 -9.28 48.12
N GLU J 37 -38.91 -10.61 48.02
CA GLU J 37 -38.98 -11.43 49.23
C GLU J 37 -37.60 -11.88 49.67
N LEU J 38 -36.61 -11.82 48.78
CA LEU J 38 -35.22 -12.09 49.14
C LEU J 38 -34.45 -10.85 49.58
N LYS J 39 -35.13 -9.70 49.65
CA LYS J 39 -34.53 -8.43 50.08
C LYS J 39 -33.40 -7.98 49.15
N LEU J 40 -33.75 -7.54 47.94
CA LEU J 40 -32.78 -7.03 46.97
C LEU J 40 -33.38 -5.79 46.33
N LYS J 41 -32.94 -4.61 46.79
CA LYS J 41 -33.55 -3.35 46.37
C LYS J 41 -32.72 -2.62 45.31
N ARG J 42 -31.40 -2.63 45.44
CA ARG J 42 -30.56 -2.01 44.43
C ARG J 42 -30.43 -2.94 43.22
N TYR J 43 -30.73 -2.41 42.04
CA TYR J 43 -30.92 -3.27 40.87
C TYR J 43 -29.63 -3.89 40.34
N CYS J 44 -28.48 -3.56 40.94
CA CYS J 44 -27.27 -4.27 40.55
C CYS J 44 -27.26 -5.69 41.11
N CYS J 45 -27.51 -5.82 42.42
CA CYS J 45 -27.68 -7.15 42.99
C CYS J 45 -28.87 -7.87 42.37
N ARG J 46 -29.84 -7.12 41.86
CA ARG J 46 -30.99 -7.74 41.20
C ARG J 46 -30.61 -8.29 39.83
N ARG J 47 -29.84 -7.53 39.06
CA ARG J 47 -29.43 -8.00 37.75
C ARG J 47 -28.43 -9.14 37.86
N MET J 48 -27.70 -9.20 38.98
CA MET J 48 -26.75 -10.30 39.18
C MET J 48 -27.47 -11.64 39.24
N VAL J 49 -28.69 -11.65 39.77
CA VAL J 49 -29.37 -12.91 40.00
C VAL J 49 -30.46 -13.16 38.95
N LEU J 50 -30.93 -12.09 38.31
CA LEU J 50 -32.03 -12.23 37.37
C LEU J 50 -31.57 -12.77 36.02
N THR J 51 -30.29 -12.57 35.68
CA THR J 51 -29.78 -12.90 34.36
C THR J 51 -28.70 -13.97 34.39
N HIS J 52 -28.72 -14.86 35.39
CA HIS J 52 -27.70 -15.88 35.48
C HIS J 52 -28.01 -17.05 34.56
N VAL J 53 -26.97 -17.67 34.03
CA VAL J 53 -27.06 -18.84 33.16
C VAL J 53 -26.38 -19.99 33.88
N ASP J 54 -27.16 -20.94 34.37
CA ASP J 54 -26.62 -22.08 35.11
C ASP J 54 -26.21 -23.15 34.12
N LEU J 55 -24.91 -23.37 34.01
CA LEU J 55 -24.38 -24.29 33.00
C LEU J 55 -23.87 -25.60 33.57
N ILE J 56 -23.57 -25.64 34.87
CA ILE J 56 -22.97 -26.83 35.45
C ILE J 56 -23.88 -28.04 35.29
N GLU J 57 -25.19 -27.80 35.19
CA GLU J 57 -26.13 -28.89 34.93
C GLU J 57 -25.70 -29.72 33.73
N LYS J 58 -25.26 -29.06 32.66
CA LYS J 58 -24.74 -29.80 31.52
C LYS J 58 -23.39 -30.43 31.84
N PHE J 59 -22.50 -29.66 32.48
CA PHE J 59 -21.11 -30.08 32.60
C PHE J 59 -20.95 -31.38 33.39
N LEU J 60 -22.03 -31.81 34.05
CA LEU J 60 -21.96 -33.04 34.84
C LEU J 60 -22.34 -34.28 34.05
N ARG J 61 -23.20 -34.15 33.04
CA ARG J 61 -23.75 -35.35 32.40
C ARG J 61 -22.74 -36.06 31.53
N TYR J 62 -21.58 -35.46 31.26
CA TYR J 62 -20.50 -36.15 30.56
C TYR J 62 -19.78 -37.01 31.59
N ASN J 63 -19.79 -38.33 31.37
CA ASN J 63 -19.23 -39.29 32.31
C ASN J 63 -17.78 -38.95 32.65
N PRO J 64 -17.34 -39.22 33.87
CA PRO J 64 -15.99 -38.80 34.28
C PRO J 64 -14.88 -39.60 33.61
N LEU J 65 -13.90 -38.89 33.07
CA LEU J 65 -12.71 -39.51 32.48
C LEU J 65 -11.70 -39.91 33.54
N GLU J 66 -12.06 -39.79 34.82
CA GLU J 66 -11.12 -40.00 35.91
C GLU J 66 -11.71 -40.87 37.00
N MET K 1 2.28 -9.21 33.30
CA MET K 1 3.66 -9.25 32.81
C MET K 1 4.42 -8.01 33.28
N ASN K 2 3.72 -6.87 33.34
CA ASN K 2 4.31 -5.62 33.81
C ASN K 2 3.43 -4.93 34.83
N ALA K 3 2.95 -5.64 35.84
CA ALA K 3 2.00 -5.05 36.76
C ALA K 3 2.69 -4.63 38.06
N PRO K 4 2.37 -3.47 38.61
CA PRO K 4 2.90 -3.09 39.92
C PRO K 4 2.24 -3.90 41.03
N ASP K 5 3.07 -4.42 41.93
CA ASP K 5 2.56 -5.18 43.05
C ASP K 5 1.71 -4.28 43.95
N ARG K 6 0.50 -4.74 44.25
CA ARG K 6 -0.51 -3.90 44.89
C ARG K 6 -0.05 -3.33 46.22
N PHE K 7 0.54 -4.16 47.09
CA PHE K 7 0.91 -3.71 48.42
C PHE K 7 1.85 -2.52 48.41
N GLU K 8 2.45 -2.20 47.26
CA GLU K 8 3.28 -1.00 47.13
C GLU K 8 2.46 0.28 47.16
N LEU K 9 1.18 0.22 47.53
CA LEU K 9 0.39 1.45 47.65
C LEU K 9 0.28 1.90 49.10
N PHE K 10 0.92 1.19 50.03
CA PHE K 10 0.89 1.56 51.44
C PHE K 10 1.97 0.93 52.30
N ILE K 11 2.99 0.31 51.71
CA ILE K 11 4.12 -0.21 52.47
C ILE K 11 5.38 0.55 52.05
N LEU K 12 6.05 1.15 53.03
CA LEU K 12 7.13 2.08 52.76
C LEU K 12 8.48 1.34 52.74
N PRO K 13 9.28 1.49 51.70
CA PRO K 13 10.63 0.92 51.73
C PRO K 13 11.51 1.65 52.73
N ASP K 14 12.77 1.19 52.83
CA ASP K 14 13.66 1.73 53.85
C ASP K 14 14.24 3.08 53.47
N ASP K 15 14.71 3.23 52.23
CA ASP K 15 15.40 4.43 51.80
C ASP K 15 14.46 5.52 51.31
N VAL K 16 13.27 5.64 51.89
CA VAL K 16 12.30 6.66 51.53
C VAL K 16 11.73 7.26 52.80
N PRO K 17 11.92 8.55 53.06
CA PRO K 17 11.26 9.17 54.21
C PRO K 17 9.77 9.29 54.00
N LYS K 18 9.02 9.06 55.08
CA LYS K 18 7.57 9.18 55.02
C LYS K 18 7.14 10.62 54.71
N LEU K 19 8.00 11.59 55.03
CA LEU K 19 7.65 13.00 54.94
C LEU K 19 8.92 13.79 54.64
N LYS K 20 8.87 14.66 53.63
CA LYS K 20 10.03 15.49 53.32
C LYS K 20 9.58 16.93 53.11
N ILE K 21 10.36 17.89 53.60
CA ILE K 21 9.99 19.29 53.57
C ILE K 21 11.09 20.08 52.86
N THR K 22 10.70 20.99 51.98
CA THR K 22 11.61 21.88 51.28
C THR K 22 11.01 23.28 51.24
N PRO K 23 11.78 24.30 51.64
CA PRO K 23 11.27 25.67 51.61
C PRO K 23 11.36 26.30 50.23
N ASP K 24 10.23 26.87 49.80
CA ASP K 24 10.13 27.56 48.53
C ASP K 24 10.78 28.93 48.71
N SER K 25 11.23 29.53 47.60
CA SER K 25 12.05 30.73 47.68
C SER K 25 11.43 31.94 47.00
N ARG K 26 10.51 31.75 46.07
CA ARG K 26 9.94 32.88 45.34
C ARG K 26 9.20 33.84 46.27
N VAL K 27 8.60 33.32 47.34
CA VAL K 27 7.97 34.16 48.36
C VAL K 27 8.50 33.72 49.72
N PRO K 28 8.54 34.63 50.69
CA PRO K 28 9.03 34.26 52.02
C PRO K 28 7.95 33.58 52.85
N ASN K 29 8.40 32.77 53.81
CA ASN K 29 7.51 32.15 54.81
C ASN K 29 6.48 31.23 54.14
N CYS K 30 6.93 30.47 53.15
CA CYS K 30 6.11 29.49 52.46
C CYS K 30 6.93 28.23 52.24
N ILE K 31 6.34 27.07 52.52
CA ILE K 31 7.06 25.81 52.47
C ILE K 31 6.28 24.79 51.65
N ILE K 32 6.99 23.79 51.17
CA ILE K 32 6.47 22.71 50.35
C ILE K 32 6.69 21.40 51.10
N ILE K 33 5.61 20.66 51.34
CA ILE K 33 5.65 19.40 52.05
C ILE K 33 5.35 18.29 51.05
N LYS K 34 6.03 17.16 51.20
CA LYS K 34 5.96 16.03 50.29
C LYS K 34 5.59 14.79 51.11
N PHE K 35 4.41 14.23 50.82
CA PHE K 35 3.88 13.07 51.52
C PHE K 35 3.94 11.82 50.64
N GLU K 36 4.47 10.74 51.21
CA GLU K 36 4.54 9.43 50.59
C GLU K 36 3.35 8.58 50.99
N ARG K 37 2.90 7.72 50.08
CA ARG K 37 1.94 6.66 50.38
C ARG K 37 0.66 7.20 51.03
N GLU K 38 0.19 8.33 50.54
CA GLU K 38 -1.05 8.92 51.02
C GLU K 38 -1.86 9.43 49.83
N ASP K 39 -3.16 9.63 50.05
CA ASP K 39 -4.09 9.93 48.97
C ASP K 39 -4.93 11.14 49.34
N HIS K 40 -6.15 11.18 48.79
CA HIS K 40 -7.02 12.33 48.98
C HIS K 40 -7.59 12.39 50.40
N THR K 41 -7.55 11.27 51.13
CA THR K 41 -8.20 11.22 52.44
C THR K 41 -7.46 12.11 53.44
N LEU K 42 -6.18 11.82 53.68
CA LEU K 42 -5.39 12.64 54.59
C LEU K 42 -5.25 14.06 54.06
N ALA K 43 -4.95 14.20 52.77
CA ALA K 43 -4.69 15.51 52.18
C ALA K 43 -5.89 16.43 52.32
N ASN K 44 -7.10 15.95 52.00
CA ASN K 44 -8.28 16.79 52.10
C ASN K 44 -8.62 17.09 53.55
N LEU K 45 -8.57 16.07 54.41
CA LEU K 45 -8.88 16.23 55.82
C LEU K 45 -7.98 17.28 56.46
N LEU K 46 -6.73 17.39 56.00
CA LEU K 46 -5.88 18.47 56.47
C LEU K 46 -6.23 19.80 55.79
N ARG K 47 -6.50 19.76 54.49
CA ARG K 47 -6.61 21.01 53.73
C ARG K 47 -7.81 21.83 54.18
N GLU K 48 -8.97 21.18 54.35
CA GLU K 48 -10.17 21.94 54.70
C GLU K 48 -10.06 22.51 56.11
N GLU K 49 -9.21 21.91 56.95
CA GLU K 49 -9.05 22.39 58.32
C GLU K 49 -8.05 23.53 58.39
N LEU K 50 -6.89 23.37 57.74
CA LEU K 50 -5.93 24.46 57.69
C LEU K 50 -6.51 25.68 56.97
N ALA K 51 -7.41 25.45 56.01
CA ALA K 51 -8.03 26.55 55.30
C ALA K 51 -9.09 27.27 56.13
N LEU K 52 -8.86 27.46 57.42
CA LEU K 52 -9.81 28.12 58.29
C LEU K 52 -9.17 29.04 59.31
N TYR K 53 -8.02 28.64 59.89
CA TYR K 53 -7.32 29.40 60.92
C TYR K 53 -7.02 30.80 60.43
N PRO K 54 -7.39 31.83 61.21
CA PRO K 54 -7.23 33.22 60.73
C PRO K 54 -5.78 33.69 60.65
N ASP K 55 -4.84 32.79 60.39
CA ASP K 55 -3.43 33.16 60.28
C ASP K 55 -2.70 32.40 59.20
N VAL K 56 -3.39 31.55 58.44
CA VAL K 56 -2.81 30.85 57.30
C VAL K 56 -3.44 31.42 56.04
N THR K 57 -2.59 31.92 55.13
CA THR K 57 -3.07 32.67 53.98
C THR K 57 -3.22 31.85 52.70
N PHE K 58 -2.44 30.78 52.54
CA PHE K 58 -2.54 30.01 51.30
C PHE K 58 -2.11 28.57 51.56
N VAL K 59 -3.03 27.64 51.37
CA VAL K 59 -2.76 26.21 51.54
C VAL K 59 -3.38 25.46 50.37
N ALA K 60 -2.65 24.49 49.84
CA ALA K 60 -3.15 23.72 48.71
C ALA K 60 -2.39 22.41 48.62
N TYR K 61 -2.91 21.50 47.79
CA TYR K 61 -2.25 20.22 47.56
C TYR K 61 -2.54 19.77 46.14
N LYS K 62 -1.78 18.79 45.68
CA LYS K 62 -2.08 18.12 44.41
C LYS K 62 -1.43 16.75 44.38
N VAL K 63 -2.04 15.86 43.60
CA VAL K 63 -1.51 14.54 43.33
C VAL K 63 -1.02 14.54 41.88
N GLU K 64 0.27 14.24 41.69
CA GLU K 64 0.87 14.44 40.37
C GLU K 64 0.37 13.44 39.35
N HIS K 65 0.42 12.15 39.67
CA HIS K 65 -0.02 11.14 38.70
C HIS K 65 -0.66 9.97 39.43
N PRO K 66 -1.87 9.57 39.04
CA PRO K 66 -2.61 8.59 39.86
C PRO K 66 -2.07 7.18 39.80
N LEU K 67 -1.12 6.88 38.91
CA LEU K 67 -0.53 5.54 38.90
C LEU K 67 0.51 5.34 39.99
N PHE K 68 1.17 6.41 40.44
CA PHE K 68 2.12 6.34 41.54
C PHE K 68 1.38 6.60 42.84
N ALA K 69 2.11 6.94 43.90
CA ALA K 69 1.52 7.11 45.22
C ALA K 69 2.29 8.16 46.03
N ASN K 70 1.75 9.37 46.04
CA ASN K 70 2.29 10.50 46.81
C ASN K 70 1.40 11.71 46.58
N PHE K 71 1.68 12.78 47.32
CA PHE K 71 1.10 14.08 46.97
C PHE K 71 1.96 15.18 47.57
N VAL K 72 1.83 16.36 47.00
CA VAL K 72 2.63 17.52 47.40
C VAL K 72 1.69 18.61 47.86
N MET K 73 2.17 19.47 48.76
CA MET K 73 1.34 20.42 49.47
C MET K 73 2.09 21.73 49.69
N ARG K 74 1.42 22.86 49.46
CA ARG K 74 2.00 24.18 49.62
C ARG K 74 1.33 24.89 50.79
N LEU K 75 2.15 25.49 51.66
CA LEU K 75 1.65 26.11 52.88
C LEU K 75 2.32 27.45 53.10
N GLN K 76 1.53 28.49 53.34
CA GLN K 76 2.01 29.84 53.55
C GLN K 76 1.10 30.56 54.54
N THR K 77 1.68 30.99 55.65
CA THR K 77 0.96 31.70 56.70
C THR K 77 1.25 33.19 56.61
N GLU K 78 1.37 33.83 57.77
CA GLU K 78 1.80 35.20 57.83
C GLU K 78 3.12 35.30 58.61
N GLU K 79 3.51 36.54 58.94
CA GLU K 79 4.86 36.78 59.44
C GLU K 79 5.02 36.30 60.88
N GLY K 80 3.94 36.35 61.68
CA GLY K 80 4.07 36.02 63.08
C GLY K 80 4.26 34.54 63.34
N THR K 81 3.51 33.71 62.62
CA THR K 81 3.48 32.27 62.89
C THR K 81 4.34 31.51 61.89
N ARG K 82 4.98 30.43 62.39
CA ARG K 82 5.75 29.49 61.57
C ARG K 82 4.86 28.33 61.15
N PRO K 83 4.84 27.96 59.87
CA PRO K 83 3.77 27.06 59.37
C PRO K 83 3.73 25.69 60.03
N LYS K 84 4.91 25.11 60.33
CA LYS K 84 4.97 23.78 60.91
C LYS K 84 4.13 23.67 62.18
N GLN K 85 4.29 24.64 63.09
CA GLN K 85 3.48 24.66 64.31
C GLN K 85 1.99 24.67 64.00
N ALA K 86 1.58 25.46 63.01
CA ALA K 86 0.16 25.52 62.64
C ALA K 86 -0.33 24.16 62.16
N LEU K 87 0.44 23.50 61.29
CA LEU K 87 0.08 22.15 60.85
C LEU K 87 -0.13 21.22 62.05
N GLU K 88 0.81 21.22 62.99
CA GLU K 88 0.66 20.39 64.18
C GLU K 88 -0.63 20.70 64.93
N ARG K 89 -0.91 22.00 65.13
CA ARG K 89 -2.14 22.40 65.80
C ARG K 89 -3.37 21.83 65.11
N ALA K 90 -3.42 21.93 63.78
CA ALA K 90 -4.55 21.39 63.04
C ALA K 90 -4.70 19.88 63.29
N CYS K 91 -3.60 19.13 63.22
CA CYS K 91 -3.66 17.70 63.51
C CYS K 91 -4.31 17.45 64.87
N ALA K 92 -3.83 18.15 65.91
CA ALA K 92 -4.38 17.97 67.25
C ALA K 92 -5.87 18.24 67.28
N SER K 93 -6.31 19.36 66.69
CA SER K 93 -7.73 19.71 66.69
C SER K 93 -8.57 18.61 66.07
N ILE K 94 -8.16 18.13 64.89
CA ILE K 94 -8.93 17.08 64.21
C ILE K 94 -9.03 15.85 65.09
N ILE K 95 -7.92 15.44 65.71
CA ILE K 95 -7.95 14.28 66.60
C ILE K 95 -8.98 14.47 67.71
N ASN K 96 -8.99 15.66 68.32
CA ASN K 96 -9.99 15.96 69.36
C ASN K 96 -11.40 15.76 68.83
N LYS K 97 -11.71 16.34 67.67
CA LYS K 97 -13.04 16.17 67.08
C LYS K 97 -13.41 14.70 66.94
N LEU K 98 -12.53 13.90 66.34
CA LEU K 98 -12.82 12.48 66.18
C LEU K 98 -13.11 11.80 67.51
N LYS K 99 -12.32 12.10 68.54
CA LYS K 99 -12.57 11.52 69.87
C LYS K 99 -13.99 11.82 70.34
N THR K 100 -14.37 13.11 70.32
CA THR K 100 -15.71 13.48 70.76
C THR K 100 -16.78 12.72 69.99
N LEU K 101 -16.63 12.66 68.67
CA LEU K 101 -17.62 11.96 67.85
C LEU K 101 -17.76 10.50 68.28
N ASP K 102 -16.64 9.81 68.48
CA ASP K 102 -16.71 8.42 68.93
C ASP K 102 -17.46 8.29 70.25
N HIS K 103 -17.13 9.15 71.23
CA HIS K 103 -17.81 9.09 72.51
C HIS K 103 -19.32 9.20 72.35
N LYS K 104 -19.79 10.28 71.71
CA LYS K 104 -21.23 10.48 71.61
C LYS K 104 -21.91 9.37 70.82
N PHE K 105 -21.25 8.86 69.78
CA PHE K 105 -21.83 7.73 69.05
C PHE K 105 -22.01 6.52 69.95
N ASN K 106 -21.02 6.19 70.77
CA ASN K 106 -21.16 5.04 71.66
C ASN K 106 -22.30 5.25 72.65
N GLU K 107 -22.42 6.45 73.21
CA GLU K 107 -23.55 6.71 74.11
C GLU K 107 -24.88 6.49 73.41
N GLU K 108 -25.06 7.13 72.25
CA GLU K 108 -26.32 6.99 71.52
C GLU K 108 -26.61 5.54 71.15
N TRP K 109 -25.58 4.75 70.87
CA TRP K 109 -25.78 3.35 70.54
C TRP K 109 -26.26 2.56 71.75
N ASN K 110 -25.58 2.72 72.89
CA ASN K 110 -25.99 1.97 74.08
C ASN K 110 -27.36 2.39 74.56
N ILE K 111 -27.80 3.62 74.23
CA ILE K 111 -29.16 4.02 74.57
C ILE K 111 -30.16 3.44 73.58
N LYS K 112 -29.78 3.35 72.30
CA LYS K 112 -30.74 2.98 71.25
C LYS K 112 -31.06 1.49 71.21
N ASN K 113 -30.14 0.62 71.62
CA ASN K 113 -30.34 -0.82 71.51
C ASN K 113 -31.59 -1.30 72.26
N GLY L 28 5.73 -49.23 35.87
CA GLY L 28 6.64 -48.11 35.95
C GLY L 28 5.98 -46.82 36.38
N VAL L 29 5.13 -46.28 35.51
CA VAL L 29 4.41 -45.04 35.77
C VAL L 29 2.91 -45.32 35.63
N LYS L 30 2.10 -44.57 36.36
CA LYS L 30 0.66 -44.75 36.33
C LYS L 30 0.07 -44.30 34.99
N TYR L 31 -0.99 -44.99 34.57
CA TYR L 31 -1.74 -44.69 33.36
C TYR L 31 -3.18 -45.13 33.58
N THR L 32 -4.11 -44.38 32.98
CA THR L 32 -5.54 -44.62 33.17
C THR L 32 -6.19 -44.86 31.82
N CYS L 33 -7.16 -45.77 31.78
CA CYS L 33 -7.87 -46.09 30.56
C CYS L 33 -8.93 -45.02 30.27
N GLY L 34 -9.46 -45.03 29.06
CA GLY L 34 -10.51 -44.09 28.68
C GLY L 34 -11.93 -44.40 29.09
N ALA L 35 -12.21 -45.64 29.51
CA ALA L 35 -13.51 -46.30 29.53
C ALA L 35 -13.78 -47.03 30.84
N CYS L 36 -12.98 -48.05 31.16
CA CYS L 36 -13.19 -48.87 32.34
C CYS L 36 -12.70 -48.22 33.63
N ALA L 37 -12.16 -47.00 33.56
CA ALA L 37 -11.64 -46.26 34.70
C ALA L 37 -10.66 -47.09 35.54
N HIS L 38 -9.81 -47.87 34.89
CA HIS L 38 -8.93 -48.77 35.62
C HIS L 38 -7.49 -48.28 35.56
N ASN L 39 -6.89 -48.08 36.74
CA ASN L 39 -5.51 -47.64 36.85
C ASN L 39 -4.57 -48.81 36.59
N PHE L 40 -3.43 -48.52 35.97
CA PHE L 40 -2.35 -49.49 35.89
C PHE L 40 -1.05 -48.73 35.74
N SER L 41 0.02 -49.47 35.43
CA SER L 41 1.35 -48.91 35.28
C SER L 41 2.03 -49.50 34.06
N LEU L 42 3.06 -48.79 33.58
CA LEU L 42 3.80 -49.24 32.41
C LEU L 42 5.29 -49.13 32.64
N ASN L 43 6.04 -50.00 31.96
CA ASN L 43 7.51 -49.97 31.94
C ASN L 43 8.00 -49.72 30.51
N LYS L 44 7.13 -49.09 29.72
CA LYS L 44 7.42 -48.65 28.35
C LYS L 44 7.55 -49.81 27.37
N SER L 45 7.39 -51.04 27.84
CA SER L 45 7.56 -52.21 26.98
C SER L 45 6.25 -52.72 26.40
N ASP L 46 5.12 -52.40 27.03
CA ASP L 46 3.84 -52.90 26.56
C ASP L 46 3.35 -52.07 25.37
N PRO L 47 2.32 -52.53 24.65
CA PRO L 47 1.67 -51.67 23.66
C PRO L 47 0.51 -51.08 24.46
N VAL L 48 -0.28 -50.25 23.78
CA VAL L 48 -1.12 -49.16 24.29
C VAL L 48 -2.54 -49.69 24.41
N ARG L 49 -2.87 -50.20 25.61
CA ARG L 49 -4.24 -50.49 25.99
C ARG L 49 -4.26 -50.81 27.47
N CYS L 50 -5.46 -50.82 28.05
CA CYS L 50 -5.63 -51.21 29.44
C CYS L 50 -5.76 -52.74 29.51
N LYS L 51 -5.38 -53.30 30.66
CA LYS L 51 -5.46 -54.74 30.83
C LYS L 51 -6.90 -55.21 31.00
N GLU L 52 -7.83 -54.27 31.16
CA GLU L 52 -9.24 -54.62 31.29
C GLU L 52 -9.93 -54.75 29.94
N CYS L 53 -10.73 -53.75 29.58
CA CYS L 53 -11.49 -53.77 28.34
C CYS L 53 -10.64 -53.61 27.09
N GLY L 54 -9.44 -53.05 27.21
CA GLY L 54 -8.58 -52.84 26.06
C GLY L 54 -8.90 -51.62 25.23
N HIS L 55 -9.50 -50.59 25.82
CA HIS L 55 -9.75 -49.35 25.09
C HIS L 55 -8.42 -48.69 24.75
N ARG L 56 -8.39 -47.97 23.64
CA ARG L 56 -7.13 -47.57 23.02
C ARG L 56 -6.93 -46.06 23.00
N VAL L 57 -7.38 -45.36 24.03
CA VAL L 57 -7.10 -43.93 24.21
C VAL L 57 -6.84 -43.74 25.71
N ILE L 58 -5.57 -43.84 26.11
CA ILE L 58 -5.20 -43.82 27.52
C ILE L 58 -4.68 -42.44 27.89
N TYR L 59 -4.96 -42.03 29.13
CA TYR L 59 -4.54 -40.74 29.66
C TYR L 59 -3.54 -40.95 30.79
N LYS L 60 -2.58 -40.04 30.91
CA LYS L 60 -1.68 -40.07 32.05
C LYS L 60 -2.37 -39.53 33.28
N ALA L 61 -1.90 -39.97 34.45
CA ALA L 61 -2.52 -39.58 35.69
C ALA L 61 -1.88 -38.31 36.24
N ARG L 62 -2.44 -37.83 37.35
CA ARG L 62 -1.92 -36.65 38.02
C ARG L 62 -0.53 -36.93 38.57
N THR L 63 0.24 -35.86 38.79
CA THR L 63 1.58 -35.99 39.34
C THR L 63 1.49 -35.90 40.85
N LYS L 64 2.63 -36.10 41.52
CA LYS L 64 2.66 -36.41 42.95
C LYS L 64 3.34 -35.30 43.76
N ARG L 65 3.49 -34.13 43.18
CA ARG L 65 4.09 -33.01 43.89
C ARG L 65 3.04 -32.28 44.73
N MET L 66 3.32 -31.02 45.04
CA MET L 66 2.36 -30.20 45.76
C MET L 66 2.12 -28.90 45.01
N ILE L 67 0.84 -28.55 44.87
CA ILE L 67 0.40 -27.46 44.01
C ILE L 67 -0.27 -26.40 44.88
N GLN L 68 0.31 -25.21 44.92
CA GLN L 68 -0.26 -24.09 45.65
C GLN L 68 -1.02 -23.17 44.71
N PHE L 69 -1.69 -22.18 45.27
CA PHE L 69 -2.35 -21.12 44.52
C PHE L 69 -2.37 -19.85 45.36
N ASP L 70 -3.03 -18.81 44.86
CA ASP L 70 -3.06 -17.52 45.52
C ASP L 70 -4.43 -17.09 45.99
N ALA L 71 -5.50 -17.73 45.54
CA ALA L 71 -6.87 -17.35 45.89
C ALA L 71 -7.21 -15.93 45.42
N ARG L 72 -6.21 -15.22 44.92
CA ARG L 72 -6.40 -13.88 44.35
C ARG L 72 -6.83 -13.99 42.90
N ASN P 28 -32.16 35.91 -77.15
CA ASN P 28 -33.45 36.43 -76.70
C ASN P 28 -34.33 35.38 -75.99
N LYS P 29 -33.74 34.21 -75.60
CA LYS P 29 -34.45 33.12 -74.92
C LYS P 29 -35.27 33.61 -73.75
N THR P 30 -34.62 34.28 -72.78
CA THR P 30 -35.24 34.84 -71.57
C THR P 30 -36.20 35.97 -71.92
N ARG P 31 -35.82 36.85 -72.88
CA ARG P 31 -36.63 37.97 -73.35
C ARG P 31 -38.09 37.56 -73.68
N ASN P 32 -38.30 36.30 -74.04
CA ASN P 32 -39.63 35.76 -74.37
C ASN P 32 -40.16 34.87 -73.25
N GLY P 33 -39.27 34.09 -72.62
CA GLY P 33 -39.61 33.17 -71.54
C GLY P 33 -39.95 33.86 -70.22
N SER P 34 -39.18 34.91 -69.82
CA SER P 34 -39.42 35.68 -68.58
C SER P 34 -40.83 36.27 -68.68
N ILE P 35 -41.18 36.79 -69.88
CA ILE P 35 -42.49 37.34 -70.17
C ILE P 35 -43.57 36.29 -70.02
N SER P 36 -43.50 35.21 -70.85
CA SER P 36 -44.46 34.09 -70.86
C SER P 36 -44.78 33.59 -69.47
N ALA P 37 -43.74 33.25 -68.68
CA ALA P 37 -43.86 32.78 -67.30
C ALA P 37 -44.50 33.83 -66.40
N ILE P 38 -44.08 35.12 -66.55
CA ILE P 38 -44.63 36.23 -65.77
C ILE P 38 -46.08 36.44 -66.10
N TYR P 39 -46.42 36.49 -67.41
CA TYR P 39 -47.79 36.67 -67.91
C TYR P 39 -48.73 35.65 -67.30
N THR P 40 -48.39 34.35 -67.50
CA THR P 40 -49.15 33.20 -67.04
C THR P 40 -49.29 33.16 -65.51
N ALA P 41 -48.18 33.08 -64.75
CA ALA P 41 -48.22 33.06 -63.27
C ALA P 41 -48.76 34.35 -62.59
N LEU P 42 -49.10 35.37 -63.41
CA LEU P 42 -49.71 36.65 -63.00
C LEU P 42 -51.16 36.76 -63.53
N ALA P 43 -51.59 35.76 -64.32
CA ALA P 43 -52.95 35.62 -64.83
C ALA P 43 -53.55 34.39 -64.17
N MET P 44 -52.71 33.40 -63.77
CA MET P 44 -53.12 32.16 -63.07
C MET P 44 -53.75 32.48 -61.71
N ASP P 45 -53.49 33.68 -61.20
CA ASP P 45 -54.09 34.10 -59.94
C ASP P 45 -55.47 34.68 -60.22
N PRO P 50 -57.44 42.29 -68.97
CA PRO P 50 -58.31 42.90 -69.98
C PRO P 50 -57.54 43.86 -70.89
N SER P 51 -56.91 44.86 -70.31
CA SER P 51 -56.15 45.84 -71.07
C SER P 51 -54.77 46.06 -70.47
N LYS P 52 -54.68 45.84 -69.15
CA LYS P 52 -53.46 46.01 -68.39
C LYS P 52 -52.28 45.29 -69.01
N ILE P 53 -52.51 44.55 -70.06
CA ILE P 53 -51.45 43.82 -70.75
C ILE P 53 -50.15 44.59 -70.91
N PHE P 54 -50.27 45.89 -71.20
CA PHE P 54 -49.11 46.75 -71.37
C PHE P 54 -48.52 47.16 -70.02
N GLU P 55 -49.33 47.13 -68.96
CA GLU P 55 -48.80 47.52 -67.64
C GLU P 55 -48.08 46.34 -67.05
N LEU P 56 -48.58 45.11 -67.32
CA LEU P 56 -47.95 43.86 -66.90
C LEU P 56 -46.62 43.69 -67.66
N VAL P 57 -46.67 43.84 -69.02
CA VAL P 57 -45.52 43.75 -69.92
C VAL P 57 -44.48 44.82 -69.57
N LYS P 58 -44.90 46.08 -69.31
CA LYS P 58 -44.01 47.18 -68.91
C LYS P 58 -43.28 46.88 -67.62
N ASP P 59 -43.97 46.24 -66.66
CA ASP P 59 -43.41 45.87 -65.36
C ASP P 59 -42.36 44.77 -65.44
N ILE P 60 -42.66 43.64 -66.13
CA ILE P 60 -41.69 42.54 -66.28
C ILE P 60 -40.52 42.94 -67.18
N GLU P 61 -40.79 43.75 -68.24
CA GLU P 61 -39.76 44.24 -69.17
C GLU P 61 -38.77 45.12 -68.43
N LYS P 62 -39.26 45.92 -67.47
CA LYS P 62 -38.43 46.74 -66.59
C LYS P 62 -37.71 45.84 -65.57
N GLN P 63 -38.36 44.74 -65.15
CA GLN P 63 -37.84 43.75 -64.18
C GLN P 63 -36.80 42.81 -64.82
N CYS P 64 -36.97 42.51 -66.12
CA CYS P 64 -36.06 41.68 -66.92
C CYS P 64 -34.76 42.45 -67.08
N PHE P 65 -34.83 43.73 -67.53
CA PHE P 65 -33.62 44.54 -67.64
C PHE P 65 -33.12 44.95 -66.27
N LYS P 66 -33.99 44.86 -65.22
CA LYS P 66 -33.62 45.17 -63.83
C LYS P 66 -32.62 44.13 -63.35
N ALA P 67 -32.91 42.83 -63.61
CA ALA P 67 -31.98 41.76 -63.26
C ALA P 67 -30.66 41.83 -64.06
N VAL P 68 -30.63 42.63 -65.16
CA VAL P 68 -29.43 42.90 -65.97
C VAL P 68 -28.34 43.61 -65.13
N ASN P 69 -28.75 44.17 -63.97
CA ASN P 69 -27.87 44.80 -62.99
C ASN P 69 -27.00 43.70 -62.38
N ASP P 74 -24.78 33.83 -64.42
CA ASP P 74 -25.89 32.89 -64.23
C ASP P 74 -26.60 33.16 -62.89
N THR P 75 -25.97 33.95 -61.99
CA THR P 75 -26.49 34.35 -60.68
C THR P 75 -27.79 35.18 -60.79
N TYR P 76 -28.01 35.79 -61.97
CA TYR P 76 -29.20 36.58 -62.31
C TYR P 76 -30.41 35.65 -62.43
N ARG P 77 -30.22 34.46 -63.04
CA ARG P 77 -31.24 33.44 -63.22
C ARG P 77 -31.84 33.04 -61.86
N ASN P 78 -30.99 32.92 -60.83
CA ASN P 78 -31.36 32.57 -59.45
C ASN P 78 -32.33 33.59 -58.84
N LYS P 79 -32.22 34.86 -59.28
CA LYS P 79 -33.08 35.95 -58.83
C LYS P 79 -34.51 35.75 -59.32
N LEU P 80 -34.68 35.25 -60.57
CA LEU P 80 -35.97 34.97 -61.21
C LEU P 80 -36.80 33.99 -60.41
N ARG P 81 -36.18 32.84 -60.06
CA ARG P 81 -36.78 31.74 -59.31
C ARG P 81 -37.41 32.24 -58.02
N SER P 82 -36.85 33.32 -57.43
CA SER P 82 -37.35 33.97 -56.21
C SER P 82 -38.69 34.66 -56.53
N LEU P 83 -38.70 35.50 -57.59
CA LEU P 83 -39.89 36.24 -58.02
C LEU P 83 -41.01 35.28 -58.42
N ILE P 84 -40.73 34.35 -59.35
CA ILE P 84 -41.69 33.38 -59.84
C ILE P 84 -42.34 32.55 -58.73
N MET P 85 -41.51 31.92 -57.86
CA MET P 85 -41.93 31.04 -56.76
C MET P 85 -42.89 31.65 -55.76
N ASN P 86 -42.57 32.86 -55.27
CA ASN P 86 -43.42 33.52 -54.27
C ASN P 86 -44.78 33.93 -54.82
N LEU P 87 -44.90 34.00 -56.16
CA LEU P 87 -46.12 34.37 -56.87
C LEU P 87 -47.07 33.16 -57.01
N LYS P 88 -46.54 32.05 -57.52
CA LYS P 88 -47.31 30.84 -57.74
C LYS P 88 -47.22 29.91 -56.54
N ASN P 89 -47.08 30.49 -55.35
CA ASN P 89 -47.01 29.71 -54.12
C ASN P 89 -48.45 29.94 -53.68
N LYS P 90 -49.34 29.92 -54.67
CA LYS P 90 -50.77 30.15 -54.45
C LYS P 90 -50.98 30.39 -52.96
N ASN P 91 -51.86 29.60 -52.36
CA ASN P 91 -52.15 29.72 -50.94
C ASN P 91 -52.33 31.16 -50.54
N ASN P 92 -51.47 32.03 -51.06
CA ASN P 92 -51.56 33.45 -50.77
C ASN P 92 -52.02 34.21 -52.00
N PRO P 93 -53.31 34.52 -52.03
CA PRO P 93 -53.88 35.25 -53.16
C PRO P 93 -53.43 36.71 -53.10
N THR P 94 -53.29 37.22 -51.89
CA THR P 94 -52.86 38.59 -51.65
C THR P 94 -51.73 39.03 -52.57
N LEU P 95 -50.68 38.22 -52.62
CA LEU P 95 -49.53 38.53 -53.47
C LEU P 95 -49.94 38.72 -54.93
N ARG P 96 -50.46 37.70 -55.60
CA ARG P 96 -50.82 37.99 -56.99
C ARG P 96 -52.08 38.85 -57.06
N ARG P 97 -52.92 38.75 -56.03
CA ARG P 97 -54.17 39.51 -55.97
C ARG P 97 -53.91 40.94 -55.51
N SER P 98 -52.86 41.12 -54.71
CA SER P 98 -52.50 42.44 -54.21
C SER P 98 -51.31 43.02 -54.94
N ILE P 99 -51.11 42.57 -56.18
CA ILE P 99 -50.00 43.04 -57.01
C ILE P 99 -50.46 43.94 -58.15
N LEU P 100 -51.77 43.92 -58.41
CA LEU P 100 -52.34 44.74 -59.49
C LEU P 100 -53.03 45.98 -58.92
N ASP P 101 -53.48 45.88 -57.68
CA ASP P 101 -54.15 47.00 -57.02
C ASP P 101 -53.25 48.23 -56.94
N HIS P 102 -52.19 48.11 -56.14
CA HIS P 102 -51.24 49.21 -55.97
C HIS P 102 -49.81 48.68 -55.83
N GLU P 103 -49.39 48.48 -54.59
CA GLU P 103 -48.06 47.98 -54.18
C GLU P 103 -47.00 49.06 -54.51
N ILE P 104 -45.73 48.65 -54.43
CA ILE P 104 -44.62 49.55 -54.72
C ILE P 104 -43.85 48.46 -55.49
N ILE P 105 -43.27 48.83 -56.63
CA ILE P 105 -42.67 47.85 -57.53
C ILE P 105 -41.15 47.65 -57.39
N PRO P 106 -40.35 48.74 -57.42
CA PRO P 106 -38.90 48.51 -57.35
C PRO P 106 -38.41 48.00 -55.99
N SER P 107 -39.33 47.79 -55.05
CA SER P 107 -38.98 47.24 -53.74
C SER P 107 -38.62 45.77 -53.84
N LYS P 108 -39.42 45.02 -54.62
CA LYS P 108 -39.15 43.60 -54.84
C LYS P 108 -37.97 43.40 -55.78
N LEU P 109 -36.79 43.80 -55.32
CA LEU P 109 -35.58 43.71 -56.11
C LEU P 109 -34.39 43.73 -55.16
N VAL P 110 -34.19 44.86 -54.48
CA VAL P 110 -33.27 44.92 -53.36
C VAL P 110 -34.11 44.75 -52.10
N THR P 111 -34.96 43.72 -52.12
CA THR P 111 -35.91 43.48 -51.05
C THR P 111 -35.22 43.14 -49.74
N MET P 112 -34.47 42.05 -49.76
CA MET P 112 -33.82 41.51 -48.55
C MET P 112 -34.86 41.25 -47.47
N SER P 113 -36.09 40.95 -47.90
CA SER P 113 -37.19 40.69 -47.00
C SER P 113 -37.84 39.36 -47.34
N ALA P 114 -37.01 38.37 -47.67
CA ALA P 114 -37.49 37.04 -48.01
C ALA P 114 -38.29 36.43 -46.86
N GLN P 115 -37.98 36.86 -45.64
CA GLN P 115 -38.73 36.45 -44.48
C GLN P 115 -40.08 37.17 -44.44
N GLU P 116 -40.11 38.37 -45.01
CA GLU P 116 -41.30 39.22 -44.93
C GLU P 116 -42.27 38.99 -46.08
N LEU P 117 -41.74 38.81 -47.30
CA LEU P 117 -42.59 38.65 -48.47
C LEU P 117 -43.41 37.36 -48.45
N ALA P 118 -44.52 37.40 -47.73
CA ALA P 118 -45.49 36.29 -47.67
C ALA P 118 -44.98 35.01 -47.02
N PRO P 119 -45.85 34.33 -46.26
CA PRO P 119 -47.20 34.78 -45.92
C PRO P 119 -47.19 34.92 -44.40
N ASP P 120 -48.29 35.39 -43.84
CA ASP P 120 -48.40 35.57 -42.39
C ASP P 120 -48.15 34.47 -41.37
N SER P 121 -48.68 33.28 -41.64
CA SER P 121 -48.51 32.14 -40.75
C SER P 121 -47.03 31.75 -40.64
N LEU P 122 -46.35 31.79 -41.78
CA LEU P 122 -44.93 31.44 -41.82
C LEU P 122 -44.12 32.40 -40.95
N LYS P 123 -44.44 33.68 -41.03
CA LYS P 123 -43.75 34.70 -40.25
C LYS P 123 -43.89 34.40 -38.77
N LYS P 124 -45.06 33.91 -38.36
CA LYS P 124 -45.32 33.57 -36.97
C LYS P 124 -44.46 32.39 -36.55
N GLU P 125 -44.21 31.48 -37.48
CA GLU P 125 -43.38 30.31 -37.21
C GLU P 125 -41.90 30.70 -37.08
N MET P 126 -41.42 31.50 -38.03
CA MET P 126 -40.02 31.93 -38.01
C MET P 126 -39.73 32.80 -36.79
N GLU P 127 -40.78 33.34 -36.19
CA GLU P 127 -40.66 34.07 -34.94
C GLU P 127 -40.79 33.11 -33.77
N GLU P 128 -41.46 31.99 -34.01
CA GLU P 128 -41.62 30.95 -33.00
C GLU P 128 -40.39 30.05 -32.95
N ILE P 129 -39.90 29.66 -34.13
CA ILE P 129 -38.72 28.80 -34.23
C ILE P 129 -37.49 29.52 -33.67
N TYR P 130 -37.40 30.82 -33.90
CA TYR P 130 -36.27 31.61 -33.45
C TYR P 130 -36.08 31.55 -31.93
N LYS P 131 -37.18 31.69 -31.20
CA LYS P 131 -37.15 31.64 -29.74
C LYS P 131 -36.69 30.26 -29.26
N LYS P 132 -37.08 29.23 -30.02
CA LYS P 132 -36.68 27.86 -29.71
C LYS P 132 -35.19 27.67 -29.94
N ASN P 133 -34.66 28.30 -30.98
CA ASN P 133 -33.24 28.22 -31.29
C ASN P 133 -32.38 29.05 -30.35
N LEU P 134 -32.93 30.16 -29.86
CA LEU P 134 -32.21 31.01 -28.93
C LEU P 134 -32.16 30.38 -27.54
N PHE P 135 -33.10 29.47 -27.28
CA PHE P 135 -33.18 28.81 -25.98
C PHE P 135 -32.26 27.59 -25.92
N ASP P 136 -32.17 26.86 -27.02
CA ASP P 136 -31.36 25.64 -27.07
C ASP P 136 -29.87 25.94 -27.26
N ALA P 137 -29.55 27.22 -27.44
CA ALA P 137 -28.17 27.63 -27.64
C ALA P 137 -27.50 27.99 -26.32
N GLN P 138 -28.30 28.05 -25.26
CA GLN P 138 -27.78 28.39 -23.93
C GLN P 138 -27.33 27.13 -23.19
N GLY P 139 -27.21 27.24 -21.88
CA GLY P 139 -26.79 26.12 -21.06
C GLY P 139 -27.54 26.05 -19.75
N ALA P 140 -27.28 25.00 -18.98
CA ALA P 140 -27.93 24.81 -17.68
C ALA P 140 -27.20 25.58 -16.59
N THR P 141 -27.76 25.53 -15.38
CA THR P 141 -27.16 26.23 -14.24
C THR P 141 -27.02 25.28 -13.06
N GLU P 142 -27.27 25.79 -11.86
CA GLU P 142 -27.16 24.99 -10.65
C GLU P 142 -28.34 25.25 -9.71
N ASN P 143 -28.79 24.21 -9.03
CA ASN P 143 -29.87 24.35 -8.06
C ASN P 143 -29.33 24.47 -6.64
N ASN P 144 -29.32 23.35 -5.92
CA ASN P 144 -28.77 23.26 -4.57
C ASN P 144 -29.52 24.07 -3.50
N SER P 145 -29.53 23.54 -2.28
CA SER P 145 -30.15 24.21 -1.15
C SER P 145 -29.14 25.07 -0.41
N VAL P 146 -29.59 26.21 0.10
CA VAL P 146 -28.70 27.10 0.85
C VAL P 146 -29.13 27.22 2.31
N THR P 147 -28.15 27.26 3.20
CA THR P 147 -28.42 27.39 4.63
C THR P 147 -27.50 28.44 5.26
N ASP P 148 -27.92 28.98 6.39
CA ASP P 148 -27.16 30.02 7.08
C ASP P 148 -26.40 29.44 8.28
N ARG P 149 -26.12 28.14 8.23
CA ARG P 149 -25.43 27.47 9.33
C ARG P 149 -23.92 27.47 9.15
N PHE P 150 -23.46 28.03 8.03
CA PHE P 150 -22.02 28.17 7.79
C PHE P 150 -21.68 29.60 7.37
N GLU P 151 -20.39 29.92 7.43
CA GLU P 151 -19.91 31.23 7.01
C GLU P 151 -18.71 31.08 6.09
N CYS P 152 -18.63 31.95 5.08
CA CYS P 152 -17.51 31.92 4.14
C CYS P 152 -16.30 32.62 4.74
N GLY P 153 -15.10 32.16 4.37
CA GLY P 153 -13.88 32.73 4.86
C GLY P 153 -13.44 33.95 4.09
N LYS P 154 -14.06 34.16 2.93
CA LYS P 154 -13.71 35.27 2.06
C LYS P 154 -14.63 36.48 2.24
N CYS P 155 -15.90 36.33 1.85
CA CYS P 155 -16.85 37.44 1.91
C CYS P 155 -17.71 37.41 3.17
N LYS P 156 -17.62 36.31 3.92
CA LYS P 156 -18.35 36.14 5.16
C LYS P 156 -19.87 36.27 4.98
N GLN P 157 -20.40 35.53 4.01
CA GLN P 157 -21.84 35.50 3.75
C GLN P 157 -22.39 34.14 4.17
N ARG P 158 -23.63 34.12 4.65
CA ARG P 158 -24.24 32.88 5.12
C ARG P 158 -25.13 32.20 4.09
N LYS P 159 -24.66 32.15 2.85
CA LYS P 159 -25.35 31.42 1.78
C LYS P 159 -24.44 30.33 1.24
N VAL P 160 -24.73 29.08 1.60
CA VAL P 160 -23.83 27.98 1.29
C VAL P 160 -24.57 26.64 1.10
N SER P 161 -24.24 25.96 0.00
CA SER P 161 -24.76 24.62 -0.25
C SER P 161 -23.70 23.59 0.15
N TYR P 162 -24.13 22.35 0.34
CA TYR P 162 -23.19 21.29 0.74
C TYR P 162 -23.62 19.90 0.29
N PHE P 163 -22.66 18.98 0.30
CA PHE P 163 -22.92 17.57 0.07
C PHE P 163 -21.86 16.75 0.82
N GLN P 164 -22.09 15.46 0.97
CA GLN P 164 -21.18 14.62 1.73
C GLN P 164 -20.77 13.34 1.00
N LYS P 165 -19.49 13.01 1.11
CA LYS P 165 -18.97 11.76 0.59
C LYS P 165 -18.13 11.08 1.66
N GLN P 166 -17.71 9.85 1.40
CA GLN P 166 -16.82 9.14 2.31
C GLN P 166 -15.40 9.16 1.75
N THR P 167 -14.65 10.20 2.08
CA THR P 167 -13.28 10.37 1.60
C THR P 167 -12.33 9.50 2.40
N ARG P 168 -12.53 9.45 3.72
CA ARG P 168 -11.64 8.70 4.60
C ARG P 168 -12.10 7.26 4.77
N SER P 169 -11.54 6.57 5.75
CA SER P 169 -11.81 5.15 5.98
C SER P 169 -13.20 4.91 6.56
N ALA P 170 -13.45 3.68 6.98
CA ALA P 170 -14.76 3.30 7.53
C ALA P 170 -14.86 3.64 9.02
N ALA P 171 -13.74 3.97 9.63
CA ALA P 171 -13.72 4.36 11.04
C ALA P 171 -13.87 5.87 11.20
N ALA P 172 -13.35 6.62 10.24
CA ALA P 172 -13.40 8.08 10.29
C ALA P 172 -14.72 8.63 9.74
N PRO P 173 -15.21 9.73 10.32
CA PRO P 173 -16.49 10.34 9.93
C PRO P 173 -16.50 10.84 8.50
N LEU P 174 -17.68 11.24 8.02
CA LEU P 174 -17.85 11.71 6.64
C LEU P 174 -17.13 13.02 6.37
N THR P 175 -16.94 13.33 5.09
CA THR P 175 -16.32 14.58 4.68
C THR P 175 -17.34 15.47 3.99
N THR P 176 -17.60 16.64 4.56
CA THR P 176 -18.56 17.57 4.01
C THR P 176 -17.89 18.58 3.10
N PHE P 177 -18.46 18.79 1.92
CA PHE P 177 -17.94 19.77 0.97
C PHE P 177 -18.88 20.96 0.87
N CYS P 178 -18.39 22.14 1.27
CA CYS P 178 -19.21 23.34 1.25
C CYS P 178 -18.85 24.26 0.09
N LYS P 179 -19.82 25.04 -0.36
CA LYS P 179 -19.62 25.98 -1.46
C LYS P 179 -20.41 27.27 -1.23
N CYS P 180 -19.72 28.40 -1.33
CA CYS P 180 -20.36 29.70 -1.16
C CYS P 180 -21.14 30.09 -2.42
N GLU P 181 -22.43 30.41 -2.24
CA GLU P 181 -23.28 30.80 -3.36
C GLU P 181 -23.29 32.31 -3.54
N ASN P 182 -22.10 32.92 -3.47
CA ASN P 182 -21.97 34.36 -3.62
C ASN P 182 -20.66 34.72 -4.33
N CYS P 183 -19.54 34.32 -3.75
CA CYS P 183 -18.23 34.60 -4.34
C CYS P 183 -17.70 33.38 -5.09
N GLY P 184 -18.12 32.19 -4.66
CA GLY P 184 -17.74 30.96 -5.33
C GLY P 184 -16.71 30.14 -4.57
N ASN P 185 -16.41 30.56 -3.35
CA ASN P 185 -15.42 29.86 -2.52
C ASN P 185 -15.89 28.46 -2.13
N ARG P 186 -14.95 27.55 -1.94
CA ARG P 186 -15.26 26.17 -1.59
C ARG P 186 -14.31 25.65 -0.50
N TRP P 187 -14.84 24.86 0.42
CA TRP P 187 -14.02 24.25 1.46
C TRP P 187 -14.55 22.89 1.91
N LYS P 188 -13.75 22.16 2.68
CA LYS P 188 -14.13 20.82 3.13
C LYS P 188 -14.07 20.67 4.65
N PHE P 189 -14.79 19.67 5.16
CA PHE P 189 -14.87 19.45 6.61
C PHE P 189 -14.12 18.20 7.05
N SER P 190 -13.56 18.26 8.25
CA SER P 190 -12.84 17.13 8.82
C SER P 190 -13.80 16.10 9.39
N GLU Q 3 10.06 -61.98 -25.58
CA GLU Q 3 10.38 -61.88 -27.01
C GLU Q 3 11.85 -62.12 -27.32
N ARG Q 4 12.13 -62.94 -28.33
CA ARG Q 4 13.50 -63.12 -28.78
C ARG Q 4 13.62 -62.83 -30.27
N ALA Q 5 14.84 -62.59 -30.73
CA ALA Q 5 15.09 -62.28 -32.13
C ALA Q 5 15.91 -63.39 -32.74
N CYS Q 6 15.50 -63.88 -33.90
CA CYS Q 6 16.26 -64.92 -34.60
C CYS Q 6 17.58 -64.37 -35.09
N MET Q 7 18.65 -65.06 -34.79
CA MET Q 7 19.92 -64.56 -35.25
C MET Q 7 20.06 -64.71 -36.76
N LEU Q 8 19.40 -65.58 -37.39
CA LEU Q 8 19.60 -65.79 -38.82
C LEU Q 8 18.81 -64.78 -39.65
N CYS Q 9 17.54 -64.56 -39.31
CA CYS Q 9 16.67 -63.71 -40.11
C CYS Q 9 16.24 -62.43 -39.42
N GLY Q 10 16.44 -62.36 -38.11
CA GLY Q 10 16.19 -61.11 -37.41
C GLY Q 10 14.76 -60.95 -36.93
N ILE Q 11 13.91 -61.94 -37.20
CA ILE Q 11 12.51 -61.80 -36.80
C ILE Q 11 12.34 -61.84 -35.30
N VAL Q 12 11.39 -61.05 -34.82
CA VAL Q 12 11.10 -60.94 -33.39
C VAL Q 12 9.78 -61.62 -33.05
N LEU Q 13 9.85 -62.60 -32.16
CA LEU Q 13 8.69 -63.40 -31.78
C LEU Q 13 8.78 -63.73 -30.30
N PRO Q 14 7.63 -63.98 -29.64
CA PRO Q 14 7.70 -64.56 -28.30
C PRO Q 14 8.54 -65.83 -28.32
N GLY Q 15 9.42 -66.00 -27.34
CA GLY Q 15 10.34 -67.12 -27.29
C GLY Q 15 9.69 -68.48 -27.44
N ARG Q 16 8.52 -68.65 -26.83
CA ARG Q 16 7.85 -69.93 -26.88
C ARG Q 16 7.47 -70.29 -28.31
N VAL Q 17 7.32 -69.28 -29.16
CA VAL Q 17 6.98 -69.49 -30.55
C VAL Q 17 8.13 -70.23 -31.24
N PHE Q 18 9.35 -69.84 -30.88
CA PHE Q 18 10.54 -70.47 -31.42
C PHE Q 18 10.57 -71.93 -31.01
N MET Q 19 9.96 -72.22 -29.86
CA MET Q 19 9.90 -73.59 -29.35
C MET Q 19 8.72 -74.35 -29.98
N GLN Q 20 7.57 -73.68 -30.09
CA GLN Q 20 6.35 -74.28 -30.63
C GLN Q 20 6.40 -74.53 -32.14
N ASN Q 21 6.73 -73.49 -32.91
CA ASN Q 21 6.63 -73.54 -34.36
C ASN Q 21 7.97 -73.40 -35.09
N GLY Q 22 9.03 -73.06 -34.36
CA GLY Q 22 10.32 -72.80 -34.98
C GLY Q 22 10.36 -71.40 -35.53
N CYS Q 23 11.45 -71.01 -36.19
CA CYS Q 23 11.44 -69.71 -36.85
C CYS Q 23 10.66 -69.77 -38.16
N PRO Q 24 9.55 -68.92 -38.49
CA PRO Q 24 8.78 -69.03 -39.73
C PRO Q 24 9.59 -68.77 -40.99
N ASN Q 25 10.74 -68.13 -40.86
CA ASN Q 25 11.62 -67.92 -42.00
C ASN Q 25 12.70 -68.98 -42.17
N CYS Q 26 13.17 -69.54 -41.05
CA CYS Q 26 14.42 -70.27 -41.02
C CYS Q 26 14.33 -71.75 -40.65
N ASP Q 27 13.15 -72.23 -40.25
CA ASP Q 27 13.15 -73.48 -39.51
C ASP Q 27 13.45 -74.68 -40.41
N SER Q 28 13.40 -74.48 -41.73
CA SER Q 28 13.78 -75.54 -42.66
C SER Q 28 15.25 -75.94 -42.47
N VAL Q 29 16.06 -75.02 -41.98
CA VAL Q 29 17.48 -75.31 -41.77
C VAL Q 29 17.85 -75.28 -40.28
N LEU Q 30 17.13 -74.47 -39.50
CA LEU Q 30 17.48 -74.29 -38.10
C LEU Q 30 16.83 -75.35 -37.20
N ASN Q 31 15.67 -75.85 -37.61
CA ASN Q 31 14.96 -76.90 -36.90
C ASN Q 31 14.72 -76.56 -35.42
N LEU Q 32 14.33 -75.32 -35.11
CA LEU Q 32 14.16 -75.00 -33.70
C LEU Q 32 12.92 -75.64 -33.12
N ARG Q 33 11.98 -75.97 -34.00
CA ARG Q 33 10.71 -76.53 -33.56
C ARG Q 33 11.02 -77.81 -32.80
N ASP Q 34 11.94 -78.59 -33.34
CA ASP Q 34 12.28 -79.89 -32.76
C ASP Q 34 13.55 -79.85 -31.90
N SER Q 35 13.76 -78.75 -31.20
CA SER Q 35 14.99 -78.60 -30.43
C SER Q 35 14.69 -78.61 -28.93
N ASP Q 36 15.73 -78.40 -28.14
CA ASP Q 36 15.57 -78.13 -26.71
C ASP Q 36 15.73 -76.62 -26.48
N GLN Q 37 15.48 -76.15 -25.26
CA GLN Q 37 15.60 -74.73 -24.98
C GLN Q 37 17.03 -74.23 -25.15
N ALA Q 38 18.01 -75.08 -24.87
CA ALA Q 38 19.40 -74.68 -25.04
C ALA Q 38 19.66 -74.34 -26.51
N THR Q 39 19.14 -75.14 -27.43
CA THR Q 39 19.31 -74.86 -28.85
C THR Q 39 18.62 -73.56 -29.29
N VAL Q 40 17.37 -73.39 -28.88
CA VAL Q 40 16.60 -72.18 -29.21
C VAL Q 40 17.34 -70.93 -28.74
N ASN Q 41 17.93 -71.01 -27.55
CA ASN Q 41 18.61 -69.87 -26.95
C ASN Q 41 19.98 -69.63 -27.56
N GLU Q 42 20.47 -70.60 -28.34
CA GLU Q 42 21.74 -70.39 -29.02
C GLU Q 42 21.52 -69.79 -30.39
N CYS Q 43 20.29 -69.90 -30.90
CA CYS Q 43 19.96 -69.37 -32.24
C CYS Q 43 19.08 -68.12 -32.22
N THR Q 44 18.56 -67.79 -31.05
CA THR Q 44 17.72 -66.61 -30.88
C THR Q 44 18.22 -65.83 -29.69
N SER Q 45 18.04 -64.52 -29.70
CA SER Q 45 18.58 -63.67 -28.64
C SER Q 45 17.51 -62.89 -27.92
N SER Q 46 17.63 -62.81 -26.60
CA SER Q 46 16.73 -62.00 -25.79
C SER Q 46 17.13 -60.52 -25.88
N SER Q 47 18.29 -60.27 -26.47
CA SER Q 47 18.86 -58.93 -26.58
C SER Q 47 18.94 -58.40 -28.01
N PHE Q 48 18.12 -57.39 -28.29
CA PHE Q 48 18.08 -56.84 -29.63
C PHE Q 48 17.59 -55.41 -29.57
N GLU Q 49 17.87 -54.66 -30.63
CA GLU Q 49 17.52 -53.25 -30.68
C GLU Q 49 17.07 -52.82 -32.07
N GLY Q 50 16.15 -51.87 -32.10
CA GLY Q 50 15.67 -51.29 -33.34
C GLY Q 50 14.54 -52.13 -33.88
N LEU Q 51 13.36 -51.90 -33.33
CA LEU Q 51 12.19 -52.65 -33.71
C LEU Q 51 11.63 -52.14 -35.05
N VAL Q 52 11.43 -53.05 -36.00
CA VAL Q 52 11.01 -52.73 -37.35
C VAL Q 52 9.74 -53.49 -37.70
N ALA Q 53 8.67 -52.75 -38.00
CA ALA Q 53 7.48 -53.38 -38.55
C ALA Q 53 7.70 -53.48 -40.04
N VAL Q 54 7.80 -54.70 -40.56
CA VAL Q 54 7.89 -54.86 -42.02
C VAL Q 54 6.56 -55.37 -42.52
N GLY Q 55 5.86 -54.55 -43.28
CA GLY Q 55 4.54 -54.89 -43.76
C GLY Q 55 4.57 -55.42 -45.17
N ASP Q 56 5.55 -54.98 -45.94
CA ASP Q 56 5.65 -55.29 -47.35
C ASP Q 56 7.09 -55.63 -47.72
N ASN Q 57 7.54 -56.82 -47.36
CA ASN Q 57 8.94 -57.19 -47.50
C ASN Q 57 9.52 -57.00 -48.88
N GLU Q 58 8.73 -57.26 -49.79
CA GLU Q 58 9.36 -57.40 -51.10
C GLU Q 58 9.51 -56.05 -51.80
N HIS Q 59 8.81 -55.02 -51.33
CA HIS Q 59 8.92 -53.67 -51.92
C HIS Q 59 9.45 -52.58 -50.99
N SER Q 60 9.69 -52.95 -49.74
CA SER Q 60 10.28 -52.05 -48.78
C SER Q 60 11.78 -51.87 -48.99
N TRP Q 61 12.24 -50.63 -49.07
CA TRP Q 61 13.68 -50.40 -49.11
C TRP Q 61 14.27 -50.74 -47.75
N VAL Q 62 13.57 -50.40 -46.69
CA VAL Q 62 14.04 -50.71 -45.34
C VAL Q 62 14.31 -52.22 -45.25
N ALA Q 63 13.36 -53.01 -45.73
CA ALA Q 63 13.52 -54.46 -45.71
C ALA Q 63 14.72 -54.91 -46.56
N LYS Q 64 14.92 -54.28 -47.72
CA LYS Q 64 16.05 -54.70 -48.55
C LYS Q 64 17.39 -54.41 -47.86
N TRP Q 65 17.48 -53.24 -47.22
CA TRP Q 65 18.70 -52.87 -46.52
C TRP Q 65 19.02 -53.85 -45.39
N LEU Q 66 17.98 -54.29 -44.68
CA LEU Q 66 18.14 -55.19 -43.56
C LEU Q 66 18.23 -56.66 -44.00
N ARG Q 67 18.11 -56.87 -45.32
CA ARG Q 67 18.17 -58.19 -45.95
C ARG Q 67 17.07 -59.09 -45.37
N VAL Q 68 15.87 -58.53 -45.26
CA VAL Q 68 14.70 -59.29 -44.88
C VAL Q 68 13.61 -59.19 -45.98
N ASP Q 69 14.02 -58.80 -47.17
CA ASP Q 69 13.08 -58.61 -48.26
C ASP Q 69 12.48 -59.91 -48.80
N ARG Q 70 13.10 -61.05 -48.51
CA ARG Q 70 12.55 -62.32 -48.97
C ARG Q 70 11.80 -63.04 -47.88
N PHE Q 71 11.65 -62.38 -46.73
CA PHE Q 71 11.02 -63.02 -45.58
C PHE Q 71 9.54 -62.60 -45.44
N GLN Q 72 8.92 -63.03 -44.36
CA GLN Q 72 7.50 -62.80 -44.15
C GLN Q 72 7.26 -61.49 -43.40
N PRO Q 73 6.10 -60.86 -43.64
CA PRO Q 73 5.76 -59.65 -42.88
C PRO Q 73 5.75 -59.93 -41.38
N GLY Q 74 6.19 -58.95 -40.60
CA GLY Q 74 6.35 -59.18 -39.19
C GLY Q 74 7.23 -58.14 -38.53
N LEU Q 75 7.58 -58.41 -37.27
CA LEU Q 75 8.48 -57.55 -36.51
C LEU Q 75 9.89 -58.07 -36.65
N TYR Q 76 10.83 -57.18 -36.95
CA TYR Q 76 12.22 -57.55 -37.09
C TYR Q 76 13.08 -56.61 -36.26
N ALA Q 77 14.32 -57.00 -36.05
CA ALA Q 77 15.25 -56.20 -35.26
C ALA Q 77 16.38 -55.69 -36.14
N VAL Q 78 16.75 -54.43 -35.97
CA VAL Q 78 17.89 -53.90 -36.71
C VAL Q 78 19.19 -54.56 -36.24
N ARG Q 79 19.36 -54.67 -34.94
CA ARG Q 79 20.54 -55.27 -34.35
C ARG Q 79 20.17 -56.42 -33.43
N VAL Q 80 20.77 -57.57 -33.66
CA VAL Q 80 20.59 -58.74 -32.81
C VAL Q 80 21.92 -59.09 -32.17
N ASP Q 81 21.98 -59.11 -30.85
CA ASP Q 81 23.25 -59.38 -30.16
C ASP Q 81 23.56 -60.86 -30.02
N GLY Q 82 24.84 -61.19 -30.16
CA GLY Q 82 25.27 -62.58 -30.06
C GLY Q 82 25.55 -63.04 -31.47
N ARG Q 83 26.17 -64.20 -31.59
CA ARG Q 83 26.32 -64.81 -32.90
C ARG Q 83 25.96 -66.27 -32.80
N LEU Q 84 25.51 -66.83 -33.91
CA LEU Q 84 25.25 -68.26 -34.01
C LEU Q 84 26.49 -69.04 -33.57
N PRO Q 85 26.30 -70.13 -32.83
CA PRO Q 85 27.42 -70.99 -32.42
C PRO Q 85 28.15 -71.56 -33.63
N SER Q 86 29.46 -71.73 -33.53
CA SER Q 86 30.24 -72.14 -34.71
C SER Q 86 29.77 -73.48 -35.26
N ASP Q 87 29.25 -74.36 -34.39
CA ASP Q 87 28.79 -75.67 -34.85
C ASP Q 87 27.52 -75.54 -35.70
N ILE Q 88 26.65 -74.61 -35.34
CA ILE Q 88 25.46 -74.37 -36.12
C ILE Q 88 25.78 -73.63 -37.43
N VAL Q 89 26.68 -72.65 -37.37
CA VAL Q 89 27.13 -72.01 -38.59
C VAL Q 89 27.68 -73.07 -39.55
N ALA Q 90 28.47 -74.01 -39.02
CA ALA Q 90 29.05 -75.04 -39.87
C ALA Q 90 27.95 -75.90 -40.48
N ALA Q 91 26.91 -76.20 -39.71
CA ALA Q 91 25.84 -77.05 -40.23
C ALA Q 91 25.02 -76.31 -41.29
N LEU Q 92 24.81 -75.01 -41.08
CA LEU Q 92 24.09 -74.23 -42.06
C LEU Q 92 24.85 -74.17 -43.37
N GLU Q 93 26.17 -74.09 -43.26
CA GLU Q 93 26.98 -73.99 -44.46
C GLU Q 93 26.94 -75.29 -45.24
N GLN Q 94 26.82 -76.41 -44.54
CA GLN Q 94 26.61 -77.70 -45.20
C GLN Q 94 25.32 -77.68 -46.03
N TYR Q 95 24.39 -76.80 -45.67
CA TYR Q 95 23.09 -76.72 -46.35
C TYR Q 95 23.04 -75.66 -47.42
N GLY Q 96 24.20 -75.06 -47.73
CA GLY Q 96 24.24 -74.00 -48.72
C GLY Q 96 23.72 -72.68 -48.23
N VAL Q 97 23.64 -72.51 -46.90
CA VAL Q 97 23.18 -71.26 -46.32
C VAL Q 97 24.35 -70.42 -45.81
N TYR Q 98 24.45 -69.16 -46.24
CA TYR Q 98 25.54 -68.34 -45.74
C TYR Q 98 25.08 -67.37 -44.65
N TYR Q 99 25.66 -67.55 -43.47
CA TYR Q 99 25.32 -66.73 -42.32
C TYR Q 99 26.01 -65.38 -42.38
N ARG Q 100 25.22 -64.31 -42.39
CA ARG Q 100 25.77 -62.98 -42.27
C ARG Q 100 25.28 -62.45 -40.93
N PRO Q 101 26.19 -62.33 -39.97
CA PRO Q 101 25.81 -61.93 -38.61
C PRO Q 101 25.04 -60.62 -38.56
N ARG Q 102 24.08 -60.53 -37.65
CA ARG Q 102 23.22 -59.36 -37.54
C ARG Q 102 23.52 -58.51 -36.31
N ASP Q 103 24.75 -58.65 -35.79
CA ASP Q 103 25.12 -58.00 -34.53
C ASP Q 103 25.87 -56.69 -34.72
N GLY Q 104 26.16 -56.37 -35.97
CA GLY Q 104 26.91 -55.15 -36.29
C GLY Q 104 28.41 -55.38 -36.33
N PRO R 10 27.06 -57.45 -52.05
CA PRO R 10 27.65 -56.33 -51.29
C PRO R 10 26.58 -55.36 -50.81
N GLN R 11 26.73 -54.86 -49.58
CA GLN R 11 25.78 -53.90 -49.02
C GLN R 11 25.68 -52.63 -49.89
N ARG R 12 26.77 -52.25 -50.55
CA ARG R 12 26.77 -51.01 -51.35
C ARG R 12 25.80 -51.06 -52.54
N LEU R 13 25.32 -52.24 -52.92
CA LEU R 13 24.37 -52.31 -54.04
C LEU R 13 22.93 -52.15 -53.55
N LEU R 14 22.76 -52.06 -52.25
CA LEU R 14 21.42 -51.91 -51.68
C LEU R 14 21.06 -50.48 -51.29
N ILE R 15 21.90 -49.51 -51.66
CA ILE R 15 21.62 -48.13 -51.30
C ILE R 15 20.30 -47.65 -51.91
N PRO R 16 19.63 -46.73 -51.21
CA PRO R 16 18.33 -46.22 -51.70
C PRO R 16 18.46 -45.28 -52.87
N THR R 17 17.41 -45.20 -53.66
CA THR R 17 17.34 -44.32 -54.81
C THR R 17 16.03 -43.55 -54.79
N VAL R 18 15.90 -42.66 -55.76
CA VAL R 18 14.72 -41.83 -55.92
C VAL R 18 13.46 -42.68 -56.19
N ASP R 19 13.67 -43.91 -56.65
CA ASP R 19 12.56 -44.83 -56.93
C ASP R 19 11.99 -45.51 -55.68
N ASP R 20 12.73 -45.43 -54.59
CA ASP R 20 12.32 -46.05 -53.34
C ASP R 20 11.31 -45.19 -52.60
N PRO R 21 10.49 -45.82 -51.72
CA PRO R 21 9.53 -45.01 -50.98
C PRO R 21 10.20 -43.94 -50.12
N GLY R 22 9.42 -42.93 -49.75
CA GLY R 22 9.88 -41.90 -48.83
C GLY R 22 9.87 -42.42 -47.40
N ILE R 23 10.62 -41.74 -46.54
CA ILE R 23 10.59 -42.02 -45.11
C ILE R 23 10.32 -40.72 -44.37
N TRP R 24 9.29 -40.74 -43.54
CA TRP R 24 8.94 -39.63 -42.67
C TRP R 24 9.28 -39.98 -41.23
N GLY R 25 9.74 -39.02 -40.45
CA GLY R 25 9.84 -39.18 -39.02
C GLY R 25 8.60 -38.58 -38.35
N VAL R 26 8.22 -39.15 -37.22
CA VAL R 26 7.08 -38.66 -36.46
C VAL R 26 7.42 -38.63 -34.97
N LYS R 27 7.04 -37.55 -34.29
CA LYS R 27 7.25 -37.40 -32.86
C LYS R 27 6.21 -38.22 -32.09
N VAL R 28 6.66 -39.03 -31.14
CA VAL R 28 5.75 -39.79 -30.30
C VAL R 28 6.11 -39.65 -28.82
N ARG R 29 5.18 -40.03 -27.94
CA ARG R 29 5.43 -39.99 -26.49
C ARG R 29 6.65 -40.80 -26.13
N LEU R 30 7.53 -40.22 -25.31
CA LEU R 30 8.77 -40.87 -24.91
C LEU R 30 8.47 -42.22 -24.27
N GLY R 31 9.18 -43.26 -24.71
CA GLY R 31 8.99 -44.59 -24.18
C GLY R 31 7.89 -45.37 -24.88
N LYS R 32 7.22 -44.74 -25.83
CA LYS R 32 6.11 -45.39 -26.52
C LYS R 32 6.44 -45.69 -27.97
N GLU R 33 7.71 -45.55 -28.34
CA GLU R 33 8.12 -45.74 -29.72
C GLU R 33 7.93 -47.18 -30.20
N LYS R 34 8.32 -48.16 -29.38
CA LYS R 34 8.09 -49.56 -29.75
C LYS R 34 6.61 -49.86 -29.85
N ASP R 35 5.80 -49.32 -28.93
CA ASP R 35 4.36 -49.55 -29.00
C ASP R 35 3.75 -49.03 -30.29
N VAL R 36 4.17 -47.84 -30.73
CA VAL R 36 3.67 -47.26 -31.97
C VAL R 36 4.07 -48.13 -33.18
N VAL R 37 5.30 -48.63 -33.19
CA VAL R 37 5.74 -49.51 -34.28
C VAL R 37 4.86 -50.76 -34.34
N ARG R 38 4.60 -51.36 -33.18
CA ARG R 38 3.69 -52.49 -33.04
C ARG R 38 2.30 -52.23 -33.60
N GLN R 39 1.75 -51.06 -33.17
CA GLN R 39 0.40 -50.69 -33.54
C GLN R 39 0.29 -50.49 -35.05
N ILE R 40 1.32 -49.90 -35.63
CA ILE R 40 1.34 -49.72 -37.08
C ILE R 40 1.35 -51.08 -37.80
N LEU R 41 2.11 -52.04 -37.29
CA LEU R 41 2.13 -53.36 -37.91
C LEU R 41 0.74 -54.01 -37.84
N LYS R 42 0.09 -53.95 -36.69
CA LYS R 42 -1.27 -54.53 -36.58
C LYS R 42 -2.24 -53.94 -37.58
N LYS R 43 -2.19 -52.63 -37.74
CA LYS R 43 -3.07 -51.94 -38.67
C LYS R 43 -2.77 -52.35 -40.10
N LYS R 44 -1.49 -52.40 -40.47
CA LYS R 44 -1.08 -52.84 -41.80
C LYS R 44 -1.60 -54.24 -42.15
N LEU R 45 -1.36 -55.19 -41.25
CA LEU R 45 -1.70 -56.60 -41.50
C LEU R 45 -3.21 -56.81 -41.54
N ALA R 46 -3.93 -56.01 -40.77
CA ALA R 46 -5.38 -56.16 -40.65
C ALA R 46 -6.11 -55.65 -41.87
N ARG R 47 -5.47 -54.73 -42.59
CA ARG R 47 -6.05 -54.07 -43.74
C ARG R 47 -5.52 -54.60 -45.08
N GLU R 48 -4.55 -55.51 -45.02
CA GLU R 48 -4.02 -56.12 -46.24
C GLU R 48 -5.13 -56.77 -47.09
N GLY R 49 -5.19 -56.46 -48.38
CA GLY R 49 -6.17 -57.08 -49.26
C GLY R 49 -7.58 -56.50 -49.22
N THR R 50 -7.82 -55.56 -48.32
CA THR R 50 -9.14 -54.90 -48.26
C THR R 50 -9.16 -53.78 -49.28
N LYS R 51 -10.28 -53.07 -49.37
CA LYS R 51 -10.37 -51.97 -50.33
C LYS R 51 -9.62 -50.74 -49.86
N ASN R 52 -9.29 -50.70 -48.57
CA ASN R 52 -8.57 -49.57 -47.98
C ASN R 52 -7.30 -50.04 -47.26
N PRO R 53 -6.33 -50.58 -48.01
CA PRO R 53 -5.09 -51.05 -47.37
C PRO R 53 -4.33 -49.89 -46.76
N LEU R 54 -3.55 -50.14 -45.70
CA LEU R 54 -2.65 -49.11 -45.18
C LEU R 54 -1.41 -49.07 -46.07
N GLU R 55 -1.24 -47.96 -46.77
CA GLU R 55 -0.21 -47.89 -47.77
C GLU R 55 1.12 -47.40 -47.18
N ILE R 56 1.55 -48.11 -46.14
CA ILE R 56 2.93 -47.98 -45.66
C ILE R 56 3.66 -49.30 -45.90
N TYR R 57 4.99 -49.22 -46.04
CA TYR R 57 5.82 -50.39 -46.28
C TYR R 57 6.45 -50.94 -45.01
N SER R 58 6.88 -50.04 -44.16
CA SER R 58 7.55 -50.41 -42.94
C SER R 58 7.50 -49.26 -41.96
N ALA R 59 7.78 -49.54 -40.70
CA ALA R 59 7.96 -48.49 -39.70
C ALA R 59 8.97 -48.95 -38.69
N PHE R 60 9.75 -48.04 -38.13
CA PHE R 60 10.72 -48.50 -37.14
C PHE R 60 11.06 -47.40 -36.15
N GLN R 61 11.74 -47.80 -35.07
CA GLN R 61 12.14 -46.86 -34.04
C GLN R 61 13.53 -47.19 -33.50
N ARG R 62 14.43 -46.22 -33.54
CA ARG R 62 15.79 -46.40 -33.05
C ARG R 62 15.94 -45.90 -31.62
N ASP R 63 16.52 -46.75 -30.76
CA ASP R 63 16.72 -46.41 -29.36
C ASP R 63 17.49 -45.09 -29.23
N SER R 64 18.55 -44.95 -30.02
CA SER R 64 19.36 -43.73 -30.00
C SER R 64 18.54 -42.47 -30.32
N PHE R 65 17.43 -42.65 -31.02
CA PHE R 65 16.56 -41.53 -31.40
C PHE R 65 15.28 -41.52 -30.59
N LYS R 66 15.36 -41.15 -29.31
CA LYS R 66 14.18 -41.08 -28.43
C LYS R 66 13.01 -40.27 -29.00
N GLY R 67 11.79 -40.72 -28.76
CA GLY R 67 10.61 -39.95 -29.08
C GLY R 67 10.25 -39.86 -30.55
N HIS R 68 10.69 -40.68 -31.44
CA HIS R 68 10.50 -40.69 -32.89
C HIS R 68 10.22 -42.08 -33.41
N VAL R 69 9.36 -42.10 -34.37
CA VAL R 69 9.15 -43.30 -35.17
C VAL R 69 9.37 -42.90 -36.62
N TYR R 70 9.91 -43.80 -37.43
CA TYR R 70 10.09 -43.55 -38.85
C TYR R 70 9.18 -44.45 -39.64
N ILE R 71 8.57 -43.91 -40.68
CA ILE R 71 7.56 -44.64 -41.42
C ILE R 71 7.82 -44.54 -42.90
N GLU R 72 7.81 -45.68 -43.58
CA GLU R 72 8.12 -45.76 -44.99
C GLU R 72 6.85 -45.81 -45.82
N ALA R 73 6.72 -44.91 -46.79
CA ALA R 73 5.54 -44.86 -47.64
C ALA R 73 5.81 -44.06 -48.91
N ARG R 74 4.78 -43.87 -49.72
CA ARG R 74 4.91 -43.13 -50.97
C ARG R 74 4.17 -41.78 -50.90
N LYS R 75 3.11 -41.75 -50.09
CA LYS R 75 2.33 -40.53 -49.93
C LYS R 75 2.22 -40.13 -48.46
N ALA R 76 2.25 -38.83 -48.20
CA ALA R 76 2.16 -38.32 -46.84
C ALA R 76 0.85 -38.73 -46.18
N GLU R 77 -0.22 -38.76 -46.97
CA GLU R 77 -1.53 -39.14 -46.46
C GLU R 77 -1.51 -40.52 -45.77
N ALA R 78 -0.64 -41.41 -46.26
CA ALA R 78 -0.51 -42.73 -45.65
C ALA R 78 0.07 -42.64 -44.25
N ILE R 79 0.93 -41.64 -44.02
CA ILE R 79 1.51 -41.44 -42.70
C ILE R 79 0.40 -41.05 -41.73
N ASN R 80 -0.44 -40.10 -42.15
CA ASN R 80 -1.58 -39.69 -41.33
C ASN R 80 -2.52 -40.86 -41.05
N ASP R 81 -2.72 -41.70 -42.07
CA ASP R 81 -3.54 -42.90 -41.96
C ASP R 81 -2.96 -43.88 -40.94
N ALA R 82 -1.64 -44.11 -41.01
CA ALA R 82 -0.99 -45.04 -40.08
C ALA R 82 -1.17 -44.62 -38.61
N LEU R 83 -1.12 -43.32 -38.36
CA LEU R 83 -1.16 -42.82 -37.00
C LEU R 83 -2.54 -42.43 -36.47
N LYS R 84 -3.55 -42.49 -37.31
CA LYS R 84 -4.87 -42.02 -36.93
C LYS R 84 -5.39 -42.78 -35.70
N GLY R 85 -5.76 -42.02 -34.68
CA GLY R 85 -6.31 -42.58 -33.46
C GLY R 85 -5.27 -43.12 -32.48
N ASN R 86 -4.00 -43.02 -32.84
CA ASN R 86 -2.97 -43.57 -31.96
C ASN R 86 -2.73 -42.62 -30.79
N VAL R 87 -2.97 -43.11 -29.58
CA VAL R 87 -2.96 -42.26 -28.39
C VAL R 87 -1.55 -41.86 -27.95
N ASN R 88 -0.55 -42.49 -28.58
CA ASN R 88 0.84 -42.26 -28.24
C ASN R 88 1.54 -41.26 -29.14
N VAL R 89 0.78 -40.69 -30.07
CA VAL R 89 1.31 -39.80 -31.09
C VAL R 89 0.87 -38.37 -30.85
N PHE R 90 1.77 -37.40 -31.00
CA PHE R 90 1.36 -36.01 -30.79
C PHE R 90 0.56 -35.46 -31.97
N SER R 91 -0.63 -35.00 -31.61
CA SER R 91 -1.66 -34.53 -32.55
C SER R 91 -1.23 -33.38 -33.45
N ASN R 92 -0.29 -32.56 -32.99
CA ASN R 92 0.29 -31.53 -33.85
C ASN R 92 0.78 -32.14 -35.17
N ASN R 93 0.65 -31.41 -36.28
CA ASN R 93 0.97 -32.03 -37.57
C ASN R 93 2.48 -32.06 -37.73
N SER R 94 3.14 -32.67 -36.74
CA SER R 94 4.58 -32.78 -36.72
C SER R 94 5.01 -34.13 -37.27
N LYS R 95 5.17 -34.22 -38.55
CA LYS R 95 5.99 -35.22 -39.20
C LYS R 95 6.99 -34.43 -40.01
N PHE R 96 8.09 -35.12 -40.24
CA PHE R 96 9.15 -34.48 -41.02
C PHE R 96 9.69 -35.47 -42.04
N LEU R 97 10.13 -34.93 -43.19
CA LEU R 97 10.68 -35.72 -44.29
C LEU R 97 12.17 -36.01 -44.08
N VAL R 98 12.59 -37.24 -44.36
CA VAL R 98 13.99 -37.62 -44.33
C VAL R 98 14.57 -37.63 -45.75
N GLY R 99 15.80 -37.15 -45.92
CA GLY R 99 16.41 -37.21 -47.24
C GLY R 99 16.92 -38.60 -47.59
N ILE R 100 16.84 -38.97 -48.87
CA ILE R 100 17.35 -40.27 -49.31
C ILE R 100 18.79 -40.50 -48.81
N VAL R 101 19.58 -39.44 -48.76
CA VAL R 101 20.99 -39.57 -48.40
C VAL R 101 21.18 -39.82 -46.90
N GLU R 102 20.08 -39.68 -46.14
CA GLU R 102 20.06 -39.92 -44.69
C GLU R 102 19.50 -41.28 -44.31
N TYR R 103 18.93 -42.00 -45.27
CA TYR R 103 18.24 -43.26 -44.96
C TYR R 103 19.11 -44.31 -44.28
N LYS R 104 20.33 -44.55 -44.86
CA LYS R 104 20.98 -45.74 -44.32
C LYS R 104 21.53 -45.51 -42.90
N ASP R 105 21.83 -44.32 -42.62
CA ASP R 105 22.36 -44.00 -41.31
C ASP R 105 21.31 -44.27 -40.23
N LEU R 106 20.03 -44.23 -40.62
CA LEU R 106 18.92 -44.48 -39.70
C LEU R 106 18.93 -45.92 -39.23
N LEU R 107 19.55 -46.79 -40.03
CA LEU R 107 19.52 -48.25 -39.84
C LEU R 107 20.92 -48.81 -39.51
N ARG R 108 21.85 -47.94 -39.12
CA ARG R 108 23.14 -48.43 -38.64
C ARG R 108 22.97 -49.26 -37.39
N PRO R 109 23.48 -50.50 -37.38
CA PRO R 109 23.24 -51.31 -36.20
C PRO R 109 24.06 -50.85 -35.01
N VAL R 110 25.31 -50.47 -35.20
CA VAL R 110 26.16 -50.02 -34.10
C VAL R 110 26.62 -48.58 -34.31
N SER R 113 31.76 -48.65 -29.81
CA SER R 113 32.37 -49.95 -29.52
C SER R 113 32.81 -50.05 -28.06
N ASP R 114 31.94 -49.59 -27.17
CA ASP R 114 32.22 -49.62 -25.73
C ASP R 114 32.68 -51.01 -25.30
N VAL R 115 31.87 -52.02 -25.61
CA VAL R 115 32.19 -53.41 -25.26
C VAL R 115 33.56 -53.54 -24.61
N LYS R 116 33.71 -52.94 -23.43
CA LYS R 116 34.97 -52.99 -22.69
C LYS R 116 34.84 -53.80 -21.41
N LEU R 117 35.93 -53.92 -20.67
CA LEU R 117 35.94 -54.66 -19.42
C LEU R 117 37.03 -55.70 -19.50
N THR R 118 38.08 -55.52 -18.71
CA THR R 118 39.18 -56.46 -18.74
C THR R 118 39.60 -56.78 -17.32
N ARG R 119 39.97 -58.02 -17.11
CA ARG R 119 40.44 -58.45 -15.82
C ARG R 119 41.70 -57.67 -15.40
N GLY R 120 41.69 -57.17 -14.17
CA GLY R 120 42.75 -56.35 -13.65
C GLY R 120 42.47 -54.86 -13.69
N SER R 121 41.45 -54.46 -14.46
CA SER R 121 41.08 -53.06 -14.58
C SER R 121 40.09 -52.66 -13.49
N TYR R 122 39.90 -51.36 -13.34
CA TYR R 122 38.95 -50.83 -12.38
C TYR R 122 37.61 -50.48 -13.00
N VAL R 123 36.56 -50.67 -12.21
CA VAL R 123 35.22 -50.27 -12.56
C VAL R 123 34.60 -49.62 -11.32
N ARG R 124 33.46 -48.96 -11.50
CA ARG R 124 32.70 -48.44 -10.36
C ARG R 124 31.38 -49.20 -10.24
N VAL R 125 31.07 -49.64 -9.02
CA VAL R 125 29.85 -50.41 -8.76
C VAL R 125 28.64 -49.48 -8.78
N LYS R 126 27.54 -49.96 -9.37
CA LYS R 126 26.34 -49.16 -9.57
C LYS R 126 25.15 -49.50 -8.66
N ASN R 127 25.27 -50.55 -7.84
CA ASN R 127 24.15 -51.03 -7.01
C ASN R 127 24.61 -51.48 -5.64
N GLY R 128 23.72 -51.41 -4.65
CA GLY R 128 23.97 -52.03 -3.36
C GLY R 128 24.79 -51.17 -2.40
N LYS R 129 25.22 -51.75 -1.29
CA LYS R 129 26.00 -50.97 -0.34
C LYS R 129 27.33 -50.51 -0.91
N PHE R 130 27.79 -51.16 -1.98
CA PHE R 130 29.06 -50.79 -2.59
C PHE R 130 28.87 -49.81 -3.75
N LYS R 131 27.64 -49.32 -3.91
CA LYS R 131 27.36 -48.36 -4.98
C LYS R 131 28.31 -47.17 -4.91
N GLY R 132 28.92 -46.85 -6.05
CA GLY R 132 29.87 -45.75 -6.13
C GLY R 132 31.29 -46.14 -5.82
N ASP R 133 31.52 -47.34 -5.28
CA ASP R 133 32.87 -47.74 -4.91
C ASP R 133 33.65 -48.25 -6.10
N LEU R 134 34.96 -47.98 -6.07
CA LEU R 134 35.88 -48.47 -7.09
C LEU R 134 36.18 -49.94 -6.79
N ALA R 135 36.24 -50.76 -7.82
CA ALA R 135 36.53 -52.18 -7.61
C ALA R 135 37.40 -52.68 -8.74
N GLN R 136 38.26 -53.64 -8.43
CA GLN R 136 39.02 -54.32 -9.53
C GLN R 136 38.29 -55.51 -10.12
N VAL R 137 38.27 -55.58 -11.44
CA VAL R 137 37.69 -56.75 -12.10
C VAL R 137 38.60 -57.95 -11.92
N ASP R 138 38.13 -58.96 -11.16
CA ASP R 138 38.93 -60.16 -10.96
C ASP R 138 38.71 -61.21 -12.05
N GLU R 139 37.46 -61.42 -12.42
CA GLU R 139 37.13 -62.40 -13.46
C GLU R 139 35.66 -62.33 -13.85
N VAL R 140 35.32 -62.96 -14.97
CA VAL R 140 33.94 -62.96 -15.46
C VAL R 140 33.41 -64.38 -15.59
N LEU R 141 32.10 -64.54 -15.53
CA LEU R 141 31.46 -65.84 -15.64
C LEU R 141 31.63 -66.42 -17.05
N GLU R 142 31.64 -67.74 -17.14
CA GLU R 142 31.79 -68.43 -18.43
C GLU R 142 30.77 -67.94 -19.43
N ASN R 143 29.51 -67.90 -19.02
CA ASN R 143 28.42 -67.45 -19.89
C ASN R 143 28.64 -66.02 -20.37
N GLY R 144 29.10 -65.16 -19.48
CA GLY R 144 29.35 -63.76 -19.81
C GLY R 144 28.20 -62.86 -19.40
N LEU R 145 28.10 -62.60 -18.10
CA LEU R 145 27.05 -61.74 -17.57
C LEU R 145 27.50 -61.04 -16.30
N GLU R 146 27.92 -61.82 -15.31
CA GLU R 146 28.39 -61.27 -14.04
C GLU R 146 29.90 -61.34 -13.92
N ALA R 147 30.49 -60.35 -13.28
CA ALA R 147 31.94 -60.29 -13.09
C ALA R 147 32.30 -60.30 -11.61
N ARG R 148 33.33 -61.08 -11.26
CA ARG R 148 33.78 -61.17 -9.89
C ARG R 148 34.62 -59.93 -9.65
N LEU R 149 34.29 -59.18 -8.60
CA LEU R 149 34.96 -57.94 -8.26
C LEU R 149 35.68 -58.03 -6.92
N LYS R 150 36.82 -57.37 -6.86
CA LYS R 150 37.64 -57.26 -5.65
C LYS R 150 37.36 -55.87 -5.06
N LEU R 151 36.85 -55.86 -3.83
CA LEU R 151 36.24 -54.67 -3.24
C LEU R 151 36.73 -54.48 -1.81
N VAL R 152 36.96 -53.23 -1.41
CA VAL R 152 37.22 -52.93 -0.01
C VAL R 152 35.91 -53.07 0.78
N PRO R 153 35.87 -53.98 1.75
CA PRO R 153 34.59 -54.26 2.43
C PRO R 153 34.06 -53.16 3.31
N ARG R 154 32.75 -53.23 3.58
CA ARG R 154 32.07 -52.33 4.50
C ARG R 154 31.31 -53.20 5.50
N LEU R 155 31.99 -53.58 6.59
CA LEU R 155 31.51 -54.58 7.53
C LEU R 155 31.38 -54.08 8.96
N ASP R 156 30.57 -54.79 9.74
CA ASP R 156 30.41 -54.52 11.18
C ASP R 156 30.77 -55.70 12.10
N TYR R 157 31.17 -56.82 11.53
CA TYR R 157 31.50 -58.02 12.32
C TYR R 157 30.35 -58.48 13.20
N GLY R 158 29.12 -58.31 12.71
CA GLY R 158 27.93 -58.80 13.38
C GLY R 158 27.56 -58.04 14.63
N LYS R 159 28.15 -56.86 14.80
CA LYS R 159 28.08 -56.09 16.05
C LYS R 159 26.68 -55.85 16.59
N ASP R 160 25.73 -55.55 15.72
CA ASP R 160 24.38 -55.25 16.19
C ASP R 160 23.31 -56.21 15.66
N LEU R 161 23.73 -57.43 15.32
CA LEU R 161 22.80 -58.43 14.81
C LEU R 161 21.92 -59.03 15.89
N SER R 162 20.72 -59.47 15.51
CA SER R 162 19.79 -60.09 16.44
C SER R 162 19.47 -61.53 16.05
N TYR R 180 20.99 -54.60 4.72
CA TYR R 180 21.66 -53.31 4.82
C TYR R 180 21.23 -52.44 3.65
N THR R 181 21.35 -51.14 3.85
CA THR R 181 21.02 -50.21 2.80
C THR R 181 22.23 -49.32 2.49
N SER R 182 22.25 -48.82 1.28
CA SER R 182 23.27 -47.88 0.89
C SER R 182 23.31 -46.66 1.83
N LYS R 183 22.15 -46.12 2.17
CA LYS R 183 22.09 -44.94 3.01
C LYS R 183 22.70 -45.13 4.40
N PHE R 184 22.69 -46.37 4.88
CA PHE R 184 23.14 -46.68 6.23
C PHE R 184 24.38 -47.57 6.25
N ARG R 185 25.15 -47.55 5.16
CA ARG R 185 26.30 -48.44 5.04
C ARG R 185 27.45 -48.07 5.99
N PRO R 186 28.24 -49.09 6.29
CA PRO R 186 29.45 -48.94 7.11
C PRO R 186 30.58 -48.29 6.32
N ALA R 187 31.56 -47.71 7.03
CA ALA R 187 32.76 -47.25 6.36
C ALA R 187 33.54 -48.39 5.72
N GLN R 188 34.33 -48.06 4.70
CA GLN R 188 35.15 -49.07 4.04
C GLN R 188 36.42 -49.37 4.85
N ARG R 189 36.74 -50.65 5.00
CA ARG R 189 37.97 -51.02 5.68
C ARG R 189 38.26 -52.47 5.30
N LEU R 190 39.53 -52.80 5.09
CA LEU R 190 39.88 -54.16 4.72
C LEU R 190 39.40 -55.15 5.78
N PHE R 191 38.98 -56.31 5.33
CA PHE R 191 38.52 -57.36 6.23
C PHE R 191 39.69 -57.75 7.14
N SER R 192 39.39 -57.93 8.42
CA SER R 192 40.38 -58.33 9.40
C SER R 192 39.89 -59.64 9.99
N GLU R 193 40.54 -60.75 9.62
CA GLU R 193 40.09 -62.06 10.11
C GLU R 193 40.25 -62.26 11.61
N ALA R 194 41.25 -61.64 12.23
CA ALA R 194 41.37 -61.78 13.69
C ALA R 194 40.30 -61.02 14.43
N GLU R 195 39.84 -59.91 13.85
CA GLU R 195 38.72 -59.18 14.42
C GLU R 195 37.44 -60.04 14.31
N ALA R 196 37.25 -60.68 13.17
CA ALA R 196 36.11 -61.60 13.00
C ALA R 196 36.21 -62.78 13.97
N ARG R 197 37.42 -63.31 14.15
CA ARG R 197 37.63 -64.41 15.09
C ARG R 197 37.23 -64.00 16.50
N VAL R 198 37.67 -62.80 16.90
CA VAL R 198 37.39 -62.30 18.23
C VAL R 198 35.90 -62.06 18.45
N HIS R 199 35.25 -61.43 17.48
CA HIS R 199 33.92 -60.88 17.69
C HIS R 199 32.76 -61.72 17.17
N GLU R 200 33.01 -62.58 16.20
CA GLU R 200 31.92 -63.32 15.57
C GLU R 200 32.42 -64.62 14.94
N ILE R 203 32.68 -67.39 10.86
CA ILE R 203 33.98 -67.33 10.21
C ILE R 203 34.50 -68.71 9.84
N ARG R 204 34.82 -68.89 8.56
CA ARG R 204 35.32 -70.17 8.03
C ARG R 204 36.60 -69.95 7.24
N ARG R 205 37.68 -70.61 7.61
CA ARG R 205 38.88 -70.54 6.81
C ARG R 205 38.76 -71.46 5.61
N ASP R 206 39.13 -70.95 4.43
CA ASP R 206 38.98 -71.68 3.17
C ASP R 206 40.29 -71.97 2.47
N ARG R 207 41.32 -71.19 2.75
CA ARG R 207 42.61 -71.33 2.08
C ARG R 207 43.56 -70.37 2.75
N ASP R 208 44.78 -70.29 2.24
CA ASP R 208 45.68 -69.24 2.68
C ASP R 208 45.05 -67.90 2.32
N GLY R 209 44.88 -67.12 3.37
CA GLY R 209 44.36 -65.75 3.36
C GLY R 209 42.92 -65.62 2.91
N PHE R 210 42.21 -66.73 2.84
CA PHE R 210 40.84 -66.76 2.32
C PHE R 210 39.90 -67.23 3.41
N VAL R 211 38.94 -66.37 3.75
CA VAL R 211 37.92 -66.67 4.73
C VAL R 211 36.55 -66.41 4.15
N THR R 212 35.59 -67.25 4.53
CA THR R 212 34.19 -66.97 4.26
C THR R 212 33.59 -66.46 5.56
N TYR R 213 33.11 -65.22 5.53
CA TYR R 213 32.57 -64.59 6.71
C TYR R 213 31.17 -64.10 6.39
N GLY R 214 30.19 -64.56 7.15
CA GLY R 214 28.77 -64.30 6.83
C GLY R 214 28.46 -64.57 5.36
N GLY R 215 28.95 -65.71 4.87
CA GLY R 215 28.61 -66.19 3.52
C GLY R 215 29.13 -65.31 2.39
N GLU R 216 30.15 -64.50 2.67
CA GLU R 216 30.86 -63.76 1.65
C GLU R 216 32.34 -64.14 1.76
N GLU R 217 33.04 -64.06 0.64
CA GLU R 217 34.45 -64.44 0.58
C GLU R 217 35.41 -63.24 0.63
N TYR R 218 36.41 -63.34 1.52
CA TYR R 218 37.40 -62.28 1.71
C TYR R 218 38.76 -62.91 1.56
N TYR R 219 39.55 -62.39 0.62
CA TYR R 219 40.88 -62.90 0.35
C TYR R 219 41.88 -61.77 0.53
N GLU R 220 42.81 -61.94 1.46
CA GLU R 220 43.81 -60.92 1.79
C GLU R 220 43.16 -59.57 2.09
N GLY R 221 41.99 -59.62 2.74
CA GLY R 221 41.31 -58.42 3.20
C GLY R 221 40.25 -57.86 2.27
N PHE R 222 40.20 -58.34 1.03
CA PHE R 222 39.24 -57.83 0.06
C PHE R 222 38.05 -58.78 -0.13
N LEU R 223 36.87 -58.20 -0.27
CA LEU R 223 35.68 -58.94 -0.70
C LEU R 223 35.84 -59.32 -2.17
N TYR R 224 35.50 -60.57 -2.49
CA TYR R 224 35.37 -61.01 -3.87
C TYR R 224 33.92 -61.39 -4.03
N LYS R 225 33.20 -60.61 -4.85
CA LYS R 225 31.76 -60.78 -5.00
C LYS R 225 31.34 -60.58 -6.45
N THR R 226 30.40 -61.41 -6.90
CA THR R 226 29.94 -61.34 -8.28
C THR R 226 28.87 -60.27 -8.45
N PHE R 227 29.02 -59.47 -9.50
CA PHE R 227 28.05 -58.45 -9.90
C PHE R 227 27.70 -58.65 -11.35
N ARG R 228 26.46 -58.35 -11.70
CA ARG R 228 26.11 -58.27 -13.09
C ARG R 228 26.96 -57.22 -13.79
N LEU R 229 27.42 -57.53 -15.00
CA LEU R 229 28.15 -56.55 -15.77
C LEU R 229 27.33 -55.28 -15.97
N GLN R 230 26.01 -55.42 -16.09
CA GLN R 230 25.17 -54.24 -16.26
C GLN R 230 25.11 -53.38 -14.99
N ASN R 231 25.61 -53.95 -13.88
CA ASN R 231 25.67 -53.29 -12.57
C ASN R 231 27.01 -52.62 -12.26
N LEU R 232 27.89 -52.54 -13.26
CA LEU R 232 29.14 -51.83 -13.08
C LEU R 232 29.32 -50.82 -14.21
N ILE R 233 30.05 -49.77 -13.90
CA ILE R 233 30.39 -48.75 -14.88
C ILE R 233 31.83 -48.95 -15.28
N VAL R 234 32.07 -49.05 -16.59
CA VAL R 234 33.42 -49.28 -17.11
C VAL R 234 34.04 -48.08 -17.82
N ASN R 235 33.23 -47.08 -18.11
CA ASN R 235 33.61 -45.93 -18.92
C ASN R 235 33.66 -44.61 -18.15
N SER R 236 34.61 -43.77 -18.52
CA SER R 236 34.74 -42.42 -17.96
C SER R 236 34.86 -42.30 -16.45
N ILE R 237 35.38 -43.34 -15.82
CA ILE R 237 35.59 -43.35 -14.37
C ILE R 237 36.54 -42.36 -13.98
N ASN R 238 36.25 -41.57 -12.95
CA ASN R 238 37.18 -40.58 -12.41
C ASN R 238 37.62 -40.98 -11.01
N PRO R 239 38.86 -41.42 -10.83
CA PRO R 239 39.30 -41.76 -9.48
C PRO R 239 39.20 -40.51 -8.60
N THR R 240 38.82 -40.72 -7.35
CA THR R 240 38.69 -39.64 -6.40
C THR R 240 40.01 -39.38 -5.70
N LEU R 241 40.05 -38.30 -4.93
CA LEU R 241 41.21 -38.02 -4.08
C LEU R 241 41.50 -39.20 -3.16
N ASN R 242 40.44 -39.70 -2.53
CA ASN R 242 40.56 -40.78 -1.58
C ASN R 242 41.10 -42.06 -2.27
N GLU R 243 40.68 -42.31 -3.50
CA GLU R 243 41.12 -43.49 -4.24
C GLU R 243 42.57 -43.41 -4.69
N LEU R 244 43.00 -42.21 -5.03
CA LEU R 244 44.41 -42.00 -5.35
C LEU R 244 45.25 -42.24 -4.08
N SER R 245 44.78 -41.80 -2.93
CA SER R 245 45.49 -42.09 -1.68
C SER R 245 45.57 -43.59 -1.41
N LEU R 246 44.51 -44.33 -1.70
CA LEU R 246 44.48 -45.76 -1.36
C LEU R 246 45.15 -46.65 -2.39
N PHE R 247 44.69 -46.60 -3.64
CA PHE R 247 45.22 -47.48 -4.68
C PHE R 247 46.40 -46.85 -5.42
N GLU R 454 70.12 -26.78 10.18
CA GLU R 454 69.43 -27.73 9.30
C GLU R 454 67.92 -27.69 9.53
N VAL R 455 67.46 -26.58 10.10
CA VAL R 455 66.03 -26.41 10.38
C VAL R 455 65.25 -26.17 9.10
N LYS R 456 65.68 -25.19 8.32
CA LYS R 456 65.03 -24.85 7.06
C LYS R 456 65.16 -25.99 6.06
N VAL R 457 66.04 -26.95 6.36
CA VAL R 457 66.25 -28.09 5.49
C VAL R 457 65.00 -28.97 5.41
N GLY R 458 64.33 -28.94 4.27
CA GLY R 458 63.14 -29.73 4.09
C GLY R 458 61.93 -28.89 3.72
N ASP R 459 62.02 -27.59 3.96
CA ASP R 459 60.92 -26.67 3.66
C ASP R 459 60.88 -26.36 2.16
N THR R 460 59.70 -25.99 1.68
CA THR R 460 59.52 -25.66 0.27
C THR R 460 59.89 -24.20 -0.01
N VAL R 461 60.97 -24.00 -0.75
CA VAL R 461 61.41 -22.66 -1.09
C VAL R 461 61.26 -22.39 -2.58
N ARG R 462 60.94 -21.15 -2.93
CA ARG R 462 60.77 -20.76 -4.33
C ARG R 462 61.77 -19.67 -4.72
N GLU R 463 62.70 -20.01 -5.59
CA GLU R 463 63.71 -19.06 -6.04
C GLU R 463 63.11 -17.68 -6.26
N PHE R 464 63.89 -16.64 -5.95
CA PHE R 464 63.43 -15.27 -6.12
C PHE R 464 64.14 -14.60 -7.28
N THR R 465 65.41 -14.95 -7.48
CA THR R 465 66.20 -14.38 -8.56
C THR R 465 67.08 -15.44 -9.23
N GLY R 466 66.68 -16.71 -9.09
CA GLY R 466 67.42 -17.80 -9.67
C GLY R 466 66.79 -18.33 -10.94
N GLU R 467 66.81 -19.65 -11.11
CA GLU R 467 66.23 -20.27 -12.29
C GLU R 467 65.86 -21.72 -12.02
N ARG R 468 65.24 -21.97 -10.87
CA ARG R 468 64.83 -23.31 -10.49
C ARG R 468 63.48 -23.31 -9.77
N ARG R 469 62.70 -22.27 -10.03
CA ARG R 469 61.37 -22.12 -9.42
C ARG R 469 61.39 -22.32 -7.91
N GLN R 470 60.91 -23.48 -7.46
CA GLN R 470 60.88 -23.80 -6.04
C GLN R 470 62.02 -24.73 -5.66
N GLY R 471 61.69 -25.81 -4.96
CA GLY R 471 62.69 -26.78 -4.52
C GLY R 471 62.72 -26.94 -3.03
N THR R 472 63.25 -28.07 -2.57
CA THR R 472 63.34 -28.35 -1.13
C THR R 472 64.75 -28.11 -0.62
N ILE R 473 64.86 -27.27 0.41
CA ILE R 473 66.16 -26.95 1.00
C ILE R 473 66.82 -28.20 1.57
N LEU R 474 67.91 -28.63 0.93
CA LEU R 474 68.64 -29.82 1.38
C LEU R 474 69.74 -29.44 2.37
N HIS R 475 70.37 -28.30 2.13
CA HIS R 475 71.45 -27.82 3.01
C HIS R 475 71.28 -26.34 3.32
N VAL R 476 71.81 -25.94 4.46
CA VAL R 476 71.73 -24.53 4.89
C VAL R 476 73.10 -24.01 5.32
N TYR R 477 73.71 -23.20 4.47
CA TYR R 477 75.03 -22.64 4.76
C TYR R 477 74.90 -21.29 5.46
N ARG R 478 75.83 -20.39 5.16
CA ARG R 478 75.83 -19.05 5.75
C ARG R 478 75.60 -17.97 4.70
N ASN R 479 75.93 -18.29 3.45
CA ASN R 479 75.77 -17.35 2.35
C ASN R 479 74.88 -17.90 1.25
N PHE R 480 74.76 -19.22 1.20
CA PHE R 480 73.93 -19.88 0.19
C PHE R 480 73.11 -21.01 0.80
N LEU R 481 72.26 -21.61 -0.02
CA LEU R 481 71.41 -22.71 0.44
C LEU R 481 71.22 -23.76 -0.66
N PHE R 482 71.67 -24.98 -0.38
CA PHE R 482 71.56 -26.07 -1.35
C PHE R 482 70.10 -26.48 -1.55
N LEU R 483 69.44 -25.84 -2.50
CA LEU R 483 68.04 -26.13 -2.79
C LEU R 483 67.92 -27.22 -3.87
N ARG R 484 66.80 -27.93 -3.87
CA ARG R 484 66.56 -28.98 -4.85
C ARG R 484 65.32 -28.69 -5.68
N SER R 485 65.46 -28.78 -6.99
CA SER R 485 64.34 -28.53 -7.90
C SER R 485 63.37 -29.70 -7.92
N ARG R 486 62.15 -29.45 -8.40
CA ARG R 486 61.13 -30.48 -8.46
C ARG R 486 61.01 -31.05 -9.88
N GLU R 487 60.96 -30.16 -10.86
CA GLU R 487 60.84 -30.57 -12.25
C GLU R 487 62.19 -31.01 -12.82
N ILE R 488 63.22 -30.22 -12.54
CA ILE R 488 64.57 -30.52 -13.01
C ILE R 488 65.27 -31.55 -12.11
N VAL R 489 64.80 -31.65 -10.86
CA VAL R 489 65.34 -32.59 -9.89
C VAL R 489 66.87 -32.48 -9.80
N GLU R 490 67.37 -31.27 -9.57
CA GLU R 490 68.80 -31.04 -9.46
C GLU R 490 69.12 -30.13 -8.29
N ASN R 491 70.08 -30.53 -7.46
CA ASN R 491 70.48 -29.75 -6.31
C ASN R 491 71.36 -28.56 -6.68
N GLN R 492 70.85 -27.36 -6.42
CA GLN R 492 71.59 -26.14 -6.73
C GLN R 492 71.70 -25.23 -5.51
N GLY R 493 72.80 -24.51 -5.41
CA GLY R 493 73.01 -23.60 -4.28
C GLY R 493 72.59 -22.19 -4.64
N VAL R 494 71.82 -21.56 -3.75
CA VAL R 494 71.34 -20.20 -3.97
C VAL R 494 71.38 -19.39 -2.68
N PHE R 495 71.47 -18.08 -2.81
CA PHE R 495 71.51 -17.19 -1.65
C PHE R 495 70.30 -17.42 -0.75
N VAL R 496 70.55 -17.45 0.56
CA VAL R 496 69.49 -17.67 1.54
C VAL R 496 68.39 -16.62 1.40
N THR R 497 68.80 -15.37 1.22
CA THR R 497 67.85 -14.27 1.07
C THR R 497 67.14 -14.32 -0.27
N SER R 498 67.83 -14.85 -1.28
CA SER R 498 67.28 -14.97 -2.62
C SER R 498 66.10 -15.93 -2.64
N SER R 499 66.18 -17.00 -1.87
CA SER R 499 65.13 -17.99 -1.80
C SER R 499 63.92 -17.48 -1.00
N ASN R 500 62.74 -17.59 -1.58
CA ASN R 500 61.52 -17.14 -0.92
C ASN R 500 60.76 -18.28 -0.27
N ARG R 501 60.73 -18.29 1.05
CA ARG R 501 60.04 -19.33 1.81
C ARG R 501 58.57 -19.40 1.41
N VAL R 502 58.17 -20.53 0.83
CA VAL R 502 56.80 -20.73 0.41
C VAL R 502 56.33 -22.16 0.69
N GLY R 544 26.09 -28.27 36.38
CA GLY R 544 25.60 -27.06 37.01
C GLY R 544 26.71 -26.25 37.65
N ARG R 545 26.34 -25.12 38.25
CA ARG R 545 27.30 -24.26 38.92
C ARG R 545 26.72 -23.86 40.28
N ASP R 546 26.33 -24.86 41.06
CA ASP R 546 25.70 -24.64 42.37
C ASP R 546 24.89 -25.91 42.62
N PRO R 547 24.51 -26.17 43.87
CA PRO R 547 23.79 -27.41 44.21
C PRO R 547 22.31 -27.23 44.55
N THR R 548 21.78 -26.03 44.39
CA THR R 548 20.38 -25.80 44.71
C THR R 548 19.54 -25.33 43.51
N LEU R 549 20.12 -25.28 42.31
CA LEU R 549 19.31 -24.96 41.13
C LEU R 549 18.24 -26.01 40.90
N ASN R 550 17.10 -25.56 40.36
CA ASN R 550 16.01 -26.42 39.93
C ASN R 550 15.38 -27.20 41.08
N LYS R 551 15.84 -26.99 42.31
CA LYS R 551 15.29 -27.62 43.51
C LYS R 551 14.17 -26.75 44.08
N THR R 552 13.16 -27.41 44.63
CA THR R 552 11.98 -26.70 45.13
C THR R 552 12.30 -25.94 46.41
N VAL R 553 11.64 -24.80 46.60
CA VAL R 553 11.99 -23.83 47.63
C VAL R 553 10.72 -23.26 48.26
N LYS R 554 10.79 -22.93 49.57
CA LYS R 554 9.77 -22.13 50.25
C LYS R 554 10.39 -20.83 50.76
N ILE R 555 9.64 -19.74 50.68
CA ILE R 555 10.13 -18.41 51.06
C ILE R 555 9.68 -18.11 52.48
N ARG R 556 10.62 -17.68 53.34
CA ARG R 556 10.34 -17.46 54.75
C ARG R 556 10.36 -16.00 55.20
N GLN R 557 10.77 -15.07 54.34
CA GLN R 557 10.73 -13.64 54.62
C GLN R 557 10.16 -12.90 53.42
N GLY R 558 9.68 -11.67 53.67
CA GLY R 558 9.31 -10.78 52.59
C GLY R 558 7.85 -10.86 52.20
N GLY R 559 7.52 -10.13 51.14
CA GLY R 559 6.15 -10.11 50.67
C GLY R 559 5.70 -11.40 50.05
N TYR R 560 6.63 -12.30 49.75
CA TYR R 560 6.32 -13.59 49.14
C TYR R 560 6.42 -14.73 50.16
N LYS R 561 6.17 -14.44 51.43
CA LYS R 561 6.39 -15.41 52.49
C LYS R 561 5.32 -16.50 52.48
N GLY R 562 5.75 -17.75 52.51
CA GLY R 562 4.84 -18.87 52.42
C GLY R 562 4.60 -19.40 51.02
N LYS R 563 5.25 -18.83 50.01
CA LYS R 563 5.01 -19.19 48.62
C LYS R 563 6.05 -20.20 48.14
N ILE R 564 5.62 -21.12 47.25
CA ILE R 564 6.48 -22.14 46.66
C ILE R 564 7.19 -21.57 45.45
N GLY R 565 8.33 -22.14 45.11
CA GLY R 565 9.09 -21.68 43.97
C GLY R 565 10.15 -22.70 43.61
N ILE R 566 10.87 -22.41 42.53
CA ILE R 566 11.99 -23.22 42.07
C ILE R 566 13.17 -22.29 41.78
N VAL R 567 14.36 -22.71 42.19
CA VAL R 567 15.56 -21.91 41.91
C VAL R 567 15.87 -21.97 40.42
N LYS R 568 15.58 -20.88 39.71
CA LYS R 568 15.82 -20.87 38.27
C LYS R 568 17.27 -20.51 37.97
N GLU R 569 17.84 -19.61 38.76
CA GLU R 569 19.21 -19.18 38.58
C GLU R 569 19.75 -18.69 39.91
N ALA R 570 20.90 -19.22 40.32
CA ALA R 570 21.52 -18.87 41.59
C ALA R 570 22.97 -18.51 41.36
N ASN R 571 23.19 -17.38 40.67
CA ASN R 571 24.54 -16.95 40.33
C ASN R 571 25.33 -16.68 41.60
N GLY R 572 24.84 -15.80 42.46
CA GLY R 572 25.53 -15.52 43.70
C GLY R 572 24.74 -14.61 44.60
N ASP R 573 24.49 -15.07 45.83
CA ASP R 573 23.83 -14.28 46.87
C ASP R 573 22.41 -13.88 46.52
N ARG R 574 22.20 -13.32 45.32
CA ARG R 574 20.89 -12.96 44.81
C ARG R 574 20.42 -14.08 43.88
N PHE R 575 19.39 -14.81 44.30
CA PHE R 575 18.83 -15.90 43.52
C PHE R 575 17.61 -15.43 42.72
N ARG R 576 17.24 -16.23 41.73
CA ARG R 576 16.03 -16.03 40.96
C ARG R 576 15.13 -17.24 41.23
N VAL R 577 14.07 -17.04 42.00
CA VAL R 577 13.10 -18.09 42.29
C VAL R 577 11.90 -17.93 41.36
N GLU R 578 11.51 -19.02 40.71
CA GLU R 578 10.33 -19.03 39.84
C GLU R 578 9.14 -19.39 40.71
N LEU R 579 8.37 -18.36 41.11
CA LEU R 579 7.21 -18.60 41.95
C LEU R 579 6.24 -19.53 41.25
N HIS R 580 5.50 -20.29 42.04
CA HIS R 580 4.53 -21.20 41.42
C HIS R 580 3.21 -20.48 41.17
N ASN R 581 2.86 -19.53 42.04
CA ASN R 581 1.48 -19.09 42.25
C ASN R 581 1.09 -18.12 41.14
N PRO R 582 1.82 -16.97 40.94
CA PRO R 582 1.64 -16.21 39.68
C PRO R 582 2.81 -16.43 38.73
N ASN R 583 2.59 -16.22 37.43
CA ASN R 583 3.62 -16.54 36.42
C ASN R 583 4.65 -15.41 36.40
N LYS R 584 5.54 -15.44 37.38
CA LYS R 584 6.62 -14.46 37.47
C LYS R 584 7.79 -15.09 38.21
N THR R 585 9.00 -14.75 37.78
CA THR R 585 10.24 -15.15 38.45
C THR R 585 10.80 -13.92 39.15
N ILE R 586 11.02 -14.03 40.45
CA ILE R 586 11.36 -12.86 41.28
C ILE R 586 12.82 -12.88 41.72
N PRO R 587 13.41 -11.72 42.00
CA PRO R 587 14.73 -11.69 42.65
C PRO R 587 14.57 -11.76 44.15
N ILE R 588 15.30 -12.67 44.78
CA ILE R 588 15.22 -12.88 46.23
C ILE R 588 16.62 -13.23 46.77
N PRO R 589 16.99 -12.74 47.95
CA PRO R 589 18.25 -13.18 48.57
C PRO R 589 18.20 -14.63 49.01
N CYS R 590 19.35 -15.31 48.91
CA CYS R 590 19.41 -16.73 49.25
C CYS R 590 19.12 -16.96 50.73
N SER R 591 19.36 -15.96 51.59
CA SER R 591 19.00 -16.05 52.99
C SER R 591 17.49 -16.25 53.21
N PHE R 592 16.65 -15.84 52.26
CA PHE R 592 15.21 -15.85 52.44
C PHE R 592 14.56 -17.20 52.11
N LEU R 593 15.34 -18.18 51.69
CA LEU R 593 14.80 -19.41 51.14
C LEU R 593 14.97 -20.59 52.09
N LEU R 594 13.99 -21.48 52.09
CA LEU R 594 14.09 -22.83 52.63
C LEU R 594 14.08 -23.80 51.46
N ILE R 595 15.00 -24.76 51.47
CA ILE R 595 15.09 -25.79 50.43
C ILE R 595 14.53 -27.10 50.97
N GLU R 596 13.87 -27.87 50.12
CA GLU R 596 13.40 -29.17 50.55
C GLU R 596 14.52 -30.20 50.45
N SER R 597 14.60 -31.08 51.43
CA SER R 597 15.65 -32.10 51.48
C SER R 597 15.02 -33.39 51.99
N THR R 598 15.88 -34.28 52.51
CA THR R 598 15.41 -35.57 53.00
C THR R 598 14.41 -35.41 54.15
N HIS R 599 14.71 -34.53 55.11
CA HIS R 599 13.83 -34.27 56.23
C HIS R 599 13.44 -32.79 56.21
N GLY R 600 12.19 -32.51 55.82
CA GLY R 600 11.57 -31.18 55.84
C GLY R 600 12.32 -30.11 55.05
N TRP R 601 11.92 -28.86 55.33
CA TRP R 601 12.50 -27.69 54.68
C TRP R 601 13.73 -27.24 55.46
N VAL R 602 14.91 -27.41 54.87
CA VAL R 602 16.14 -26.98 55.52
C VAL R 602 16.54 -25.61 54.97
N PRO R 603 17.23 -24.78 55.77
CA PRO R 603 17.76 -23.51 55.24
C PRO R 603 18.96 -23.79 54.32
N TYR R 604 19.67 -22.75 53.88
CA TYR R 604 20.77 -22.96 52.94
C TYR R 604 21.95 -23.65 53.62
N GLU R 605 21.69 -24.80 54.22
CA GLU R 605 22.70 -25.73 54.73
C GLU R 605 22.58 -27.09 54.05
N ASP R 606 21.92 -27.15 52.90
CA ASP R 606 21.65 -28.39 52.19
C ASP R 606 22.80 -28.70 51.25
#